data_9FTD
#
_entry.id   9FTD
#
_entity_poly.entity_id   1
_entity_poly.type   'polypeptide(L)'
_entity_poly.pdbx_seq_one_letter_code
;GHMQPNNESKKKAVKLDLDLMKETKNVCTTVNTKLVGKAKSKLNKLEGESHKEYVAEKTKEIDEKNKKFNENLVKIEKRK
KIKVPADTGAEVDAVDDGVAGALSDLSSDISAIKTLTDDVSEKVSENLKDDEASATEHTDIKEKATLLQESCNGIGTILD
KLAEYLNNDTTQNIKKEFDERKKNLTSLKTKVENKDEDYVTHFRDMATEAQNAVGEVKKAIDAVVAHRKAENLDVDDTLF
SNLSTLLDTIIETS
;
_entity_poly.pdbx_strand_id   A
#
# COMPACT_ATOMS: atom_id res chain seq x y z
N GLY A 1 28.98 11.67 -15.55
CA GLY A 1 27.95 10.84 -14.96
C GLY A 1 28.45 9.45 -14.78
N HIS A 2 28.15 8.86 -13.66
CA HIS A 2 28.46 7.46 -13.40
C HIS A 2 27.15 6.67 -13.41
N MET A 3 26.11 7.32 -12.95
CA MET A 3 24.79 6.77 -12.91
C MET A 3 23.84 7.93 -13.20
N GLN A 4 24.30 8.78 -14.08
CA GLN A 4 23.56 9.96 -14.46
C GLN A 4 23.51 10.08 -15.98
N PRO A 5 22.53 9.42 -16.65
CA PRO A 5 22.34 9.51 -18.10
C PRO A 5 22.21 10.97 -18.56
N ASN A 6 21.30 11.67 -17.93
CA ASN A 6 21.09 13.09 -18.14
C ASN A 6 20.31 13.58 -16.95
N ASN A 7 20.60 14.78 -16.49
CA ASN A 7 19.98 15.33 -15.27
C ASN A 7 18.51 15.60 -15.44
N GLU A 8 18.09 15.88 -16.66
CA GLU A 8 16.69 16.11 -16.95
C GLU A 8 15.90 14.84 -16.74
N SER A 9 16.48 13.74 -17.13
CA SER A 9 15.86 12.45 -16.97
C SER A 9 15.91 12.04 -15.50
N LYS A 10 16.98 12.47 -14.82
CA LYS A 10 17.17 12.20 -13.39
C LYS A 10 16.02 12.76 -12.60
N LYS A 11 15.77 14.06 -12.75
CA LYS A 11 14.74 14.73 -11.95
C LYS A 11 13.34 14.15 -12.18
N LYS A 12 13.09 13.76 -13.40
CA LYS A 12 11.81 13.12 -13.75
C LYS A 12 11.70 11.75 -13.07
N ALA A 13 12.78 10.98 -13.15
CA ALA A 13 12.84 9.65 -12.57
C ALA A 13 12.68 9.73 -11.06
N VAL A 14 13.44 10.63 -10.45
CA VAL A 14 13.39 10.85 -9.02
C VAL A 14 12.00 11.27 -8.59
N LYS A 15 11.36 12.15 -9.39
CA LYS A 15 10.02 12.60 -9.10
C LYS A 15 9.07 11.41 -9.01
N LEU A 16 9.21 10.47 -9.95
CA LEU A 16 8.42 9.25 -9.90
C LEU A 16 8.65 8.51 -8.61
N ASP A 17 9.89 8.17 -8.38
CA ASP A 17 10.25 7.35 -7.23
C ASP A 17 9.83 8.02 -5.93
N LEU A 18 9.93 9.35 -5.90
CA LEU A 18 9.49 10.11 -4.74
C LEU A 18 8.00 10.04 -4.57
N ASP A 19 7.24 10.36 -5.63
CA ASP A 19 5.78 10.33 -5.52
C ASP A 19 5.24 8.96 -5.26
N LEU A 20 5.82 7.96 -5.88
CA LEU A 20 5.41 6.58 -5.66
C LEU A 20 5.65 6.17 -4.23
N MET A 21 6.86 6.42 -3.74
CA MET A 21 7.19 6.06 -2.36
C MET A 21 6.34 6.85 -1.39
N LYS A 22 6.21 8.14 -1.68
CA LYS A 22 5.45 9.05 -0.85
C LYS A 22 4.01 8.60 -0.68
N GLU A 23 3.33 8.33 -1.79
CA GLU A 23 1.93 7.94 -1.68
C GLU A 23 1.81 6.59 -1.02
N THR A 24 2.74 5.70 -1.33
CA THR A 24 2.73 4.39 -0.74
C THR A 24 2.94 4.46 0.78
N LYS A 25 3.91 5.25 1.23
CA LYS A 25 4.18 5.35 2.65
C LYS A 25 3.07 6.08 3.38
N ASN A 26 2.38 6.97 2.66
CA ASN A 26 1.22 7.68 3.22
C ASN A 26 0.13 6.68 3.51
N VAL A 27 -0.11 5.79 2.55
CA VAL A 27 -1.05 4.70 2.72
C VAL A 27 -0.61 3.80 3.87
N CYS A 28 0.66 3.38 3.85
CA CYS A 28 1.24 2.49 4.88
C CYS A 28 1.08 3.06 6.29
N THR A 29 1.38 4.35 6.45
CA THR A 29 1.28 4.98 7.76
C THR A 29 -0.19 5.00 8.24
N THR A 30 -1.09 5.16 7.31
CA THR A 30 -2.49 5.17 7.60
C THR A 30 -2.95 3.75 7.95
N VAL A 31 -2.57 2.79 7.11
CA VAL A 31 -2.87 1.39 7.30
C VAL A 31 -2.37 0.90 8.64
N ASN A 32 -1.14 1.23 8.96
CA ASN A 32 -0.54 0.83 10.22
C ASN A 32 -1.33 1.36 11.38
N THR A 33 -1.62 2.65 11.38
CA THR A 33 -2.34 3.25 12.49
C THR A 33 -3.78 2.67 12.62
N LYS A 34 -4.44 2.48 11.49
CA LYS A 34 -5.77 1.93 11.49
C LYS A 34 -5.80 0.48 11.90
N LEU A 35 -4.87 -0.31 11.39
CA LEU A 35 -4.83 -1.71 11.74
C LEU A 35 -4.34 -1.94 13.15
N VAL A 36 -3.41 -1.12 13.63
CA VAL A 36 -2.97 -1.21 15.02
C VAL A 36 -4.16 -0.92 15.94
N GLY A 37 -4.97 0.08 15.55
CA GLY A 37 -6.16 0.38 16.31
C GLY A 37 -7.15 -0.76 16.28
N LYS A 38 -7.42 -1.28 15.08
CA LYS A 38 -8.34 -2.42 14.89
C LYS A 38 -7.88 -3.65 15.66
N ALA A 39 -6.59 -3.95 15.58
CA ALA A 39 -6.01 -5.08 16.27
C ALA A 39 -6.21 -4.97 17.77
N LYS A 40 -5.83 -3.82 18.34
CA LYS A 40 -5.96 -3.62 19.79
C LYS A 40 -7.42 -3.63 20.23
N SER A 41 -8.27 -3.06 19.41
CA SER A 41 -9.69 -3.03 19.71
C SER A 41 -10.27 -4.45 19.68
N LYS A 42 -9.80 -5.27 18.76
CA LYS A 42 -10.28 -6.62 18.68
C LYS A 42 -9.62 -7.56 19.69
N LEU A 43 -8.47 -7.16 20.23
CA LEU A 43 -7.86 -7.89 21.33
C LEU A 43 -8.77 -7.81 22.57
N ASN A 44 -9.65 -6.80 22.57
CA ASN A 44 -10.64 -6.63 23.62
C ASN A 44 -11.85 -7.54 23.42
N LYS A 45 -11.87 -8.31 22.33
CA LYS A 45 -12.96 -9.24 22.10
C LYS A 45 -12.61 -10.62 22.64
N LEU A 46 -11.34 -10.86 22.86
CA LEU A 46 -10.91 -12.12 23.40
C LEU A 46 -11.26 -12.21 24.86
N GLU A 47 -11.37 -13.44 25.35
CA GLU A 47 -11.78 -13.71 26.74
C GLU A 47 -10.94 -12.95 27.78
N GLY A 48 -9.68 -12.88 27.53
CA GLY A 48 -8.79 -12.18 28.43
C GLY A 48 -7.74 -13.11 28.93
N GLU A 49 -7.98 -13.67 30.11
CA GLU A 49 -7.05 -14.61 30.76
C GLU A 49 -6.64 -15.76 29.84
N SER A 50 -7.59 -16.30 29.10
CA SER A 50 -7.35 -17.41 28.20
C SER A 50 -6.33 -17.05 27.10
N HIS A 51 -6.27 -15.78 26.75
CA HIS A 51 -5.44 -15.35 25.63
C HIS A 51 -4.52 -14.23 26.05
N LYS A 52 -4.19 -14.18 27.33
CA LYS A 52 -3.35 -13.11 27.85
C LYS A 52 -1.94 -13.17 27.29
N GLU A 53 -1.49 -14.37 27.03
CA GLU A 53 -0.21 -14.60 26.39
C GLU A 53 -0.22 -14.05 24.97
N TYR A 54 -1.32 -14.31 24.27
CA TYR A 54 -1.53 -13.90 22.90
C TYR A 54 -1.60 -12.40 22.82
N VAL A 55 -2.36 -11.81 23.70
CA VAL A 55 -2.50 -10.38 23.72
C VAL A 55 -1.17 -9.71 24.02
N ALA A 56 -0.41 -10.28 24.94
CA ALA A 56 0.89 -9.74 25.29
C ALA A 56 1.86 -9.84 24.12
N GLU A 57 2.00 -11.03 23.53
CA GLU A 57 2.95 -11.23 22.43
C GLU A 57 2.60 -10.37 21.21
N LYS A 58 1.30 -10.26 20.91
CA LYS A 58 0.90 -9.50 19.76
C LYS A 58 1.09 -8.01 20.00
N THR A 59 0.84 -7.57 21.24
CA THR A 59 1.07 -6.18 21.58
C THR A 59 2.57 -5.86 21.50
N LYS A 60 3.39 -6.82 21.92
CA LYS A 60 4.84 -6.71 21.82
C LYS A 60 5.25 -6.49 20.39
N GLU A 61 4.70 -7.30 19.49
CA GLU A 61 5.05 -7.20 18.08
C GLU A 61 4.59 -5.89 17.48
N ILE A 62 3.45 -5.42 17.93
CA ILE A 62 2.93 -4.13 17.52
C ILE A 62 3.88 -3.02 17.96
N ASP A 63 4.28 -3.02 19.22
CA ASP A 63 5.16 -1.99 19.73
C ASP A 63 6.52 -2.05 19.10
N GLU A 64 7.02 -3.26 18.89
CA GLU A 64 8.28 -3.44 18.23
C GLU A 64 8.21 -2.91 16.81
N LYS A 65 7.15 -3.22 16.12
CA LYS A 65 7.02 -2.78 14.79
C LYS A 65 6.63 -1.33 14.68
N ASN A 66 6.00 -0.79 15.69
CA ASN A 66 5.74 0.63 15.72
C ASN A 66 7.00 1.40 15.86
N LYS A 67 7.87 0.99 16.76
CA LYS A 67 9.14 1.71 16.88
C LYS A 67 9.95 1.56 15.59
N LYS A 68 9.89 0.35 14.99
CA LYS A 68 10.60 0.05 13.76
C LYS A 68 10.01 0.85 12.59
N PHE A 69 8.71 0.82 12.44
CA PHE A 69 8.05 1.55 11.38
C PHE A 69 8.20 3.06 11.58
N ASN A 70 8.16 3.49 12.82
CA ASN A 70 8.29 4.92 13.12
C ASN A 70 9.71 5.42 12.86
N GLU A 71 10.72 4.57 13.07
CA GLU A 71 12.09 4.96 12.71
C GLU A 71 12.26 4.84 11.19
N ASN A 72 11.54 3.88 10.58
CA ASN A 72 11.58 3.69 9.13
C ASN A 72 11.02 4.89 8.40
N LEU A 73 10.13 5.62 9.02
CA LEU A 73 9.58 6.87 8.45
C LEU A 73 10.70 7.85 8.27
N VAL A 74 11.46 8.01 9.34
CA VAL A 74 12.61 8.90 9.36
C VAL A 74 13.70 8.38 8.40
N LYS A 75 13.59 7.14 8.05
CA LYS A 75 14.50 6.51 7.12
C LYS A 75 14.08 6.77 5.68
N ILE A 76 12.83 6.54 5.38
CA ILE A 76 12.29 6.73 4.03
C ILE A 76 12.08 8.20 3.70
N GLU A 77 12.15 9.05 4.70
CA GLU A 77 12.08 10.48 4.44
C GLU A 77 13.42 11.02 4.02
N LYS A 78 14.46 10.20 4.19
CA LYS A 78 15.80 10.61 3.85
C LYS A 78 15.96 10.77 2.34
N ARG A 79 16.77 11.71 1.98
CA ARG A 79 17.13 11.99 0.64
C ARG A 79 18.60 12.27 0.68
N LYS A 80 19.26 12.07 -0.39
CA LYS A 80 20.62 12.48 -0.52
C LYS A 80 20.59 13.73 -1.34
N LYS A 81 21.22 14.74 -0.86
CA LYS A 81 21.22 15.97 -1.56
C LYS A 81 22.38 16.01 -2.51
N ILE A 82 22.09 16.08 -3.76
CA ILE A 82 23.11 16.04 -4.76
C ILE A 82 23.13 17.34 -5.53
N LYS A 83 24.13 17.48 -6.34
CA LYS A 83 24.36 18.67 -7.11
C LYS A 83 23.85 18.47 -8.51
N VAL A 84 22.79 19.18 -8.85
CA VAL A 84 22.13 19.05 -10.15
C VAL A 84 21.62 20.41 -10.61
N PRO A 85 22.20 20.99 -11.67
CA PRO A 85 23.30 20.38 -12.41
C PRO A 85 24.61 20.41 -11.66
N ALA A 86 25.53 19.61 -12.12
CA ALA A 86 26.83 19.42 -11.47
C ALA A 86 27.66 20.68 -11.54
N ASP A 87 27.39 21.49 -12.54
CA ASP A 87 28.08 22.78 -12.69
C ASP A 87 27.73 23.77 -11.61
N THR A 88 26.48 24.08 -11.46
CA THR A 88 26.08 25.08 -10.50
C THR A 88 26.06 24.53 -9.08
N GLY A 89 25.74 23.25 -8.96
CA GLY A 89 25.72 22.64 -7.66
C GLY A 89 24.41 22.81 -6.95
N ALA A 90 23.35 22.99 -7.73
CA ALA A 90 22.03 23.20 -7.17
C ALA A 90 21.61 21.99 -6.37
N GLU A 91 21.07 22.23 -5.20
CA GLU A 91 20.74 21.20 -4.26
C GLU A 91 19.43 20.54 -4.63
N VAL A 92 19.51 19.29 -4.97
CA VAL A 92 18.34 18.50 -5.27
C VAL A 92 18.31 17.33 -4.30
N ASP A 93 17.14 16.92 -3.90
CA ASP A 93 17.02 15.80 -3.01
C ASP A 93 16.71 14.57 -3.83
N ALA A 94 17.54 13.58 -3.72
CA ALA A 94 17.33 12.34 -4.41
C ALA A 94 17.00 11.29 -3.39
N VAL A 95 16.10 10.43 -3.74
CA VAL A 95 15.58 9.39 -2.83
C VAL A 95 16.66 8.50 -2.19
N ASP A 96 17.71 8.16 -2.96
CA ASP A 96 18.85 7.32 -2.51
C ASP A 96 18.63 5.82 -2.74
N ASP A 97 19.74 5.12 -2.90
CA ASP A 97 19.80 3.71 -3.24
C ASP A 97 19.28 2.84 -2.09
N GLY A 98 19.53 3.30 -0.85
CA GLY A 98 19.20 2.53 0.36
C GLY A 98 17.72 2.40 0.59
N VAL A 99 16.95 3.22 -0.09
CA VAL A 99 15.51 3.21 0.03
C VAL A 99 14.89 1.89 -0.48
N ALA A 100 15.61 1.18 -1.34
CA ALA A 100 15.14 -0.12 -1.79
C ALA A 100 15.04 -1.07 -0.57
N GLY A 101 16.10 -1.06 0.25
CA GLY A 101 16.10 -1.82 1.46
C GLY A 101 15.10 -1.26 2.44
N ALA A 102 14.93 0.06 2.44
CA ALA A 102 13.95 0.72 3.27
C ALA A 102 12.53 0.21 2.95
N LEU A 103 12.22 0.06 1.66
CA LEU A 103 10.97 -0.56 1.26
C LEU A 103 10.87 -1.98 1.71
N SER A 104 11.98 -2.69 1.67
CA SER A 104 12.01 -4.04 2.21
C SER A 104 11.68 -4.05 3.72
N ASP A 105 12.07 -2.99 4.43
CA ASP A 105 11.68 -2.82 5.85
C ASP A 105 10.19 -2.63 5.94
N LEU A 106 9.71 -1.63 5.22
CA LEU A 106 8.29 -1.22 5.21
C LEU A 106 7.42 -2.36 4.89
N SER A 107 7.73 -3.00 3.80
CA SER A 107 6.94 -4.11 3.33
C SER A 107 6.90 -5.22 4.35
N SER A 108 7.95 -5.36 5.12
CA SER A 108 8.02 -6.42 6.07
C SER A 108 7.14 -6.06 7.27
N ASP A 109 7.28 -4.84 7.74
CA ASP A 109 6.52 -4.38 8.88
C ASP A 109 5.05 -4.31 8.56
N ILE A 110 4.71 -3.75 7.41
CA ILE A 110 3.31 -3.60 7.01
C ILE A 110 2.66 -4.97 6.75
N SER A 111 3.37 -5.90 6.09
CA SER A 111 2.80 -7.21 5.84
C SER A 111 2.56 -7.93 7.17
N ALA A 112 3.48 -7.74 8.11
CA ALA A 112 3.38 -8.35 9.42
C ALA A 112 2.22 -7.75 10.20
N ILE A 113 2.14 -6.42 10.22
CA ILE A 113 1.06 -5.72 10.93
C ILE A 113 -0.32 -6.16 10.40
N LYS A 114 -0.43 -6.34 9.09
CA LYS A 114 -1.69 -6.79 8.53
C LYS A 114 -2.00 -8.20 9.00
N THR A 115 -1.06 -9.12 8.80
CA THR A 115 -1.22 -10.50 9.16
C THR A 115 -1.46 -10.67 10.69
N LEU A 116 -0.83 -9.81 11.45
CA LEU A 116 -0.99 -9.75 12.90
C LEU A 116 -2.45 -9.41 13.22
N THR A 117 -2.96 -8.37 12.58
CA THR A 117 -4.32 -7.93 12.76
C THR A 117 -5.31 -8.99 12.22
N ASP A 118 -4.92 -9.66 11.15
CA ASP A 118 -5.70 -10.76 10.60
C ASP A 118 -5.79 -11.89 11.59
N ASP A 119 -4.65 -12.24 12.21
CA ASP A 119 -4.63 -13.23 13.28
C ASP A 119 -5.59 -12.87 14.36
N VAL A 120 -5.55 -11.61 14.79
CA VAL A 120 -6.46 -11.12 15.82
C VAL A 120 -7.92 -11.36 15.40
N SER A 121 -8.21 -11.04 14.16
CA SER A 121 -9.55 -11.20 13.59
C SER A 121 -9.98 -12.68 13.59
N GLU A 122 -9.04 -13.59 13.34
CA GLU A 122 -9.31 -15.02 13.36
C GLU A 122 -9.62 -15.45 14.78
N LYS A 123 -8.74 -15.06 15.68
CA LYS A 123 -8.86 -15.43 17.08
C LYS A 123 -10.14 -14.90 17.75
N VAL A 124 -10.62 -13.76 17.26
CA VAL A 124 -11.92 -13.26 17.70
C VAL A 124 -13.02 -14.23 17.23
N SER A 125 -12.86 -14.75 16.03
CA SER A 125 -13.84 -15.60 15.41
C SER A 125 -13.97 -16.93 16.18
N GLU A 126 -12.85 -17.42 16.71
CA GLU A 126 -12.86 -18.66 17.48
C GLU A 126 -13.25 -18.45 18.95
N ASN A 127 -13.16 -17.21 19.43
CA ASN A 127 -13.61 -16.88 20.79
C ASN A 127 -15.09 -16.66 20.82
N LEU A 128 -15.61 -16.22 19.71
CA LEU A 128 -17.00 -15.92 19.56
C LEU A 128 -17.79 -17.10 19.06
N LYS A 129 -19.10 -17.02 19.24
CA LYS A 129 -20.02 -18.05 18.76
C LYS A 129 -20.17 -17.92 17.26
N ASP A 130 -20.82 -18.89 16.62
CA ASP A 130 -20.98 -18.92 15.15
C ASP A 130 -21.63 -17.63 14.65
N ASP A 131 -22.65 -17.21 15.35
CA ASP A 131 -23.40 -15.98 15.04
C ASP A 131 -22.52 -14.79 15.16
N GLU A 132 -21.87 -14.69 16.31
CA GLU A 132 -21.03 -13.56 16.63
C GLU A 132 -19.77 -13.53 15.74
N ALA A 133 -19.24 -14.70 15.47
CA ALA A 133 -18.11 -14.87 14.53
C ALA A 133 -18.50 -14.40 13.13
N SER A 134 -19.74 -14.64 12.75
CA SER A 134 -20.24 -14.18 11.47
C SER A 134 -20.33 -12.64 11.48
N ALA A 135 -20.66 -12.09 12.65
CA ALA A 135 -20.66 -10.64 12.84
C ALA A 135 -19.22 -10.13 12.80
N THR A 136 -18.32 -10.98 13.23
CA THR A 136 -16.91 -10.70 13.19
C THR A 136 -16.44 -10.65 11.72
N GLU A 137 -16.96 -11.56 10.89
CA GLU A 137 -16.71 -11.52 9.45
C GLU A 137 -17.21 -10.22 8.88
N HIS A 138 -18.41 -9.84 9.28
CA HIS A 138 -19.00 -8.56 8.90
C HIS A 138 -18.05 -7.40 9.29
N THR A 139 -17.47 -7.53 10.46
CA THR A 139 -16.54 -6.57 10.98
C THR A 139 -15.26 -6.54 10.09
N ASP A 140 -14.71 -7.75 9.79
CA ASP A 140 -13.58 -7.89 8.87
C ASP A 140 -13.89 -7.28 7.55
N ILE A 141 -14.99 -7.71 6.97
CA ILE A 141 -15.44 -7.25 5.67
C ILE A 141 -15.48 -5.72 5.61
N LYS A 142 -16.01 -5.09 6.65
CA LYS A 142 -16.03 -3.62 6.70
C LYS A 142 -14.62 -3.02 6.72
N GLU A 143 -13.76 -3.51 7.61
CA GLU A 143 -12.41 -2.93 7.71
C GLU A 143 -11.53 -3.30 6.54
N LYS A 144 -11.72 -4.48 5.98
CA LYS A 144 -10.93 -4.90 4.84
C LYS A 144 -11.40 -4.12 3.61
N ALA A 145 -12.70 -3.79 3.59
CA ALA A 145 -13.25 -2.94 2.53
C ALA A 145 -12.64 -1.56 2.63
N THR A 146 -12.53 -1.09 3.86
CA THR A 146 -11.93 0.19 4.14
C THR A 146 -10.45 0.16 3.72
N LEU A 147 -9.75 -0.90 4.09
CA LEU A 147 -8.34 -1.10 3.74
C LEU A 147 -8.16 -1.08 2.22
N LEU A 148 -9.08 -1.71 1.53
CA LEU A 148 -9.06 -1.76 0.09
C LEU A 148 -9.28 -0.37 -0.50
N GLN A 149 -10.20 0.37 0.08
CA GLN A 149 -10.51 1.73 -0.36
C GLN A 149 -9.28 2.62 -0.14
N GLU A 150 -8.69 2.51 1.06
CA GLU A 150 -7.50 3.28 1.44
C GLU A 150 -6.38 3.06 0.45
N SER A 151 -6.10 1.79 0.18
CA SER A 151 -5.06 1.45 -0.73
C SER A 151 -5.39 1.96 -2.15
N CYS A 152 -6.61 1.70 -2.62
CA CYS A 152 -7.03 2.12 -3.96
C CYS A 152 -6.97 3.64 -4.16
N ASN A 153 -7.26 4.42 -3.11
CA ASN A 153 -7.15 5.88 -3.21
C ASN A 153 -5.71 6.29 -3.42
N GLY A 154 -4.82 5.64 -2.69
CA GLY A 154 -3.40 5.89 -2.83
C GLY A 154 -2.91 5.41 -4.18
N ILE A 155 -3.32 4.19 -4.56
CA ILE A 155 -2.95 3.58 -5.84
C ILE A 155 -3.33 4.48 -7.01
N GLY A 156 -4.52 5.07 -6.93
CA GLY A 156 -4.98 5.98 -7.96
C GLY A 156 -4.12 7.22 -8.06
N THR A 157 -3.60 7.65 -6.93
CA THR A 157 -2.82 8.87 -6.89
C THR A 157 -1.42 8.57 -7.47
N ILE A 158 -0.93 7.40 -7.15
CA ILE A 158 0.32 6.90 -7.68
C ILE A 158 0.20 6.80 -9.19
N LEU A 159 -0.89 6.17 -9.63
CA LEU A 159 -1.20 6.03 -11.05
C LEU A 159 -1.19 7.39 -11.74
N ASP A 160 -1.84 8.39 -11.14
CA ASP A 160 -1.82 9.77 -11.67
C ASP A 160 -0.42 10.30 -11.87
N LYS A 161 0.42 10.19 -10.85
CA LYS A 161 1.80 10.68 -10.95
C LYS A 161 2.65 9.85 -11.91
N LEU A 162 2.38 8.58 -11.96
CA LEU A 162 3.08 7.65 -12.83
C LEU A 162 2.74 7.99 -14.29
N ALA A 163 1.45 8.19 -14.53
CA ALA A 163 0.92 8.53 -15.84
C ALA A 163 1.47 9.85 -16.38
N GLU A 164 2.12 10.63 -15.54
CA GLU A 164 2.71 11.88 -16.00
C GLU A 164 4.00 11.60 -16.71
N TYR A 165 4.72 10.62 -16.22
CA TYR A 165 6.02 10.33 -16.77
C TYR A 165 5.87 9.59 -18.06
N LEU A 166 4.95 8.67 -18.08
CA LEU A 166 4.67 7.95 -19.26
C LEU A 166 3.24 8.16 -19.67
N ASN A 167 2.88 9.42 -19.88
CA ASN A 167 1.60 9.74 -20.48
C ASN A 167 1.52 9.17 -21.90
N ASN A 168 0.81 8.08 -22.03
CA ASN A 168 0.65 7.41 -23.31
C ASN A 168 -0.72 6.78 -23.34
N ASP A 169 -1.10 6.20 -24.48
CA ASP A 169 -2.43 5.57 -24.63
C ASP A 169 -2.65 4.49 -23.60
N THR A 170 -1.60 3.75 -23.34
CA THR A 170 -1.65 2.67 -22.40
C THR A 170 -2.03 3.16 -20.99
N THR A 171 -1.33 4.17 -20.49
CA THR A 171 -1.63 4.70 -19.17
C THR A 171 -3.01 5.35 -19.11
N GLN A 172 -3.46 5.92 -20.24
CA GLN A 172 -4.78 6.52 -20.32
C GLN A 172 -5.86 5.46 -20.18
N ASN A 173 -5.67 4.32 -20.87
CA ASN A 173 -6.65 3.21 -20.81
C ASN A 173 -6.77 2.71 -19.41
N ILE A 174 -5.63 2.59 -18.77
CA ILE A 174 -5.53 2.15 -17.41
C ILE A 174 -6.19 3.13 -16.47
N LYS A 175 -5.92 4.39 -16.66
CA LYS A 175 -6.48 5.43 -15.81
C LYS A 175 -8.01 5.52 -15.99
N LYS A 176 -8.50 5.40 -17.22
CA LYS A 176 -9.94 5.39 -17.50
C LYS A 176 -10.61 4.23 -16.79
N GLU A 177 -10.02 3.07 -16.94
CA GLU A 177 -10.46 1.87 -16.36
C GLU A 177 -10.44 1.99 -14.84
N PHE A 178 -9.33 2.50 -14.32
CA PHE A 178 -9.15 2.65 -12.90
C PHE A 178 -10.20 3.60 -12.36
N ASP A 179 -10.44 4.71 -13.04
CA ASP A 179 -11.47 5.66 -12.64
C ASP A 179 -12.85 5.07 -12.61
N GLU A 180 -13.19 4.29 -13.62
CA GLU A 180 -14.49 3.64 -13.68
C GLU A 180 -14.60 2.69 -12.51
N ARG A 181 -13.59 1.88 -12.39
CA ARG A 181 -13.51 0.85 -11.40
C ARG A 181 -13.50 1.45 -9.98
N LYS A 182 -12.89 2.60 -9.84
CA LYS A 182 -12.81 3.34 -8.59
C LYS A 182 -14.20 3.81 -8.17
N LYS A 183 -14.97 4.31 -9.13
CA LYS A 183 -16.35 4.72 -8.86
C LYS A 183 -17.16 3.50 -8.41
N ASN A 184 -16.94 2.40 -9.11
CA ASN A 184 -17.57 1.12 -8.83
C ASN A 184 -17.25 0.66 -7.42
N LEU A 185 -15.97 0.55 -7.09
CA LEU A 185 -15.56 0.07 -5.79
C LEU A 185 -15.96 1.01 -4.66
N THR A 186 -16.02 2.30 -4.92
CA THR A 186 -16.44 3.25 -3.91
C THR A 186 -17.95 3.07 -3.63
N SER A 187 -18.70 2.73 -4.67
CA SER A 187 -20.12 2.48 -4.52
C SER A 187 -20.29 1.18 -3.73
N LEU A 188 -19.58 0.16 -4.14
CA LEU A 188 -19.62 -1.15 -3.50
C LEU A 188 -19.17 -1.08 -2.05
N LYS A 189 -18.14 -0.30 -1.77
CA LYS A 189 -17.61 -0.12 -0.41
C LYS A 189 -18.70 0.43 0.50
N THR A 190 -19.57 1.24 -0.07
CA THR A 190 -20.64 1.85 0.65
C THR A 190 -21.76 0.83 0.92
N LYS A 191 -21.93 -0.09 -0.02
CA LYS A 191 -22.92 -1.17 0.09
C LYS A 191 -22.48 -2.16 1.16
N VAL A 192 -21.18 -2.43 1.17
CA VAL A 192 -20.53 -3.34 2.11
C VAL A 192 -20.72 -2.89 3.57
N GLU A 193 -20.96 -1.61 3.76
CA GLU A 193 -21.15 -1.07 5.09
C GLU A 193 -22.54 -1.36 5.63
N ASN A 194 -23.46 -1.73 4.77
CA ASN A 194 -24.80 -2.02 5.22
C ASN A 194 -25.03 -3.53 5.25
N LYS A 195 -25.20 -4.08 6.46
CA LYS A 195 -25.39 -5.53 6.69
C LYS A 195 -26.64 -6.06 5.98
N ASP A 196 -27.55 -5.16 5.69
CA ASP A 196 -28.79 -5.45 5.04
C ASP A 196 -28.60 -5.73 3.56
N GLU A 197 -27.49 -5.31 3.03
CA GLU A 197 -27.13 -5.61 1.67
C GLU A 197 -26.24 -6.83 1.80
N ASP A 198 -25.96 -7.54 0.75
CA ASP A 198 -25.07 -8.65 0.93
C ASP A 198 -23.65 -8.17 0.86
N TYR A 199 -23.19 -7.69 1.98
CA TYR A 199 -21.88 -7.11 2.14
C TYR A 199 -20.76 -8.07 1.75
N VAL A 200 -20.98 -9.37 1.98
CA VAL A 200 -19.97 -10.36 1.65
C VAL A 200 -19.78 -10.41 0.12
N THR A 201 -20.89 -10.53 -0.60
CA THR A 201 -20.86 -10.59 -2.05
C THR A 201 -20.36 -9.26 -2.63
N HIS A 202 -20.83 -8.14 -2.08
CA HIS A 202 -20.39 -6.82 -2.54
C HIS A 202 -18.90 -6.66 -2.34
N PHE A 203 -18.38 -7.20 -1.24
CA PHE A 203 -16.97 -7.16 -0.95
C PHE A 203 -16.21 -7.95 -2.00
N ARG A 204 -16.68 -9.14 -2.28
CA ARG A 204 -16.07 -10.00 -3.29
C ARG A 204 -16.03 -9.32 -4.66
N ASP A 205 -17.15 -8.73 -5.07
CA ASP A 205 -17.21 -7.99 -6.35
C ASP A 205 -16.23 -6.84 -6.32
N MET A 206 -16.30 -6.05 -5.25
CA MET A 206 -15.43 -4.88 -5.05
C MET A 206 -13.97 -5.29 -5.11
N ALA A 207 -13.63 -6.39 -4.45
CA ALA A 207 -12.28 -6.93 -4.45
C ALA A 207 -11.86 -7.29 -5.86
N THR A 208 -12.75 -7.93 -6.59
CA THR A 208 -12.48 -8.32 -7.97
C THR A 208 -12.29 -7.06 -8.84
N GLU A 209 -13.16 -6.06 -8.64
CA GLU A 209 -13.05 -4.77 -9.31
C GLU A 209 -11.69 -4.18 -9.04
N ALA A 210 -11.31 -4.15 -7.77
CA ALA A 210 -10.03 -3.65 -7.34
C ALA A 210 -8.90 -4.39 -8.04
N GLN A 211 -8.95 -5.72 -8.05
CA GLN A 211 -7.94 -6.55 -8.70
C GLN A 211 -7.78 -6.19 -10.18
N ASN A 212 -8.88 -5.87 -10.84
CA ASN A 212 -8.83 -5.44 -12.23
C ASN A 212 -8.08 -4.13 -12.36
N ALA A 213 -8.51 -3.16 -11.57
CA ALA A 213 -7.92 -1.83 -11.58
C ALA A 213 -6.45 -1.87 -11.18
N VAL A 214 -6.19 -2.58 -10.11
CA VAL A 214 -4.86 -2.74 -9.57
C VAL A 214 -3.97 -3.49 -10.54
N GLY A 215 -4.54 -4.48 -11.22
CA GLY A 215 -3.81 -5.22 -12.21
C GLY A 215 -3.33 -4.30 -13.31
N GLU A 216 -4.22 -3.39 -13.73
CA GLU A 216 -3.86 -2.43 -14.76
C GLU A 216 -2.77 -1.46 -14.26
N VAL A 217 -2.90 -0.97 -13.02
CA VAL A 217 -1.88 -0.10 -12.43
C VAL A 217 -0.54 -0.83 -12.34
N LYS A 218 -0.59 -2.07 -11.90
CA LYS A 218 0.59 -2.92 -11.78
C LYS A 218 1.27 -3.04 -13.15
N LYS A 219 0.44 -3.19 -14.17
CA LYS A 219 0.88 -3.28 -15.56
C LYS A 219 1.52 -1.93 -15.98
N ALA A 220 0.91 -0.82 -15.55
CA ALA A 220 1.43 0.52 -15.82
C ALA A 220 2.79 0.71 -15.17
N ILE A 221 2.91 0.26 -13.92
CA ILE A 221 4.16 0.32 -13.18
C ILE A 221 5.23 -0.41 -13.95
N ASP A 222 4.94 -1.65 -14.33
CA ASP A 222 5.86 -2.47 -15.14
C ASP A 222 6.24 -1.79 -16.42
N ALA A 223 5.29 -1.16 -17.07
CA ALA A 223 5.53 -0.44 -18.31
C ALA A 223 6.50 0.72 -18.10
N VAL A 224 6.35 1.43 -17.00
CA VAL A 224 7.23 2.55 -16.71
C VAL A 224 8.61 2.06 -16.23
N VAL A 225 8.63 0.94 -15.51
CA VAL A 225 9.90 0.29 -15.09
C VAL A 225 10.66 -0.07 -16.34
N ALA A 226 9.97 -0.72 -17.27
CA ALA A 226 10.54 -1.11 -18.53
C ALA A 226 10.98 0.10 -19.32
N HIS A 227 10.15 1.14 -19.33
CA HIS A 227 10.43 2.39 -20.03
C HIS A 227 11.75 3.02 -19.57
N ARG A 228 11.99 3.09 -18.26
CA ARG A 228 13.24 3.64 -17.80
C ARG A 228 14.41 2.69 -18.08
N LYS A 229 14.19 1.38 -17.85
CA LYS A 229 15.21 0.35 -18.12
C LYS A 229 15.61 0.36 -19.58
N ALA A 230 14.64 0.62 -20.44
CA ALA A 230 14.80 0.67 -21.89
C ALA A 230 15.76 1.77 -22.31
N GLU A 231 15.91 2.78 -21.48
CA GLU A 231 16.80 3.87 -21.81
C GLU A 231 17.99 3.94 -20.86
N ASN A 232 18.08 2.94 -19.95
CA ASN A 232 19.19 2.80 -18.98
C ASN A 232 19.15 3.87 -17.90
N LEU A 233 17.96 4.28 -17.57
CA LEU A 233 17.70 5.21 -16.49
C LEU A 233 17.58 4.49 -15.19
N ASP A 234 17.78 5.24 -14.11
CA ASP A 234 17.72 4.75 -12.73
C ASP A 234 16.42 4.05 -12.46
N VAL A 235 16.48 2.76 -12.49
CA VAL A 235 15.40 1.90 -12.08
C VAL A 235 15.97 0.69 -11.39
N ASP A 236 15.49 0.43 -10.22
CA ASP A 236 15.84 -0.76 -9.53
C ASP A 236 14.63 -1.66 -9.47
N ASP A 237 14.68 -2.75 -10.21
CA ASP A 237 13.56 -3.70 -10.29
C ASP A 237 13.14 -4.20 -8.93
N THR A 238 14.11 -4.36 -8.06
CA THR A 238 13.89 -4.85 -6.71
C THR A 238 13.04 -3.84 -5.90
N LEU A 239 13.35 -2.56 -6.05
CA LEU A 239 12.58 -1.48 -5.44
C LEU A 239 11.11 -1.59 -5.84
N PHE A 240 10.88 -1.68 -7.15
CA PHE A 240 9.53 -1.79 -7.68
C PHE A 240 8.89 -3.11 -7.30
N SER A 241 9.70 -4.13 -7.15
CA SER A 241 9.23 -5.44 -6.73
C SER A 241 8.69 -5.36 -5.29
N ASN A 242 9.43 -4.70 -4.41
CA ASN A 242 9.01 -4.56 -3.01
C ASN A 242 7.77 -3.71 -2.94
N LEU A 243 7.74 -2.69 -3.77
CA LEU A 243 6.64 -1.80 -3.87
C LEU A 243 5.40 -2.54 -4.38
N SER A 244 5.52 -3.17 -5.52
CA SER A 244 4.40 -3.85 -6.14
C SER A 244 3.89 -5.01 -5.31
N THR A 245 4.79 -5.72 -4.65
CA THR A 245 4.37 -6.82 -3.85
C THR A 245 3.73 -6.32 -2.55
N LEU A 246 4.19 -5.19 -2.01
CA LEU A 246 3.56 -4.65 -0.84
C LEU A 246 2.20 -4.11 -1.22
N LEU A 247 2.13 -3.53 -2.41
CA LEU A 247 0.89 -3.10 -3.02
C LEU A 247 -0.09 -4.28 -3.00
N ASP A 248 0.36 -5.42 -3.51
CA ASP A 248 -0.43 -6.65 -3.48
C ASP A 248 -0.76 -7.08 -2.07
N THR A 249 0.15 -6.83 -1.14
CA THR A 249 -0.05 -7.28 0.21
C THR A 249 -1.10 -6.41 0.96
N ILE A 250 -1.12 -5.13 0.68
CA ILE A 250 -2.06 -4.22 1.32
C ILE A 250 -3.45 -4.43 0.70
N ILE A 251 -3.48 -4.66 -0.59
CA ILE A 251 -4.71 -4.86 -1.32
C ILE A 251 -5.29 -6.27 -1.06
N GLU A 252 -4.41 -7.21 -0.72
CA GLU A 252 -4.82 -8.53 -0.28
C GLU A 252 -5.61 -8.40 0.99
N THR A 253 -6.82 -8.74 0.91
CA THR A 253 -7.71 -8.60 2.00
C THR A 253 -8.20 -9.96 2.48
N SER A 254 -7.62 -10.39 3.56
CA SER A 254 -8.00 -11.58 4.26
C SER A 254 -9.47 -11.47 4.77
N GLY A 1 21.94 2.09 -26.80
CA GLY A 1 22.27 2.47 -25.42
C GLY A 1 22.61 3.93 -25.32
N HIS A 2 22.40 4.51 -24.17
CA HIS A 2 22.69 5.90 -23.95
C HIS A 2 23.84 6.04 -22.98
N MET A 3 24.66 7.03 -23.20
CA MET A 3 25.72 7.39 -22.27
C MET A 3 25.28 8.66 -21.60
N GLN A 4 24.04 8.94 -21.75
CA GLN A 4 23.41 10.10 -21.25
C GLN A 4 22.10 9.74 -20.61
N PRO A 5 22.06 9.61 -19.30
CA PRO A 5 20.81 9.51 -18.60
C PRO A 5 20.11 10.86 -18.79
N ASN A 6 19.06 10.86 -19.63
CA ASN A 6 18.37 12.09 -20.05
C ASN A 6 18.06 12.98 -18.85
N ASN A 7 18.66 14.16 -18.84
CA ASN A 7 18.62 15.08 -17.70
C ASN A 7 17.21 15.48 -17.28
N GLU A 8 16.36 15.79 -18.24
CA GLU A 8 14.99 16.14 -17.90
C GLU A 8 14.25 14.96 -17.31
N SER A 9 14.50 13.79 -17.87
CA SER A 9 13.88 12.60 -17.39
C SER A 9 14.43 12.21 -16.01
N LYS A 10 15.70 12.56 -15.72
CA LYS A 10 16.27 12.33 -14.38
C LYS A 10 15.49 13.10 -13.35
N LYS A 11 15.25 14.38 -13.63
CA LYS A 11 14.53 15.24 -12.71
C LYS A 11 13.08 14.77 -12.55
N LYS A 12 12.48 14.34 -13.65
CA LYS A 12 11.16 13.74 -13.60
C LYS A 12 11.17 12.47 -12.77
N ALA A 13 12.18 11.65 -12.96
CA ALA A 13 12.35 10.40 -12.25
C ALA A 13 12.49 10.65 -10.76
N VAL A 14 13.31 11.62 -10.39
CA VAL A 14 13.54 11.94 -8.99
C VAL A 14 12.26 12.38 -8.35
N LYS A 15 11.52 13.28 -9.01
CA LYS A 15 10.30 13.77 -8.42
C LYS A 15 9.23 12.67 -8.43
N LEU A 16 9.31 11.78 -9.42
CA LEU A 16 8.40 10.66 -9.52
C LEU A 16 8.58 9.75 -8.33
N ASP A 17 9.83 9.41 -8.07
CA ASP A 17 10.17 8.54 -6.95
C ASP A 17 9.75 9.21 -5.64
N LEU A 18 9.92 10.53 -5.57
CA LEU A 18 9.49 11.32 -4.41
C LEU A 18 7.98 11.27 -4.25
N ASP A 19 7.24 11.53 -5.35
CA ASP A 19 5.78 11.50 -5.35
C ASP A 19 5.28 10.16 -4.91
N LEU A 20 5.79 9.12 -5.54
CA LEU A 20 5.40 7.75 -5.25
C LEU A 20 5.67 7.40 -3.82
N MET A 21 6.83 7.77 -3.33
CA MET A 21 7.22 7.52 -1.95
C MET A 21 6.27 8.20 -0.98
N LYS A 22 5.96 9.45 -1.28
CA LYS A 22 5.09 10.26 -0.44
C LYS A 22 3.70 9.62 -0.36
N GLU A 23 3.13 9.33 -1.51
CA GLU A 23 1.81 8.73 -1.60
C GLU A 23 1.81 7.38 -0.88
N THR A 24 2.83 6.57 -1.16
CA THR A 24 2.96 5.25 -0.60
C THR A 24 3.11 5.32 0.93
N LYS A 25 3.91 6.27 1.40
CA LYS A 25 4.12 6.47 2.83
C LYS A 25 2.80 6.73 3.50
N ASN A 26 2.04 7.61 2.90
CA ASN A 26 0.76 8.01 3.46
C ASN A 26 -0.20 6.85 3.51
N VAL A 27 -0.24 6.07 2.43
CA VAL A 27 -1.07 4.87 2.37
C VAL A 27 -0.63 3.86 3.43
N CYS A 28 0.68 3.60 3.52
CA CYS A 28 1.20 2.62 4.47
C CYS A 28 0.92 3.03 5.91
N THR A 29 1.01 4.31 6.18
CA THR A 29 0.76 4.83 7.52
C THR A 29 -0.71 4.60 7.90
N THR A 30 -1.57 4.71 6.92
CA THR A 30 -2.98 4.51 7.13
C THR A 30 -3.28 3.03 7.31
N VAL A 31 -2.72 2.21 6.44
CA VAL A 31 -2.92 0.78 6.48
C VAL A 31 -2.38 0.21 7.78
N ASN A 32 -1.21 0.66 8.19
CA ASN A 32 -0.60 0.18 9.41
C ASN A 32 -1.45 0.56 10.61
N THR A 33 -1.86 1.81 10.66
CA THR A 33 -2.68 2.29 11.77
C THR A 33 -4.02 1.53 11.83
N LYS A 34 -4.66 1.31 10.68
CA LYS A 34 -5.94 0.67 10.67
C LYS A 34 -5.83 -0.80 11.04
N LEU A 35 -4.75 -1.40 10.59
CA LEU A 35 -4.49 -2.79 10.90
C LEU A 35 -4.16 -2.94 12.36
N VAL A 36 -3.27 -2.09 12.86
CA VAL A 36 -2.89 -2.12 14.28
C VAL A 36 -4.10 -1.92 15.18
N GLY A 37 -4.88 -0.89 14.89
CA GLY A 37 -6.04 -0.60 15.68
C GLY A 37 -7.05 -1.70 15.64
N LYS A 38 -7.29 -2.25 14.46
CA LYS A 38 -8.24 -3.30 14.35
C LYS A 38 -7.73 -4.62 14.87
N ALA A 39 -6.45 -4.91 14.69
CA ALA A 39 -5.84 -6.12 15.23
C ALA A 39 -6.00 -6.13 16.73
N LYS A 40 -5.73 -5.00 17.39
CA LYS A 40 -5.91 -4.95 18.83
C LYS A 40 -7.40 -4.98 19.21
N SER A 41 -8.25 -4.40 18.36
CA SER A 41 -9.70 -4.45 18.54
C SER A 41 -10.16 -5.91 18.50
N LYS A 42 -9.59 -6.68 17.57
CA LYS A 42 -9.83 -8.10 17.48
C LYS A 42 -9.31 -8.81 18.73
N LEU A 43 -8.11 -8.40 19.21
CA LEU A 43 -7.50 -8.95 20.44
C LEU A 43 -8.43 -8.78 21.65
N ASN A 44 -9.25 -7.73 21.62
CA ASN A 44 -10.22 -7.47 22.69
C ASN A 44 -11.30 -8.54 22.75
N LYS A 45 -11.45 -9.30 21.69
CA LYS A 45 -12.48 -10.32 21.63
C LYS A 45 -11.98 -11.64 22.18
N LEU A 46 -10.69 -11.74 22.37
CA LEU A 46 -10.12 -12.93 22.94
C LEU A 46 -10.36 -12.94 24.43
N GLU A 47 -10.48 -14.13 24.97
CA GLU A 47 -10.85 -14.30 26.35
C GLU A 47 -9.78 -14.03 27.41
N GLY A 48 -9.16 -15.05 27.94
CA GLY A 48 -8.25 -14.83 29.04
C GLY A 48 -6.95 -15.55 28.93
N GLU A 49 -6.69 -16.44 29.89
CA GLU A 49 -5.42 -17.14 30.04
C GLU A 49 -5.03 -17.97 28.84
N SER A 50 -5.98 -18.46 28.09
CA SER A 50 -5.68 -19.25 26.93
C SER A 50 -4.99 -18.42 25.85
N HIS A 51 -5.20 -17.11 25.88
CA HIS A 51 -4.63 -16.26 24.86
C HIS A 51 -3.92 -15.08 25.49
N LYS A 52 -3.51 -15.21 26.73
CA LYS A 52 -2.92 -14.06 27.43
C LYS A 52 -1.54 -13.76 26.90
N GLU A 53 -0.84 -14.81 26.61
CA GLU A 53 0.47 -14.72 26.04
C GLU A 53 0.36 -14.32 24.59
N TYR A 54 -0.68 -14.80 23.94
CA TYR A 54 -0.92 -14.50 22.55
C TYR A 54 -1.20 -13.01 22.37
N VAL A 55 -2.11 -12.49 23.17
CA VAL A 55 -2.45 -11.08 23.12
C VAL A 55 -1.22 -10.24 23.48
N ALA A 56 -0.47 -10.67 24.49
CA ALA A 56 0.74 -9.99 24.87
C ALA A 56 1.72 -9.95 23.70
N GLU A 57 2.09 -11.13 23.18
CA GLU A 57 3.03 -11.23 22.08
C GLU A 57 2.57 -10.48 20.86
N LYS A 58 1.31 -10.60 20.52
CA LYS A 58 0.78 -9.88 19.37
C LYS A 58 0.82 -8.36 19.57
N THR A 59 0.59 -7.89 20.80
CA THR A 59 0.68 -6.47 21.09
C THR A 59 2.16 -6.03 20.96
N LYS A 60 3.05 -6.88 21.45
CA LYS A 60 4.50 -6.66 21.39
C LYS A 60 5.00 -6.70 19.94
N GLU A 61 4.34 -7.53 19.15
CA GLU A 61 4.68 -7.72 17.75
C GLU A 61 4.29 -6.44 17.02
N ILE A 62 3.16 -5.89 17.41
CA ILE A 62 2.72 -4.60 16.95
C ILE A 62 3.72 -3.53 17.36
N ASP A 63 4.12 -3.54 18.62
CA ASP A 63 5.07 -2.56 19.14
C ASP A 63 6.41 -2.59 18.44
N GLU A 64 6.94 -3.77 18.19
CA GLU A 64 8.21 -3.86 17.49
C GLU A 64 8.05 -3.44 16.02
N LYS A 65 6.92 -3.77 15.44
CA LYS A 65 6.69 -3.37 14.07
C LYS A 65 6.33 -1.92 13.96
N ASN A 66 5.77 -1.35 15.00
CA ASN A 66 5.51 0.07 15.03
C ASN A 66 6.78 0.83 15.11
N LYS A 67 7.67 0.44 16.00
CA LYS A 67 8.95 1.15 16.12
C LYS A 67 9.71 1.04 14.79
N LYS A 68 9.62 -0.13 14.16
CA LYS A 68 10.17 -0.33 12.84
C LYS A 68 9.50 0.57 11.80
N PHE A 69 8.18 0.51 11.73
CA PHE A 69 7.44 1.32 10.78
C PHE A 69 7.67 2.81 11.01
N ASN A 70 7.72 3.21 12.25
CA ASN A 70 7.96 4.58 12.61
C ASN A 70 9.36 5.02 12.25
N GLU A 71 10.36 4.12 12.30
CA GLU A 71 11.67 4.51 11.81
C GLU A 71 11.68 4.56 10.29
N ASN A 72 10.90 3.67 9.66
CA ASN A 72 10.79 3.58 8.19
C ASN A 72 10.38 4.89 7.57
N LEU A 73 9.47 5.59 8.22
CA LEU A 73 8.96 6.88 7.73
C LEU A 73 10.08 7.89 7.67
N VAL A 74 10.74 8.03 8.80
CA VAL A 74 11.84 8.97 8.95
C VAL A 74 13.01 8.57 8.06
N LYS A 75 13.08 7.30 7.80
CA LYS A 75 14.14 6.71 7.00
C LYS A 75 13.93 6.96 5.51
N ILE A 76 12.70 6.91 5.06
CA ILE A 76 12.40 7.17 3.65
C ILE A 76 12.39 8.66 3.36
N GLU A 77 11.98 9.47 4.34
CA GLU A 77 12.01 10.93 4.11
C GLU A 77 13.42 11.46 4.25
N LYS A 78 14.30 10.61 4.72
CA LYS A 78 15.68 10.88 4.75
C LYS A 78 16.19 10.72 3.33
N ARG A 79 16.66 11.78 2.77
CA ARG A 79 17.08 11.81 1.40
C ARG A 79 18.51 12.30 1.33
N LYS A 80 19.15 12.05 0.23
CA LYS A 80 20.50 12.51 0.01
C LYS A 80 20.43 13.56 -1.04
N LYS A 81 21.32 14.49 -0.99
CA LYS A 81 21.27 15.56 -1.93
C LYS A 81 22.28 15.35 -3.04
N ILE A 82 21.78 15.35 -4.25
CA ILE A 82 22.60 15.13 -5.42
C ILE A 82 22.58 16.38 -6.25
N LYS A 83 23.55 16.53 -7.09
CA LYS A 83 23.70 17.71 -7.87
C LYS A 83 23.37 17.39 -9.33
N VAL A 84 22.28 17.96 -9.79
CA VAL A 84 21.66 17.66 -11.09
C VAL A 84 21.00 18.94 -11.62
N PRO A 85 21.32 19.36 -12.85
CA PRO A 85 22.26 18.67 -13.71
C PRO A 85 23.67 18.77 -13.23
N ALA A 86 24.49 17.93 -13.77
CA ALA A 86 25.89 17.83 -13.38
C ALA A 86 26.64 19.07 -13.83
N ASP A 87 26.14 19.68 -14.88
CA ASP A 87 26.74 20.87 -15.46
C ASP A 87 26.66 22.04 -14.52
N THR A 88 25.53 22.19 -13.85
CA THR A 88 25.33 23.30 -12.96
C THR A 88 25.58 22.90 -11.51
N GLY A 89 25.20 21.68 -11.17
CA GLY A 89 25.40 21.20 -9.85
C GLY A 89 24.26 21.57 -8.94
N ALA A 90 23.08 21.78 -9.53
CA ALA A 90 21.92 22.18 -8.76
C ALA A 90 21.57 21.06 -7.82
N GLU A 91 21.51 21.35 -6.59
CA GLU A 91 21.36 20.35 -5.61
C GLU A 91 19.91 20.10 -5.27
N VAL A 92 19.48 18.87 -5.39
CA VAL A 92 18.13 18.46 -5.08
C VAL A 92 18.17 17.21 -4.21
N ASP A 93 17.04 16.81 -3.68
CA ASP A 93 17.00 15.69 -2.75
C ASP A 93 16.50 14.43 -3.45
N ALA A 94 17.26 13.37 -3.37
CA ALA A 94 16.87 12.11 -3.92
C ALA A 94 16.69 11.13 -2.80
N VAL A 95 15.81 10.17 -3.00
CA VAL A 95 15.46 9.17 -1.97
C VAL A 95 16.65 8.34 -1.50
N ASP A 96 17.69 8.24 -2.34
CA ASP A 96 18.89 7.44 -2.06
C ASP A 96 18.57 5.94 -2.17
N ASP A 97 19.60 5.14 -2.31
CA ASP A 97 19.48 3.70 -2.41
C ASP A 97 18.87 3.11 -1.14
N GLY A 98 19.05 3.82 -0.03
CA GLY A 98 18.55 3.40 1.26
C GLY A 98 17.08 3.14 1.28
N VAL A 99 16.33 3.84 0.45
CA VAL A 99 14.90 3.64 0.38
C VAL A 99 14.52 2.24 -0.13
N ALA A 100 15.42 1.60 -0.89
CA ALA A 100 15.17 0.22 -1.32
C ALA A 100 15.17 -0.70 -0.09
N GLY A 101 16.14 -0.50 0.78
CA GLY A 101 16.21 -1.24 2.02
C GLY A 101 15.10 -0.85 2.95
N ALA A 102 14.76 0.44 2.94
CA ALA A 102 13.66 0.96 3.74
C ALA A 102 12.35 0.34 3.30
N LEU A 103 12.14 0.24 1.98
CA LEU A 103 10.97 -0.42 1.44
C LEU A 103 10.95 -1.86 1.84
N SER A 104 12.11 -2.48 1.86
CA SER A 104 12.23 -3.86 2.31
C SER A 104 11.81 -4.00 3.78
N ASP A 105 12.24 -3.05 4.61
CA ASP A 105 11.86 -3.04 6.03
C ASP A 105 10.37 -2.90 6.15
N LEU A 106 9.83 -1.83 5.59
CA LEU A 106 8.40 -1.56 5.70
C LEU A 106 7.54 -2.60 5.05
N SER A 107 7.99 -3.19 3.95
CA SER A 107 7.24 -4.29 3.35
C SER A 107 7.20 -5.48 4.29
N SER A 108 8.28 -5.71 5.00
CA SER A 108 8.35 -6.79 5.95
C SER A 108 7.48 -6.43 7.16
N ASP A 109 7.59 -5.19 7.62
CA ASP A 109 6.86 -4.70 8.79
C ASP A 109 5.36 -4.67 8.52
N ILE A 110 4.95 -4.10 7.39
CA ILE A 110 3.54 -4.05 7.03
C ILE A 110 3.01 -5.48 6.78
N SER A 111 3.84 -6.35 6.16
CA SER A 111 3.45 -7.74 5.92
C SER A 111 3.20 -8.43 7.26
N ALA A 112 4.04 -8.12 8.24
CA ALA A 112 3.91 -8.67 9.57
C ALA A 112 2.63 -8.21 10.21
N ILE A 113 2.34 -6.91 10.16
CA ILE A 113 1.11 -6.34 10.73
C ILE A 113 -0.14 -6.92 9.99
N LYS A 114 -0.02 -7.04 8.68
CA LYS A 114 -1.04 -7.60 7.83
C LYS A 114 -1.35 -9.04 8.28
N THR A 115 -0.32 -9.87 8.30
CA THR A 115 -0.43 -11.26 8.66
C THR A 115 -0.92 -11.39 10.13
N LEU A 116 -0.45 -10.48 10.96
CA LEU A 116 -0.80 -10.38 12.37
C LEU A 116 -2.31 -10.19 12.51
N THR A 117 -2.85 -9.26 11.75
CA THR A 117 -4.26 -8.96 11.85
C THR A 117 -5.08 -10.16 11.31
N ASP A 118 -4.55 -10.84 10.28
CA ASP A 118 -5.15 -12.09 9.77
C ASP A 118 -5.19 -13.12 10.89
N ASP A 119 -4.05 -13.28 11.59
CA ASP A 119 -3.92 -14.24 12.71
C ASP A 119 -4.96 -13.99 13.73
N VAL A 120 -5.06 -12.73 14.14
CA VAL A 120 -5.95 -12.39 15.20
C VAL A 120 -7.40 -12.58 14.75
N SER A 121 -7.70 -12.23 13.51
CA SER A 121 -9.05 -12.38 13.00
C SER A 121 -9.47 -13.85 12.99
N GLU A 122 -8.52 -14.75 12.69
CA GLU A 122 -8.79 -16.18 12.72
C GLU A 122 -9.02 -16.61 14.16
N LYS A 123 -8.17 -16.10 15.04
CA LYS A 123 -8.22 -16.44 16.44
C LYS A 123 -9.52 -15.92 17.10
N VAL A 124 -10.05 -14.86 16.54
CA VAL A 124 -11.32 -14.30 16.96
C VAL A 124 -12.46 -15.28 16.66
N SER A 125 -12.32 -16.06 15.62
CA SER A 125 -13.37 -16.96 15.20
C SER A 125 -13.62 -18.08 16.22
N GLU A 126 -12.64 -18.39 17.07
CA GLU A 126 -12.85 -19.41 18.09
C GLU A 126 -13.28 -18.77 19.42
N ASN A 127 -13.10 -17.47 19.53
CA ASN A 127 -13.44 -16.74 20.75
C ASN A 127 -14.84 -16.19 20.67
N LEU A 128 -15.25 -15.87 19.50
CA LEU A 128 -16.56 -15.35 19.31
C LEU A 128 -17.50 -16.40 18.84
N LYS A 129 -18.72 -16.32 19.32
CA LYS A 129 -19.78 -17.21 18.87
C LYS A 129 -20.15 -16.89 17.47
N ASP A 130 -20.86 -17.80 16.87
CA ASP A 130 -21.30 -17.67 15.47
C ASP A 130 -22.12 -16.39 15.29
N ASP A 131 -23.00 -16.13 16.25
CA ASP A 131 -23.82 -14.91 16.28
C ASP A 131 -22.93 -13.69 16.38
N GLU A 132 -22.01 -13.74 17.33
CA GLU A 132 -21.05 -12.67 17.56
C GLU A 132 -20.22 -12.43 16.32
N ALA A 133 -19.81 -13.51 15.68
CA ALA A 133 -19.03 -13.45 14.47
C ALA A 133 -19.76 -12.71 13.38
N SER A 134 -21.04 -13.04 13.15
CA SER A 134 -21.84 -12.37 12.14
C SER A 134 -21.92 -10.84 12.41
N ALA A 135 -22.07 -10.47 13.67
CA ALA A 135 -22.16 -9.07 14.06
C ALA A 135 -20.81 -8.37 13.89
N THR A 136 -19.76 -9.06 14.29
CA THR A 136 -18.42 -8.54 14.20
C THR A 136 -18.01 -8.39 12.73
N GLU A 137 -18.42 -9.36 11.92
CA GLU A 137 -18.12 -9.40 10.51
C GLU A 137 -18.64 -8.16 9.82
N HIS A 138 -19.82 -7.70 10.20
CA HIS A 138 -20.38 -6.47 9.62
C HIS A 138 -19.43 -5.29 9.85
N THR A 139 -18.98 -5.12 11.08
CA THR A 139 -18.07 -4.06 11.44
C THR A 139 -16.72 -4.24 10.72
N ASP A 140 -16.22 -5.47 10.72
CA ASP A 140 -14.98 -5.80 10.04
C ASP A 140 -15.06 -5.53 8.57
N ILE A 141 -16.14 -5.94 7.95
CA ILE A 141 -16.38 -5.70 6.53
C ILE A 141 -16.37 -4.20 6.24
N LYS A 142 -17.00 -3.42 7.11
CA LYS A 142 -17.01 -1.96 6.95
C LYS A 142 -15.59 -1.38 6.97
N GLU A 143 -14.80 -1.79 7.92
CA GLU A 143 -13.47 -1.24 8.05
C GLU A 143 -12.51 -1.80 6.98
N LYS A 144 -12.72 -3.05 6.55
CA LYS A 144 -11.90 -3.61 5.48
C LYS A 144 -12.28 -2.92 4.17
N ALA A 145 -13.55 -2.57 4.05
CA ALA A 145 -14.07 -1.85 2.89
C ALA A 145 -13.47 -0.45 2.87
N THR A 146 -13.34 0.11 4.05
CA THR A 146 -12.70 1.39 4.23
C THR A 146 -11.23 1.29 3.78
N LEU A 147 -10.60 0.18 4.13
CA LEU A 147 -9.22 -0.09 3.75
C LEU A 147 -9.09 -0.10 2.25
N LEU A 148 -9.96 -0.84 1.58
CA LEU A 148 -9.93 -0.92 0.12
C LEU A 148 -10.13 0.44 -0.51
N GLN A 149 -11.09 1.17 -0.01
CA GLN A 149 -11.40 2.51 -0.49
C GLN A 149 -10.19 3.44 -0.30
N GLU A 150 -9.67 3.49 0.90
CA GLU A 150 -8.55 4.37 1.23
C GLU A 150 -7.29 4.00 0.46
N SER A 151 -7.06 2.72 0.29
CA SER A 151 -5.91 2.29 -0.44
C SER A 151 -6.08 2.62 -1.92
N CYS A 152 -7.26 2.33 -2.48
CA CYS A 152 -7.50 2.56 -3.89
C CYS A 152 -7.47 4.05 -4.24
N ASN A 153 -7.89 4.89 -3.32
CA ASN A 153 -7.83 6.34 -3.54
C ASN A 153 -6.39 6.78 -3.63
N GLY A 154 -5.57 6.25 -2.73
CA GLY A 154 -4.16 6.56 -2.74
C GLY A 154 -3.47 6.00 -3.95
N ILE A 155 -3.72 4.72 -4.22
CA ILE A 155 -3.14 4.02 -5.35
C ILE A 155 -3.47 4.70 -6.68
N GLY A 156 -4.70 5.17 -6.79
CA GLY A 156 -5.13 5.88 -7.97
C GLY A 156 -4.37 7.19 -8.16
N THR A 157 -3.90 7.75 -7.07
CA THR A 157 -3.22 9.02 -7.12
C THR A 157 -1.76 8.77 -7.49
N ILE A 158 -1.24 7.63 -7.02
CA ILE A 158 0.10 7.19 -7.38
C ILE A 158 0.11 6.95 -8.87
N LEU A 159 -0.94 6.27 -9.34
CA LEU A 159 -1.16 5.99 -10.74
C LEU A 159 -1.15 7.30 -11.52
N ASP A 160 -1.90 8.32 -11.04
CA ASP A 160 -1.93 9.66 -11.68
C ASP A 160 -0.53 10.21 -11.88
N LYS A 161 0.25 10.19 -10.80
CA LYS A 161 1.62 10.73 -10.81
C LYS A 161 2.49 9.94 -11.78
N LEU A 162 2.32 8.64 -11.75
CA LEU A 162 3.06 7.73 -12.59
C LEU A 162 2.71 7.96 -14.06
N ALA A 163 1.43 8.13 -14.29
CA ALA A 163 0.87 8.31 -15.61
C ALA A 163 1.30 9.60 -16.29
N GLU A 164 1.86 10.55 -15.56
CA GLU A 164 2.34 11.74 -16.24
C GLU A 164 3.78 11.56 -16.61
N TYR A 165 4.45 10.63 -15.97
CA TYR A 165 5.83 10.42 -16.23
C TYR A 165 5.95 9.67 -17.52
N LEU A 166 5.09 8.69 -17.66
CA LEU A 166 5.12 7.87 -18.81
C LEU A 166 3.69 7.74 -19.29
N ASN A 167 3.16 8.84 -19.77
CA ASN A 167 1.85 8.81 -20.33
C ASN A 167 1.86 8.13 -21.67
N ASN A 168 1.46 6.90 -21.66
CA ASN A 168 1.38 6.13 -22.86
C ASN A 168 0.03 5.53 -22.91
N ASP A 169 -0.25 4.80 -23.95
CA ASP A 169 -1.57 4.22 -24.13
C ASP A 169 -1.85 3.17 -23.09
N THR A 170 -0.80 2.48 -22.67
CA THR A 170 -0.90 1.45 -21.67
C THR A 170 -1.38 2.06 -20.33
N THR A 171 -0.73 3.14 -19.90
CA THR A 171 -1.09 3.79 -18.66
C THR A 171 -2.47 4.43 -18.75
N GLN A 172 -2.85 4.86 -19.95
CA GLN A 172 -4.20 5.38 -20.19
C GLN A 172 -5.23 4.28 -19.97
N ASN A 173 -4.95 3.09 -20.51
CA ASN A 173 -5.87 1.94 -20.38
C ASN A 173 -6.03 1.56 -18.93
N ILE A 174 -4.90 1.55 -18.26
CA ILE A 174 -4.83 1.23 -16.85
C ILE A 174 -5.57 2.25 -16.01
N LYS A 175 -5.36 3.52 -16.31
CA LYS A 175 -6.04 4.56 -15.56
C LYS A 175 -7.55 4.48 -15.76
N LYS A 176 -7.99 4.23 -16.99
CA LYS A 176 -9.43 4.13 -17.28
C LYS A 176 -10.03 2.97 -16.54
N GLU A 177 -9.33 1.86 -16.54
CA GLU A 177 -9.73 0.71 -15.77
C GLU A 177 -9.77 1.05 -14.31
N PHE A 178 -8.73 1.66 -13.81
CA PHE A 178 -8.64 1.95 -12.40
C PHE A 178 -9.75 2.91 -12.00
N ASP A 179 -9.94 3.97 -12.76
CA ASP A 179 -11.00 4.94 -12.49
C ASP A 179 -12.37 4.32 -12.49
N GLU A 180 -12.65 3.48 -13.48
CA GLU A 180 -13.97 2.86 -13.56
C GLU A 180 -14.16 1.89 -12.41
N ARG A 181 -13.13 1.13 -12.12
CA ARG A 181 -13.15 0.15 -11.03
C ARG A 181 -13.21 0.86 -9.69
N LYS A 182 -12.60 2.04 -9.61
CA LYS A 182 -12.62 2.86 -8.43
C LYS A 182 -14.03 3.35 -8.20
N LYS A 183 -14.70 3.78 -9.29
CA LYS A 183 -16.10 4.18 -9.22
C LYS A 183 -16.95 3.01 -8.74
N ASN A 184 -16.70 1.84 -9.33
CA ASN A 184 -17.39 0.62 -8.97
C ASN A 184 -17.21 0.31 -7.49
N LEU A 185 -15.96 0.30 -7.02
CA LEU A 185 -15.70 -0.01 -5.63
C LEU A 185 -16.24 1.07 -4.67
N THR A 186 -16.33 2.31 -5.12
CA THR A 186 -16.90 3.37 -4.30
C THR A 186 -18.43 3.15 -4.19
N SER A 187 -19.02 2.74 -5.30
CA SER A 187 -20.42 2.42 -5.35
C SER A 187 -20.70 1.17 -4.50
N LEU A 188 -19.82 0.17 -4.63
CA LEU A 188 -19.92 -1.05 -3.88
C LEU A 188 -19.69 -0.80 -2.40
N LYS A 189 -18.85 0.16 -2.08
CA LYS A 189 -18.59 0.55 -0.68
C LYS A 189 -19.88 1.07 -0.07
N THR A 190 -20.64 1.78 -0.88
CA THR A 190 -21.93 2.29 -0.48
C THR A 190 -22.95 1.13 -0.33
N LYS A 191 -22.86 0.16 -1.23
CA LYS A 191 -23.70 -1.05 -1.17
C LYS A 191 -23.37 -1.85 0.08
N VAL A 192 -22.10 -1.82 0.47
CA VAL A 192 -21.61 -2.48 1.68
C VAL A 192 -22.09 -1.73 2.92
N GLU A 193 -22.20 -0.40 2.80
CA GLU A 193 -22.73 0.43 3.87
C GLU A 193 -24.16 0.03 4.19
N ASN A 194 -24.87 -0.34 3.16
CA ASN A 194 -26.22 -0.79 3.31
C ASN A 194 -26.26 -2.21 3.84
N LYS A 195 -26.44 -2.30 5.14
CA LYS A 195 -26.49 -3.56 5.87
C LYS A 195 -27.66 -4.42 5.43
N ASP A 196 -28.60 -3.80 4.78
CA ASP A 196 -29.81 -4.46 4.28
C ASP A 196 -29.47 -5.33 3.07
N GLU A 197 -28.41 -4.96 2.39
CA GLU A 197 -27.93 -5.67 1.22
C GLU A 197 -26.97 -6.74 1.70
N ASP A 198 -26.48 -7.58 0.81
CA ASP A 198 -25.47 -8.51 1.22
C ASP A 198 -24.13 -7.84 1.08
N TYR A 199 -23.82 -7.07 2.07
CA TYR A 199 -22.61 -6.28 2.13
C TYR A 199 -21.35 -7.14 2.03
N VAL A 200 -21.45 -8.40 2.45
CA VAL A 200 -20.33 -9.30 2.44
C VAL A 200 -19.90 -9.58 0.98
N THR A 201 -20.87 -9.97 0.16
CA THR A 201 -20.60 -10.25 -1.23
C THR A 201 -20.25 -8.96 -2.00
N HIS A 202 -20.88 -7.84 -1.64
CA HIS A 202 -20.52 -6.55 -2.26
C HIS A 202 -19.08 -6.19 -1.95
N PHE A 203 -18.64 -6.49 -0.74
CA PHE A 203 -17.26 -6.28 -0.33
C PHE A 203 -16.36 -7.17 -1.16
N ARG A 204 -16.77 -8.40 -1.32
CA ARG A 204 -16.02 -9.38 -2.09
C ARG A 204 -15.84 -8.90 -3.54
N ASP A 205 -16.92 -8.38 -4.14
CA ASP A 205 -16.85 -7.82 -5.51
C ASP A 205 -16.01 -6.56 -5.54
N MET A 206 -16.11 -5.76 -4.49
CA MET A 206 -15.29 -4.55 -4.32
C MET A 206 -13.82 -4.95 -4.37
N ALA A 207 -13.50 -5.98 -3.62
CA ALA A 207 -12.16 -6.53 -3.57
C ALA A 207 -11.73 -7.03 -4.95
N THR A 208 -12.67 -7.63 -5.69
CA THR A 208 -12.41 -8.09 -7.05
C THR A 208 -11.94 -6.91 -7.94
N GLU A 209 -12.70 -5.81 -7.89
CA GLU A 209 -12.35 -4.61 -8.64
C GLU A 209 -11.01 -4.08 -8.19
N ALA A 210 -10.80 -4.09 -6.88
CA ALA A 210 -9.54 -3.66 -6.31
C ALA A 210 -8.38 -4.51 -6.83
N GLN A 211 -8.53 -5.83 -6.81
CA GLN A 211 -7.51 -6.76 -7.30
C GLN A 211 -7.14 -6.45 -8.75
N ASN A 212 -8.15 -6.28 -9.58
CA ASN A 212 -7.92 -6.02 -10.99
C ASN A 212 -7.28 -4.67 -11.18
N ALA A 213 -7.82 -3.66 -10.51
CA ALA A 213 -7.32 -2.30 -10.62
C ALA A 213 -5.87 -2.19 -10.12
N VAL A 214 -5.59 -2.85 -9.01
CA VAL A 214 -4.25 -2.80 -8.45
C VAL A 214 -3.30 -3.57 -9.34
N GLY A 215 -3.81 -4.64 -9.96
CA GLY A 215 -3.04 -5.39 -10.91
C GLY A 215 -2.61 -4.51 -12.05
N GLU A 216 -3.55 -3.71 -12.56
CA GLU A 216 -3.28 -2.77 -13.65
C GLU A 216 -2.17 -1.78 -13.23
N VAL A 217 -2.32 -1.17 -12.06
CA VAL A 217 -1.31 -0.23 -11.53
C VAL A 217 0.06 -0.91 -11.39
N LYS A 218 0.05 -2.13 -10.92
CA LYS A 218 1.25 -2.92 -10.72
C LYS A 218 1.96 -3.12 -12.08
N LYS A 219 1.18 -3.41 -13.12
CA LYS A 219 1.70 -3.56 -14.48
C LYS A 219 2.31 -2.24 -14.96
N ALA A 220 1.62 -1.14 -14.63
CA ALA A 220 2.06 0.20 -14.98
C ALA A 220 3.41 0.48 -14.37
N ILE A 221 3.58 0.14 -13.08
CA ILE A 221 4.84 0.32 -12.38
C ILE A 221 5.96 -0.38 -13.12
N ASP A 222 5.79 -1.68 -13.39
CA ASP A 222 6.80 -2.47 -14.13
C ASP A 222 7.12 -1.86 -15.47
N ALA A 223 6.10 -1.37 -16.17
CA ALA A 223 6.27 -0.76 -17.47
C ALA A 223 7.11 0.50 -17.39
N VAL A 224 6.90 1.27 -16.34
CA VAL A 224 7.65 2.49 -16.13
C VAL A 224 9.08 2.17 -15.71
N VAL A 225 9.26 1.12 -14.91
CA VAL A 225 10.60 0.67 -14.50
C VAL A 225 11.41 0.30 -15.72
N ALA A 226 10.80 -0.54 -16.55
CA ALA A 226 11.43 -1.03 -17.75
C ALA A 226 11.77 0.08 -18.70
N HIS A 227 10.85 1.01 -18.90
CA HIS A 227 11.10 2.11 -19.80
C HIS A 227 12.21 3.02 -19.26
N ARG A 228 12.27 3.21 -17.94
CA ARG A 228 13.28 4.08 -17.39
C ARG A 228 14.66 3.45 -17.56
N LYS A 229 14.79 2.19 -17.17
CA LYS A 229 16.09 1.53 -17.24
C LYS A 229 16.50 1.25 -18.68
N ALA A 230 15.53 1.15 -19.57
CA ALA A 230 15.81 0.97 -20.99
C ALA A 230 16.28 2.28 -21.60
N GLU A 231 15.96 3.39 -20.95
CA GLU A 231 16.41 4.68 -21.43
C GLU A 231 17.71 5.03 -20.72
N ASN A 232 18.13 4.11 -19.84
CA ASN A 232 19.36 4.19 -19.06
C ASN A 232 19.28 5.24 -17.96
N LEU A 233 18.09 5.48 -17.50
CA LEU A 233 17.84 6.41 -16.40
C LEU A 233 18.06 5.72 -15.07
N ASP A 234 18.32 6.52 -14.05
CA ASP A 234 18.55 6.09 -12.68
C ASP A 234 17.38 5.26 -12.16
N VAL A 235 17.53 3.95 -12.24
CA VAL A 235 16.56 2.98 -11.76
C VAL A 235 17.22 1.77 -11.13
N ASP A 236 16.66 1.32 -10.04
CA ASP A 236 17.01 0.08 -9.40
C ASP A 236 15.78 -0.79 -9.34
N ASP A 237 15.85 -1.95 -9.97
CA ASP A 237 14.71 -2.87 -10.05
C ASP A 237 14.22 -3.29 -8.68
N THR A 238 15.16 -3.51 -7.78
CA THR A 238 14.86 -3.98 -6.43
C THR A 238 13.91 -3.01 -5.71
N LEU A 239 14.22 -1.73 -5.79
CA LEU A 239 13.41 -0.66 -5.22
C LEU A 239 11.95 -0.78 -5.67
N PHE A 240 11.75 -0.83 -6.96
CA PHE A 240 10.42 -0.92 -7.51
C PHE A 240 9.79 -2.26 -7.22
N SER A 241 10.61 -3.29 -7.16
CA SER A 241 10.19 -4.62 -6.84
C SER A 241 9.62 -4.65 -5.42
N ASN A 242 10.30 -3.99 -4.50
CA ASN A 242 9.86 -3.93 -3.11
C ASN A 242 8.56 -3.16 -3.01
N LEU A 243 8.49 -2.06 -3.74
CA LEU A 243 7.32 -1.25 -3.82
C LEU A 243 6.12 -2.06 -4.37
N SER A 244 6.34 -2.72 -5.48
CA SER A 244 5.32 -3.53 -6.12
C SER A 244 4.85 -4.68 -5.21
N THR A 245 5.81 -5.29 -4.52
CA THR A 245 5.50 -6.40 -3.63
C THR A 245 4.69 -5.90 -2.43
N LEU A 246 5.05 -4.72 -1.93
CA LEU A 246 4.32 -4.10 -0.85
C LEU A 246 2.89 -3.83 -1.29
N LEU A 247 2.75 -3.29 -2.49
CA LEU A 247 1.44 -2.99 -3.09
C LEU A 247 0.57 -4.24 -3.06
N ASP A 248 1.11 -5.31 -3.61
CA ASP A 248 0.44 -6.61 -3.60
C ASP A 248 0.17 -7.08 -2.18
N THR A 249 1.05 -6.73 -1.22
CA THR A 249 0.88 -7.14 0.17
C THR A 249 -0.30 -6.40 0.81
N ILE A 250 -0.39 -5.09 0.53
CA ILE A 250 -1.45 -4.22 1.05
C ILE A 250 -2.80 -4.71 0.58
N ILE A 251 -2.89 -4.96 -0.70
CA ILE A 251 -4.15 -5.29 -1.31
C ILE A 251 -4.55 -6.77 -1.14
N GLU A 252 -3.57 -7.64 -0.91
CA GLU A 252 -3.87 -9.04 -0.68
C GLU A 252 -4.69 -9.23 0.59
N THR A 253 -5.85 -9.77 0.40
CA THR A 253 -6.74 -10.09 1.46
C THR A 253 -7.30 -11.49 1.23
N SER A 254 -6.76 -12.43 1.94
CA SER A 254 -7.17 -13.80 1.85
C SER A 254 -8.18 -14.11 2.97
N GLY A 1 31.06 9.53 -15.77
CA GLY A 1 31.48 8.74 -16.93
C GLY A 1 30.93 9.33 -18.19
N HIS A 2 29.80 8.84 -18.62
CA HIS A 2 29.14 9.42 -19.77
C HIS A 2 28.24 10.55 -19.33
N MET A 3 27.97 11.45 -20.24
CA MET A 3 27.15 12.61 -19.98
C MET A 3 25.75 12.24 -19.64
N GLN A 4 25.13 13.11 -18.83
CA GLN A 4 23.79 12.94 -18.30
C GLN A 4 22.78 12.55 -19.37
N PRO A 5 22.31 11.32 -19.29
CA PRO A 5 21.27 10.81 -20.16
C PRO A 5 19.92 11.45 -19.83
N ASN A 6 19.67 12.61 -20.45
CA ASN A 6 18.44 13.39 -20.34
C ASN A 6 18.23 13.91 -18.91
N ASN A 7 18.68 15.13 -18.70
CA ASN A 7 18.62 15.80 -17.39
C ASN A 7 17.19 16.08 -16.94
N GLU A 8 16.32 16.31 -17.88
CA GLU A 8 14.93 16.61 -17.60
C GLU A 8 14.26 15.35 -17.06
N SER A 9 14.43 14.25 -17.78
CA SER A 9 13.88 12.97 -17.36
C SER A 9 14.55 12.50 -16.07
N LYS A 10 15.80 12.91 -15.85
CA LYS A 10 16.52 12.64 -14.59
C LYS A 10 15.73 13.15 -13.39
N LYS A 11 15.44 14.43 -13.39
CA LYS A 11 14.77 15.03 -12.26
C LYS A 11 13.33 14.56 -12.17
N LYS A 12 12.75 14.35 -13.32
CA LYS A 12 11.40 13.76 -13.42
C LYS A 12 11.36 12.40 -12.77
N ALA A 13 12.34 11.55 -13.10
CA ALA A 13 12.42 10.20 -12.58
C ALA A 13 12.54 10.22 -11.07
N VAL A 14 13.45 11.04 -10.58
CA VAL A 14 13.66 11.17 -9.15
C VAL A 14 12.38 11.67 -8.46
N LYS A 15 11.77 12.71 -9.01
CA LYS A 15 10.56 13.27 -8.43
C LYS A 15 9.40 12.28 -8.47
N LEU A 16 9.36 11.46 -9.50
CA LEU A 16 8.35 10.43 -9.62
C LEU A 16 8.50 9.46 -8.45
N ASP A 17 9.72 8.98 -8.25
CA ASP A 17 10.00 8.04 -7.16
C ASP A 17 9.65 8.66 -5.82
N LEU A 18 9.91 9.96 -5.70
CA LEU A 18 9.58 10.69 -4.48
C LEU A 18 8.09 10.67 -4.22
N ASP A 19 7.29 11.02 -5.23
CA ASP A 19 5.83 11.02 -5.10
C ASP A 19 5.30 9.64 -4.79
N LEU A 20 5.83 8.65 -5.49
CA LEU A 20 5.44 7.25 -5.27
C LEU A 20 5.74 6.81 -3.86
N MET A 21 6.95 7.03 -3.38
CA MET A 21 7.33 6.56 -2.06
C MET A 21 6.64 7.36 -0.97
N LYS A 22 6.32 8.61 -1.28
CA LYS A 22 5.59 9.46 -0.36
C LYS A 22 4.18 8.89 -0.16
N GLU A 23 3.50 8.62 -1.26
CA GLU A 23 2.15 8.10 -1.19
C GLU A 23 2.14 6.70 -0.62
N THR A 24 3.14 5.92 -0.97
CA THR A 24 3.29 4.59 -0.44
C THR A 24 3.45 4.63 1.08
N LYS A 25 4.29 5.55 1.57
CA LYS A 25 4.52 5.71 3.00
C LYS A 25 3.20 6.05 3.68
N ASN A 26 2.49 6.96 3.05
CA ASN A 26 1.18 7.41 3.54
C ASN A 26 0.21 6.25 3.67
N VAL A 27 0.13 5.43 2.64
CA VAL A 27 -0.74 4.26 2.67
C VAL A 27 -0.30 3.30 3.78
N CYS A 28 0.99 2.98 3.81
CA CYS A 28 1.55 2.05 4.79
C CYS A 28 1.29 2.52 6.21
N THR A 29 1.51 3.81 6.47
CA THR A 29 1.34 4.38 7.79
C THR A 29 -0.13 4.30 8.23
N THR A 30 -1.01 4.49 7.30
CA THR A 30 -2.43 4.45 7.57
C THR A 30 -2.88 3.03 7.88
N VAL A 31 -2.45 2.09 7.04
CA VAL A 31 -2.79 0.70 7.21
C VAL A 31 -2.20 0.20 8.52
N ASN A 32 -0.94 0.52 8.76
CA ASN A 32 -0.25 0.12 9.98
C ASN A 32 -0.96 0.62 11.21
N THR A 33 -1.25 1.92 11.23
CA THR A 33 -1.87 2.53 12.39
C THR A 33 -3.25 1.92 12.69
N LYS A 34 -4.04 1.68 11.65
CA LYS A 34 -5.33 1.15 11.91
C LYS A 34 -5.33 -0.35 12.14
N LEU A 35 -4.33 -1.04 11.63
CA LEU A 35 -4.17 -2.46 11.95
C LEU A 35 -3.71 -2.62 13.38
N VAL A 36 -2.78 -1.77 13.79
CA VAL A 36 -2.29 -1.75 15.17
C VAL A 36 -3.45 -1.50 16.13
N GLY A 37 -4.25 -0.49 15.81
CA GLY A 37 -5.40 -0.18 16.61
C GLY A 37 -6.41 -1.30 16.60
N LYS A 38 -6.60 -1.91 15.44
CA LYS A 38 -7.53 -2.99 15.28
C LYS A 38 -7.09 -4.18 16.11
N ALA A 39 -5.83 -4.57 15.98
CA ALA A 39 -5.27 -5.71 16.69
C ALA A 39 -5.40 -5.51 18.19
N LYS A 40 -5.01 -4.33 18.66
CA LYS A 40 -5.09 -4.01 20.08
C LYS A 40 -6.54 -3.98 20.58
N SER A 41 -7.44 -3.52 19.74
CA SER A 41 -8.86 -3.53 20.06
C SER A 41 -9.36 -4.97 20.12
N LYS A 42 -8.98 -5.74 19.12
CA LYS A 42 -9.36 -7.13 19.02
C LYS A 42 -8.80 -7.97 20.20
N LEU A 43 -7.69 -7.55 20.78
CA LEU A 43 -7.12 -8.21 21.97
C LEU A 43 -8.09 -8.13 23.16
N ASN A 44 -8.96 -7.14 23.14
CA ASN A 44 -9.96 -6.99 24.20
C ASN A 44 -11.17 -7.88 23.95
N LYS A 45 -11.17 -8.55 22.81
CA LYS A 45 -12.28 -9.44 22.45
C LYS A 45 -12.00 -10.85 22.96
N LEU A 46 -10.77 -11.08 23.38
CA LEU A 46 -10.40 -12.37 23.93
C LEU A 46 -10.90 -12.49 25.33
N GLU A 47 -11.41 -13.63 25.61
CA GLU A 47 -12.07 -13.88 26.88
C GLU A 47 -11.24 -14.78 27.75
N GLY A 48 -10.66 -15.77 27.13
CA GLY A 48 -9.85 -16.74 27.80
C GLY A 48 -8.75 -16.14 28.64
N GLU A 49 -8.73 -16.52 29.91
CA GLU A 49 -7.75 -16.02 30.85
C GLU A 49 -6.31 -16.40 30.48
N SER A 50 -6.18 -17.51 29.80
CA SER A 50 -4.90 -18.01 29.35
C SER A 50 -4.33 -17.18 28.19
N HIS A 51 -5.08 -16.18 27.72
CA HIS A 51 -4.66 -15.40 26.59
C HIS A 51 -3.83 -14.24 27.04
N LYS A 52 -3.68 -14.14 28.35
CA LYS A 52 -2.93 -13.07 28.97
C LYS A 52 -1.50 -12.98 28.41
N GLU A 53 -0.83 -14.13 28.27
CA GLU A 53 0.51 -14.17 27.73
C GLU A 53 0.50 -13.78 26.26
N TYR A 54 -0.48 -14.30 25.54
CA TYR A 54 -0.63 -14.05 24.11
C TYR A 54 -0.82 -12.56 23.86
N VAL A 55 -1.69 -11.95 24.64
CA VAL A 55 -1.97 -10.54 24.53
C VAL A 55 -0.70 -9.75 24.85
N ALA A 56 0.00 -10.15 25.91
CA ALA A 56 1.25 -9.51 26.28
C ALA A 56 2.30 -9.62 25.16
N GLU A 57 2.51 -10.84 24.65
CA GLU A 57 3.45 -11.10 23.57
C GLU A 57 3.11 -10.28 22.36
N LYS A 58 1.87 -10.33 21.94
CA LYS A 58 1.45 -9.60 20.78
C LYS A 58 1.55 -8.10 20.96
N THR A 59 1.22 -7.59 22.14
CA THR A 59 1.34 -6.17 22.43
C THR A 59 2.81 -5.71 22.27
N LYS A 60 3.72 -6.52 22.81
CA LYS A 60 5.14 -6.22 22.71
C LYS A 60 5.58 -6.26 21.26
N GLU A 61 5.11 -7.27 20.54
CA GLU A 61 5.51 -7.50 19.18
C GLU A 61 5.03 -6.37 18.29
N ILE A 62 3.80 -5.93 18.51
CA ILE A 62 3.23 -4.81 17.80
C ILE A 62 4.07 -3.58 18.02
N ASP A 63 4.34 -3.27 19.28
CA ASP A 63 5.04 -2.05 19.61
C ASP A 63 6.46 -2.00 19.10
N GLU A 64 7.11 -3.16 19.06
CA GLU A 64 8.44 -3.25 18.47
C GLU A 64 8.36 -3.00 16.97
N LYS A 65 7.30 -3.52 16.36
CA LYS A 65 7.08 -3.27 14.95
C LYS A 65 6.71 -1.80 14.71
N ASN A 66 5.95 -1.20 15.63
CA ASN A 66 5.57 0.21 15.53
C ASN A 66 6.77 1.07 15.50
N LYS A 67 7.65 0.87 16.45
CA LYS A 67 8.87 1.68 16.50
C LYS A 67 9.73 1.45 15.27
N LYS A 68 9.86 0.19 14.83
CA LYS A 68 10.69 -0.09 13.68
C LYS A 68 10.07 0.50 12.42
N PHE A 69 8.77 0.40 12.31
CA PHE A 69 8.05 0.97 11.21
C PHE A 69 8.23 2.48 11.19
N ASN A 70 8.23 3.07 12.37
CA ASN A 70 8.39 4.53 12.49
C ASN A 70 9.75 4.97 12.00
N GLU A 71 10.77 4.24 12.39
CA GLU A 71 12.11 4.57 11.96
C GLU A 71 12.31 4.21 10.47
N ASN A 72 11.51 3.27 9.94
CA ASN A 72 11.52 2.93 8.49
C ASN A 72 10.95 4.09 7.68
N LEU A 73 9.98 4.79 8.26
CA LEU A 73 9.36 5.95 7.60
C LEU A 73 10.39 7.01 7.46
N VAL A 74 11.00 7.34 8.59
CA VAL A 74 12.07 8.33 8.68
C VAL A 74 13.24 7.93 7.79
N LYS A 75 13.31 6.65 7.49
CA LYS A 75 14.34 6.08 6.66
C LYS A 75 14.07 6.34 5.17
N ILE A 76 12.84 6.09 4.75
CA ILE A 76 12.46 6.30 3.35
C ILE A 76 12.18 7.76 3.02
N GLU A 77 11.86 8.55 4.03
CA GLU A 77 11.68 9.96 3.81
C GLU A 77 13.00 10.68 3.93
N LYS A 78 14.01 9.95 4.38
CA LYS A 78 15.35 10.45 4.40
C LYS A 78 15.85 10.35 3.01
N ARG A 79 16.19 11.45 2.45
CA ARG A 79 16.65 11.51 1.10
C ARG A 79 18.04 12.03 1.08
N LYS A 80 18.74 11.63 0.09
CA LYS A 80 20.08 12.03 -0.13
C LYS A 80 20.04 13.05 -1.20
N LYS A 81 20.65 14.15 -0.98
CA LYS A 81 20.58 15.22 -1.91
C LYS A 81 21.76 15.21 -2.83
N ILE A 82 21.48 15.25 -4.10
CA ILE A 82 22.51 15.20 -5.09
C ILE A 82 22.47 16.45 -5.92
N LYS A 83 23.47 16.62 -6.74
CA LYS A 83 23.61 17.78 -7.56
C LYS A 83 23.17 17.47 -8.97
N VAL A 84 22.09 18.06 -9.37
CA VAL A 84 21.52 17.78 -10.70
C VAL A 84 21.03 19.07 -11.36
N PRO A 85 21.72 19.52 -12.44
CA PRO A 85 22.95 18.92 -12.93
C PRO A 85 24.11 19.22 -11.98
N ALA A 86 25.16 18.49 -12.13
CA ALA A 86 26.31 18.57 -11.24
C ALA A 86 27.13 19.82 -11.53
N ASP A 87 26.92 20.36 -12.70
CA ASP A 87 27.56 21.60 -13.12
C ASP A 87 27.02 22.79 -12.34
N THR A 88 25.71 22.85 -12.18
CA THR A 88 25.14 23.95 -11.47
C THR A 88 25.05 23.63 -9.99
N GLY A 89 24.69 22.40 -9.67
CA GLY A 89 24.62 22.01 -8.30
C GLY A 89 23.25 22.15 -7.72
N ALA A 90 22.23 22.05 -8.56
CA ALA A 90 20.87 22.18 -8.09
C ALA A 90 20.55 20.99 -7.18
N GLU A 91 20.04 21.30 -6.02
CA GLU A 91 19.77 20.34 -4.97
C GLU A 91 18.53 19.53 -5.31
N VAL A 92 18.71 18.26 -5.49
CA VAL A 92 17.62 17.35 -5.74
C VAL A 92 17.62 16.30 -4.67
N ASP A 93 16.48 15.95 -4.17
CA ASP A 93 16.36 14.97 -3.13
C ASP A 93 16.06 13.63 -3.73
N ALA A 94 16.93 12.68 -3.54
CA ALA A 94 16.72 11.35 -4.05
C ALA A 94 16.51 10.43 -2.88
N VAL A 95 15.60 9.46 -3.01
CA VAL A 95 15.28 8.54 -1.91
C VAL A 95 16.51 7.74 -1.45
N ASP A 96 17.45 7.54 -2.38
CA ASP A 96 18.69 6.77 -2.19
C ASP A 96 18.42 5.28 -2.39
N ASP A 97 19.42 4.56 -2.86
CA ASP A 97 19.26 3.12 -3.16
C ASP A 97 19.03 2.28 -1.91
N GLY A 98 19.33 2.84 -0.74
CA GLY A 98 19.08 2.15 0.51
C GLY A 98 17.59 1.95 0.77
N VAL A 99 16.79 2.78 0.14
CA VAL A 99 15.35 2.73 0.25
C VAL A 99 14.76 1.43 -0.31
N ALA A 100 15.48 0.78 -1.22
CA ALA A 100 15.04 -0.52 -1.74
C ALA A 100 14.99 -1.52 -0.57
N GLY A 101 16.05 -1.50 0.22
CA GLY A 101 16.14 -2.33 1.39
C GLY A 101 15.16 -1.88 2.45
N ALA A 102 14.93 -0.57 2.51
CA ALA A 102 13.94 0.00 3.42
C ALA A 102 12.54 -0.50 3.07
N LEU A 103 12.23 -0.60 1.77
CA LEU A 103 10.99 -1.20 1.33
C LEU A 103 10.91 -2.65 1.72
N SER A 104 12.02 -3.33 1.63
CA SER A 104 12.08 -4.72 2.09
C SER A 104 11.83 -4.81 3.62
N ASP A 105 12.26 -3.80 4.38
CA ASP A 105 11.97 -3.76 5.81
C ASP A 105 10.51 -3.56 6.05
N LEU A 106 9.99 -2.46 5.52
CA LEU A 106 8.60 -2.09 5.73
C LEU A 106 7.63 -3.12 5.20
N SER A 107 7.94 -3.75 4.06
CA SER A 107 7.11 -4.83 3.58
C SER A 107 7.00 -5.95 4.61
N SER A 108 8.12 -6.34 5.21
CA SER A 108 8.11 -7.38 6.19
C SER A 108 7.41 -6.90 7.47
N ASP A 109 7.64 -5.63 7.82
CA ASP A 109 7.04 -5.07 9.02
C ASP A 109 5.52 -4.89 8.90
N ILE A 110 5.06 -4.43 7.74
CA ILE A 110 3.62 -4.29 7.49
C ILE A 110 2.98 -5.68 7.40
N SER A 111 3.70 -6.63 6.78
CA SER A 111 3.23 -7.98 6.69
C SER A 111 3.09 -8.55 8.11
N ALA A 112 4.07 -8.26 8.95
CA ALA A 112 4.05 -8.69 10.33
C ALA A 112 2.86 -8.11 11.06
N ILE A 113 2.64 -6.81 10.92
CA ILE A 113 1.49 -6.13 11.55
C ILE A 113 0.15 -6.68 11.02
N LYS A 114 0.09 -6.98 9.74
CA LYS A 114 -1.13 -7.53 9.18
C LYS A 114 -1.35 -8.94 9.70
N THR A 115 -0.30 -9.74 9.64
CA THR A 115 -0.35 -11.12 10.12
C THR A 115 -0.66 -11.15 11.62
N LEU A 116 -0.11 -10.17 12.34
CA LEU A 116 -0.35 -9.94 13.77
C LEU A 116 -1.85 -9.80 13.96
N THR A 117 -2.42 -8.88 13.23
CA THR A 117 -3.82 -8.59 13.33
C THR A 117 -4.64 -9.83 12.91
N ASP A 118 -4.17 -10.55 11.89
CA ASP A 118 -4.80 -11.80 11.47
C ASP A 118 -4.78 -12.83 12.58
N ASP A 119 -3.62 -12.97 13.24
CA ASP A 119 -3.46 -13.90 14.38
C ASP A 119 -4.50 -13.60 15.42
N VAL A 120 -4.63 -12.32 15.73
CA VAL A 120 -5.56 -11.87 16.72
C VAL A 120 -6.99 -12.08 16.25
N SER A 121 -7.25 -11.81 14.98
CA SER A 121 -8.58 -11.98 14.40
C SER A 121 -9.03 -13.45 14.45
N GLU A 122 -8.07 -14.37 14.34
CA GLU A 122 -8.37 -15.78 14.50
C GLU A 122 -8.83 -15.99 15.96
N LYS A 123 -8.01 -15.50 16.88
CA LYS A 123 -8.32 -15.58 18.31
C LYS A 123 -9.67 -14.95 18.66
N VAL A 124 -10.00 -13.89 17.99
CA VAL A 124 -11.27 -13.23 18.18
C VAL A 124 -12.41 -14.13 17.72
N SER A 125 -12.22 -14.84 16.63
CA SER A 125 -13.30 -15.62 16.09
C SER A 125 -13.53 -16.90 16.88
N GLU A 126 -12.49 -17.39 17.53
CA GLU A 126 -12.63 -18.56 18.39
C GLU A 126 -13.18 -18.18 19.77
N ASN A 127 -12.97 -16.92 20.17
CA ASN A 127 -13.49 -16.42 21.46
C ASN A 127 -14.93 -15.96 21.36
N LEU A 128 -15.31 -15.47 20.21
CA LEU A 128 -16.66 -15.00 20.00
C LEU A 128 -17.63 -16.15 19.79
N LYS A 129 -18.86 -15.92 20.16
CA LYS A 129 -19.93 -16.88 19.97
C LYS A 129 -20.28 -16.97 18.49
N ASP A 130 -21.10 -17.94 18.17
CA ASP A 130 -21.51 -18.20 16.78
C ASP A 130 -22.21 -17.00 16.19
N ASP A 131 -23.08 -16.40 16.98
CA ASP A 131 -23.84 -15.23 16.56
C ASP A 131 -22.94 -14.04 16.39
N GLU A 132 -22.01 -13.90 17.30
CA GLU A 132 -21.10 -12.78 17.28
C GLU A 132 -20.13 -12.90 16.12
N ALA A 133 -19.75 -14.12 15.80
CA ALA A 133 -18.92 -14.39 14.64
C ALA A 133 -19.61 -13.87 13.37
N SER A 134 -20.88 -14.20 13.22
CA SER A 134 -21.68 -13.76 12.09
C SER A 134 -21.71 -12.23 12.01
N ALA A 135 -21.86 -11.56 13.15
CA ALA A 135 -21.88 -10.09 13.18
C ALA A 135 -20.50 -9.53 12.83
N THR A 136 -19.48 -10.31 13.10
CA THR A 136 -18.14 -9.94 12.79
C THR A 136 -17.87 -10.03 11.29
N GLU A 137 -18.64 -10.87 10.58
CA GLU A 137 -18.53 -10.96 9.11
C GLU A 137 -18.85 -9.60 8.51
N HIS A 138 -19.97 -9.03 8.91
CA HIS A 138 -20.37 -7.70 8.45
C HIS A 138 -19.31 -6.68 8.84
N THR A 139 -18.81 -6.79 10.06
CA THR A 139 -17.76 -5.93 10.56
C THR A 139 -16.48 -6.05 9.70
N ASP A 140 -16.10 -7.30 9.39
CA ASP A 140 -14.94 -7.62 8.54
C ASP A 140 -15.11 -7.05 7.19
N ILE A 141 -16.26 -7.27 6.61
CA ILE A 141 -16.56 -6.77 5.29
C ILE A 141 -16.39 -5.25 5.26
N LYS A 142 -16.90 -4.58 6.28
CA LYS A 142 -16.77 -3.12 6.40
C LYS A 142 -15.32 -2.68 6.44
N GLU A 143 -14.56 -3.26 7.36
CA GLU A 143 -13.19 -2.87 7.56
C GLU A 143 -12.33 -3.23 6.38
N LYS A 144 -12.57 -4.39 5.78
CA LYS A 144 -11.78 -4.80 4.65
C LYS A 144 -12.14 -3.93 3.43
N ALA A 145 -13.43 -3.60 3.29
CA ALA A 145 -13.89 -2.78 2.17
C ALA A 145 -13.31 -1.39 2.24
N THR A 146 -13.37 -0.82 3.42
CA THR A 146 -12.87 0.51 3.62
C THR A 146 -11.34 0.54 3.50
N LEU A 147 -10.67 -0.51 3.97
CA LEU A 147 -9.21 -0.60 3.85
C LEU A 147 -8.86 -0.68 2.36
N LEU A 148 -9.64 -1.47 1.63
CA LEU A 148 -9.46 -1.62 0.19
C LEU A 148 -9.67 -0.27 -0.50
N GLN A 149 -10.69 0.45 -0.08
CA GLN A 149 -10.97 1.78 -0.61
C GLN A 149 -9.79 2.71 -0.35
N GLU A 150 -9.37 2.78 0.91
CA GLU A 150 -8.27 3.66 1.32
C GLU A 150 -6.99 3.35 0.57
N SER A 151 -6.69 2.07 0.46
CA SER A 151 -5.50 1.65 -0.23
C SER A 151 -5.61 1.95 -1.73
N CYS A 152 -6.76 1.66 -2.33
CA CYS A 152 -6.96 1.90 -3.75
C CYS A 152 -6.99 3.39 -4.10
N ASN A 153 -7.43 4.22 -3.15
CA ASN A 153 -7.34 5.69 -3.33
C ASN A 153 -5.88 6.09 -3.40
N GLY A 154 -5.08 5.46 -2.57
CA GLY A 154 -3.66 5.70 -2.55
C GLY A 154 -3.00 5.19 -3.82
N ILE A 155 -3.31 3.94 -4.17
CA ILE A 155 -2.83 3.30 -5.40
C ILE A 155 -3.21 4.18 -6.58
N GLY A 156 -4.42 4.67 -6.53
CA GLY A 156 -4.96 5.56 -7.52
C GLY A 156 -4.21 6.85 -7.62
N THR A 157 -3.74 7.38 -6.51
CA THR A 157 -3.02 8.63 -6.53
C THR A 157 -1.67 8.40 -7.19
N ILE A 158 -1.09 7.27 -6.87
CA ILE A 158 0.14 6.82 -7.46
C ILE A 158 -0.07 6.66 -8.95
N LEU A 159 -1.09 5.88 -9.31
CA LEU A 159 -1.47 5.62 -10.71
C LEU A 159 -1.70 6.94 -11.47
N ASP A 160 -2.50 7.83 -10.89
CA ASP A 160 -2.81 9.13 -11.50
C ASP A 160 -1.56 9.98 -11.72
N LYS A 161 -0.58 9.87 -10.83
CA LYS A 161 0.67 10.60 -11.03
C LYS A 161 1.61 9.85 -11.97
N LEU A 162 1.63 8.54 -11.83
CA LEU A 162 2.45 7.65 -12.63
C LEU A 162 2.08 7.79 -14.11
N ALA A 163 0.78 7.84 -14.38
CA ALA A 163 0.27 7.95 -15.74
C ALA A 163 0.63 9.28 -16.39
N GLU A 164 1.06 10.25 -15.59
CA GLU A 164 1.48 11.52 -16.13
C GLU A 164 2.96 11.58 -16.38
N TYR A 165 3.68 10.61 -15.89
CA TYR A 165 5.10 10.56 -16.17
C TYR A 165 5.28 10.06 -17.58
N LEU A 166 4.52 9.05 -17.88
CA LEU A 166 4.50 8.44 -19.16
C LEU A 166 3.08 8.45 -19.62
N ASN A 167 2.61 9.60 -19.97
CA ASN A 167 1.28 9.73 -20.44
C ASN A 167 1.21 9.35 -21.89
N ASN A 168 0.75 8.17 -22.15
CA ASN A 168 0.63 7.67 -23.48
C ASN A 168 -0.69 6.92 -23.57
N ASP A 169 -1.00 6.35 -24.72
CA ASP A 169 -2.25 5.59 -24.90
C ASP A 169 -2.38 4.46 -23.91
N THR A 170 -1.30 3.74 -23.68
CA THR A 170 -1.30 2.62 -22.76
C THR A 170 -1.72 3.06 -21.35
N THR A 171 -1.04 4.06 -20.81
CA THR A 171 -1.34 4.53 -19.48
C THR A 171 -2.70 5.19 -19.39
N GLN A 172 -3.13 5.83 -20.47
CA GLN A 172 -4.45 6.43 -20.53
C GLN A 172 -5.54 5.36 -20.55
N ASN A 173 -5.27 4.26 -21.22
CA ASN A 173 -6.16 3.11 -21.27
C ASN A 173 -6.28 2.49 -19.93
N ILE A 174 -5.15 2.34 -19.30
CA ILE A 174 -5.05 1.86 -17.95
C ILE A 174 -5.77 2.79 -17.02
N LYS A 175 -5.53 4.07 -17.16
CA LYS A 175 -6.12 5.05 -16.31
C LYS A 175 -7.63 5.13 -16.51
N LYS A 176 -8.10 4.98 -17.74
CA LYS A 176 -9.53 5.04 -17.99
C LYS A 176 -10.22 3.78 -17.43
N GLU A 177 -9.53 2.64 -17.51
CA GLU A 177 -10.04 1.43 -16.91
C GLU A 177 -9.96 1.51 -15.40
N PHE A 178 -8.90 2.14 -14.93
CA PHE A 178 -8.68 2.36 -13.54
C PHE A 178 -9.76 3.24 -12.99
N ASP A 179 -9.95 4.43 -13.57
CA ASP A 179 -10.97 5.39 -13.12
C ASP A 179 -12.36 4.78 -13.17
N GLU A 180 -12.61 3.94 -14.17
CA GLU A 180 -13.86 3.19 -14.25
C GLU A 180 -14.02 2.31 -13.00
N ARG A 181 -13.00 1.53 -12.68
CA ARG A 181 -13.07 0.62 -11.54
C ARG A 181 -13.00 1.38 -10.22
N LYS A 182 -12.33 2.50 -10.25
CA LYS A 182 -12.15 3.43 -9.13
C LYS A 182 -13.52 3.98 -8.74
N LYS A 183 -14.29 4.32 -9.76
CA LYS A 183 -15.63 4.79 -9.59
C LYS A 183 -16.49 3.67 -9.03
N ASN A 184 -16.40 2.49 -9.64
CA ASN A 184 -17.15 1.31 -9.19
C ASN A 184 -16.80 0.97 -7.75
N LEU A 185 -15.53 1.07 -7.43
CA LEU A 185 -15.00 0.86 -6.09
C LEU A 185 -15.72 1.75 -5.09
N THR A 186 -15.69 3.04 -5.36
CA THR A 186 -16.28 4.03 -4.50
C THR A 186 -17.83 3.87 -4.43
N SER A 187 -18.42 3.42 -5.52
CA SER A 187 -19.84 3.17 -5.58
C SER A 187 -20.19 1.92 -4.77
N LEU A 188 -19.38 0.87 -4.92
CA LEU A 188 -19.60 -0.38 -4.21
C LEU A 188 -19.33 -0.21 -2.75
N LYS A 189 -18.47 0.74 -2.42
CA LYS A 189 -18.18 1.11 -1.04
C LYS A 189 -19.47 1.57 -0.37
N THR A 190 -20.29 2.27 -1.13
CA THR A 190 -21.55 2.78 -0.66
C THR A 190 -22.61 1.64 -0.62
N LYS A 191 -22.48 0.68 -1.52
CA LYS A 191 -23.37 -0.48 -1.56
C LYS A 191 -23.15 -1.33 -0.32
N VAL A 192 -21.90 -1.54 0.01
CA VAL A 192 -21.48 -2.31 1.18
C VAL A 192 -21.85 -1.55 2.48
N GLU A 193 -22.20 -0.28 2.33
CA GLU A 193 -22.65 0.51 3.46
C GLU A 193 -24.11 0.32 3.74
N ASN A 194 -24.79 -0.39 2.89
CA ASN A 194 -26.16 -0.73 3.13
C ASN A 194 -26.25 -2.20 3.38
N LYS A 195 -26.40 -2.59 4.65
CA LYS A 195 -26.44 -4.00 5.05
C LYS A 195 -27.63 -4.75 4.47
N ASP A 196 -28.64 -4.01 4.06
CA ASP A 196 -29.81 -4.60 3.45
C ASP A 196 -29.49 -5.09 2.03
N GLU A 197 -28.49 -4.48 1.42
CA GLU A 197 -27.99 -4.92 0.13
C GLU A 197 -27.05 -6.07 0.45
N ASP A 198 -26.70 -6.90 -0.49
CA ASP A 198 -25.76 -7.94 -0.11
C ASP A 198 -24.35 -7.41 -0.16
N TYR A 199 -23.98 -6.80 0.93
CA TYR A 199 -22.68 -6.19 1.15
C TYR A 199 -21.54 -7.17 0.88
N VAL A 200 -21.79 -8.46 1.13
CA VAL A 200 -20.77 -9.47 0.92
C VAL A 200 -20.42 -9.55 -0.58
N THR A 201 -21.44 -9.73 -1.40
CA THR A 201 -21.28 -9.83 -2.82
C THR A 201 -20.75 -8.50 -3.41
N HIS A 202 -21.23 -7.37 -2.88
CA HIS A 202 -20.74 -6.07 -3.36
C HIS A 202 -19.26 -5.89 -3.02
N PHE A 203 -18.85 -6.36 -1.84
CA PHE A 203 -17.45 -6.33 -1.43
C PHE A 203 -16.63 -7.23 -2.35
N ARG A 204 -17.18 -8.38 -2.62
CA ARG A 204 -16.57 -9.37 -3.49
C ARG A 204 -16.30 -8.77 -4.89
N ASP A 205 -17.31 -8.12 -5.45
CA ASP A 205 -17.16 -7.44 -6.74
C ASP A 205 -16.19 -6.30 -6.64
N MET A 206 -16.27 -5.56 -5.54
CA MET A 206 -15.36 -4.45 -5.24
C MET A 206 -13.92 -4.92 -5.33
N ALA A 207 -13.64 -6.06 -4.67
CA ALA A 207 -12.34 -6.67 -4.68
C ALA A 207 -11.93 -7.02 -6.11
N THR A 208 -12.84 -7.65 -6.85
CA THR A 208 -12.63 -7.99 -8.26
C THR A 208 -12.24 -6.75 -9.09
N GLU A 209 -13.02 -5.68 -8.94
CA GLU A 209 -12.77 -4.42 -9.65
C GLU A 209 -11.41 -3.86 -9.29
N ALA A 210 -11.07 -3.95 -8.02
CA ALA A 210 -9.80 -3.50 -7.53
C ALA A 210 -8.66 -4.30 -8.15
N GLN A 211 -8.82 -5.63 -8.25
CA GLN A 211 -7.78 -6.48 -8.84
C GLN A 211 -7.53 -6.11 -10.28
N ASN A 212 -8.61 -5.86 -11.01
CA ASN A 212 -8.53 -5.45 -12.41
C ASN A 212 -7.74 -4.14 -12.54
N ALA A 213 -8.14 -3.19 -11.69
CA ALA A 213 -7.53 -1.88 -11.65
C ALA A 213 -6.05 -1.99 -11.31
N VAL A 214 -5.74 -2.70 -10.21
CA VAL A 214 -4.37 -2.88 -9.76
C VAL A 214 -3.53 -3.64 -10.81
N GLY A 215 -4.16 -4.58 -11.51
CA GLY A 215 -3.49 -5.28 -12.58
C GLY A 215 -3.00 -4.30 -13.62
N GLU A 216 -3.88 -3.37 -14.01
CA GLU A 216 -3.51 -2.34 -14.97
C GLU A 216 -2.42 -1.40 -14.37
N VAL A 217 -2.51 -1.11 -13.07
CA VAL A 217 -1.52 -0.28 -12.37
C VAL A 217 -0.13 -0.92 -12.43
N LYS A 218 -0.08 -2.20 -12.08
CA LYS A 218 1.16 -2.96 -12.03
C LYS A 218 1.77 -3.00 -13.45
N LYS A 219 0.90 -3.15 -14.42
CA LYS A 219 1.23 -3.11 -15.85
C LYS A 219 1.87 -1.74 -16.23
N ALA A 220 1.23 -0.66 -15.77
CA ALA A 220 1.73 0.69 -16.01
C ALA A 220 3.10 0.86 -15.36
N ILE A 221 3.25 0.32 -14.16
CA ILE A 221 4.51 0.33 -13.43
C ILE A 221 5.62 -0.25 -14.27
N ASP A 222 5.41 -1.49 -14.73
CA ASP A 222 6.42 -2.18 -15.56
C ASP A 222 6.77 -1.38 -16.79
N ALA A 223 5.76 -0.82 -17.43
CA ALA A 223 5.97 0.00 -18.61
C ALA A 223 6.87 1.20 -18.31
N VAL A 224 6.58 1.90 -17.22
CA VAL A 224 7.34 3.07 -16.85
C VAL A 224 8.77 2.69 -16.40
N VAL A 225 8.90 1.54 -15.74
CA VAL A 225 10.23 1.03 -15.33
C VAL A 225 11.09 0.82 -16.57
N ALA A 226 10.51 0.15 -17.57
CA ALA A 226 11.21 -0.13 -18.81
C ALA A 226 11.52 1.18 -19.55
N HIS A 227 10.53 2.06 -19.60
CA HIS A 227 10.65 3.37 -20.25
C HIS A 227 11.80 4.21 -19.66
N ARG A 228 11.93 4.20 -18.35
CA ARG A 228 12.93 4.99 -17.73
C ARG A 228 14.31 4.38 -17.98
N LYS A 229 14.42 3.06 -17.80
CA LYS A 229 15.69 2.36 -18.03
C LYS A 229 16.15 2.50 -19.47
N ALA A 230 15.18 2.61 -20.38
CA ALA A 230 15.45 2.75 -21.80
C ALA A 230 16.24 4.02 -22.08
N GLU A 231 16.01 5.05 -21.29
CA GLU A 231 16.72 6.29 -21.49
C GLU A 231 17.78 6.47 -20.42
N ASN A 232 18.08 5.34 -19.76
CA ASN A 232 19.15 5.22 -18.75
C ASN A 232 18.93 6.03 -17.51
N LEU A 233 17.68 6.15 -17.10
CA LEU A 233 17.39 6.83 -15.87
C LEU A 233 17.57 5.92 -14.70
N ASP A 234 17.74 6.53 -13.56
CA ASP A 234 17.99 5.85 -12.30
C ASP A 234 16.75 5.13 -11.86
N VAL A 235 16.69 3.86 -12.17
CA VAL A 235 15.58 3.00 -11.85
C VAL A 235 16.10 1.73 -11.27
N ASP A 236 15.58 1.36 -10.14
CA ASP A 236 15.98 0.12 -9.52
C ASP A 236 14.82 -0.85 -9.62
N ASP A 237 15.01 -1.90 -10.40
CA ASP A 237 13.97 -2.91 -10.64
C ASP A 237 13.53 -3.54 -9.35
N THR A 238 14.49 -3.76 -8.45
CA THR A 238 14.22 -4.39 -7.19
C THR A 238 13.35 -3.47 -6.30
N LEU A 239 13.63 -2.18 -6.33
CA LEU A 239 12.83 -1.18 -5.62
C LEU A 239 11.35 -1.27 -6.03
N PHE A 240 11.09 -1.21 -7.34
CA PHE A 240 9.73 -1.30 -7.85
C PHE A 240 9.13 -2.67 -7.55
N SER A 241 9.95 -3.70 -7.60
CA SER A 241 9.53 -5.07 -7.30
C SER A 241 9.05 -5.17 -5.83
N ASN A 242 9.78 -4.52 -4.93
CA ASN A 242 9.42 -4.50 -3.52
C ASN A 242 8.16 -3.72 -3.30
N LEU A 243 8.02 -2.66 -4.06
CA LEU A 243 6.89 -1.82 -4.00
C LEU A 243 5.64 -2.60 -4.40
N SER A 244 5.70 -3.23 -5.54
CA SER A 244 4.59 -3.99 -6.05
C SER A 244 4.28 -5.23 -5.18
N THR A 245 5.29 -5.81 -4.58
CA THR A 245 5.10 -6.95 -3.70
C THR A 245 4.47 -6.51 -2.36
N LEU A 246 4.88 -5.34 -1.87
CA LEU A 246 4.31 -4.82 -0.64
C LEU A 246 2.87 -4.37 -0.94
N LEU A 247 2.66 -3.95 -2.17
CA LEU A 247 1.34 -3.63 -2.68
C LEU A 247 0.45 -4.87 -2.55
N ASP A 248 0.95 -6.02 -3.05
CA ASP A 248 0.28 -7.33 -2.90
C ASP A 248 -0.08 -7.57 -1.45
N THR A 249 0.88 -7.31 -0.58
CA THR A 249 0.71 -7.48 0.85
C THR A 249 -0.44 -6.63 1.42
N ILE A 250 -0.55 -5.39 0.96
CA ILE A 250 -1.59 -4.48 1.39
C ILE A 250 -2.97 -4.95 0.88
N ILE A 251 -3.00 -5.38 -0.37
CA ILE A 251 -4.25 -5.75 -1.02
C ILE A 251 -4.77 -7.11 -0.57
N GLU A 252 -3.88 -8.00 -0.13
CA GLU A 252 -4.30 -9.31 0.35
C GLU A 252 -5.17 -9.16 1.57
N THR A 253 -6.39 -9.53 1.40
CA THR A 253 -7.40 -9.45 2.40
C THR A 253 -8.28 -10.69 2.35
N SER A 254 -8.06 -11.59 3.26
CA SER A 254 -8.87 -12.77 3.32
C SER A 254 -9.52 -12.90 4.70
N GLY A 1 22.35 4.67 -16.99
CA GLY A 1 23.62 4.88 -17.68
C GLY A 1 23.91 6.34 -17.76
N HIS A 2 24.84 6.71 -18.61
CA HIS A 2 25.18 8.11 -18.77
C HIS A 2 25.11 8.57 -20.21
N MET A 3 24.77 7.67 -21.12
CA MET A 3 24.64 8.08 -22.52
C MET A 3 23.30 8.78 -22.71
N GLN A 4 23.32 9.81 -23.54
CA GLN A 4 22.17 10.68 -23.78
C GLN A 4 21.81 11.43 -22.51
N PRO A 5 22.53 12.52 -22.22
CA PRO A 5 22.35 13.26 -21.01
C PRO A 5 21.11 14.12 -21.02
N ASN A 6 19.99 13.54 -20.67
CA ASN A 6 18.76 14.28 -20.58
C ASN A 6 18.52 14.55 -19.10
N ASN A 7 18.89 15.73 -18.67
CA ASN A 7 18.81 16.09 -17.28
C ASN A 7 17.35 16.33 -16.88
N GLU A 8 16.53 16.61 -17.88
CA GLU A 8 15.12 16.81 -17.66
C GLU A 8 14.46 15.49 -17.29
N SER A 9 14.86 14.43 -17.96
CA SER A 9 14.32 13.13 -17.64
C SER A 9 14.78 12.68 -16.27
N LYS A 10 16.03 12.99 -15.91
CA LYS A 10 16.56 12.55 -14.64
C LYS A 10 15.86 13.22 -13.47
N LYS A 11 15.66 14.53 -13.56
CA LYS A 11 14.95 15.28 -12.50
C LYS A 11 13.50 14.80 -12.36
N LYS A 12 12.85 14.57 -13.49
CA LYS A 12 11.46 14.14 -13.50
C LYS A 12 11.33 12.72 -12.98
N ALA A 13 12.36 11.92 -13.23
CA ALA A 13 12.42 10.57 -12.72
C ALA A 13 12.50 10.58 -11.21
N VAL A 14 13.42 11.42 -10.70
CA VAL A 14 13.60 11.56 -9.25
C VAL A 14 12.30 12.02 -8.60
N LYS A 15 11.69 13.07 -9.16
CA LYS A 15 10.46 13.59 -8.66
C LYS A 15 9.36 12.52 -8.70
N LEU A 16 9.34 11.74 -9.76
CA LEU A 16 8.39 10.66 -9.89
C LEU A 16 8.53 9.71 -8.71
N ASP A 17 9.73 9.19 -8.53
CA ASP A 17 10.01 8.24 -7.45
C ASP A 17 9.74 8.86 -6.09
N LEU A 18 9.99 10.16 -5.96
CA LEU A 18 9.70 10.90 -4.73
C LEU A 18 8.21 10.92 -4.45
N ASP A 19 7.40 11.28 -5.45
CA ASP A 19 5.95 11.38 -5.27
C ASP A 19 5.36 10.01 -5.07
N LEU A 20 5.96 9.03 -5.71
CA LEU A 20 5.47 7.69 -5.63
C LEU A 20 5.74 7.16 -4.25
N MET A 21 6.99 7.32 -3.78
CA MET A 21 7.36 6.84 -2.46
C MET A 21 6.62 7.63 -1.38
N LYS A 22 6.34 8.87 -1.68
CA LYS A 22 5.54 9.73 -0.81
C LYS A 22 4.18 9.09 -0.55
N GLU A 23 3.43 8.87 -1.61
CA GLU A 23 2.11 8.31 -1.47
C GLU A 23 2.17 6.88 -0.96
N THR A 24 3.21 6.17 -1.34
CA THR A 24 3.43 4.81 -0.86
C THR A 24 3.65 4.81 0.67
N LYS A 25 4.48 5.74 1.16
CA LYS A 25 4.76 5.85 2.59
C LYS A 25 3.48 6.21 3.32
N ASN A 26 2.68 7.04 2.69
CA ASN A 26 1.40 7.48 3.24
C ASN A 26 0.43 6.31 3.34
N VAL A 27 0.32 5.54 2.27
CA VAL A 27 -0.54 4.35 2.26
C VAL A 27 -0.06 3.34 3.29
N CYS A 28 1.23 3.02 3.27
CA CYS A 28 1.82 2.04 4.19
C CYS A 28 1.58 2.42 5.66
N THR A 29 1.73 3.69 5.98
CA THR A 29 1.53 4.13 7.35
C THR A 29 0.05 4.00 7.74
N THR A 30 -0.81 4.25 6.78
CA THR A 30 -2.25 4.19 7.01
C THR A 30 -2.68 2.73 7.21
N VAL A 31 -2.19 1.86 6.33
CA VAL A 31 -2.51 0.46 6.39
C VAL A 31 -2.01 -0.13 7.69
N ASN A 32 -0.76 0.14 8.02
CA ASN A 32 -0.15 -0.36 9.25
C ASN A 32 -0.95 0.09 10.47
N THR A 33 -1.24 1.38 10.54
CA THR A 33 -1.94 1.95 11.68
C THR A 33 -3.34 1.36 11.83
N LYS A 34 -4.03 1.16 10.72
CA LYS A 34 -5.36 0.65 10.82
C LYS A 34 -5.41 -0.84 11.00
N LEU A 35 -4.42 -1.55 10.50
CA LEU A 35 -4.31 -2.97 10.79
C LEU A 35 -4.06 -3.15 12.27
N VAL A 36 -3.14 -2.34 12.80
CA VAL A 36 -2.82 -2.35 14.22
C VAL A 36 -4.06 -2.02 15.04
N GLY A 37 -4.75 -0.97 14.64
CA GLY A 37 -5.95 -0.55 15.31
C GLY A 37 -7.01 -1.62 15.31
N LYS A 38 -7.26 -2.21 14.16
CA LYS A 38 -8.29 -3.20 14.02
C LYS A 38 -7.88 -4.52 14.68
N ALA A 39 -6.59 -4.85 14.66
CA ALA A 39 -6.08 -6.02 15.37
C ALA A 39 -6.38 -5.85 16.85
N LYS A 40 -6.13 -4.65 17.37
CA LYS A 40 -6.41 -4.37 18.77
C LYS A 40 -7.90 -4.42 19.06
N SER A 41 -8.71 -3.98 18.12
CA SER A 41 -10.15 -4.08 18.23
C SER A 41 -10.55 -5.57 18.36
N LYS A 42 -9.90 -6.42 17.57
CA LYS A 42 -10.16 -7.84 17.61
C LYS A 42 -9.66 -8.43 18.91
N LEU A 43 -8.54 -7.92 19.43
CA LEU A 43 -7.99 -8.35 20.72
C LEU A 43 -8.97 -8.12 21.86
N ASN A 44 -9.90 -7.20 21.66
CA ASN A 44 -10.92 -6.92 22.66
C ASN A 44 -12.08 -7.89 22.57
N LYS A 45 -12.15 -8.64 21.50
CA LYS A 45 -13.18 -9.66 21.33
C LYS A 45 -12.78 -10.96 22.02
N LEU A 46 -11.52 -11.07 22.35
CA LEU A 46 -11.04 -12.22 23.06
C LEU A 46 -11.47 -12.14 24.51
N GLU A 47 -11.61 -13.31 25.12
CA GLU A 47 -12.11 -13.46 26.50
C GLU A 47 -11.42 -12.52 27.48
N GLY A 48 -10.15 -12.74 27.65
CA GLY A 48 -9.37 -12.00 28.59
C GLY A 48 -8.37 -12.92 29.22
N GLU A 49 -8.81 -13.66 30.22
CA GLU A 49 -7.97 -14.59 31.01
C GLU A 49 -7.18 -15.55 30.14
N SER A 50 -7.85 -16.21 29.24
CA SER A 50 -7.25 -17.21 28.38
C SER A 50 -6.27 -16.61 27.36
N HIS A 51 -6.39 -15.33 27.08
CA HIS A 51 -5.59 -14.74 26.01
C HIS A 51 -4.89 -13.48 26.43
N LYS A 52 -4.69 -13.28 27.71
CA LYS A 52 -4.09 -12.05 28.21
C LYS A 52 -2.62 -12.05 27.96
N GLU A 53 -2.05 -13.21 27.99
CA GLU A 53 -0.66 -13.39 27.66
C GLU A 53 -0.47 -13.17 26.16
N TYR A 54 -1.43 -13.62 25.40
CA TYR A 54 -1.45 -13.46 23.95
C TYR A 54 -1.59 -11.99 23.58
N VAL A 55 -2.57 -11.33 24.20
CA VAL A 55 -2.81 -9.92 23.96
C VAL A 55 -1.58 -9.10 24.31
N ALA A 56 -0.95 -9.42 25.44
CA ALA A 56 0.25 -8.73 25.86
C ALA A 56 1.37 -8.89 24.83
N GLU A 57 1.62 -10.14 24.42
CA GLU A 57 2.66 -10.42 23.42
C GLU A 57 2.37 -9.71 22.13
N LYS A 58 1.17 -9.86 21.64
CA LYS A 58 0.80 -9.25 20.39
C LYS A 58 0.82 -7.74 20.43
N THR A 59 0.36 -7.15 21.53
CA THR A 59 0.38 -5.71 21.66
C THR A 59 1.84 -5.18 21.67
N LYS A 60 2.72 -5.90 22.36
CA LYS A 60 4.11 -5.49 22.43
C LYS A 60 4.87 -5.83 21.15
N GLU A 61 4.38 -6.80 20.44
CA GLU A 61 4.94 -7.17 19.17
C GLU A 61 4.61 -6.07 18.18
N ILE A 62 3.38 -5.58 18.27
CA ILE A 62 2.93 -4.42 17.55
C ILE A 62 3.82 -3.23 17.89
N ASP A 63 4.09 -3.03 19.17
CA ASP A 63 4.95 -1.94 19.62
C ASP A 63 6.31 -1.99 19.02
N GLU A 64 6.96 -3.15 19.03
CA GLU A 64 8.29 -3.23 18.47
C GLU A 64 8.25 -3.03 16.97
N LYS A 65 7.23 -3.58 16.32
CA LYS A 65 7.13 -3.45 14.89
C LYS A 65 6.81 -2.03 14.51
N ASN A 66 6.00 -1.37 15.31
CA ASN A 66 5.69 0.03 15.10
C ASN A 66 6.90 0.89 15.26
N LYS A 67 7.64 0.71 16.34
CA LYS A 67 8.81 1.54 16.54
C LYS A 67 9.83 1.30 15.42
N LYS A 68 9.99 0.05 14.99
CA LYS A 68 10.83 -0.30 13.88
C LYS A 68 10.34 0.33 12.59
N PHE A 69 9.08 0.08 12.27
CA PHE A 69 8.48 0.59 11.04
C PHE A 69 8.56 2.12 10.99
N ASN A 70 8.22 2.75 12.09
CA ASN A 70 8.22 4.20 12.16
C ASN A 70 9.64 4.78 12.08
N GLU A 71 10.62 4.10 12.67
CA GLU A 71 11.98 4.61 12.57
C GLU A 71 12.53 4.32 11.21
N ASN A 72 12.22 3.14 10.69
CA ASN A 72 12.72 2.73 9.42
C ASN A 72 12.21 3.56 8.31
N LEU A 73 10.91 3.89 8.33
CA LEU A 73 10.33 4.64 7.24
C LEU A 73 10.98 6.02 7.11
N VAL A 74 11.21 6.71 8.23
CA VAL A 74 11.80 8.05 8.20
C VAL A 74 13.28 7.94 7.79
N LYS A 75 13.90 6.89 8.25
CA LYS A 75 15.30 6.64 7.99
C LYS A 75 15.56 6.27 6.56
N ILE A 76 14.71 5.45 6.02
CA ILE A 76 14.90 5.00 4.66
C ILE A 76 14.45 6.04 3.66
N GLU A 77 13.48 6.87 4.03
CA GLU A 77 13.05 7.91 3.11
C GLU A 77 13.97 9.11 3.15
N LYS A 78 14.95 9.05 4.05
CA LYS A 78 15.98 10.05 4.11
C LYS A 78 16.61 10.12 2.72
N ARG A 79 16.71 11.30 2.21
CA ARG A 79 17.06 11.48 0.83
C ARG A 79 18.55 11.78 0.74
N LYS A 80 19.13 11.49 -0.38
CA LYS A 80 20.50 11.84 -0.66
C LYS A 80 20.52 13.06 -1.53
N LYS A 81 21.28 14.04 -1.15
CA LYS A 81 21.39 15.24 -1.94
C LYS A 81 22.47 15.10 -2.96
N ILE A 82 22.07 15.23 -4.19
CA ILE A 82 22.98 15.26 -5.30
C ILE A 82 22.74 16.58 -6.01
N LYS A 83 23.65 17.02 -6.80
CA LYS A 83 23.45 18.28 -7.45
C LYS A 83 23.11 18.12 -8.92
N VAL A 84 21.95 18.62 -9.27
CA VAL A 84 21.33 18.39 -10.58
C VAL A 84 20.54 19.63 -11.03
N PRO A 85 20.86 20.19 -12.21
CA PRO A 85 21.94 19.70 -13.08
C PRO A 85 23.29 20.05 -12.51
N ALA A 86 24.30 19.42 -13.02
CA ALA A 86 25.66 19.60 -12.53
C ALA A 86 26.15 21.01 -12.83
N ASP A 87 25.57 21.59 -13.87
CA ASP A 87 25.86 22.94 -14.34
C ASP A 87 25.61 23.96 -13.24
N THR A 88 24.42 23.94 -12.69
CA THR A 88 24.06 24.86 -11.66
C THR A 88 24.42 24.29 -10.29
N GLY A 89 24.23 23.00 -10.14
CA GLY A 89 24.59 22.35 -8.92
C GLY A 89 23.49 22.39 -7.89
N ALA A 90 22.26 22.49 -8.33
CA ALA A 90 21.13 22.61 -7.43
C ALA A 90 20.91 21.31 -6.70
N GLU A 91 20.71 21.40 -5.38
CA GLU A 91 20.53 20.20 -4.59
C GLU A 91 19.19 19.58 -4.82
N VAL A 92 19.26 18.40 -5.24
CA VAL A 92 18.10 17.59 -5.45
C VAL A 92 18.14 16.47 -4.45
N ASP A 93 17.00 16.12 -3.94
CA ASP A 93 16.91 15.07 -3.00
C ASP A 93 16.51 13.83 -3.73
N ALA A 94 17.27 12.82 -3.58
CA ALA A 94 16.98 11.57 -4.20
C ALA A 94 16.58 10.61 -3.13
N VAL A 95 15.64 9.77 -3.42
CA VAL A 95 15.00 8.90 -2.42
C VAL A 95 15.97 7.93 -1.72
N ASP A 96 17.11 7.65 -2.37
CA ASP A 96 18.22 6.75 -1.89
C ASP A 96 18.10 5.34 -2.48
N ASP A 97 19.23 4.69 -2.64
CA ASP A 97 19.35 3.38 -3.31
C ASP A 97 18.93 2.21 -2.40
N GLY A 98 19.03 2.43 -1.10
CA GLY A 98 18.75 1.40 -0.11
C GLY A 98 17.27 1.16 0.05
N VAL A 99 16.49 2.09 -0.47
CA VAL A 99 15.04 2.06 -0.42
C VAL A 99 14.45 0.77 -1.02
N ALA A 100 15.17 0.12 -1.93
CA ALA A 100 14.73 -1.16 -2.48
C ALA A 100 14.61 -2.21 -1.36
N GLY A 101 15.70 -2.38 -0.63
CA GLY A 101 15.73 -3.31 0.48
C GLY A 101 14.83 -2.84 1.59
N ALA A 102 14.66 -1.52 1.69
CA ALA A 102 13.77 -0.91 2.64
C ALA A 102 12.33 -1.32 2.36
N LEU A 103 11.94 -1.31 1.08
CA LEU A 103 10.64 -1.81 0.68
C LEU A 103 10.49 -3.25 1.03
N SER A 104 11.53 -4.01 0.83
CA SER A 104 11.52 -5.42 1.24
C SER A 104 11.31 -5.54 2.78
N ASP A 105 11.93 -4.63 3.56
CA ASP A 105 11.79 -4.64 5.03
C ASP A 105 10.38 -4.29 5.42
N LEU A 106 9.88 -3.17 4.91
CA LEU A 106 8.55 -2.72 5.24
C LEU A 106 7.50 -3.69 4.74
N SER A 107 7.73 -4.29 3.56
CA SER A 107 6.87 -5.33 3.06
C SER A 107 6.69 -6.43 4.08
N SER A 108 7.80 -6.91 4.61
CA SER A 108 7.81 -7.94 5.54
C SER A 108 7.10 -7.53 6.85
N ASP A 109 7.32 -6.31 7.32
CA ASP A 109 6.63 -5.89 8.54
C ASP A 109 5.17 -5.52 8.35
N ILE A 110 4.81 -5.00 7.17
CA ILE A 110 3.40 -4.76 6.86
C ILE A 110 2.71 -6.13 6.78
N SER A 111 3.40 -7.09 6.17
CA SER A 111 2.92 -8.44 6.05
C SER A 111 2.80 -9.08 7.44
N ALA A 112 3.76 -8.75 8.31
CA ALA A 112 3.75 -9.21 9.68
C ALA A 112 2.54 -8.69 10.40
N ILE A 113 2.33 -7.38 10.34
CA ILE A 113 1.17 -6.75 10.97
C ILE A 113 -0.15 -7.32 10.43
N LYS A 114 -0.17 -7.66 9.13
CA LYS A 114 -1.32 -8.35 8.55
C LYS A 114 -1.52 -9.66 9.25
N THR A 115 -0.45 -10.43 9.33
CA THR A 115 -0.43 -11.74 9.98
C THR A 115 -0.91 -11.64 11.43
N LEU A 116 -0.47 -10.61 12.15
CA LEU A 116 -0.95 -10.37 13.51
C LEU A 116 -2.44 -10.17 13.51
N THR A 117 -2.92 -9.35 12.60
CA THR A 117 -4.33 -9.06 12.51
C THR A 117 -5.11 -10.34 12.08
N ASP A 118 -4.51 -11.16 11.20
CA ASP A 118 -5.08 -12.44 10.78
C ASP A 118 -5.21 -13.36 11.98
N ASP A 119 -4.10 -13.51 12.71
CA ASP A 119 -4.05 -14.34 13.93
C ASP A 119 -5.07 -13.94 14.93
N VAL A 120 -5.23 -12.66 15.13
CA VAL A 120 -6.17 -12.21 16.11
C VAL A 120 -7.59 -12.46 15.63
N SER A 121 -7.88 -12.12 14.38
CA SER A 121 -9.22 -12.27 13.86
C SER A 121 -9.67 -13.73 13.76
N GLU A 122 -8.74 -14.66 13.53
CA GLU A 122 -9.13 -16.06 13.49
C GLU A 122 -9.41 -16.54 14.91
N LYS A 123 -8.65 -16.00 15.86
CA LYS A 123 -8.80 -16.36 17.24
C LYS A 123 -10.09 -15.76 17.81
N VAL A 124 -10.55 -14.69 17.20
CA VAL A 124 -11.84 -14.10 17.50
C VAL A 124 -12.94 -15.11 17.22
N SER A 125 -12.74 -15.92 16.18
CA SER A 125 -13.75 -16.87 15.76
C SER A 125 -13.89 -18.00 16.79
N GLU A 126 -12.79 -18.34 17.47
CA GLU A 126 -12.83 -19.41 18.45
C GLU A 126 -13.31 -18.89 19.81
N ASN A 127 -13.29 -17.57 19.99
CA ASN A 127 -13.76 -16.99 21.25
C ASN A 127 -15.22 -16.64 21.17
N LEU A 128 -15.66 -16.25 20.01
CA LEU A 128 -17.01 -15.77 19.85
C LEU A 128 -17.96 -16.86 19.42
N LYS A 129 -19.23 -16.60 19.66
CA LYS A 129 -20.30 -17.50 19.26
C LYS A 129 -20.64 -17.27 17.80
N ASP A 130 -21.54 -18.05 17.26
CA ASP A 130 -21.88 -18.00 15.83
C ASP A 130 -22.48 -16.65 15.48
N ASP A 131 -23.40 -16.20 16.32
CA ASP A 131 -24.07 -14.91 16.10
C ASP A 131 -23.09 -13.79 16.26
N GLU A 132 -22.23 -13.92 17.27
CA GLU A 132 -21.21 -12.94 17.54
C GLU A 132 -20.22 -12.87 16.37
N ALA A 133 -19.86 -14.04 15.84
CA ALA A 133 -18.96 -14.16 14.70
C ALA A 133 -19.56 -13.49 13.49
N SER A 134 -20.84 -13.75 13.22
CA SER A 134 -21.54 -13.15 12.11
C SER A 134 -21.64 -11.63 12.26
N ALA A 135 -21.77 -11.15 13.48
CA ALA A 135 -21.83 -9.73 13.73
C ALA A 135 -20.45 -9.12 13.45
N THR A 136 -19.43 -9.80 13.89
CA THR A 136 -18.07 -9.36 13.71
C THR A 136 -17.63 -9.50 12.25
N GLU A 137 -18.23 -10.46 11.54
CA GLU A 137 -18.00 -10.63 10.10
C GLU A 137 -18.32 -9.32 9.39
N HIS A 138 -19.50 -8.77 9.67
CA HIS A 138 -19.91 -7.49 9.08
C HIS A 138 -18.95 -6.39 9.49
N THR A 139 -18.51 -6.42 10.73
CA THR A 139 -17.59 -5.46 11.27
C THR A 139 -16.25 -5.52 10.49
N ASP A 140 -15.68 -6.72 10.38
CA ASP A 140 -14.44 -6.92 9.65
C ASP A 140 -14.58 -6.61 8.19
N ILE A 141 -15.67 -6.99 7.61
CA ILE A 141 -15.93 -6.69 6.21
C ILE A 141 -16.00 -5.17 6.00
N LYS A 142 -16.72 -4.46 6.87
CA LYS A 142 -16.89 -3.03 6.72
C LYS A 142 -15.56 -2.26 6.92
N GLU A 143 -14.78 -2.67 7.92
CA GLU A 143 -13.49 -2.01 8.19
C GLU A 143 -12.49 -2.28 7.06
N LYS A 144 -12.46 -3.52 6.56
CA LYS A 144 -11.52 -3.85 5.50
C LYS A 144 -11.94 -3.15 4.22
N ALA A 145 -13.23 -3.01 4.04
CA ALA A 145 -13.81 -2.31 2.91
C ALA A 145 -13.35 -0.86 2.89
N THR A 146 -13.44 -0.23 4.05
CA THR A 146 -13.05 1.14 4.19
C THR A 146 -11.53 1.29 3.97
N LEU A 147 -10.77 0.37 4.57
CA LEU A 147 -9.31 0.36 4.45
C LEU A 147 -8.92 0.17 2.99
N LEU A 148 -9.63 -0.71 2.30
CA LEU A 148 -9.39 -0.99 0.89
C LEU A 148 -9.55 0.28 0.09
N GLN A 149 -10.69 0.95 0.25
CA GLN A 149 -11.00 2.19 -0.44
C GLN A 149 -9.92 3.26 -0.18
N GLU A 150 -9.58 3.43 1.11
CA GLU A 150 -8.56 4.40 1.51
C GLU A 150 -7.22 4.11 0.86
N SER A 151 -6.87 2.84 0.76
CA SER A 151 -5.63 2.44 0.16
C SER A 151 -5.68 2.70 -1.35
N CYS A 152 -6.80 2.34 -1.98
CA CYS A 152 -6.98 2.51 -3.42
C CYS A 152 -6.85 3.97 -3.84
N ASN A 153 -7.32 4.89 -2.99
CA ASN A 153 -7.17 6.33 -3.26
C ASN A 153 -5.71 6.72 -3.36
N GLY A 154 -4.90 6.17 -2.48
CA GLY A 154 -3.48 6.45 -2.49
C GLY A 154 -2.81 5.80 -3.69
N ILE A 155 -3.20 4.56 -3.97
CA ILE A 155 -2.68 3.80 -5.09
C ILE A 155 -2.97 4.53 -6.39
N GLY A 156 -4.18 5.06 -6.47
CA GLY A 156 -4.60 5.84 -7.60
C GLY A 156 -3.80 7.11 -7.74
N THR A 157 -3.32 7.65 -6.64
CA THR A 157 -2.57 8.89 -6.69
C THR A 157 -1.17 8.61 -7.25
N ILE A 158 -0.66 7.46 -6.87
CA ILE A 158 0.60 6.96 -7.39
C ILE A 158 0.45 6.77 -8.89
N LEU A 159 -0.63 6.10 -9.28
CA LEU A 159 -0.95 5.87 -10.67
C LEU A 159 -1.10 7.19 -11.43
N ASP A 160 -1.81 8.16 -10.84
CA ASP A 160 -1.98 9.48 -11.45
C ASP A 160 -0.66 10.14 -11.76
N LYS A 161 0.24 10.15 -10.76
CA LYS A 161 1.54 10.79 -10.94
C LYS A 161 2.38 10.00 -11.94
N LEU A 162 2.25 8.69 -11.88
CA LEU A 162 2.94 7.78 -12.75
C LEU A 162 2.52 8.06 -14.20
N ALA A 163 1.20 8.13 -14.40
CA ALA A 163 0.60 8.38 -15.69
C ALA A 163 0.93 9.77 -16.22
N GLU A 164 1.45 10.64 -15.39
CA GLU A 164 1.93 11.93 -15.85
C GLU A 164 3.27 11.76 -16.48
N TYR A 165 4.09 10.96 -15.85
CA TYR A 165 5.46 10.81 -16.27
C TYR A 165 5.49 10.07 -17.58
N LEU A 166 4.69 9.04 -17.67
CA LEU A 166 4.64 8.32 -18.88
C LEU A 166 3.21 8.37 -19.40
N ASN A 167 2.71 9.57 -19.60
CA ASN A 167 1.42 9.72 -20.28
C ASN A 167 1.46 9.20 -21.70
N ASN A 168 0.81 8.06 -21.92
CA ASN A 168 0.68 7.44 -23.22
C ASN A 168 -0.63 6.70 -23.26
N ASP A 169 -0.94 6.03 -24.34
CA ASP A 169 -2.21 5.32 -24.47
C ASP A 169 -2.36 4.22 -23.44
N THR A 170 -1.31 3.42 -23.27
CA THR A 170 -1.38 2.29 -22.35
C THR A 170 -1.69 2.74 -20.90
N THR A 171 -0.99 3.77 -20.44
CA THR A 171 -1.18 4.25 -19.10
C THR A 171 -2.55 4.87 -18.91
N GLN A 172 -3.07 5.52 -19.95
CA GLN A 172 -4.36 6.13 -19.86
C GLN A 172 -5.47 5.08 -19.88
N ASN A 173 -5.24 3.97 -20.60
CA ASN A 173 -6.20 2.85 -20.64
C ASN A 173 -6.35 2.26 -19.26
N ILE A 174 -5.22 2.07 -18.62
CA ILE A 174 -5.12 1.60 -17.26
C ILE A 174 -5.82 2.55 -16.33
N LYS A 175 -5.59 3.83 -16.54
CA LYS A 175 -6.23 4.83 -15.73
C LYS A 175 -7.75 4.80 -15.90
N LYS A 176 -8.23 4.61 -17.14
CA LYS A 176 -9.69 4.51 -17.40
C LYS A 176 -10.27 3.36 -16.60
N GLU A 177 -9.60 2.22 -16.69
CA GLU A 177 -9.97 1.05 -15.91
C GLU A 177 -9.93 1.32 -14.43
N PHE A 178 -8.88 1.95 -13.96
CA PHE A 178 -8.71 2.21 -12.55
C PHE A 178 -9.77 3.20 -12.06
N ASP A 179 -10.03 4.25 -12.86
CA ASP A 179 -11.08 5.24 -12.54
C ASP A 179 -12.41 4.55 -12.43
N GLU A 180 -12.64 3.61 -13.32
CA GLU A 180 -13.85 2.84 -13.34
C GLU A 180 -13.97 2.06 -12.04
N ARG A 181 -12.89 1.39 -11.68
CA ARG A 181 -12.86 0.58 -10.48
C ARG A 181 -13.01 1.45 -9.23
N LYS A 182 -12.47 2.67 -9.26
CA LYS A 182 -12.66 3.62 -8.15
C LYS A 182 -14.14 3.91 -7.94
N LYS A 183 -14.84 4.20 -9.03
CA LYS A 183 -16.27 4.47 -8.98
C LYS A 183 -17.00 3.24 -8.48
N ASN A 184 -16.65 2.10 -9.05
CA ASN A 184 -17.21 0.79 -8.68
C ASN A 184 -17.00 0.51 -7.21
N LEU A 185 -15.78 0.65 -6.72
CA LEU A 185 -15.49 0.37 -5.32
C LEU A 185 -16.16 1.35 -4.39
N THR A 186 -16.34 2.58 -4.81
CA THR A 186 -17.03 3.57 -3.98
C THR A 186 -18.53 3.24 -3.92
N SER A 187 -19.05 2.73 -5.03
CA SER A 187 -20.41 2.32 -5.10
C SER A 187 -20.63 1.05 -4.26
N LEU A 188 -19.71 0.10 -4.39
CA LEU A 188 -19.75 -1.14 -3.62
C LEU A 188 -19.48 -0.90 -2.13
N LYS A 189 -18.67 0.10 -1.84
CA LYS A 189 -18.41 0.55 -0.46
C LYS A 189 -19.74 0.92 0.22
N THR A 190 -20.58 1.60 -0.52
CA THR A 190 -21.88 2.02 -0.05
C THR A 190 -22.79 0.79 0.18
N LYS A 191 -22.56 -0.24 -0.61
CA LYS A 191 -23.33 -1.47 -0.52
C LYS A 191 -22.92 -2.24 0.71
N VAL A 192 -21.62 -2.33 0.93
CA VAL A 192 -21.05 -3.06 2.07
C VAL A 192 -21.43 -2.37 3.40
N GLU A 193 -21.75 -1.10 3.31
CA GLU A 193 -22.19 -0.35 4.49
C GLU A 193 -23.63 -0.68 4.88
N ASN A 194 -24.34 -1.36 4.01
CA ASN A 194 -25.71 -1.74 4.29
C ASN A 194 -25.78 -3.22 4.53
N LYS A 195 -26.03 -3.61 5.77
CA LYS A 195 -26.05 -5.02 6.15
C LYS A 195 -27.23 -5.76 5.51
N ASP A 196 -28.19 -4.98 5.05
CA ASP A 196 -29.37 -5.51 4.37
C ASP A 196 -29.01 -6.03 2.98
N GLU A 197 -27.91 -5.55 2.46
CA GLU A 197 -27.37 -6.02 1.21
C GLU A 197 -26.39 -7.12 1.55
N ASP A 198 -26.02 -7.96 0.61
CA ASP A 198 -25.06 -8.99 0.97
C ASP A 198 -23.67 -8.42 0.87
N TYR A 199 -23.32 -7.73 1.93
CA TYR A 199 -22.08 -7.02 2.08
C TYR A 199 -20.86 -7.91 1.85
N VAL A 200 -21.00 -9.20 2.18
CA VAL A 200 -19.91 -10.13 1.99
C VAL A 200 -19.58 -10.24 0.49
N THR A 201 -20.60 -10.53 -0.33
CA THR A 201 -20.43 -10.62 -1.78
C THR A 201 -19.97 -9.28 -2.37
N HIS A 202 -20.55 -8.17 -1.90
CA HIS A 202 -20.17 -6.84 -2.39
C HIS A 202 -18.70 -6.54 -2.09
N PHE A 203 -18.25 -6.95 -0.90
CA PHE A 203 -16.86 -6.76 -0.51
C PHE A 203 -15.95 -7.56 -1.41
N ARG A 204 -16.32 -8.82 -1.61
CA ARG A 204 -15.56 -9.75 -2.45
C ARG A 204 -15.44 -9.14 -3.86
N ASP A 205 -16.56 -8.67 -4.41
CA ASP A 205 -16.54 -8.03 -5.73
C ASP A 205 -15.64 -6.83 -5.75
N MET A 206 -15.85 -5.93 -4.80
CA MET A 206 -15.07 -4.70 -4.65
C MET A 206 -13.57 -5.02 -4.55
N ALA A 207 -13.24 -6.03 -3.77
CA ALA A 207 -11.86 -6.46 -3.60
C ALA A 207 -11.29 -6.98 -4.91
N THR A 208 -12.10 -7.71 -5.65
CA THR A 208 -11.70 -8.26 -6.94
C THR A 208 -11.46 -7.12 -7.96
N GLU A 209 -12.31 -6.10 -7.90
CA GLU A 209 -12.15 -4.89 -8.71
C GLU A 209 -10.81 -4.26 -8.40
N ALA A 210 -10.53 -4.14 -7.11
CA ALA A 210 -9.28 -3.60 -6.63
C ALA A 210 -8.10 -4.43 -7.10
N GLN A 211 -8.23 -5.77 -7.03
CA GLN A 211 -7.18 -6.69 -7.52
C GLN A 211 -6.82 -6.37 -8.97
N ASN A 212 -7.84 -6.32 -9.83
CA ASN A 212 -7.64 -6.04 -11.25
C ASN A 212 -7.00 -4.67 -11.44
N ALA A 213 -7.51 -3.70 -10.69
CA ALA A 213 -6.99 -2.34 -10.71
C ALA A 213 -5.49 -2.32 -10.35
N VAL A 214 -5.14 -3.03 -9.29
CA VAL A 214 -3.73 -3.15 -8.85
C VAL A 214 -2.87 -3.74 -9.95
N GLY A 215 -3.40 -4.75 -10.61
CA GLY A 215 -2.70 -5.36 -11.72
C GLY A 215 -2.40 -4.35 -12.80
N GLU A 216 -3.40 -3.55 -13.15
CA GLU A 216 -3.25 -2.52 -14.17
C GLU A 216 -2.16 -1.50 -13.74
N VAL A 217 -2.20 -1.11 -12.46
CA VAL A 217 -1.23 -0.16 -11.91
C VAL A 217 0.18 -0.73 -12.01
N LYS A 218 0.33 -2.01 -11.69
CA LYS A 218 1.61 -2.69 -11.78
C LYS A 218 2.14 -2.67 -13.21
N LYS A 219 1.28 -2.95 -14.15
CA LYS A 219 1.63 -2.95 -15.57
C LYS A 219 2.15 -1.57 -15.97
N ALA A 220 1.47 -0.53 -15.48
CA ALA A 220 1.89 0.84 -15.71
C ALA A 220 3.27 1.10 -15.10
N ILE A 221 3.47 0.65 -13.85
CA ILE A 221 4.75 0.81 -13.16
C ILE A 221 5.89 0.19 -13.97
N ASP A 222 5.73 -1.09 -14.31
CA ASP A 222 6.76 -1.82 -15.07
C ASP A 222 7.03 -1.17 -16.42
N ALA A 223 5.97 -0.63 -17.04
CA ALA A 223 6.09 0.07 -18.32
C ALA A 223 6.92 1.36 -18.17
N VAL A 224 6.73 2.07 -17.06
CA VAL A 224 7.48 3.30 -16.78
C VAL A 224 8.94 2.96 -16.48
N VAL A 225 9.16 1.82 -15.86
CA VAL A 225 10.51 1.33 -15.61
C VAL A 225 11.21 1.15 -16.96
N ALA A 226 10.53 0.48 -17.87
CA ALA A 226 11.03 0.25 -19.23
C ALA A 226 11.28 1.57 -19.97
N HIS A 227 10.35 2.53 -19.81
CA HIS A 227 10.48 3.84 -20.43
C HIS A 227 11.75 4.53 -19.98
N ARG A 228 12.05 4.43 -18.69
CA ARG A 228 13.24 5.06 -18.17
C ARG A 228 14.50 4.33 -18.59
N LYS A 229 14.39 3.02 -18.77
CA LYS A 229 15.50 2.25 -19.32
C LYS A 229 15.81 2.77 -20.73
N ALA A 230 14.76 3.13 -21.46
CA ALA A 230 14.90 3.68 -22.80
C ALA A 230 15.31 5.17 -22.77
N GLU A 231 15.32 5.77 -21.58
CA GLU A 231 15.80 7.14 -21.41
C GLU A 231 17.27 7.09 -21.01
N ASN A 232 17.73 5.86 -20.76
CA ASN A 232 19.11 5.51 -20.36
C ASN A 232 19.39 5.90 -18.91
N LEU A 233 18.34 6.01 -18.14
CA LEU A 233 18.44 6.32 -16.71
C LEU A 233 18.70 5.07 -15.90
N ASP A 234 19.27 5.25 -14.74
CA ASP A 234 19.57 4.16 -13.84
C ASP A 234 18.37 3.88 -12.96
N VAL A 235 17.64 2.87 -13.33
CA VAL A 235 16.44 2.49 -12.63
C VAL A 235 16.55 1.05 -12.13
N ASP A 236 16.37 0.88 -10.84
CA ASP A 236 16.44 -0.44 -10.22
C ASP A 236 15.12 -1.16 -10.31
N ASP A 237 15.13 -2.29 -10.95
CA ASP A 237 13.94 -3.09 -11.16
C ASP A 237 13.43 -3.67 -9.86
N THR A 238 14.35 -3.90 -8.93
CA THR A 238 14.04 -4.52 -7.65
C THR A 238 13.05 -3.66 -6.86
N LEU A 239 13.36 -2.37 -6.79
CA LEU A 239 12.54 -1.38 -6.09
C LEU A 239 11.10 -1.41 -6.58
N PHE A 240 10.93 -1.32 -7.88
CA PHE A 240 9.61 -1.27 -8.46
C PHE A 240 8.89 -2.59 -8.35
N SER A 241 9.65 -3.67 -8.43
CA SER A 241 9.10 -4.99 -8.26
C SER A 241 8.56 -5.13 -6.82
N ASN A 242 9.36 -4.70 -5.83
CA ASN A 242 8.98 -4.79 -4.43
C ASN A 242 7.80 -3.91 -4.13
N LEU A 243 7.76 -2.77 -4.79
CA LEU A 243 6.70 -1.84 -4.67
C LEU A 243 5.41 -2.48 -5.14
N SER A 244 5.44 -3.04 -6.32
CA SER A 244 4.26 -3.64 -6.88
C SER A 244 3.79 -4.85 -6.07
N THR A 245 4.72 -5.63 -5.56
CA THR A 245 4.40 -6.81 -4.78
C THR A 245 3.89 -6.42 -3.38
N LEU A 246 4.44 -5.37 -2.80
CA LEU A 246 3.97 -4.90 -1.50
C LEU A 246 2.60 -4.24 -1.67
N LEU A 247 2.39 -3.64 -2.82
CA LEU A 247 1.10 -3.06 -3.18
C LEU A 247 0.07 -4.22 -3.20
N ASP A 248 0.43 -5.31 -3.90
CA ASP A 248 -0.39 -6.53 -3.93
C ASP A 248 -0.66 -7.04 -2.52
N THR A 249 0.37 -7.01 -1.68
CA THR A 249 0.28 -7.46 -0.30
C THR A 249 -0.73 -6.60 0.50
N ILE A 250 -0.74 -5.30 0.25
CA ILE A 250 -1.66 -4.39 0.92
C ILE A 250 -3.11 -4.67 0.51
N ILE A 251 -3.33 -4.77 -0.78
CA ILE A 251 -4.69 -4.93 -1.32
C ILE A 251 -5.19 -6.40 -1.16
N GLU A 252 -4.26 -7.30 -0.90
CA GLU A 252 -4.57 -8.69 -0.61
C GLU A 252 -5.49 -8.81 0.60
N THR A 253 -6.61 -9.40 0.40
CA THR A 253 -7.52 -9.67 1.44
C THR A 253 -8.01 -11.12 1.34
N SER A 254 -7.47 -11.96 2.19
CA SER A 254 -7.86 -13.33 2.26
C SER A 254 -8.33 -13.60 3.68
N GLY A 1 23.93 5.60 -22.72
CA GLY A 1 25.08 5.46 -23.60
C GLY A 1 26.09 6.53 -23.36
N HIS A 2 26.96 6.77 -24.31
CA HIS A 2 28.00 7.77 -24.18
C HIS A 2 27.39 9.17 -24.21
N MET A 3 26.58 9.44 -25.22
CA MET A 3 25.97 10.73 -25.32
C MET A 3 24.69 10.76 -24.51
N GLN A 4 24.38 11.92 -23.99
CA GLN A 4 23.18 12.19 -23.21
C GLN A 4 23.20 11.50 -21.86
N PRO A 5 23.54 12.25 -20.80
CA PRO A 5 23.46 11.74 -19.42
C PRO A 5 22.00 11.63 -18.99
N ASN A 6 21.09 12.12 -19.85
CA ASN A 6 19.64 12.06 -19.65
C ASN A 6 19.27 12.91 -18.45
N ASN A 7 19.88 14.08 -18.38
CA ASN A 7 19.78 14.98 -17.23
C ASN A 7 18.33 15.49 -17.03
N GLU A 8 17.62 15.74 -18.12
CA GLU A 8 16.24 16.20 -18.01
C GLU A 8 15.30 15.06 -17.70
N SER A 9 15.59 13.92 -18.28
CA SER A 9 14.86 12.71 -18.01
C SER A 9 15.05 12.34 -16.52
N LYS A 10 16.25 12.63 -15.98
CA LYS A 10 16.55 12.45 -14.57
C LYS A 10 15.65 13.34 -13.73
N LYS A 11 15.38 14.56 -14.18
CA LYS A 11 14.52 15.49 -13.42
C LYS A 11 13.16 14.86 -13.19
N LYS A 12 12.59 14.37 -14.27
CA LYS A 12 11.31 13.69 -14.22
C LYS A 12 11.38 12.45 -13.36
N ALA A 13 12.45 11.68 -13.54
CA ALA A 13 12.65 10.44 -12.81
C ALA A 13 12.77 10.71 -11.32
N VAL A 14 13.60 11.69 -10.95
CA VAL A 14 13.83 12.03 -9.55
C VAL A 14 12.54 12.46 -8.92
N LYS A 15 11.77 13.30 -9.62
CA LYS A 15 10.52 13.77 -9.10
C LYS A 15 9.60 12.59 -8.87
N LEU A 16 9.53 11.69 -9.85
CA LEU A 16 8.72 10.49 -9.79
C LEU A 16 9.11 9.61 -8.65
N ASP A 17 10.38 9.33 -8.54
CA ASP A 17 10.87 8.46 -7.49
C ASP A 17 10.61 9.05 -6.11
N LEU A 18 10.63 10.37 -6.02
CA LEU A 18 10.31 11.04 -4.77
C LEU A 18 8.81 11.02 -4.51
N ASP A 19 8.00 11.24 -5.56
CA ASP A 19 6.54 11.17 -5.45
C ASP A 19 6.12 9.79 -5.03
N LEU A 20 6.70 8.80 -5.67
CA LEU A 20 6.46 7.41 -5.36
C LEU A 20 6.85 7.09 -3.94
N MET A 21 8.05 7.48 -3.56
CA MET A 21 8.56 7.25 -2.20
C MET A 21 7.62 7.83 -1.17
N LYS A 22 7.25 9.07 -1.37
CA LYS A 22 6.42 9.78 -0.45
C LYS A 22 5.04 9.14 -0.36
N GLU A 23 4.41 8.91 -1.51
CA GLU A 23 3.08 8.33 -1.53
C GLU A 23 3.09 6.90 -1.02
N THR A 24 4.18 6.15 -1.27
CA THR A 24 4.25 4.79 -0.79
C THR A 24 4.26 4.77 0.73
N LYS A 25 5.04 5.67 1.34
CA LYS A 25 5.11 5.71 2.77
C LYS A 25 3.81 6.23 3.35
N ASN A 26 3.16 7.12 2.62
CA ASN A 26 1.86 7.68 3.04
C ASN A 26 0.82 6.58 3.11
N VAL A 27 0.80 5.74 2.08
CA VAL A 27 -0.11 4.62 2.05
C VAL A 27 0.22 3.63 3.16
N CYS A 28 1.50 3.27 3.27
CA CYS A 28 1.97 2.30 4.27
C CYS A 28 1.64 2.74 5.69
N THR A 29 1.85 4.01 5.99
CA THR A 29 1.59 4.52 7.32
C THR A 29 0.09 4.48 7.62
N THR A 30 -0.71 4.82 6.63
CA THR A 30 -2.16 4.85 6.79
C THR A 30 -2.69 3.44 6.98
N VAL A 31 -2.21 2.53 6.14
CA VAL A 31 -2.55 1.14 6.23
C VAL A 31 -2.18 0.64 7.58
N ASN A 32 -0.92 0.82 7.97
CA ASN A 32 -0.43 0.39 9.28
C ASN A 32 -1.29 0.85 10.42
N THR A 33 -1.52 2.13 10.53
CA THR A 33 -2.30 2.67 11.61
C THR A 33 -3.71 2.07 11.67
N LYS A 34 -4.37 1.93 10.53
CA LYS A 34 -5.72 1.43 10.59
C LYS A 34 -5.79 -0.09 10.62
N LEU A 35 -4.74 -0.71 10.15
CA LEU A 35 -4.55 -2.13 10.21
C LEU A 35 -4.38 -2.51 11.68
N VAL A 36 -3.59 -1.70 12.39
CA VAL A 36 -3.39 -1.85 13.82
C VAL A 36 -4.70 -1.54 14.56
N GLY A 37 -5.48 -0.63 13.99
CA GLY A 37 -6.81 -0.38 14.49
C GLY A 37 -7.64 -1.66 14.51
N LYS A 38 -7.59 -2.42 13.39
CA LYS A 38 -8.30 -3.69 13.32
C LYS A 38 -7.76 -4.61 14.41
N ALA A 39 -6.42 -4.71 14.47
CA ALA A 39 -5.71 -5.57 15.44
C ALA A 39 -6.15 -5.30 16.86
N LYS A 40 -6.08 -4.04 17.28
CA LYS A 40 -6.44 -3.66 18.64
C LYS A 40 -7.91 -3.96 18.91
N SER A 41 -8.74 -3.85 17.88
CA SER A 41 -10.15 -4.14 18.01
C SER A 41 -10.39 -5.66 18.19
N LYS A 42 -9.60 -6.48 17.50
CA LYS A 42 -9.71 -7.95 17.58
C LYS A 42 -9.30 -8.41 18.95
N LEU A 43 -8.27 -7.80 19.46
CA LEU A 43 -7.76 -8.10 20.80
C LEU A 43 -8.85 -7.91 21.86
N ASN A 44 -9.72 -6.95 21.61
CA ASN A 44 -10.84 -6.61 22.50
C ASN A 44 -11.95 -7.64 22.41
N LYS A 45 -11.91 -8.45 21.37
CA LYS A 45 -12.95 -9.42 21.13
C LYS A 45 -12.71 -10.71 21.89
N LEU A 46 -11.44 -10.97 22.24
CA LEU A 46 -11.14 -12.15 23.01
C LEU A 46 -11.72 -12.04 24.39
N GLU A 47 -12.25 -13.13 24.83
CA GLU A 47 -13.01 -13.20 26.07
C GLU A 47 -12.21 -13.91 27.11
N GLY A 48 -11.71 -15.07 26.74
CA GLY A 48 -11.00 -15.93 27.63
C GLY A 48 -9.81 -15.27 28.25
N GLU A 49 -9.68 -15.42 29.54
CA GLU A 49 -8.61 -14.80 30.27
C GLU A 49 -7.30 -15.51 29.98
N SER A 50 -7.39 -16.67 29.36
CA SER A 50 -6.23 -17.44 28.96
C SER A 50 -5.51 -16.76 27.77
N HIS A 51 -6.10 -15.70 27.26
CA HIS A 51 -5.58 -15.03 26.11
C HIS A 51 -4.93 -13.71 26.50
N LYS A 52 -4.85 -13.45 27.80
CA LYS A 52 -4.31 -12.21 28.29
C LYS A 52 -2.83 -12.06 27.95
N GLU A 53 -2.10 -13.17 28.05
CA GLU A 53 -0.68 -13.18 27.73
C GLU A 53 -0.49 -12.92 26.24
N TYR A 54 -1.39 -13.51 25.44
CA TYR A 54 -1.37 -13.35 24.01
C TYR A 54 -1.56 -11.90 23.64
N VAL A 55 -2.58 -11.30 24.23
CA VAL A 55 -2.89 -9.90 24.01
C VAL A 55 -1.70 -9.02 24.43
N ALA A 56 -1.09 -9.36 25.55
CA ALA A 56 0.06 -8.62 26.04
C ALA A 56 1.23 -8.69 25.05
N GLU A 57 1.59 -9.91 24.65
CA GLU A 57 2.69 -10.11 23.72
C GLU A 57 2.42 -9.45 22.39
N LYS A 58 1.20 -9.60 21.91
CA LYS A 58 0.84 -9.03 20.64
C LYS A 58 0.80 -7.52 20.66
N THR A 59 0.32 -6.94 21.77
CA THR A 59 0.30 -5.50 21.90
C THR A 59 1.75 -4.96 21.88
N LYS A 60 2.66 -5.66 22.60
CA LYS A 60 4.06 -5.30 22.60
C LYS A 60 4.66 -5.43 21.21
N GLU A 61 4.28 -6.50 20.49
CA GLU A 61 4.81 -6.74 19.16
C GLU A 61 4.45 -5.60 18.25
N ILE A 62 3.19 -5.25 18.26
CA ILE A 62 2.68 -4.18 17.46
C ILE A 62 3.39 -2.87 17.78
N ASP A 63 3.52 -2.58 19.06
CA ASP A 63 4.17 -1.34 19.47
C ASP A 63 5.59 -1.26 19.02
N GLU A 64 6.32 -2.34 19.14
CA GLU A 64 7.70 -2.36 18.73
C GLU A 64 7.85 -2.30 17.24
N LYS A 65 7.02 -3.04 16.50
CA LYS A 65 7.09 -3.02 15.05
C LYS A 65 6.73 -1.62 14.58
N ASN A 66 5.71 -1.05 15.19
CA ASN A 66 5.22 0.29 14.85
C ASN A 66 6.22 1.37 15.16
N LYS A 67 6.85 1.30 16.30
CA LYS A 67 7.84 2.32 16.64
C LYS A 67 9.03 2.23 15.70
N LYS A 68 9.42 1.00 15.33
CA LYS A 68 10.50 0.81 14.39
C LYS A 68 10.09 1.26 13.01
N PHE A 69 8.85 0.98 12.66
CA PHE A 69 8.28 1.44 11.43
C PHE A 69 8.31 2.97 11.39
N ASN A 70 7.92 3.60 12.49
CA ASN A 70 7.89 5.06 12.58
C ASN A 70 9.26 5.69 12.49
N GLU A 71 10.24 5.08 13.13
CA GLU A 71 11.60 5.58 13.04
C GLU A 71 12.21 5.28 11.67
N ASN A 72 11.72 4.23 11.02
CA ASN A 72 12.18 3.89 9.69
C ASN A 72 11.56 4.78 8.63
N LEU A 73 10.46 5.46 8.95
CA LEU A 73 9.81 6.37 7.99
C LEU A 73 10.72 7.52 7.70
N VAL A 74 11.23 8.10 8.77
CA VAL A 74 12.17 9.21 8.71
C VAL A 74 13.47 8.75 8.05
N LYS A 75 13.67 7.44 8.06
CA LYS A 75 14.84 6.84 7.44
C LYS A 75 14.61 6.63 5.95
N ILE A 76 13.44 6.19 5.57
CA ILE A 76 13.14 5.94 4.16
C ILE A 76 13.01 7.23 3.39
N GLU A 77 12.57 8.30 4.06
CA GLU A 77 12.45 9.59 3.38
C GLU A 77 13.76 10.34 3.41
N LYS A 78 14.77 9.71 3.96
CA LYS A 78 16.11 10.24 3.94
C LYS A 78 16.64 10.10 2.53
N ARG A 79 16.92 11.19 1.94
CA ARG A 79 17.37 11.26 0.58
C ARG A 79 18.77 11.79 0.57
N LYS A 80 19.46 11.56 -0.50
CA LYS A 80 20.81 12.02 -0.65
C LYS A 80 20.75 13.22 -1.52
N LYS A 81 21.36 14.25 -1.09
CA LYS A 81 21.37 15.47 -1.83
C LYS A 81 22.50 15.45 -2.81
N ILE A 82 22.17 15.62 -4.04
CA ILE A 82 23.15 15.63 -5.08
C ILE A 82 23.22 17.02 -5.64
N LYS A 83 24.20 17.26 -6.45
CA LYS A 83 24.43 18.56 -6.96
C LYS A 83 24.17 18.62 -8.45
N VAL A 84 23.13 19.35 -8.79
CA VAL A 84 22.62 19.45 -10.16
C VAL A 84 22.02 20.85 -10.37
N PRO A 85 22.55 21.62 -11.32
CA PRO A 85 23.65 21.21 -12.16
C PRO A 85 24.95 21.25 -11.40
N ALA A 86 25.94 20.61 -11.95
CA ALA A 86 27.24 20.50 -11.29
C ALA A 86 27.94 21.85 -11.28
N ASP A 87 27.53 22.73 -12.19
CA ASP A 87 28.04 24.10 -12.31
C ASP A 87 27.88 24.80 -10.99
N THR A 88 26.64 25.00 -10.60
CA THR A 88 26.33 25.67 -9.38
C THR A 88 26.44 24.74 -8.18
N GLY A 89 26.05 23.50 -8.37
CA GLY A 89 26.10 22.56 -7.29
C GLY A 89 24.82 22.57 -6.51
N ALA A 90 23.74 22.94 -7.18
CA ALA A 90 22.46 23.11 -6.53
C ALA A 90 21.96 21.79 -5.99
N GLU A 91 21.59 21.80 -4.74
CA GLU A 91 21.14 20.62 -4.06
C GLU A 91 19.78 20.17 -4.53
N VAL A 92 19.74 18.93 -4.86
CA VAL A 92 18.53 18.23 -5.25
C VAL A 92 18.46 16.98 -4.41
N ASP A 93 17.30 16.51 -4.09
CA ASP A 93 17.16 15.33 -3.26
C ASP A 93 16.92 14.09 -4.12
N ALA A 94 17.74 13.10 -3.91
CA ALA A 94 17.64 11.84 -4.60
C ALA A 94 17.26 10.78 -3.59
N VAL A 95 16.40 9.88 -3.98
CA VAL A 95 15.80 8.89 -3.06
C VAL A 95 16.84 7.87 -2.52
N ASP A 96 17.87 7.63 -3.31
CA ASP A 96 18.96 6.69 -3.02
C ASP A 96 18.58 5.22 -3.31
N ASP A 97 19.57 4.44 -3.71
CA ASP A 97 19.40 3.04 -4.09
C ASP A 97 18.90 2.19 -2.92
N GLY A 98 19.23 2.64 -1.70
CA GLY A 98 18.89 1.90 -0.48
C GLY A 98 17.39 1.77 -0.25
N VAL A 99 16.61 2.63 -0.88
CA VAL A 99 15.17 2.60 -0.73
C VAL A 99 14.53 1.30 -1.28
N ALA A 100 15.23 0.62 -2.18
CA ALA A 100 14.77 -0.68 -2.65
C ALA A 100 14.69 -1.65 -1.46
N GLY A 101 15.78 -1.66 -0.69
CA GLY A 101 15.84 -2.47 0.50
C GLY A 101 14.88 -1.97 1.53
N ALA A 102 14.74 -0.66 1.61
CA ALA A 102 13.80 0.00 2.52
C ALA A 102 12.37 -0.45 2.22
N LEU A 103 12.00 -0.51 0.93
CA LEU A 103 10.69 -0.99 0.55
C LEU A 103 10.54 -2.43 0.97
N SER A 104 11.62 -3.18 0.85
CA SER A 104 11.62 -4.57 1.27
C SER A 104 11.44 -4.67 2.80
N ASP A 105 12.00 -3.72 3.55
CA ASP A 105 11.82 -3.68 5.00
C ASP A 105 10.39 -3.39 5.36
N LEU A 106 9.88 -2.27 4.85
CA LEU A 106 8.53 -1.83 5.17
C LEU A 106 7.48 -2.83 4.71
N SER A 107 7.68 -3.45 3.54
CA SER A 107 6.79 -4.51 3.10
C SER A 107 6.73 -5.65 4.10
N SER A 108 7.85 -5.96 4.72
CA SER A 108 7.90 -7.03 5.68
C SER A 108 7.16 -6.58 6.95
N ASP A 109 7.37 -5.33 7.35
CA ASP A 109 6.71 -4.78 8.55
C ASP A 109 5.21 -4.70 8.37
N ILE A 110 4.78 -4.21 7.22
CA ILE A 110 3.35 -4.10 6.90
C ILE A 110 2.74 -5.50 6.83
N SER A 111 3.46 -6.43 6.20
CA SER A 111 3.01 -7.79 6.08
C SER A 111 2.86 -8.41 7.47
N ALA A 112 3.86 -8.15 8.32
CA ALA A 112 3.87 -8.64 9.67
C ALA A 112 2.67 -8.12 10.42
N ILE A 113 2.47 -6.80 10.39
CA ILE A 113 1.33 -6.19 11.06
C ILE A 113 0.00 -6.77 10.55
N LYS A 114 -0.12 -6.94 9.23
CA LYS A 114 -1.35 -7.50 8.64
C LYS A 114 -1.57 -8.91 9.16
N THR A 115 -0.52 -9.71 9.07
CA THR A 115 -0.57 -11.10 9.51
C THR A 115 -0.94 -11.16 11.00
N LEU A 116 -0.27 -10.36 11.82
CA LEU A 116 -0.53 -10.27 13.26
C LEU A 116 -1.99 -9.92 13.53
N THR A 117 -2.47 -8.94 12.82
CA THR A 117 -3.80 -8.43 12.96
C THR A 117 -4.84 -9.51 12.61
N ASP A 118 -4.64 -10.16 11.51
CA ASP A 118 -5.56 -11.16 11.07
C ASP A 118 -5.41 -12.46 11.84
N ASP A 119 -4.21 -12.69 12.39
CA ASP A 119 -4.01 -13.79 13.35
C ASP A 119 -4.93 -13.59 14.52
N VAL A 120 -4.96 -12.36 15.02
CA VAL A 120 -5.85 -12.07 16.14
C VAL A 120 -7.31 -12.19 15.68
N SER A 121 -7.58 -11.78 14.43
CA SER A 121 -8.92 -11.88 13.84
C SER A 121 -9.41 -13.35 13.86
N GLU A 122 -8.52 -14.31 13.59
CA GLU A 122 -8.95 -15.68 13.63
C GLU A 122 -9.14 -16.16 15.08
N LYS A 123 -8.34 -15.63 16.02
CA LYS A 123 -8.54 -15.92 17.47
C LYS A 123 -9.90 -15.43 17.94
N VAL A 124 -10.43 -14.44 17.28
CA VAL A 124 -11.75 -13.95 17.58
C VAL A 124 -12.78 -15.02 17.23
N SER A 125 -12.52 -15.76 16.17
CA SER A 125 -13.45 -16.75 15.68
C SER A 125 -13.52 -17.94 16.65
N GLU A 126 -12.45 -18.17 17.40
CA GLU A 126 -12.45 -19.26 18.35
C GLU A 126 -13.06 -18.83 19.68
N ASN A 127 -13.08 -17.54 19.96
CA ASN A 127 -13.69 -17.06 21.20
C ASN A 127 -15.16 -16.77 21.02
N LEU A 128 -15.53 -16.35 19.85
CA LEU A 128 -16.88 -15.96 19.63
C LEU A 128 -17.73 -17.07 19.07
N LYS A 129 -18.97 -17.09 19.49
CA LYS A 129 -19.97 -18.03 19.03
C LYS A 129 -20.34 -17.73 17.59
N ASP A 130 -21.09 -18.62 16.99
CA ASP A 130 -21.54 -18.53 15.59
C ASP A 130 -22.26 -17.22 15.32
N ASP A 131 -23.13 -16.84 16.24
CA ASP A 131 -23.88 -15.57 16.16
C ASP A 131 -22.93 -14.41 16.25
N GLU A 132 -22.05 -14.48 17.21
CA GLU A 132 -21.09 -13.42 17.46
C GLU A 132 -20.11 -13.30 16.29
N ALA A 133 -19.73 -14.42 15.75
CA ALA A 133 -18.84 -14.49 14.61
C ALA A 133 -19.51 -13.91 13.38
N SER A 134 -20.83 -14.09 13.26
CA SER A 134 -21.57 -13.54 12.15
C SER A 134 -21.54 -12.00 12.19
N ALA A 135 -21.70 -11.46 13.37
CA ALA A 135 -21.64 -10.02 13.55
C ALA A 135 -20.22 -9.52 13.28
N THR A 136 -19.28 -10.30 13.71
CA THR A 136 -17.89 -9.97 13.50
C THR A 136 -17.50 -10.14 12.02
N GLU A 137 -18.14 -11.08 11.33
CA GLU A 137 -17.95 -11.30 9.88
C GLU A 137 -18.21 -10.01 9.16
N HIS A 138 -19.34 -9.39 9.48
CA HIS A 138 -19.73 -8.10 8.92
C HIS A 138 -18.66 -7.06 9.22
N THR A 139 -18.19 -7.06 10.44
CA THR A 139 -17.16 -6.14 10.87
C THR A 139 -15.83 -6.38 10.10
N ASP A 140 -15.42 -7.65 9.99
CA ASP A 140 -14.22 -8.03 9.25
C ASP A 140 -14.36 -7.65 7.78
N ILE A 141 -15.53 -7.91 7.22
CA ILE A 141 -15.84 -7.53 5.85
C ILE A 141 -15.69 -6.02 5.67
N LYS A 142 -16.30 -5.27 6.55
CA LYS A 142 -16.26 -3.82 6.48
C LYS A 142 -14.86 -3.25 6.65
N GLU A 143 -14.06 -3.83 7.53
CA GLU A 143 -12.71 -3.34 7.74
C GLU A 143 -11.82 -3.68 6.56
N LYS A 144 -12.00 -4.88 5.97
CA LYS A 144 -11.20 -5.25 4.80
C LYS A 144 -11.60 -4.37 3.64
N ALA A 145 -12.89 -4.12 3.53
CA ALA A 145 -13.46 -3.27 2.50
C ALA A 145 -12.91 -1.86 2.60
N THR A 146 -12.86 -1.33 3.81
CA THR A 146 -12.36 0.00 4.02
C THR A 146 -10.84 0.05 3.79
N LEU A 147 -10.13 -0.98 4.23
CA LEU A 147 -8.68 -1.07 4.04
C LEU A 147 -8.37 -1.13 2.53
N LEU A 148 -9.20 -1.89 1.81
CA LEU A 148 -9.09 -2.03 0.37
C LEU A 148 -9.31 -0.68 -0.31
N GLN A 149 -10.34 0.02 0.14
CA GLN A 149 -10.64 1.36 -0.36
C GLN A 149 -9.46 2.30 -0.14
N GLU A 150 -8.97 2.35 1.09
CA GLU A 150 -7.86 3.23 1.46
C GLU A 150 -6.61 2.94 0.64
N SER A 151 -6.31 1.67 0.46
CA SER A 151 -5.16 1.28 -0.30
C SER A 151 -5.34 1.64 -1.77
N CYS A 152 -6.52 1.35 -2.33
CA CYS A 152 -6.81 1.64 -3.73
C CYS A 152 -6.82 3.16 -3.98
N ASN A 153 -7.24 3.92 -2.98
CA ASN A 153 -7.22 5.38 -3.08
C ASN A 153 -5.81 5.88 -3.15
N GLY A 154 -4.93 5.27 -2.37
CA GLY A 154 -3.53 5.60 -2.43
C GLY A 154 -2.95 5.22 -3.78
N ILE A 155 -3.27 4.01 -4.23
CA ILE A 155 -2.83 3.47 -5.52
C ILE A 155 -3.22 4.40 -6.66
N GLY A 156 -4.43 4.92 -6.58
CA GLY A 156 -4.92 5.85 -7.58
C GLY A 156 -4.07 7.09 -7.68
N THR A 157 -3.56 7.55 -6.56
CA THR A 157 -2.79 8.77 -6.54
C THR A 157 -1.39 8.48 -7.08
N ILE A 158 -0.90 7.31 -6.74
CA ILE A 158 0.36 6.79 -7.23
C ILE A 158 0.27 6.65 -8.75
N LEU A 159 -0.82 6.06 -9.18
CA LEU A 159 -1.13 5.90 -10.60
C LEU A 159 -1.15 7.26 -11.30
N ASP A 160 -1.74 8.26 -10.65
CA ASP A 160 -1.77 9.62 -11.21
C ASP A 160 -0.36 10.18 -11.40
N LYS A 161 0.51 9.91 -10.42
CA LYS A 161 1.93 10.33 -10.49
C LYS A 161 2.62 9.61 -11.62
N LEU A 162 2.35 8.34 -11.71
CA LEU A 162 2.93 7.47 -12.67
C LEU A 162 2.50 7.89 -14.09
N ALA A 163 1.21 8.13 -14.24
CA ALA A 163 0.62 8.51 -15.51
C ALA A 163 1.10 9.87 -16.00
N GLU A 164 1.69 10.69 -15.14
CA GLU A 164 2.19 11.97 -15.63
C GLU A 164 3.62 11.85 -16.07
N TYR A 165 4.23 10.74 -15.75
CA TYR A 165 5.57 10.51 -16.19
C TYR A 165 5.50 9.94 -17.56
N LEU A 166 4.57 9.05 -17.73
CA LEU A 166 4.42 8.36 -18.95
C LEU A 166 2.95 8.36 -19.33
N ASN A 167 2.45 9.52 -19.68
CA ASN A 167 1.09 9.60 -20.18
C ASN A 167 1.02 9.15 -21.64
N ASN A 168 0.24 8.14 -21.87
CA ASN A 168 -0.04 7.67 -23.20
C ASN A 168 -1.39 7.02 -23.17
N ASP A 169 -1.85 6.56 -24.31
CA ASP A 169 -3.15 5.91 -24.40
C ASP A 169 -3.27 4.72 -23.48
N THR A 170 -2.20 3.99 -23.30
CA THR A 170 -2.20 2.83 -22.46
C THR A 170 -2.42 3.23 -20.99
N THR A 171 -1.69 4.22 -20.51
CA THR A 171 -1.85 4.67 -19.14
C THR A 171 -3.20 5.38 -18.94
N GLN A 172 -3.72 5.98 -20.00
CA GLN A 172 -5.03 6.60 -19.95
C GLN A 172 -6.12 5.54 -19.87
N ASN A 173 -5.93 4.43 -20.57
CA ASN A 173 -6.87 3.29 -20.51
C ASN A 173 -6.90 2.74 -19.11
N ILE A 174 -5.73 2.58 -18.56
CA ILE A 174 -5.54 2.14 -17.20
C ILE A 174 -6.20 3.10 -16.24
N LYS A 175 -5.93 4.38 -16.40
CA LYS A 175 -6.51 5.37 -15.54
C LYS A 175 -8.03 5.40 -15.65
N LYS A 176 -8.56 5.30 -16.86
CA LYS A 176 -10.01 5.37 -17.05
C LYS A 176 -10.71 4.12 -16.50
N GLU A 177 -10.05 2.97 -16.63
CA GLU A 177 -10.57 1.75 -16.06
C GLU A 177 -10.44 1.78 -14.56
N PHE A 178 -9.37 2.39 -14.09
CA PHE A 178 -9.15 2.53 -12.67
C PHE A 178 -10.19 3.46 -12.08
N ASP A 179 -10.38 4.62 -12.70
CA ASP A 179 -11.37 5.60 -12.25
C ASP A 179 -12.77 5.01 -12.28
N GLU A 180 -13.03 4.17 -13.27
CA GLU A 180 -14.29 3.45 -13.37
C GLU A 180 -14.43 2.53 -12.14
N ARG A 181 -13.40 1.75 -11.92
CA ARG A 181 -13.35 0.79 -10.82
C ARG A 181 -13.37 1.47 -9.47
N LYS A 182 -12.76 2.62 -9.40
CA LYS A 182 -12.69 3.43 -8.20
C LYS A 182 -14.06 4.00 -7.85
N LYS A 183 -14.81 4.34 -8.87
CA LYS A 183 -16.15 4.83 -8.70
C LYS A 183 -17.02 3.70 -8.19
N ASN A 184 -16.83 2.51 -8.79
CA ASN A 184 -17.53 1.30 -8.37
C ASN A 184 -17.13 0.95 -6.95
N LEU A 185 -15.84 1.04 -6.68
CA LEU A 185 -15.25 0.80 -5.35
C LEU A 185 -15.99 1.59 -4.29
N THR A 186 -16.08 2.88 -4.48
CA THR A 186 -16.73 3.76 -3.56
C THR A 186 -18.25 3.41 -3.44
N SER A 187 -18.85 3.05 -4.55
CA SER A 187 -20.24 2.68 -4.59
C SER A 187 -20.47 1.34 -3.83
N LEU A 188 -19.62 0.35 -4.10
CA LEU A 188 -19.73 -0.95 -3.48
C LEU A 188 -19.41 -0.87 -2.01
N LYS A 189 -18.49 0.02 -1.66
CA LYS A 189 -18.10 0.24 -0.27
C LYS A 189 -19.31 0.73 0.52
N THR A 190 -20.07 1.60 -0.11
CA THR A 190 -21.27 2.15 0.48
C THR A 190 -22.34 1.05 0.66
N LYS A 191 -22.32 0.06 -0.22
CA LYS A 191 -23.22 -1.07 -0.14
C LYS A 191 -22.77 -2.09 0.91
N VAL A 192 -21.47 -2.14 1.16
CA VAL A 192 -20.92 -3.01 2.21
C VAL A 192 -21.21 -2.39 3.58
N GLU A 193 -21.54 -1.11 3.57
CA GLU A 193 -21.98 -0.42 4.77
C GLU A 193 -23.41 -0.85 5.10
N ASN A 194 -24.09 -1.44 4.13
CA ASN A 194 -25.45 -1.86 4.30
C ASN A 194 -25.48 -3.29 4.79
N LYS A 195 -25.80 -3.46 6.06
CA LYS A 195 -25.86 -4.77 6.70
C LYS A 195 -27.07 -5.54 6.17
N ASP A 196 -28.05 -4.77 5.73
CA ASP A 196 -29.31 -5.23 5.25
C ASP A 196 -29.20 -5.83 3.86
N GLU A 197 -28.12 -5.55 3.20
CA GLU A 197 -27.85 -6.05 1.87
C GLU A 197 -26.82 -7.14 2.04
N ASP A 198 -26.47 -7.85 1.01
CA ASP A 198 -25.43 -8.81 1.20
C ASP A 198 -24.09 -8.17 0.99
N TYR A 199 -23.66 -7.54 2.04
CA TYR A 199 -22.39 -6.82 2.11
C TYR A 199 -21.21 -7.71 1.71
N VAL A 200 -21.34 -9.03 1.95
CA VAL A 200 -20.29 -9.97 1.63
C VAL A 200 -20.04 -9.99 0.12
N THR A 201 -21.12 -10.14 -0.64
CA THR A 201 -21.05 -10.14 -2.10
C THR A 201 -20.49 -8.81 -2.63
N HIS A 202 -20.98 -7.69 -2.08
CA HIS A 202 -20.51 -6.38 -2.52
C HIS A 202 -19.01 -6.22 -2.27
N PHE A 203 -18.55 -6.76 -1.14
CA PHE A 203 -17.13 -6.76 -0.81
C PHE A 203 -16.35 -7.60 -1.81
N ARG A 204 -16.85 -8.77 -2.08
CA ARG A 204 -16.22 -9.68 -3.02
C ARG A 204 -16.11 -9.09 -4.41
N ASP A 205 -17.20 -8.52 -4.92
CA ASP A 205 -17.14 -7.88 -6.24
C ASP A 205 -16.27 -6.65 -6.21
N MET A 206 -16.27 -5.93 -5.08
CA MET A 206 -15.37 -4.80 -4.86
C MET A 206 -13.93 -5.26 -5.02
N ALA A 207 -13.62 -6.39 -4.38
CA ALA A 207 -12.30 -7.00 -4.44
C ALA A 207 -11.95 -7.34 -5.87
N THR A 208 -12.92 -7.86 -6.62
CA THR A 208 -12.74 -8.17 -8.02
C THR A 208 -12.37 -6.89 -8.81
N GLU A 209 -13.16 -5.84 -8.61
CA GLU A 209 -12.91 -4.55 -9.22
C GLU A 209 -11.52 -4.04 -8.86
N ALA A 210 -11.16 -4.20 -7.59
CA ALA A 210 -9.86 -3.81 -7.10
C ALA A 210 -8.76 -4.57 -7.81
N GLN A 211 -8.88 -5.91 -7.90
CA GLN A 211 -7.90 -6.74 -8.59
C GLN A 211 -7.70 -6.29 -10.04
N ASN A 212 -8.80 -5.91 -10.71
CA ASN A 212 -8.72 -5.40 -12.08
C ASN A 212 -7.94 -4.10 -12.12
N ALA A 213 -8.27 -3.22 -11.20
CA ALA A 213 -7.64 -1.92 -11.08
C ALA A 213 -6.14 -2.08 -10.81
N VAL A 214 -5.80 -2.92 -9.84
CA VAL A 214 -4.41 -3.22 -9.48
C VAL A 214 -3.65 -3.75 -10.67
N GLY A 215 -4.28 -4.67 -11.40
CA GLY A 215 -3.67 -5.24 -12.58
C GLY A 215 -3.30 -4.18 -13.58
N GLU A 216 -4.23 -3.27 -13.84
CA GLU A 216 -3.99 -2.21 -14.79
C GLU A 216 -2.86 -1.29 -14.29
N VAL A 217 -2.92 -0.92 -12.99
CA VAL A 217 -1.89 -0.08 -12.38
C VAL A 217 -0.52 -0.73 -12.49
N LYS A 218 -0.44 -2.03 -12.22
CA LYS A 218 0.84 -2.70 -12.30
C LYS A 218 1.36 -2.70 -13.73
N LYS A 219 0.46 -2.88 -14.70
CA LYS A 219 0.86 -2.80 -16.10
C LYS A 219 1.47 -1.43 -16.40
N ALA A 220 0.89 -0.39 -15.81
CA ALA A 220 1.42 0.96 -15.94
C ALA A 220 2.81 1.06 -15.26
N ILE A 221 2.94 0.48 -14.07
CA ILE A 221 4.22 0.47 -13.34
C ILE A 221 5.28 -0.20 -14.18
N ASP A 222 5.00 -1.43 -14.63
CA ASP A 222 5.90 -2.21 -15.49
C ASP A 222 6.29 -1.41 -16.72
N ALA A 223 5.31 -0.71 -17.30
CA ALA A 223 5.54 0.11 -18.47
C ALA A 223 6.54 1.23 -18.19
N VAL A 224 6.36 1.93 -17.07
CA VAL A 224 7.26 3.03 -16.70
C VAL A 224 8.67 2.52 -16.41
N VAL A 225 8.76 1.35 -15.80
CA VAL A 225 10.04 0.72 -15.50
C VAL A 225 10.76 0.43 -16.82
N ALA A 226 10.05 -0.24 -17.70
CA ALA A 226 10.58 -0.63 -18.98
C ALA A 226 10.98 0.58 -19.80
N HIS A 227 10.08 1.55 -19.89
CA HIS A 227 10.34 2.76 -20.66
C HIS A 227 11.56 3.51 -20.15
N ARG A 228 11.74 3.56 -18.83
CA ARG A 228 12.88 4.25 -18.30
C ARG A 228 14.16 3.52 -18.61
N LYS A 229 14.22 2.23 -18.29
CA LYS A 229 15.45 1.48 -18.48
C LYS A 229 15.79 1.31 -19.97
N ALA A 230 14.76 1.31 -20.82
CA ALA A 230 14.97 1.22 -22.25
C ALA A 230 15.61 2.49 -22.79
N GLU A 231 15.37 3.61 -22.12
CA GLU A 231 15.88 4.88 -22.60
C GLU A 231 17.20 5.22 -21.90
N ASN A 232 17.68 4.27 -21.10
CA ASN A 232 18.96 4.35 -20.34
C ASN A 232 18.81 5.22 -19.11
N LEU A 233 17.64 5.23 -18.55
CA LEU A 233 17.37 5.97 -17.34
C LEU A 233 17.60 5.10 -16.13
N ASP A 234 17.85 5.75 -15.01
CA ASP A 234 18.16 5.10 -13.75
C ASP A 234 16.96 4.36 -13.21
N VAL A 235 16.96 3.08 -13.39
CA VAL A 235 15.91 2.21 -12.89
C VAL A 235 16.49 0.97 -12.25
N ASP A 236 16.02 0.68 -11.06
CA ASP A 236 16.36 -0.55 -10.38
C ASP A 236 15.11 -1.37 -10.28
N ASP A 237 15.08 -2.44 -11.02
CA ASP A 237 13.92 -3.33 -11.09
C ASP A 237 13.52 -3.85 -9.73
N THR A 238 14.50 -4.18 -8.91
CA THR A 238 14.28 -4.73 -7.57
C THR A 238 13.39 -3.79 -6.72
N LEU A 239 13.64 -2.50 -6.85
CA LEU A 239 12.85 -1.45 -6.20
C LEU A 239 11.37 -1.62 -6.53
N PHE A 240 11.08 -1.73 -7.80
CA PHE A 240 9.73 -1.83 -8.28
C PHE A 240 9.14 -3.19 -7.96
N SER A 241 9.98 -4.22 -7.95
CA SER A 241 9.58 -5.53 -7.58
C SER A 241 9.14 -5.55 -6.10
N ASN A 242 9.89 -4.85 -5.25
CA ASN A 242 9.57 -4.79 -3.82
C ASN A 242 8.29 -4.00 -3.60
N LEU A 243 8.14 -2.94 -4.38
CA LEU A 243 6.96 -2.14 -4.37
C LEU A 243 5.74 -2.99 -4.77
N SER A 244 5.85 -3.69 -5.88
CA SER A 244 4.77 -4.54 -6.39
C SER A 244 4.42 -5.64 -5.39
N THR A 245 5.43 -6.22 -4.76
CA THR A 245 5.23 -7.27 -3.79
C THR A 245 4.48 -6.72 -2.56
N LEU A 246 4.85 -5.52 -2.15
CA LEU A 246 4.24 -4.86 -1.02
C LEU A 246 2.77 -4.58 -1.34
N LEU A 247 2.53 -4.10 -2.55
CA LEU A 247 1.21 -3.76 -3.05
C LEU A 247 0.28 -5.00 -2.95
N ASP A 248 0.73 -6.10 -3.56
CA ASP A 248 -0.04 -7.36 -3.55
C ASP A 248 -0.25 -7.85 -2.12
N THR A 249 0.76 -7.71 -1.28
CA THR A 249 0.68 -8.16 0.09
C THR A 249 -0.33 -7.32 0.91
N ILE A 250 -0.48 -6.04 0.57
CA ILE A 250 -1.44 -5.19 1.26
C ILE A 250 -2.86 -5.57 0.86
N ILE A 251 -3.09 -5.71 -0.43
CA ILE A 251 -4.45 -5.97 -0.92
C ILE A 251 -4.92 -7.42 -0.72
N GLU A 252 -3.99 -8.35 -0.67
CA GLU A 252 -4.38 -9.72 -0.43
C GLU A 252 -4.68 -9.93 1.04
N THR A 253 -5.89 -10.25 1.32
CA THR A 253 -6.28 -10.54 2.64
C THR A 253 -6.86 -11.94 2.70
N SER A 254 -6.08 -12.84 3.19
CA SER A 254 -6.49 -14.19 3.39
C SER A 254 -5.87 -14.67 4.69
N GLY A 1 3.81 14.92 -19.82
CA GLY A 1 4.80 14.61 -20.84
C GLY A 1 4.51 13.29 -21.44
N HIS A 2 4.66 13.18 -22.75
CA HIS A 2 4.41 11.92 -23.46
C HIS A 2 5.66 11.05 -23.34
N MET A 3 6.79 11.66 -23.59
CA MET A 3 8.07 11.04 -23.41
C MET A 3 9.02 12.12 -22.96
N GLN A 4 9.93 11.80 -22.09
CA GLN A 4 10.83 12.79 -21.59
C GLN A 4 12.26 12.36 -21.89
N PRO A 5 12.78 12.76 -23.06
CA PRO A 5 14.12 12.36 -23.53
C PRO A 5 15.26 13.31 -23.09
N ASN A 6 14.95 14.29 -22.28
CA ASN A 6 15.98 15.25 -21.87
C ASN A 6 16.29 15.14 -20.39
N ASN A 7 17.19 15.97 -19.89
CA ASN A 7 17.66 15.93 -18.49
C ASN A 7 16.54 16.29 -17.53
N GLU A 8 15.53 16.95 -18.05
CA GLU A 8 14.34 17.27 -17.29
C GLU A 8 13.58 16.04 -16.88
N SER A 9 13.81 14.94 -17.56
CA SER A 9 13.12 13.69 -17.28
C SER A 9 13.55 13.25 -15.92
N LYS A 10 14.85 13.36 -15.71
CA LYS A 10 15.51 13.02 -14.52
C LYS A 10 14.97 13.86 -13.34
N LYS A 11 14.67 15.11 -13.62
CA LYS A 11 14.15 16.05 -12.61
C LYS A 11 12.74 15.63 -12.20
N LYS A 12 11.92 15.37 -13.20
CA LYS A 12 10.53 15.02 -12.95
C LYS A 12 10.47 13.62 -12.38
N ALA A 13 11.47 12.80 -12.72
CA ALA A 13 11.61 11.45 -12.20
C ALA A 13 11.85 11.49 -10.73
N VAL A 14 12.80 12.33 -10.28
CA VAL A 14 13.09 12.47 -8.86
C VAL A 14 11.82 12.93 -8.15
N LYS A 15 11.16 13.93 -8.75
CA LYS A 15 9.91 14.42 -8.23
C LYS A 15 8.89 13.30 -8.14
N LEU A 16 8.76 12.55 -9.22
CA LEU A 16 7.83 11.46 -9.33
C LEU A 16 8.08 10.45 -8.25
N ASP A 17 9.31 9.99 -8.13
CA ASP A 17 9.65 8.98 -7.13
C ASP A 17 9.38 9.48 -5.73
N LEU A 18 9.59 10.78 -5.51
CA LEU A 18 9.30 11.37 -4.21
C LEU A 18 7.79 11.40 -3.98
N ASP A 19 7.03 11.66 -5.04
CA ASP A 19 5.58 11.73 -4.95
C ASP A 19 5.03 10.35 -4.72
N LEU A 20 5.66 9.39 -5.37
CA LEU A 20 5.22 8.03 -5.32
C LEU A 20 5.47 7.49 -3.94
N MET A 21 6.70 7.63 -3.49
CA MET A 21 7.11 7.17 -2.16
C MET A 21 6.25 7.82 -1.08
N LYS A 22 5.99 9.11 -1.24
CA LYS A 22 5.18 9.86 -0.30
C LYS A 22 3.77 9.27 -0.21
N GLU A 23 3.10 9.17 -1.35
CA GLU A 23 1.74 8.67 -1.37
C GLU A 23 1.67 7.20 -0.99
N THR A 24 2.66 6.44 -1.41
CA THR A 24 2.72 5.04 -1.09
C THR A 24 2.89 4.83 0.41
N LYS A 25 3.77 5.60 1.06
CA LYS A 25 3.96 5.39 2.46
C LYS A 25 2.78 5.94 3.25
N ASN A 26 2.11 6.92 2.67
CA ASN A 26 0.85 7.45 3.24
C ASN A 26 -0.17 6.33 3.33
N VAL A 27 -0.32 5.61 2.24
CA VAL A 27 -1.23 4.46 2.18
C VAL A 27 -0.78 3.38 3.18
N CYS A 28 0.52 3.09 3.20
CA CYS A 28 1.09 2.08 4.12
C CYS A 28 0.82 2.46 5.59
N THR A 29 1.00 3.74 5.91
CA THR A 29 0.76 4.24 7.25
C THR A 29 -0.72 4.07 7.62
N THR A 30 -1.56 4.25 6.62
CA THR A 30 -2.99 4.12 6.79
C THR A 30 -3.35 2.65 7.06
N VAL A 31 -2.78 1.75 6.25
CA VAL A 31 -2.98 0.31 6.41
C VAL A 31 -2.57 -0.12 7.81
N ASN A 32 -1.37 0.28 8.20
CA ASN A 32 -0.86 -0.08 9.49
C ASN A 32 -1.76 0.45 10.60
N THR A 33 -2.10 1.72 10.53
CA THR A 33 -2.93 2.35 11.55
C THR A 33 -4.30 1.63 11.72
N LYS A 34 -4.92 1.25 10.61
CA LYS A 34 -6.20 0.59 10.68
C LYS A 34 -6.04 -0.81 11.26
N LEU A 35 -5.06 -1.53 10.76
CA LEU A 35 -4.83 -2.90 11.21
C LEU A 35 -4.37 -2.97 12.66
N VAL A 36 -3.53 -2.04 13.07
CA VAL A 36 -3.04 -2.00 14.45
C VAL A 36 -4.18 -1.66 15.38
N GLY A 37 -5.01 -0.70 14.98
CA GLY A 37 -6.13 -0.36 15.79
C GLY A 37 -7.10 -1.52 15.87
N LYS A 38 -7.38 -2.12 14.73
CA LYS A 38 -8.29 -3.22 14.68
C LYS A 38 -7.76 -4.43 15.43
N ALA A 39 -6.55 -4.87 15.14
CA ALA A 39 -5.96 -6.05 15.80
C ALA A 39 -5.91 -5.87 17.30
N LYS A 40 -5.55 -4.68 17.73
CA LYS A 40 -5.39 -4.42 19.12
C LYS A 40 -6.71 -4.19 19.84
N SER A 41 -7.71 -3.82 19.08
CA SER A 41 -9.04 -3.76 19.64
C SER A 41 -9.69 -5.16 19.63
N LYS A 42 -9.32 -6.00 18.63
CA LYS A 42 -9.78 -7.43 18.58
C LYS A 42 -9.32 -8.08 19.85
N LEU A 43 -8.08 -7.78 20.20
CA LEU A 43 -7.46 -8.27 21.46
C LEU A 43 -8.35 -7.97 22.68
N ASN A 44 -9.07 -6.88 22.62
CA ASN A 44 -9.95 -6.47 23.71
C ASN A 44 -11.33 -7.11 23.60
N LYS A 45 -11.51 -7.93 22.61
CA LYS A 45 -12.73 -8.70 22.46
C LYS A 45 -12.55 -10.08 23.09
N LEU A 46 -11.30 -10.43 23.35
CA LEU A 46 -10.97 -11.65 24.07
C LEU A 46 -11.40 -11.50 25.52
N GLU A 47 -11.43 -12.60 26.26
CA GLU A 47 -11.88 -12.61 27.66
C GLU A 47 -11.15 -11.57 28.48
N GLY A 48 -9.85 -11.61 28.43
CA GLY A 48 -9.07 -10.67 29.16
C GLY A 48 -7.90 -11.30 29.84
N GLU A 49 -8.09 -11.67 31.09
CA GLU A 49 -6.99 -12.13 31.93
C GLU A 49 -6.49 -13.53 31.56
N SER A 50 -7.26 -14.25 30.80
CA SER A 50 -6.84 -15.56 30.33
C SER A 50 -5.88 -15.42 29.14
N HIS A 51 -6.13 -14.39 28.34
CA HIS A 51 -5.37 -14.17 27.12
C HIS A 51 -4.50 -12.95 27.26
N LYS A 52 -4.30 -12.51 28.48
CA LYS A 52 -3.58 -11.28 28.75
C LYS A 52 -2.13 -11.35 28.28
N GLU A 53 -1.51 -12.50 28.45
CA GLU A 53 -0.16 -12.69 28.00
C GLU A 53 -0.10 -12.64 26.48
N TYR A 54 -1.11 -13.25 25.85
CA TYR A 54 -1.22 -13.26 24.41
C TYR A 54 -1.37 -11.85 23.90
N VAL A 55 -2.26 -11.11 24.54
CA VAL A 55 -2.50 -9.72 24.21
C VAL A 55 -1.23 -8.90 24.37
N ALA A 56 -0.51 -9.13 25.46
CA ALA A 56 0.75 -8.45 25.71
C ALA A 56 1.76 -8.77 24.61
N GLU A 57 1.93 -10.07 24.32
CA GLU A 57 2.85 -10.52 23.27
C GLU A 57 2.54 -9.87 21.97
N LYS A 58 1.30 -9.99 21.56
CA LYS A 58 0.91 -9.52 20.25
C LYS A 58 1.00 -8.03 20.15
N THR A 59 0.72 -7.33 21.24
CA THR A 59 0.86 -5.90 21.26
C THR A 59 2.35 -5.55 21.09
N LYS A 60 3.21 -6.28 21.78
CA LYS A 60 4.65 -6.05 21.67
C LYS A 60 5.17 -6.37 20.28
N GLU A 61 4.65 -7.43 19.67
CA GLU A 61 5.05 -7.83 18.33
C GLU A 61 4.64 -6.76 17.33
N ILE A 62 3.39 -6.35 17.42
CA ILE A 62 2.85 -5.31 16.58
C ILE A 62 3.59 -4.00 16.81
N ASP A 63 3.84 -3.67 18.06
CA ASP A 63 4.50 -2.44 18.39
C ASP A 63 5.94 -2.40 17.95
N GLU A 64 6.63 -3.54 17.97
CA GLU A 64 7.98 -3.59 17.43
C GLU A 64 7.93 -3.35 15.93
N LYS A 65 6.96 -3.97 15.28
CA LYS A 65 6.74 -3.75 13.85
C LYS A 65 6.39 -2.30 13.61
N ASN A 66 5.58 -1.73 14.47
CA ASN A 66 5.14 -0.35 14.36
C ASN A 66 6.23 0.62 14.48
N LYS A 67 7.04 0.47 15.49
CA LYS A 67 8.16 1.38 15.67
C LYS A 67 9.14 1.26 14.50
N LYS A 68 9.38 0.03 14.04
CA LYS A 68 10.28 -0.16 12.92
C LYS A 68 9.71 0.36 11.62
N PHE A 69 8.45 0.08 11.38
CA PHE A 69 7.75 0.58 10.22
C PHE A 69 7.72 2.10 10.23
N ASN A 70 7.42 2.67 11.38
CA ASN A 70 7.33 4.12 11.52
C ASN A 70 8.66 4.80 11.42
N GLU A 71 9.73 4.15 11.88
CA GLU A 71 11.03 4.75 11.72
C GLU A 71 11.54 4.55 10.29
N ASN A 72 11.00 3.53 9.61
CA ASN A 72 11.28 3.34 8.19
C ASN A 72 10.69 4.45 7.37
N LEU A 73 9.49 4.87 7.71
CA LEU A 73 8.80 5.96 7.00
C LEU A 73 9.60 7.23 7.13
N VAL A 74 9.93 7.55 8.36
CA VAL A 74 10.72 8.74 8.66
C VAL A 74 12.14 8.58 8.09
N LYS A 75 12.54 7.37 7.81
CA LYS A 75 13.84 7.16 7.23
C LYS A 75 13.82 7.32 5.72
N ILE A 76 12.79 6.80 5.08
CA ILE A 76 12.64 6.91 3.62
C ILE A 76 12.16 8.28 3.20
N GLU A 77 11.71 9.07 4.17
CA GLU A 77 11.37 10.46 3.86
C GLU A 77 12.64 11.29 3.72
N LYS A 78 13.74 10.72 4.15
CA LYS A 78 15.03 11.30 3.95
C LYS A 78 15.63 10.91 2.63
N ARG A 79 16.19 11.86 2.01
CA ARG A 79 16.82 11.72 0.73
C ARG A 79 18.31 11.76 0.93
N LYS A 80 19.03 11.20 0.02
CA LYS A 80 20.46 11.23 0.07
C LYS A 80 20.92 12.24 -0.92
N LYS A 81 21.83 13.07 -0.53
CA LYS A 81 22.33 14.06 -1.41
C LYS A 81 23.59 13.57 -2.08
N ILE A 82 23.55 13.46 -3.37
CA ILE A 82 24.66 13.02 -4.18
C ILE A 82 24.86 14.05 -5.27
N LYS A 83 26.00 14.08 -5.87
CA LYS A 83 26.22 15.08 -6.90
C LYS A 83 26.01 14.54 -8.29
N VAL A 84 25.13 15.20 -9.01
CA VAL A 84 24.62 14.78 -10.31
C VAL A 84 24.23 16.00 -11.13
N PRO A 85 24.67 16.08 -12.39
CA PRO A 85 25.57 15.10 -12.97
C PRO A 85 26.99 15.34 -12.49
N ALA A 86 27.83 14.38 -12.69
CA ALA A 86 29.21 14.43 -12.24
C ALA A 86 30.00 15.49 -12.98
N ASP A 87 29.45 15.94 -14.10
CA ASP A 87 30.03 16.98 -14.94
C ASP A 87 30.07 18.29 -14.20
N THR A 88 29.00 18.59 -13.49
CA THR A 88 28.91 19.80 -12.73
C THR A 88 29.11 19.53 -11.24
N GLY A 89 28.59 18.40 -10.78
CA GLY A 89 28.76 18.05 -9.41
C GLY A 89 27.73 18.69 -8.52
N ALA A 90 26.56 18.99 -9.07
CA ALA A 90 25.53 19.63 -8.27
C ALA A 90 24.98 18.61 -7.31
N GLU A 91 25.02 18.93 -6.04
CA GLU A 91 24.58 18.03 -5.03
C GLU A 91 23.07 18.10 -4.91
N VAL A 92 22.42 17.05 -5.27
CA VAL A 92 20.98 16.99 -5.33
C VAL A 92 20.44 15.88 -4.46
N ASP A 93 19.19 16.03 -4.09
CA ASP A 93 18.51 15.06 -3.27
C ASP A 93 17.93 13.96 -4.12
N ALA A 94 18.21 12.74 -3.78
CA ALA A 94 17.63 11.60 -4.42
C ALA A 94 16.91 10.79 -3.39
N VAL A 95 15.84 10.11 -3.78
CA VAL A 95 15.02 9.30 -2.85
C VAL A 95 15.87 8.16 -2.24
N ASP A 96 16.90 7.79 -2.98
CA ASP A 96 17.90 6.75 -2.64
C ASP A 96 17.46 5.33 -3.01
N ASP A 97 18.43 4.54 -3.42
CA ASP A 97 18.24 3.15 -3.83
C ASP A 97 17.89 2.26 -2.63
N GLY A 98 18.27 2.69 -1.43
CA GLY A 98 18.05 1.93 -0.20
C GLY A 98 16.61 1.79 0.16
N VAL A 99 15.79 2.63 -0.45
CA VAL A 99 14.36 2.57 -0.27
C VAL A 99 13.81 1.21 -0.75
N ALA A 100 14.56 0.54 -1.65
CA ALA A 100 14.21 -0.81 -2.09
C ALA A 100 14.21 -1.74 -0.89
N GLY A 101 15.29 -1.68 -0.13
CA GLY A 101 15.43 -2.47 1.07
C GLY A 101 14.38 -2.13 2.07
N ALA A 102 14.15 -0.84 2.23
CA ALA A 102 13.13 -0.35 3.13
C ALA A 102 11.75 -0.87 2.73
N LEU A 103 11.47 -0.88 1.44
CA LEU A 103 10.22 -1.43 0.90
C LEU A 103 10.09 -2.90 1.23
N SER A 104 11.18 -3.63 1.12
CA SER A 104 11.19 -5.02 1.50
C SER A 104 10.85 -5.16 3.00
N ASP A 105 11.39 -4.25 3.82
CA ASP A 105 11.08 -4.21 5.25
C ASP A 105 9.61 -3.98 5.45
N LEU A 106 9.11 -2.93 4.83
CA LEU A 106 7.71 -2.50 4.91
C LEU A 106 6.78 -3.58 4.52
N SER A 107 7.10 -4.20 3.42
CA SER A 107 6.29 -5.30 2.91
C SER A 107 6.17 -6.40 3.95
N SER A 108 7.23 -6.61 4.70
CA SER A 108 7.27 -7.67 5.66
C SER A 108 6.57 -7.22 6.94
N ASP A 109 6.73 -5.96 7.28
CA ASP A 109 6.10 -5.40 8.44
C ASP A 109 4.59 -5.31 8.24
N ILE A 110 4.16 -4.86 7.05
CA ILE A 110 2.75 -4.75 6.73
C ILE A 110 2.10 -6.14 6.67
N SER A 111 2.77 -7.10 6.01
CA SER A 111 2.24 -8.45 5.92
C SER A 111 2.13 -9.08 7.30
N ALA A 112 3.15 -8.85 8.13
CA ALA A 112 3.15 -9.34 9.51
C ALA A 112 1.96 -8.79 10.26
N ILE A 113 1.77 -7.48 10.19
CA ILE A 113 0.64 -6.82 10.84
C ILE A 113 -0.68 -7.42 10.35
N LYS A 114 -0.80 -7.62 9.04
CA LYS A 114 -2.00 -8.19 8.43
C LYS A 114 -2.22 -9.59 8.98
N THR A 115 -1.18 -10.40 8.91
CA THR A 115 -1.20 -11.77 9.43
C THR A 115 -1.63 -11.80 10.91
N LEU A 116 -1.04 -10.92 11.73
CA LEU A 116 -1.40 -10.81 13.15
C LEU A 116 -2.86 -10.44 13.33
N THR A 117 -3.35 -9.53 12.52
CA THR A 117 -4.74 -9.11 12.60
C THR A 117 -5.67 -10.32 12.27
N ASP A 118 -5.25 -11.16 11.29
CA ASP A 118 -5.99 -12.42 10.99
C ASP A 118 -6.04 -13.28 12.23
N ASP A 119 -4.85 -13.52 12.78
CA ASP A 119 -4.65 -14.37 13.97
C ASP A 119 -5.49 -13.94 15.12
N VAL A 120 -5.57 -12.65 15.34
CA VAL A 120 -6.33 -12.16 16.46
C VAL A 120 -7.84 -12.26 16.20
N SER A 121 -8.27 -11.97 14.97
CA SER A 121 -9.69 -12.11 14.63
C SER A 121 -10.16 -13.56 14.79
N GLU A 122 -9.23 -14.52 14.56
CA GLU A 122 -9.53 -15.95 14.81
C GLU A 122 -9.87 -16.13 16.28
N LYS A 123 -8.98 -15.60 17.13
CA LYS A 123 -9.10 -15.72 18.59
C LYS A 123 -10.40 -15.11 19.07
N VAL A 124 -10.79 -14.01 18.44
CA VAL A 124 -12.05 -13.35 18.75
C VAL A 124 -13.22 -14.29 18.43
N SER A 125 -13.07 -15.05 17.36
CA SER A 125 -14.14 -15.89 16.87
C SER A 125 -14.33 -17.13 17.77
N GLU A 126 -13.31 -17.50 18.52
CA GLU A 126 -13.42 -18.62 19.43
C GLU A 126 -13.82 -18.15 20.83
N ASN A 127 -13.51 -16.89 21.14
CA ASN A 127 -13.91 -16.31 22.42
C ASN A 127 -15.36 -15.91 22.37
N LEU A 128 -15.79 -15.52 21.19
CA LEU A 128 -17.15 -15.19 20.96
C LEU A 128 -17.93 -16.42 20.59
N LYS A 129 -19.24 -16.32 20.69
CA LYS A 129 -20.12 -17.40 20.29
C LYS A 129 -20.11 -17.54 18.79
N ASP A 130 -20.63 -18.65 18.29
CA ASP A 130 -20.67 -18.95 16.85
C ASP A 130 -21.33 -17.83 16.06
N ASP A 131 -22.45 -17.32 16.57
CA ASP A 131 -23.18 -16.23 15.89
C ASP A 131 -22.39 -14.96 15.92
N GLU A 132 -21.80 -14.68 17.06
CA GLU A 132 -21.04 -13.47 17.28
C GLU A 132 -19.75 -13.50 16.44
N ALA A 133 -19.20 -14.69 16.28
CA ALA A 133 -18.04 -14.93 15.45
C ALA A 133 -18.36 -14.62 13.99
N SER A 134 -19.51 -15.11 13.52
CA SER A 134 -19.96 -14.82 12.17
C SER A 134 -20.20 -13.31 12.00
N ALA A 135 -20.62 -12.65 13.07
CA ALA A 135 -20.80 -11.22 13.05
C ALA A 135 -19.45 -10.50 12.97
N THR A 136 -18.42 -11.16 13.46
CA THR A 136 -17.07 -10.64 13.41
C THR A 136 -16.53 -10.67 11.98
N GLU A 137 -17.03 -11.62 11.19
CA GLU A 137 -16.73 -11.68 9.76
C GLU A 137 -17.20 -10.37 9.14
N HIS A 138 -18.41 -9.98 9.50
CA HIS A 138 -19.00 -8.73 9.05
C HIS A 138 -18.14 -7.53 9.47
N THR A 139 -17.66 -7.58 10.70
CA THR A 139 -16.80 -6.53 11.26
C THR A 139 -15.52 -6.39 10.42
N ASP A 140 -14.84 -7.51 10.22
CA ASP A 140 -13.61 -7.56 9.48
C ASP A 140 -13.81 -7.23 8.00
N ILE A 141 -14.95 -7.62 7.45
CA ILE A 141 -15.30 -7.25 6.09
C ILE A 141 -15.44 -5.72 5.99
N LYS A 142 -16.10 -5.10 6.96
CA LYS A 142 -16.28 -3.63 6.98
C LYS A 142 -14.94 -2.91 7.01
N GLU A 143 -14.08 -3.31 7.91
CA GLU A 143 -12.77 -2.66 8.07
C GLU A 143 -11.89 -2.86 6.83
N LYS A 144 -11.87 -4.08 6.30
CA LYS A 144 -11.06 -4.35 5.13
C LYS A 144 -11.62 -3.64 3.91
N ALA A 145 -12.94 -3.55 3.81
CA ALA A 145 -13.59 -2.86 2.70
C ALA A 145 -13.23 -1.38 2.72
N THR A 146 -13.26 -0.81 3.90
CA THR A 146 -12.94 0.58 4.09
C THR A 146 -11.49 0.84 3.73
N LEU A 147 -10.60 -0.01 4.22
CA LEU A 147 -9.19 0.13 3.95
C LEU A 147 -8.91 0.01 2.46
N LEU A 148 -9.52 -0.96 1.83
CA LEU A 148 -9.32 -1.19 0.41
C LEU A 148 -9.79 0.01 -0.40
N GLN A 149 -10.96 0.56 -0.05
CA GLN A 149 -11.49 1.77 -0.69
C GLN A 149 -10.50 2.92 -0.52
N GLU A 150 -10.14 3.20 0.75
CA GLU A 150 -9.21 4.29 1.08
C GLU A 150 -7.90 4.16 0.33
N SER A 151 -7.37 2.96 0.29
CA SER A 151 -6.13 2.70 -0.40
C SER A 151 -6.28 2.96 -1.91
N CYS A 152 -7.35 2.43 -2.49
CA CYS A 152 -7.60 2.57 -3.92
C CYS A 152 -7.82 4.04 -4.33
N ASN A 153 -8.45 4.81 -3.44
CA ASN A 153 -8.65 6.24 -3.68
C ASN A 153 -7.30 6.93 -3.78
N GLY A 154 -6.38 6.49 -2.93
CA GLY A 154 -5.04 7.01 -2.96
C GLY A 154 -4.31 6.58 -4.21
N ILE A 155 -4.40 5.28 -4.50
CA ILE A 155 -3.77 4.67 -5.67
C ILE A 155 -4.20 5.37 -6.96
N GLY A 156 -5.48 5.66 -7.06
CA GLY A 156 -6.02 6.35 -8.22
C GLY A 156 -5.46 7.74 -8.41
N THR A 157 -5.10 8.39 -7.31
CA THR A 157 -4.59 9.74 -7.38
C THR A 157 -3.14 9.67 -7.84
N ILE A 158 -2.45 8.67 -7.31
CA ILE A 158 -1.09 8.40 -7.69
C ILE A 158 -1.04 8.08 -9.16
N LEU A 159 -1.94 7.21 -9.59
CA LEU A 159 -2.08 6.83 -11.00
C LEU A 159 -2.25 8.05 -11.89
N ASP A 160 -3.24 8.90 -11.61
CA ASP A 160 -3.45 10.13 -12.41
C ASP A 160 -2.24 11.04 -12.45
N LYS A 161 -1.47 11.08 -11.38
CA LYS A 161 -0.24 11.88 -11.36
C LYS A 161 0.91 11.16 -12.12
N LEU A 162 0.99 9.87 -11.94
CA LEU A 162 2.01 9.01 -12.56
C LEU A 162 1.83 8.99 -14.08
N ALA A 163 0.59 8.88 -14.50
CA ALA A 163 0.22 8.78 -15.90
C ALA A 163 0.59 10.03 -16.69
N GLU A 164 0.90 11.13 -16.02
CA GLU A 164 1.31 12.32 -16.75
C GLU A 164 2.80 12.42 -16.93
N TYR A 165 3.53 11.57 -16.25
CA TYR A 165 4.96 11.54 -16.45
C TYR A 165 5.21 10.87 -17.78
N LEU A 166 4.36 9.94 -18.08
CA LEU A 166 4.46 9.11 -19.23
C LEU A 166 3.05 9.01 -19.73
N ASN A 167 2.62 10.07 -20.31
CA ASN A 167 1.29 10.19 -20.79
C ASN A 167 1.16 9.65 -22.19
N ASN A 168 0.70 8.44 -22.28
CA ASN A 168 0.45 7.82 -23.55
C ASN A 168 -0.87 7.09 -23.47
N ASP A 169 -1.29 6.53 -24.57
CA ASP A 169 -2.58 5.86 -24.62
C ASP A 169 -2.62 4.63 -23.73
N THR A 170 -1.48 3.99 -23.54
CA THR A 170 -1.42 2.82 -22.70
C THR A 170 -1.72 3.21 -21.22
N THR A 171 -1.08 4.27 -20.74
CA THR A 171 -1.28 4.71 -19.37
C THR A 171 -2.68 5.32 -19.17
N GLN A 172 -3.18 5.97 -20.20
CA GLN A 172 -4.51 6.55 -20.14
C GLN A 172 -5.60 5.50 -20.14
N ASN A 173 -5.39 4.40 -20.88
CA ASN A 173 -6.33 3.26 -20.83
C ASN A 173 -6.45 2.75 -19.44
N ILE A 174 -5.31 2.62 -18.78
CA ILE A 174 -5.21 2.19 -17.40
C ILE A 174 -5.97 3.13 -16.49
N LYS A 175 -5.77 4.42 -16.70
CA LYS A 175 -6.45 5.45 -15.94
C LYS A 175 -7.97 5.30 -16.08
N LYS A 176 -8.43 5.05 -17.29
CA LYS A 176 -9.85 4.88 -17.57
C LYS A 176 -10.38 3.60 -17.00
N GLU A 177 -9.63 2.55 -17.18
CA GLU A 177 -9.94 1.24 -16.57
C GLU A 177 -10.07 1.38 -15.07
N PHE A 178 -9.22 2.19 -14.51
CA PHE A 178 -9.23 2.42 -13.11
C PHE A 178 -10.49 3.19 -12.76
N ASP A 179 -10.85 4.22 -13.55
CA ASP A 179 -12.10 5.00 -13.31
C ASP A 179 -13.32 4.09 -13.25
N GLU A 180 -13.39 3.19 -14.21
CA GLU A 180 -14.48 2.21 -14.29
C GLU A 180 -14.51 1.34 -13.02
N ARG A 181 -13.36 0.78 -12.69
CA ARG A 181 -13.23 -0.06 -11.52
C ARG A 181 -13.48 0.70 -10.23
N LYS A 182 -12.98 1.91 -10.17
CA LYS A 182 -13.13 2.81 -9.01
C LYS A 182 -14.59 3.16 -8.79
N LYS A 183 -15.32 3.29 -9.88
CA LYS A 183 -16.71 3.59 -9.82
C LYS A 183 -17.46 2.37 -9.25
N ASN A 184 -17.15 1.20 -9.79
CA ASN A 184 -17.75 -0.07 -9.31
C ASN A 184 -17.35 -0.35 -7.87
N LEU A 185 -16.11 -0.04 -7.57
CA LEU A 185 -15.52 -0.16 -6.24
C LEU A 185 -16.38 0.60 -5.24
N THR A 186 -16.57 1.86 -5.52
CA THR A 186 -17.33 2.76 -4.68
C THR A 186 -18.81 2.31 -4.56
N SER A 187 -19.28 1.66 -5.61
CA SER A 187 -20.64 1.20 -5.64
C SER A 187 -20.78 -0.04 -4.73
N LEU A 188 -19.82 -0.96 -4.84
CA LEU A 188 -19.91 -2.17 -4.06
C LEU A 188 -19.54 -1.92 -2.63
N LYS A 189 -18.68 -0.93 -2.42
CA LYS A 189 -18.33 -0.48 -1.07
C LYS A 189 -19.59 -0.06 -0.33
N THR A 190 -20.49 0.61 -1.04
CA THR A 190 -21.74 1.05 -0.48
C THR A 190 -22.65 -0.18 -0.19
N LYS A 191 -22.53 -1.20 -1.03
CA LYS A 191 -23.28 -2.44 -0.85
C LYS A 191 -22.77 -3.18 0.39
N VAL A 192 -21.44 -3.25 0.53
CA VAL A 192 -20.78 -3.91 1.66
C VAL A 192 -21.18 -3.22 2.97
N GLU A 193 -21.45 -1.92 2.88
CA GLU A 193 -21.89 -1.15 4.02
C GLU A 193 -23.24 -1.61 4.58
N ASN A 194 -24.01 -2.35 3.80
CA ASN A 194 -25.28 -2.82 4.29
C ASN A 194 -25.28 -4.33 4.44
N LYS A 195 -25.40 -4.79 5.68
CA LYS A 195 -25.41 -6.21 6.01
C LYS A 195 -26.63 -6.95 5.45
N ASP A 196 -27.61 -6.19 5.03
CA ASP A 196 -28.83 -6.77 4.47
C ASP A 196 -28.55 -7.29 3.05
N GLU A 197 -27.51 -6.76 2.46
CA GLU A 197 -27.04 -7.17 1.15
C GLU A 197 -26.05 -8.30 1.39
N ASP A 198 -25.49 -8.88 0.34
CA ASP A 198 -24.51 -9.93 0.57
C ASP A 198 -23.15 -9.29 0.60
N TYR A 199 -22.87 -8.65 1.70
CA TYR A 199 -21.65 -7.86 1.89
C TYR A 199 -20.38 -8.64 1.64
N VAL A 200 -20.39 -9.95 1.93
CA VAL A 200 -19.21 -10.76 1.71
C VAL A 200 -18.92 -10.86 0.21
N THR A 201 -19.95 -11.18 -0.57
CA THR A 201 -19.81 -11.31 -2.01
C THR A 201 -19.55 -9.95 -2.66
N HIS A 202 -20.20 -8.90 -2.15
CA HIS A 202 -19.98 -7.56 -2.66
C HIS A 202 -18.56 -7.11 -2.39
N PHE A 203 -18.03 -7.52 -1.24
CA PHE A 203 -16.64 -7.25 -0.87
C PHE A 203 -15.73 -7.93 -1.84
N ARG A 204 -16.02 -9.19 -2.11
CA ARG A 204 -15.29 -10.00 -3.06
C ARG A 204 -15.24 -9.27 -4.42
N ASP A 205 -16.40 -8.90 -4.94
CA ASP A 205 -16.48 -8.21 -6.24
C ASP A 205 -15.78 -6.85 -6.22
N MET A 206 -16.05 -6.05 -5.18
CA MET A 206 -15.33 -4.80 -4.93
C MET A 206 -13.82 -5.04 -4.97
N ALA A 207 -13.37 -6.10 -4.30
CA ALA A 207 -11.97 -6.48 -4.27
C ALA A 207 -11.48 -6.86 -5.66
N THR A 208 -12.31 -7.58 -6.41
CA THR A 208 -12.00 -7.99 -7.79
C THR A 208 -11.68 -6.75 -8.64
N GLU A 209 -12.55 -5.76 -8.54
CA GLU A 209 -12.38 -4.52 -9.26
C GLU A 209 -11.11 -3.82 -8.81
N ALA A 210 -10.89 -3.81 -7.51
CA ALA A 210 -9.70 -3.21 -6.93
C ALA A 210 -8.43 -3.88 -7.47
N GLN A 211 -8.38 -5.23 -7.47
CA GLN A 211 -7.21 -5.95 -7.93
C GLN A 211 -6.94 -5.66 -9.41
N ASN A 212 -7.99 -5.63 -10.21
CA ASN A 212 -7.85 -5.34 -11.65
C ASN A 212 -7.35 -3.93 -11.87
N ALA A 213 -7.94 -2.99 -11.16
CA ALA A 213 -7.59 -1.59 -11.29
C ALA A 213 -6.16 -1.35 -10.87
N VAL A 214 -5.80 -1.86 -9.72
CA VAL A 214 -4.48 -1.64 -9.19
C VAL A 214 -3.43 -2.49 -9.94
N GLY A 215 -3.88 -3.57 -10.55
CA GLY A 215 -3.02 -4.36 -11.41
C GLY A 215 -2.64 -3.56 -12.64
N GLU A 216 -3.61 -2.82 -13.18
CA GLU A 216 -3.36 -1.90 -14.28
C GLU A 216 -2.40 -0.79 -13.81
N VAL A 217 -2.59 -0.34 -12.57
CA VAL A 217 -1.70 0.67 -11.98
C VAL A 217 -0.26 0.18 -11.93
N LYS A 218 -0.06 -1.08 -11.51
CA LYS A 218 1.30 -1.65 -11.46
C LYS A 218 1.88 -1.67 -12.86
N LYS A 219 1.05 -2.10 -13.79
CA LYS A 219 1.35 -2.16 -15.22
C LYS A 219 1.87 -0.78 -15.72
N ALA A 220 1.21 0.30 -15.27
CA ALA A 220 1.62 1.65 -15.57
C ALA A 220 2.97 1.96 -14.94
N ILE A 221 3.15 1.55 -13.69
CA ILE A 221 4.42 1.72 -12.98
C ILE A 221 5.55 1.03 -13.75
N ASP A 222 5.30 -0.23 -14.15
CA ASP A 222 6.25 -1.04 -14.94
C ASP A 222 6.66 -0.26 -16.19
N ALA A 223 5.68 0.33 -16.86
CA ALA A 223 5.92 1.13 -18.04
C ALA A 223 6.83 2.32 -17.72
N VAL A 224 6.54 3.01 -16.64
CA VAL A 224 7.31 4.18 -16.23
C VAL A 224 8.76 3.80 -15.83
N VAL A 225 8.94 2.59 -15.35
CA VAL A 225 10.28 2.08 -15.04
C VAL A 225 11.05 1.89 -16.34
N ALA A 226 10.46 1.10 -17.23
CA ALA A 226 11.06 0.77 -18.53
C ALA A 226 11.38 2.03 -19.34
N HIS A 227 10.45 2.98 -19.32
CA HIS A 227 10.60 4.25 -20.03
C HIS A 227 11.82 4.98 -19.51
N ARG A 228 11.98 5.03 -18.20
CA ARG A 228 13.08 5.75 -17.63
C ARG A 228 14.40 5.04 -17.87
N LYS A 229 14.38 3.71 -17.79
CA LYS A 229 15.57 2.89 -18.08
C LYS A 229 16.04 3.15 -19.51
N ALA A 230 15.08 3.35 -20.40
CA ALA A 230 15.34 3.65 -21.80
C ALA A 230 15.91 5.06 -21.99
N GLU A 231 15.60 5.97 -21.08
CA GLU A 231 16.06 7.34 -21.24
C GLU A 231 17.38 7.54 -20.46
N ASN A 232 17.83 6.45 -19.82
CA ASN A 232 19.09 6.33 -19.08
C ASN A 232 19.04 6.99 -17.73
N LEU A 233 17.88 7.03 -17.16
CA LEU A 233 17.72 7.53 -15.82
C LEU A 233 18.03 6.44 -14.84
N ASP A 234 18.60 6.82 -13.74
CA ASP A 234 19.02 5.88 -12.71
C ASP A 234 17.81 5.39 -11.97
N VAL A 235 17.29 4.31 -12.44
CA VAL A 235 16.11 3.69 -11.92
C VAL A 235 16.44 2.27 -11.56
N ASP A 236 16.15 1.88 -10.36
CA ASP A 236 16.44 0.55 -9.93
C ASP A 236 15.23 -0.34 -9.99
N ASP A 237 15.39 -1.38 -10.74
CA ASP A 237 14.39 -2.41 -10.99
C ASP A 237 13.92 -3.02 -9.70
N THR A 238 14.87 -3.27 -8.80
CA THR A 238 14.58 -3.92 -7.55
C THR A 238 13.69 -3.03 -6.69
N LEU A 239 14.04 -1.76 -6.62
CA LEU A 239 13.24 -0.75 -5.94
C LEU A 239 11.79 -0.78 -6.39
N PHE A 240 11.58 -0.80 -7.68
CA PHE A 240 10.24 -0.79 -8.20
C PHE A 240 9.55 -2.12 -8.06
N SER A 241 10.32 -3.19 -8.12
CA SER A 241 9.81 -4.52 -7.89
C SER A 241 9.39 -4.67 -6.42
N ASN A 242 10.17 -4.09 -5.52
CA ASN A 242 9.88 -4.12 -4.10
C ASN A 242 8.68 -3.26 -3.82
N LEU A 243 8.56 -2.17 -4.58
CA LEU A 243 7.47 -1.27 -4.50
C LEU A 243 6.20 -1.95 -4.93
N SER A 244 6.24 -2.58 -6.08
CA SER A 244 5.10 -3.29 -6.60
C SER A 244 4.68 -4.47 -5.72
N THR A 245 5.66 -5.11 -5.09
CA THR A 245 5.36 -6.19 -4.15
C THR A 245 4.71 -5.62 -2.86
N LEU A 246 5.15 -4.43 -2.45
CA LEU A 246 4.53 -3.75 -1.32
C LEU A 246 3.13 -3.31 -1.71
N LEU A 247 3.02 -2.82 -2.93
CA LEU A 247 1.77 -2.45 -3.53
C LEU A 247 0.84 -3.65 -3.46
N ASP A 248 1.36 -4.82 -3.83
CA ASP A 248 0.64 -6.09 -3.70
C ASP A 248 0.27 -6.38 -2.28
N THR A 249 1.13 -6.01 -1.33
CA THR A 249 0.85 -6.28 0.06
C THR A 249 -0.27 -5.35 0.58
N ILE A 250 -0.40 -4.20 -0.04
CA ILE A 250 -1.44 -3.24 0.31
C ILE A 250 -2.78 -3.66 -0.32
N ILE A 251 -2.75 -4.00 -1.59
CA ILE A 251 -3.93 -4.28 -2.33
C ILE A 251 -4.51 -5.68 -2.03
N GLU A 252 -3.66 -6.59 -1.55
CA GLU A 252 -4.14 -7.92 -1.22
C GLU A 252 -5.04 -7.89 0.00
N THR A 253 -6.25 -8.20 -0.22
CA THR A 253 -7.20 -8.30 0.82
C THR A 253 -7.74 -9.71 0.83
N SER A 254 -7.22 -10.48 1.74
CA SER A 254 -7.57 -11.86 1.89
C SER A 254 -7.28 -12.21 3.34
N GLY A 1 33.65 9.03 -21.34
CA GLY A 1 32.31 8.53 -21.07
C GLY A 1 31.82 8.98 -19.73
N HIS A 2 31.30 10.19 -19.69
CA HIS A 2 30.73 10.76 -18.48
C HIS A 2 29.41 11.40 -18.83
N MET A 3 28.37 10.65 -18.67
CA MET A 3 27.06 11.10 -19.05
C MET A 3 26.04 10.71 -18.03
N GLN A 4 25.07 11.55 -17.85
CA GLN A 4 23.93 11.25 -17.04
C GLN A 4 22.74 11.22 -17.98
N PRO A 5 22.42 10.01 -18.52
CA PRO A 5 21.40 9.75 -19.54
C PRO A 5 20.16 10.64 -19.48
N ASN A 6 20.20 11.67 -20.33
CA ASN A 6 19.16 12.68 -20.52
C ASN A 6 18.82 13.39 -19.22
N ASN A 7 19.48 14.51 -19.02
CA ASN A 7 19.37 15.34 -17.81
C ASN A 7 17.92 15.72 -17.50
N GLU A 8 17.15 15.97 -18.54
CA GLU A 8 15.75 16.36 -18.38
C GLU A 8 14.88 15.17 -17.92
N SER A 9 15.29 13.97 -18.26
CA SER A 9 14.58 12.80 -17.80
C SER A 9 15.03 12.47 -16.39
N LYS A 10 16.33 12.64 -16.12
CA LYS A 10 16.91 12.44 -14.77
C LYS A 10 16.15 13.24 -13.72
N LYS A 11 15.95 14.51 -14.01
CA LYS A 11 15.23 15.42 -13.10
C LYS A 11 13.81 14.91 -12.79
N LYS A 12 13.09 14.56 -13.83
CA LYS A 12 11.72 14.10 -13.67
C LYS A 12 11.68 12.76 -12.99
N ALA A 13 12.68 11.94 -13.25
CA ALA A 13 12.80 10.64 -12.66
C ALA A 13 12.98 10.75 -11.16
N VAL A 14 13.92 11.61 -10.74
CA VAL A 14 14.20 11.78 -9.33
C VAL A 14 12.97 12.32 -8.62
N LYS A 15 12.34 13.35 -9.19
CA LYS A 15 11.18 13.94 -8.60
C LYS A 15 10.05 12.91 -8.50
N LEU A 16 9.93 12.07 -9.51
CA LEU A 16 8.90 11.03 -9.55
C LEU A 16 9.11 10.09 -8.38
N ASP A 17 10.34 9.66 -8.19
CA ASP A 17 10.68 8.75 -7.09
C ASP A 17 10.37 9.41 -5.75
N LEU A 18 10.64 10.71 -5.67
CA LEU A 18 10.38 11.47 -4.45
C LEU A 18 8.89 11.52 -4.16
N ASP A 19 8.10 11.85 -5.18
CA ASP A 19 6.64 11.92 -5.08
C ASP A 19 6.09 10.58 -4.65
N LEU A 20 6.51 9.55 -5.35
CA LEU A 20 6.07 8.20 -5.08
C LEU A 20 6.44 7.75 -3.70
N MET A 21 7.69 7.91 -3.31
CA MET A 21 8.12 7.47 -2.00
C MET A 21 7.45 8.24 -0.89
N LYS A 22 7.17 9.52 -1.13
CA LYS A 22 6.51 10.33 -0.13
C LYS A 22 5.09 9.79 0.12
N GLU A 23 4.35 9.64 -0.96
CA GLU A 23 2.99 9.17 -0.84
C GLU A 23 2.93 7.70 -0.44
N THR A 24 3.90 6.93 -0.86
CA THR A 24 3.99 5.54 -0.45
C THR A 24 4.16 5.45 1.07
N LYS A 25 5.02 6.32 1.61
CA LYS A 25 5.25 6.37 3.03
C LYS A 25 3.97 6.76 3.74
N ASN A 26 3.27 7.71 3.17
CA ASN A 26 2.02 8.20 3.72
C ASN A 26 0.94 7.12 3.71
N VAL A 27 0.80 6.44 2.57
CA VAL A 27 -0.17 5.36 2.45
C VAL A 27 0.15 4.21 3.42
N CYS A 28 1.42 3.80 3.48
CA CYS A 28 1.83 2.70 4.35
C CYS A 28 1.55 3.04 5.81
N THR A 29 1.86 4.27 6.20
CA THR A 29 1.65 4.71 7.56
C THR A 29 0.15 4.75 7.88
N THR A 30 -0.65 5.15 6.92
CA THR A 30 -2.07 5.22 7.09
C THR A 30 -2.68 3.82 7.27
N VAL A 31 -2.28 2.90 6.38
CA VAL A 31 -2.76 1.55 6.43
C VAL A 31 -2.32 0.89 7.74
N ASN A 32 -1.05 1.08 8.10
CA ASN A 32 -0.48 0.52 9.31
C ASN A 32 -1.22 1.02 10.53
N THR A 33 -1.50 2.32 10.57
CA THR A 33 -2.24 2.91 11.67
C THR A 33 -3.63 2.26 11.81
N LYS A 34 -4.33 2.08 10.70
CA LYS A 34 -5.60 1.42 10.71
C LYS A 34 -5.46 -0.01 11.19
N LEU A 35 -4.50 -0.73 10.62
CA LEU A 35 -4.23 -2.13 10.99
C LEU A 35 -3.95 -2.26 12.46
N VAL A 36 -3.08 -1.42 12.98
CA VAL A 36 -2.72 -1.42 14.40
C VAL A 36 -3.95 -1.21 15.28
N GLY A 37 -4.75 -0.22 14.93
CA GLY A 37 -5.96 0.05 15.70
C GLY A 37 -6.93 -1.11 15.65
N LYS A 38 -7.11 -1.63 14.45
CA LYS A 38 -8.00 -2.74 14.23
C LYS A 38 -7.52 -3.98 14.95
N ALA A 39 -6.24 -4.28 14.84
CA ALA A 39 -5.63 -5.44 15.51
C ALA A 39 -5.85 -5.37 17.01
N LYS A 40 -5.60 -4.19 17.58
CA LYS A 40 -5.79 -4.00 19.01
C LYS A 40 -7.27 -4.11 19.39
N SER A 41 -8.12 -3.73 18.47
CA SER A 41 -9.56 -3.86 18.66
C SER A 41 -10.01 -5.34 18.58
N LYS A 42 -9.37 -6.13 17.70
CA LYS A 42 -9.69 -7.57 17.57
C LYS A 42 -9.33 -8.26 18.85
N LEU A 43 -8.15 -7.90 19.34
CA LEU A 43 -7.60 -8.44 20.62
C LEU A 43 -8.60 -8.31 21.79
N ASN A 44 -9.45 -7.30 21.72
CA ASN A 44 -10.44 -7.03 22.76
C ASN A 44 -11.58 -8.04 22.73
N LYS A 45 -11.74 -8.73 21.62
CA LYS A 45 -12.79 -9.73 21.51
C LYS A 45 -12.31 -11.09 21.97
N LEU A 46 -11.02 -11.20 22.23
CA LEU A 46 -10.48 -12.40 22.79
C LEU A 46 -10.80 -12.48 24.25
N GLU A 47 -10.77 -13.69 24.77
CA GLU A 47 -11.02 -13.99 26.18
C GLU A 47 -10.20 -13.13 27.12
N GLY A 48 -8.99 -12.86 26.73
CA GLY A 48 -8.15 -11.98 27.49
C GLY A 48 -7.39 -12.72 28.54
N GLU A 49 -8.10 -13.40 29.40
CA GLU A 49 -7.49 -14.18 30.47
C GLU A 49 -6.80 -15.40 29.87
N SER A 50 -7.52 -16.13 29.07
CA SER A 50 -7.00 -17.33 28.43
C SER A 50 -5.99 -16.97 27.32
N HIS A 51 -6.02 -15.74 26.85
CA HIS A 51 -5.18 -15.32 25.74
C HIS A 51 -4.23 -14.24 26.17
N LYS A 52 -3.97 -14.16 27.46
CA LYS A 52 -3.17 -13.09 28.03
C LYS A 52 -1.77 -13.04 27.43
N GLU A 53 -1.18 -14.20 27.25
CA GLU A 53 0.14 -14.31 26.69
C GLU A 53 0.14 -13.87 25.23
N TYR A 54 -0.89 -14.26 24.50
CA TYR A 54 -1.02 -13.96 23.10
C TYR A 54 -1.24 -12.49 22.90
N VAL A 55 -2.17 -11.93 23.65
CA VAL A 55 -2.48 -10.53 23.53
C VAL A 55 -1.28 -9.68 23.94
N ALA A 56 -0.57 -10.12 24.98
CA ALA A 56 0.60 -9.40 25.44
C ALA A 56 1.69 -9.41 24.39
N GLU A 57 2.10 -10.60 23.93
CA GLU A 57 3.19 -10.70 22.98
C GLU A 57 2.83 -10.10 21.66
N LYS A 58 1.57 -10.16 21.31
CA LYS A 58 1.15 -9.57 20.06
C LYS A 58 1.08 -8.07 20.12
N THR A 59 0.63 -7.52 21.24
CA THR A 59 0.62 -6.08 21.39
C THR A 59 2.07 -5.57 21.38
N LYS A 60 2.96 -6.31 22.01
CA LYS A 60 4.37 -5.97 22.04
C LYS A 60 5.01 -6.12 20.68
N GLU A 61 4.56 -7.10 19.93
CA GLU A 61 5.09 -7.36 18.60
C GLU A 61 4.71 -6.21 17.68
N ILE A 62 3.51 -5.69 17.91
CA ILE A 62 3.05 -4.51 17.21
C ILE A 62 3.92 -3.31 17.60
N ASP A 63 4.23 -3.17 18.89
CA ASP A 63 5.12 -2.12 19.37
C ASP A 63 6.45 -2.16 18.62
N GLU A 64 7.00 -3.35 18.55
CA GLU A 64 8.27 -3.60 17.88
C GLU A 64 8.18 -3.28 16.39
N LYS A 65 7.13 -3.73 15.77
CA LYS A 65 6.95 -3.47 14.36
C LYS A 65 6.64 -2.02 14.08
N ASN A 66 5.93 -1.37 14.98
CA ASN A 66 5.65 0.06 14.84
C ASN A 66 6.91 0.86 14.92
N LYS A 67 7.76 0.55 15.88
CA LYS A 67 9.03 1.29 15.99
C LYS A 67 9.94 1.00 14.79
N LYS A 68 9.88 -0.23 14.30
CA LYS A 68 10.63 -0.60 13.12
C LYS A 68 10.09 0.13 11.89
N PHE A 69 8.79 0.14 11.75
CA PHE A 69 8.17 0.85 10.67
C PHE A 69 8.48 2.35 10.77
N ASN A 70 8.53 2.85 11.98
CA ASN A 70 8.84 4.25 12.21
C ASN A 70 10.25 4.61 11.81
N GLU A 71 11.23 3.73 12.05
CA GLU A 71 12.58 4.00 11.56
C GLU A 71 12.58 3.92 10.03
N ASN A 72 11.78 3.00 9.47
CA ASN A 72 11.68 2.83 8.02
C ASN A 72 11.25 4.12 7.30
N LEU A 73 10.46 4.91 7.98
CA LEU A 73 9.96 6.18 7.44
C LEU A 73 11.10 7.14 7.27
N VAL A 74 11.96 7.13 8.25
CA VAL A 74 13.00 8.12 8.36
C VAL A 74 14.06 7.74 7.38
N LYS A 75 14.12 6.48 7.12
CA LYS A 75 15.11 5.96 6.25
C LYS A 75 14.68 6.07 4.78
N ILE A 76 13.36 6.15 4.51
CA ILE A 76 12.91 6.38 3.12
C ILE A 76 12.75 7.86 2.80
N GLU A 77 12.56 8.67 3.83
CA GLU A 77 12.53 10.13 3.67
C GLU A 77 13.94 10.66 3.67
N LYS A 78 14.82 9.80 4.10
CA LYS A 78 16.25 10.05 4.09
C LYS A 78 16.68 10.28 2.66
N ARG A 79 17.16 11.44 2.37
CA ARG A 79 17.61 11.74 1.06
C ARG A 79 18.93 12.39 1.17
N LYS A 80 19.75 12.20 0.18
CA LYS A 80 21.06 12.77 0.19
C LYS A 80 21.06 13.97 -0.68
N LYS A 81 22.05 14.76 -0.57
CA LYS A 81 22.10 15.96 -1.34
C LYS A 81 23.32 16.00 -2.20
N ILE A 82 23.11 16.23 -3.48
CA ILE A 82 24.17 16.26 -4.46
C ILE A 82 24.01 17.50 -5.33
N LYS A 83 25.04 17.81 -6.07
CA LYS A 83 25.07 18.96 -6.93
C LYS A 83 24.61 18.61 -8.36
N VAL A 84 23.46 19.15 -8.74
CA VAL A 84 22.78 18.87 -10.02
C VAL A 84 21.99 20.11 -10.43
N PRO A 85 22.21 20.66 -11.64
CA PRO A 85 23.20 20.16 -12.59
C PRO A 85 24.61 20.39 -12.13
N ALA A 86 25.52 19.72 -12.74
CA ALA A 86 26.91 19.78 -12.36
C ALA A 86 27.53 21.09 -12.79
N ASP A 87 26.94 21.67 -13.84
CA ASP A 87 27.39 22.96 -14.37
C ASP A 87 27.23 24.07 -13.34
N THR A 88 26.11 24.08 -12.65
CA THR A 88 25.85 25.10 -11.67
C THR A 88 26.19 24.63 -10.26
N GLY A 89 25.88 23.38 -9.95
CA GLY A 89 26.21 22.83 -8.66
C GLY A 89 25.10 22.97 -7.66
N ALA A 90 23.86 23.04 -8.13
CA ALA A 90 22.72 23.21 -7.24
C ALA A 90 22.53 21.97 -6.41
N GLU A 91 22.47 22.12 -5.13
CA GLU A 91 22.36 21.01 -4.25
C GLU A 91 20.91 20.59 -4.06
N VAL A 92 20.60 19.43 -4.55
CA VAL A 92 19.26 18.87 -4.49
C VAL A 92 19.29 17.51 -3.81
N ASP A 93 18.12 17.00 -3.53
CA ASP A 93 18.00 15.74 -2.79
C ASP A 93 17.80 14.59 -3.75
N ALA A 94 18.47 13.51 -3.47
CA ALA A 94 18.36 12.26 -4.18
C ALA A 94 17.84 11.27 -3.19
N VAL A 95 16.98 10.39 -3.61
CA VAL A 95 16.27 9.49 -2.71
C VAL A 95 17.18 8.42 -2.06
N ASP A 96 18.34 8.15 -2.70
CA ASP A 96 19.34 7.17 -2.20
C ASP A 96 18.92 5.73 -2.51
N ASP A 97 19.88 4.91 -2.89
CA ASP A 97 19.64 3.53 -3.32
C ASP A 97 19.17 2.63 -2.17
N GLY A 98 19.43 3.07 -0.94
CA GLY A 98 19.09 2.29 0.24
C GLY A 98 17.60 2.13 0.45
N VAL A 99 16.82 2.94 -0.22
CA VAL A 99 15.37 2.90 -0.13
C VAL A 99 14.81 1.56 -0.67
N ALA A 100 15.57 0.89 -1.54
CA ALA A 100 15.16 -0.43 -2.05
C ALA A 100 15.07 -1.42 -0.88
N GLY A 101 16.16 -1.46 -0.11
CA GLY A 101 16.21 -2.32 1.06
C GLY A 101 15.23 -1.86 2.11
N ALA A 102 15.06 -0.55 2.19
CA ALA A 102 14.12 0.05 3.11
C ALA A 102 12.70 -0.42 2.81
N LEU A 103 12.32 -0.43 1.52
CA LEU A 103 11.02 -0.94 1.14
C LEU A 103 10.92 -2.40 1.51
N SER A 104 11.97 -3.16 1.27
CA SER A 104 11.98 -4.57 1.62
C SER A 104 11.74 -4.80 3.13
N ASP A 105 12.28 -3.92 3.97
CA ASP A 105 12.02 -4.03 5.41
C ASP A 105 10.60 -3.69 5.73
N LEU A 106 10.18 -2.50 5.34
CA LEU A 106 8.83 -2.02 5.66
C LEU A 106 7.75 -2.88 5.05
N SER A 107 7.99 -3.42 3.86
CA SER A 107 7.00 -4.29 3.25
C SER A 107 6.78 -5.53 4.12
N SER A 108 7.85 -6.04 4.70
CA SER A 108 7.75 -7.18 5.54
C SER A 108 7.11 -6.78 6.89
N ASP A 109 7.42 -5.58 7.37
CA ASP A 109 6.86 -5.08 8.64
C ASP A 109 5.36 -4.84 8.52
N ILE A 110 4.96 -4.14 7.46
CA ILE A 110 3.55 -3.87 7.18
C ILE A 110 2.81 -5.19 6.95
N SER A 111 3.44 -6.10 6.22
CA SER A 111 2.88 -7.41 5.95
C SER A 111 2.66 -8.15 7.27
N ALA A 112 3.62 -8.06 8.18
CA ALA A 112 3.51 -8.68 9.48
C ALA A 112 2.32 -8.09 10.22
N ILE A 113 2.25 -6.77 10.29
CA ILE A 113 1.16 -6.07 10.95
C ILE A 113 -0.21 -6.48 10.38
N LYS A 114 -0.34 -6.52 9.06
CA LYS A 114 -1.61 -6.90 8.45
C LYS A 114 -1.92 -8.37 8.74
N THR A 115 -0.91 -9.21 8.69
CA THR A 115 -1.08 -10.63 8.95
C THR A 115 -1.49 -10.86 10.41
N LEU A 116 -0.88 -10.11 11.32
CA LEU A 116 -1.26 -10.14 12.74
C LEU A 116 -2.70 -9.74 12.89
N THR A 117 -3.09 -8.69 12.21
CA THR A 117 -4.45 -8.21 12.25
C THR A 117 -5.40 -9.30 11.71
N ASP A 118 -5.04 -9.92 10.58
CA ASP A 118 -5.81 -11.03 10.01
C ASP A 118 -5.90 -12.18 11.01
N ASP A 119 -4.75 -12.62 11.52
CA ASP A 119 -4.67 -13.71 12.51
C ASP A 119 -5.53 -13.47 13.72
N VAL A 120 -5.50 -12.25 14.25
CA VAL A 120 -6.28 -11.99 15.43
C VAL A 120 -7.77 -11.97 15.07
N SER A 121 -8.10 -11.46 13.89
CA SER A 121 -9.49 -11.43 13.42
C SER A 121 -10.05 -12.86 13.31
N GLU A 122 -9.18 -13.80 12.93
CA GLU A 122 -9.54 -15.20 12.84
C GLU A 122 -9.80 -15.73 14.25
N LYS A 123 -8.90 -15.39 15.15
CA LYS A 123 -9.03 -15.79 16.56
C LYS A 123 -10.28 -15.22 17.21
N VAL A 124 -10.72 -14.08 16.73
CA VAL A 124 -11.97 -13.49 17.16
C VAL A 124 -13.15 -14.42 16.83
N SER A 125 -13.08 -15.08 15.68
CA SER A 125 -14.18 -15.92 15.23
C SER A 125 -14.32 -17.18 16.11
N GLU A 126 -13.22 -17.63 16.70
CA GLU A 126 -13.26 -18.81 17.54
C GLU A 126 -13.44 -18.45 19.01
N ASN A 127 -13.32 -17.17 19.34
CA ASN A 127 -13.58 -16.73 20.70
C ASN A 127 -15.02 -16.34 20.85
N LEU A 128 -15.59 -15.84 19.80
CA LEU A 128 -16.95 -15.40 19.87
C LEU A 128 -17.93 -16.48 19.46
N LYS A 129 -19.16 -16.36 19.93
CA LYS A 129 -20.24 -17.26 19.56
C LYS A 129 -20.56 -17.08 18.10
N ASP A 130 -21.32 -18.01 17.55
CA ASP A 130 -21.69 -18.01 16.12
C ASP A 130 -22.35 -16.71 15.73
N ASP A 131 -23.25 -16.29 16.57
CA ASP A 131 -24.05 -15.09 16.37
C ASP A 131 -23.13 -13.88 16.35
N GLU A 132 -22.29 -13.82 17.36
CA GLU A 132 -21.33 -12.77 17.52
C GLU A 132 -20.37 -12.73 16.35
N ALA A 133 -19.88 -13.89 15.96
CA ALA A 133 -18.97 -14.03 14.84
C ALA A 133 -19.59 -13.49 13.55
N SER A 134 -20.88 -13.73 13.37
CA SER A 134 -21.59 -13.25 12.20
C SER A 134 -21.61 -11.71 12.17
N ALA A 135 -21.95 -11.10 13.31
CA ALA A 135 -22.00 -9.65 13.43
C ALA A 135 -20.59 -9.06 13.28
N THR A 136 -19.63 -9.80 13.77
CA THR A 136 -18.25 -9.39 13.71
C THR A 136 -17.72 -9.51 12.28
N GLU A 137 -18.15 -10.55 11.56
CA GLU A 137 -17.80 -10.72 10.15
C GLU A 137 -18.23 -9.50 9.37
N HIS A 138 -19.45 -9.06 9.60
CA HIS A 138 -19.97 -7.84 8.97
C HIS A 138 -19.07 -6.65 9.31
N THR A 139 -18.63 -6.62 10.55
CA THR A 139 -17.77 -5.57 11.01
C THR A 139 -16.41 -5.64 10.27
N ASP A 140 -15.81 -6.84 10.21
CA ASP A 140 -14.53 -7.06 9.53
C ASP A 140 -14.65 -6.74 8.05
N ILE A 141 -15.70 -7.24 7.43
CA ILE A 141 -15.96 -6.99 6.02
C ILE A 141 -16.09 -5.50 5.74
N LYS A 142 -16.84 -4.81 6.58
CA LYS A 142 -17.07 -3.40 6.40
C LYS A 142 -15.78 -2.59 6.59
N GLU A 143 -15.01 -2.93 7.61
CA GLU A 143 -13.79 -2.21 7.89
C GLU A 143 -12.72 -2.49 6.82
N LYS A 144 -12.68 -3.72 6.32
CA LYS A 144 -11.74 -4.07 5.27
C LYS A 144 -12.12 -3.37 4.00
N ALA A 145 -13.41 -3.33 3.72
CA ALA A 145 -13.95 -2.65 2.56
C ALA A 145 -13.59 -1.18 2.60
N THR A 146 -13.66 -0.60 3.78
CA THR A 146 -13.29 0.77 3.98
C THR A 146 -11.79 0.97 3.70
N LEU A 147 -10.95 0.13 4.30
CA LEU A 147 -9.49 0.21 4.14
C LEU A 147 -9.09 -0.01 2.68
N LEU A 148 -9.79 -0.93 2.04
CA LEU A 148 -9.60 -1.25 0.64
C LEU A 148 -9.84 0.00 -0.19
N GLN A 149 -10.97 0.63 0.07
CA GLN A 149 -11.35 1.86 -0.57
C GLN A 149 -10.33 2.98 -0.30
N GLU A 150 -9.89 3.11 0.96
CA GLU A 150 -8.88 4.12 1.31
C GLU A 150 -7.61 3.90 0.51
N SER A 151 -7.16 2.65 0.45
CA SER A 151 -5.99 2.30 -0.26
C SER A 151 -6.14 2.63 -1.75
N CYS A 152 -7.26 2.23 -2.34
CA CYS A 152 -7.55 2.47 -3.75
C CYS A 152 -7.49 3.97 -4.11
N ASN A 153 -8.03 4.82 -3.24
CA ASN A 153 -7.99 6.28 -3.48
C ASN A 153 -6.58 6.81 -3.57
N GLY A 154 -5.70 6.31 -2.69
CA GLY A 154 -4.31 6.73 -2.71
C GLY A 154 -3.59 6.19 -3.92
N ILE A 155 -3.81 4.90 -4.18
CA ILE A 155 -3.21 4.19 -5.31
C ILE A 155 -3.55 4.87 -6.63
N GLY A 156 -4.79 5.33 -6.74
CA GLY A 156 -5.22 6.04 -7.92
C GLY A 156 -4.43 7.32 -8.16
N THR A 157 -4.01 7.97 -7.10
CA THR A 157 -3.31 9.22 -7.22
C THR A 157 -1.83 8.97 -7.54
N ILE A 158 -1.32 7.87 -7.00
CA ILE A 158 0.03 7.43 -7.34
C ILE A 158 0.04 7.03 -8.81
N LEU A 159 -1.03 6.36 -9.21
CA LEU A 159 -1.27 6.02 -10.62
C LEU A 159 -1.27 7.30 -11.48
N ASP A 160 -1.91 8.36 -10.99
CA ASP A 160 -1.90 9.65 -11.68
C ASP A 160 -0.50 10.19 -11.85
N LYS A 161 0.30 10.04 -10.80
CA LYS A 161 1.71 10.45 -10.84
C LYS A 161 2.49 9.66 -11.89
N LEU A 162 2.19 8.38 -11.99
CA LEU A 162 2.77 7.53 -13.01
C LEU A 162 2.33 8.00 -14.39
N ALA A 163 1.03 8.14 -14.55
CA ALA A 163 0.43 8.57 -15.80
C ALA A 163 0.91 9.94 -16.26
N GLU A 164 1.24 10.83 -15.37
CA GLU A 164 1.74 12.12 -15.82
C GLU A 164 3.21 12.04 -16.19
N TYR A 165 3.88 10.98 -15.82
CA TYR A 165 5.24 10.82 -16.23
C TYR A 165 5.26 10.08 -17.55
N LEU A 166 4.42 9.07 -17.64
CA LEU A 166 4.32 8.27 -18.81
C LEU A 166 2.86 8.04 -19.19
N ASN A 167 2.21 9.08 -19.63
CA ASN A 167 0.89 8.88 -20.25
C ASN A 167 1.03 8.36 -21.66
N ASN A 168 0.65 7.13 -21.82
CA ASN A 168 0.66 6.47 -23.08
C ASN A 168 -0.63 5.69 -23.16
N ASP A 169 -0.83 4.92 -24.20
CA ASP A 169 -2.10 4.18 -24.37
C ASP A 169 -2.33 3.24 -23.22
N THR A 170 -1.27 2.63 -22.76
CA THR A 170 -1.33 1.66 -21.70
C THR A 170 -1.85 2.31 -20.41
N THR A 171 -1.20 3.38 -19.97
CA THR A 171 -1.59 4.04 -18.74
C THR A 171 -2.97 4.68 -18.84
N GLN A 172 -3.34 5.13 -20.03
CA GLN A 172 -4.66 5.71 -20.21
C GLN A 172 -5.74 4.64 -20.07
N ASN A 173 -5.49 3.45 -20.62
CA ASN A 173 -6.46 2.35 -20.47
C ASN A 173 -6.60 1.98 -19.03
N ILE A 174 -5.48 1.87 -18.38
CA ILE A 174 -5.39 1.55 -16.97
C ILE A 174 -6.13 2.56 -16.13
N LYS A 175 -5.90 3.83 -16.38
CA LYS A 175 -6.59 4.87 -15.64
C LYS A 175 -8.12 4.80 -15.82
N LYS A 176 -8.56 4.59 -17.06
CA LYS A 176 -10.00 4.46 -17.34
C LYS A 176 -10.58 3.28 -16.59
N GLU A 177 -9.91 2.17 -16.71
CA GLU A 177 -10.33 0.94 -16.07
C GLU A 177 -10.23 1.03 -14.55
N PHE A 178 -9.23 1.74 -14.07
CA PHE A 178 -9.08 1.95 -12.66
C PHE A 178 -10.23 2.75 -12.14
N ASP A 179 -10.57 3.84 -12.84
CA ASP A 179 -11.70 4.66 -12.44
C ASP A 179 -12.99 3.92 -12.53
N GLU A 180 -13.08 2.97 -13.46
CA GLU A 180 -14.23 2.07 -13.53
C GLU A 180 -14.32 1.27 -12.24
N ARG A 181 -13.23 0.59 -11.92
CA ARG A 181 -13.15 -0.22 -10.69
C ARG A 181 -13.39 0.64 -9.45
N LYS A 182 -12.93 1.87 -9.52
CA LYS A 182 -13.05 2.88 -8.46
C LYS A 182 -14.52 3.30 -8.25
N LYS A 183 -15.23 3.54 -9.33
CA LYS A 183 -16.65 3.86 -9.25
C LYS A 183 -17.41 2.65 -8.74
N ASN A 184 -17.06 1.49 -9.28
CA ASN A 184 -17.68 0.22 -8.87
C ASN A 184 -17.39 -0.04 -7.40
N LEU A 185 -16.18 0.27 -6.99
CA LEU A 185 -15.73 0.23 -5.60
C LEU A 185 -16.66 1.05 -4.71
N THR A 186 -16.89 2.28 -5.12
CA THR A 186 -17.74 3.20 -4.39
C THR A 186 -19.20 2.65 -4.31
N SER A 187 -19.67 2.10 -5.42
CA SER A 187 -21.00 1.54 -5.48
C SER A 187 -21.11 0.28 -4.58
N LEU A 188 -20.11 -0.59 -4.66
CA LEU A 188 -20.10 -1.81 -3.88
C LEU A 188 -19.90 -1.52 -2.42
N LYS A 189 -19.15 -0.46 -2.11
CA LYS A 189 -18.96 0.01 -0.74
C LYS A 189 -20.31 0.30 -0.12
N THR A 190 -21.13 0.99 -0.87
CA THR A 190 -22.45 1.39 -0.44
C THR A 190 -23.35 0.16 -0.17
N LYS A 191 -23.08 -0.91 -0.91
CA LYS A 191 -23.82 -2.15 -0.75
C LYS A 191 -23.30 -2.94 0.45
N VAL A 192 -21.97 -2.96 0.62
CA VAL A 192 -21.34 -3.66 1.75
C VAL A 192 -21.70 -2.99 3.07
N GLU A 193 -21.95 -1.69 3.02
CA GLU A 193 -22.38 -0.98 4.21
C GLU A 193 -23.83 -1.29 4.57
N ASN A 194 -24.49 -2.08 3.75
CA ASN A 194 -25.84 -2.52 4.03
C ASN A 194 -25.81 -3.97 4.44
N LYS A 195 -26.06 -4.21 5.71
CA LYS A 195 -26.08 -5.56 6.30
C LYS A 195 -27.26 -6.37 5.73
N ASP A 196 -28.19 -5.63 5.18
CA ASP A 196 -29.41 -6.16 4.60
C ASP A 196 -29.14 -6.72 3.20
N GLU A 197 -28.03 -6.33 2.65
CA GLU A 197 -27.58 -6.81 1.37
C GLU A 197 -26.57 -7.89 1.64
N ASP A 198 -26.13 -8.61 0.64
CA ASP A 198 -25.14 -9.62 0.89
C ASP A 198 -23.78 -9.00 0.83
N TYR A 199 -23.44 -8.34 1.91
CA TYR A 199 -22.21 -7.61 2.06
C TYR A 199 -20.98 -8.48 1.83
N VAL A 200 -21.09 -9.77 2.12
CA VAL A 200 -19.99 -10.69 1.93
C VAL A 200 -19.68 -10.82 0.42
N THR A 201 -20.70 -11.05 -0.38
CA THR A 201 -20.54 -11.15 -1.83
C THR A 201 -20.12 -9.81 -2.43
N HIS A 202 -20.71 -8.73 -1.93
CA HIS A 202 -20.38 -7.41 -2.43
C HIS A 202 -18.92 -7.06 -2.13
N PHE A 203 -18.43 -7.50 -0.97
CA PHE A 203 -17.04 -7.32 -0.61
C PHE A 203 -16.17 -8.15 -1.53
N ARG A 204 -16.59 -9.38 -1.77
CA ARG A 204 -15.90 -10.30 -2.69
C ARG A 204 -15.74 -9.63 -4.05
N ASP A 205 -16.84 -9.15 -4.62
CA ASP A 205 -16.81 -8.47 -5.91
C ASP A 205 -16.00 -7.20 -5.87
N MET A 206 -16.10 -6.47 -4.77
CA MET A 206 -15.31 -5.25 -4.58
C MET A 206 -13.82 -5.58 -4.60
N ALA A 207 -13.46 -6.65 -3.90
CA ALA A 207 -12.10 -7.12 -3.82
C ALA A 207 -11.62 -7.58 -5.19
N THR A 208 -12.52 -8.16 -5.97
CA THR A 208 -12.23 -8.59 -7.32
C THR A 208 -11.87 -7.35 -8.17
N GLU A 209 -12.68 -6.31 -8.06
CA GLU A 209 -12.42 -5.05 -8.73
C GLU A 209 -11.10 -4.46 -8.26
N ALA A 210 -10.85 -4.57 -6.98
CA ALA A 210 -9.61 -4.10 -6.41
C ALA A 210 -8.43 -4.83 -7.05
N GLN A 211 -8.49 -6.16 -7.13
CA GLN A 211 -7.43 -6.95 -7.76
C GLN A 211 -7.24 -6.55 -9.23
N ASN A 212 -8.36 -6.28 -9.91
CA ASN A 212 -8.35 -5.81 -11.30
C ASN A 212 -7.59 -4.50 -11.39
N ALA A 213 -7.97 -3.57 -10.53
CA ALA A 213 -7.36 -2.25 -10.45
C ALA A 213 -5.87 -2.35 -10.13
N VAL A 214 -5.56 -3.13 -9.10
CA VAL A 214 -4.18 -3.41 -8.68
C VAL A 214 -3.36 -3.95 -9.84
N GLY A 215 -3.93 -4.90 -10.57
CA GLY A 215 -3.26 -5.49 -11.69
C GLY A 215 -2.97 -4.46 -12.76
N GLU A 216 -3.91 -3.58 -13.00
CA GLU A 216 -3.74 -2.52 -13.96
C GLU A 216 -2.64 -1.55 -13.50
N VAL A 217 -2.75 -1.07 -12.26
CA VAL A 217 -1.76 -0.15 -11.68
C VAL A 217 -0.39 -0.77 -11.65
N LYS A 218 -0.30 -2.04 -11.26
CA LYS A 218 0.98 -2.72 -11.21
C LYS A 218 1.60 -2.82 -12.59
N LYS A 219 0.78 -3.09 -13.61
CA LYS A 219 1.30 -3.09 -14.98
C LYS A 219 1.77 -1.69 -15.37
N ALA A 220 1.07 -0.66 -14.89
CA ALA A 220 1.46 0.73 -15.13
C ALA A 220 2.80 1.03 -14.47
N ILE A 221 2.96 0.54 -13.24
CA ILE A 221 4.22 0.68 -12.52
C ILE A 221 5.34 0.04 -13.33
N ASP A 222 5.14 -1.22 -13.70
CA ASP A 222 6.13 -1.97 -14.51
C ASP A 222 6.45 -1.25 -15.81
N ALA A 223 5.42 -0.68 -16.43
CA ALA A 223 5.58 0.06 -17.67
C ALA A 223 6.49 1.26 -17.47
N VAL A 224 6.26 2.02 -16.42
CA VAL A 224 7.09 3.19 -16.10
C VAL A 224 8.51 2.74 -15.75
N VAL A 225 8.63 1.61 -15.06
CA VAL A 225 9.92 1.01 -14.72
C VAL A 225 10.70 0.70 -16.00
N ALA A 226 10.07 -0.07 -16.88
CA ALA A 226 10.69 -0.48 -18.13
C ALA A 226 11.00 0.73 -19.00
N HIS A 227 10.08 1.69 -19.04
CA HIS A 227 10.27 2.92 -19.79
C HIS A 227 11.50 3.70 -19.30
N ARG A 228 11.66 3.80 -17.99
CA ARG A 228 12.76 4.53 -17.44
C ARG A 228 14.07 3.79 -17.67
N LYS A 229 14.06 2.48 -17.51
CA LYS A 229 15.26 1.66 -17.75
C LYS A 229 15.65 1.72 -19.23
N ALA A 230 14.66 1.84 -20.10
CA ALA A 230 14.89 1.98 -21.53
C ALA A 230 15.47 3.36 -21.84
N GLU A 231 15.34 4.30 -20.92
CA GLU A 231 15.90 5.62 -21.08
C GLU A 231 17.28 5.66 -20.43
N ASN A 232 17.65 4.54 -19.78
CA ASN A 232 18.92 4.35 -19.06
C ASN A 232 18.92 5.07 -17.73
N LEU A 233 17.76 5.30 -17.18
CA LEU A 233 17.60 5.96 -15.89
C LEU A 233 17.76 5.01 -14.72
N ASP A 234 18.10 5.60 -13.58
CA ASP A 234 18.31 4.91 -12.32
C ASP A 234 16.99 4.38 -11.81
N VAL A 235 16.74 3.13 -12.07
CA VAL A 235 15.54 2.47 -11.62
C VAL A 235 15.89 1.12 -11.06
N ASP A 236 15.44 0.87 -9.86
CA ASP A 236 15.67 -0.41 -9.21
C ASP A 236 14.40 -1.20 -9.30
N ASP A 237 14.45 -2.34 -9.95
CA ASP A 237 13.26 -3.17 -10.15
C ASP A 237 12.71 -3.68 -8.84
N THR A 238 13.61 -4.05 -7.94
CA THR A 238 13.25 -4.65 -6.67
C THR A 238 12.46 -3.66 -5.81
N LEU A 239 12.86 -2.41 -5.87
CA LEU A 239 12.17 -1.31 -5.20
C LEU A 239 10.68 -1.29 -5.59
N PHE A 240 10.44 -1.20 -6.89
CA PHE A 240 9.09 -1.12 -7.39
C PHE A 240 8.34 -2.41 -7.17
N SER A 241 9.03 -3.53 -7.28
CA SER A 241 8.46 -4.79 -7.03
C SER A 241 8.08 -4.98 -5.55
N ASN A 242 8.91 -4.49 -4.60
CA ASN A 242 8.55 -4.59 -3.18
C ASN A 242 7.34 -3.76 -2.90
N LEU A 243 7.30 -2.57 -3.48
CA LEU A 243 6.16 -1.71 -3.39
C LEU A 243 4.90 -2.38 -3.95
N SER A 244 5.00 -2.88 -5.17
CA SER A 244 3.87 -3.51 -5.85
C SER A 244 3.36 -4.72 -5.06
N THR A 245 4.28 -5.55 -4.62
CA THR A 245 3.93 -6.77 -3.90
C THR A 245 3.36 -6.46 -2.51
N LEU A 246 3.82 -5.38 -1.89
CA LEU A 246 3.25 -5.01 -0.62
C LEU A 246 1.84 -4.52 -0.82
N LEU A 247 1.63 -3.79 -1.90
CA LEU A 247 0.31 -3.29 -2.20
C LEU A 247 -0.62 -4.47 -2.45
N ASP A 248 -0.13 -5.47 -3.17
CA ASP A 248 -0.85 -6.74 -3.34
C ASP A 248 -1.17 -7.35 -1.98
N THR A 249 -0.23 -7.24 -1.04
CA THR A 249 -0.41 -7.81 0.27
C THR A 249 -1.46 -7.02 1.09
N ILE A 250 -1.57 -5.73 0.81
CA ILE A 250 -2.52 -4.86 1.50
C ILE A 250 -3.93 -5.11 0.98
N ILE A 251 -4.04 -5.25 -0.31
CA ILE A 251 -5.33 -5.42 -0.93
C ILE A 251 -5.84 -6.86 -0.73
N GLU A 252 -4.92 -7.79 -0.57
CA GLU A 252 -5.33 -9.14 -0.35
C GLU A 252 -5.58 -9.48 1.12
N THR A 253 -6.80 -9.75 1.39
CA THR A 253 -7.24 -10.27 2.63
C THR A 253 -8.37 -11.24 2.30
N SER A 254 -8.05 -12.50 2.32
CA SER A 254 -8.94 -13.53 1.92
C SER A 254 -8.59 -14.78 2.74
N GLY A 1 20.55 24.09 -30.04
CA GLY A 1 19.71 24.79 -29.09
C GLY A 1 19.74 24.11 -27.76
N HIS A 2 19.54 24.85 -26.70
CA HIS A 2 19.51 24.27 -25.38
C HIS A 2 18.09 23.98 -24.96
N MET A 3 17.65 22.80 -25.27
CA MET A 3 16.35 22.33 -24.84
C MET A 3 16.57 21.34 -23.74
N GLN A 4 15.72 21.34 -22.73
CA GLN A 4 15.93 20.50 -21.54
C GLN A 4 14.90 19.32 -21.34
N PRO A 5 14.53 18.51 -22.38
CA PRO A 5 13.55 17.43 -22.18
C PRO A 5 14.13 16.27 -21.35
N ASN A 6 15.44 16.09 -21.42
CA ASN A 6 16.13 15.05 -20.68
C ASN A 6 16.20 15.47 -19.22
N ASN A 7 16.56 16.72 -19.00
CA ASN A 7 16.68 17.28 -17.64
C ASN A 7 15.30 17.31 -16.98
N GLU A 8 14.28 17.59 -17.81
CA GLU A 8 12.91 17.59 -17.42
C GLU A 8 12.53 16.21 -16.91
N SER A 9 12.82 15.21 -17.72
CA SER A 9 12.53 13.84 -17.38
C SER A 9 13.28 13.44 -16.10
N LYS A 10 14.54 13.86 -15.96
CA LYS A 10 15.33 13.60 -14.76
C LYS A 10 14.65 14.17 -13.50
N LYS A 11 14.26 15.45 -13.55
CA LYS A 11 13.66 16.08 -12.38
C LYS A 11 12.29 15.53 -12.10
N LYS A 12 11.55 15.27 -13.17
CA LYS A 12 10.24 14.63 -13.04
C LYS A 12 10.36 13.26 -12.45
N ALA A 13 11.39 12.52 -12.86
CA ALA A 13 11.64 11.18 -12.37
C ALA A 13 11.83 11.19 -10.87
N VAL A 14 12.74 12.04 -10.41
CA VAL A 14 13.02 12.16 -8.99
C VAL A 14 11.75 12.57 -8.23
N LYS A 15 11.04 13.57 -8.75
CA LYS A 15 9.83 14.07 -8.17
C LYS A 15 8.77 12.98 -8.11
N LEU A 16 8.66 12.24 -9.19
CA LEU A 16 7.69 11.18 -9.33
C LEU A 16 7.92 10.14 -8.26
N ASP A 17 9.17 9.70 -8.15
CA ASP A 17 9.52 8.67 -7.19
C ASP A 17 9.26 9.15 -5.77
N LEU A 18 9.60 10.40 -5.49
CA LEU A 18 9.32 11.01 -4.21
C LEU A 18 7.82 11.02 -3.94
N ASP A 19 7.03 11.52 -4.88
CA ASP A 19 5.56 11.61 -4.72
C ASP A 19 4.95 10.24 -4.55
N LEU A 20 5.41 9.29 -5.34
CA LEU A 20 4.95 7.91 -5.27
C LEU A 20 5.24 7.30 -3.92
N MET A 21 6.48 7.37 -3.48
CA MET A 21 6.85 6.76 -2.22
C MET A 21 6.30 7.53 -1.05
N LYS A 22 6.01 8.81 -1.26
CA LYS A 22 5.38 9.61 -0.26
C LYS A 22 3.98 9.09 -0.03
N GLU A 23 3.15 9.08 -1.06
CA GLU A 23 1.76 8.66 -0.90
C GLU A 23 1.69 7.23 -0.41
N THR A 24 2.57 6.40 -0.94
CA THR A 24 2.62 5.02 -0.55
C THR A 24 2.94 4.85 0.95
N LYS A 25 3.99 5.51 1.48
CA LYS A 25 4.34 5.31 2.90
C LYS A 25 3.28 5.95 3.79
N ASN A 26 2.66 7.00 3.27
CA ASN A 26 1.61 7.73 3.96
C ASN A 26 0.43 6.82 4.18
N VAL A 27 0.05 6.11 3.13
CA VAL A 27 -1.02 5.12 3.22
C VAL A 27 -0.59 3.98 4.16
N CYS A 28 0.65 3.51 4.03
CA CYS A 28 1.17 2.43 4.86
C CYS A 28 1.12 2.78 6.34
N THR A 29 1.55 3.98 6.68
CA THR A 29 1.55 4.44 8.06
C THR A 29 0.11 4.48 8.60
N THR A 30 -0.80 4.87 7.74
CA THR A 30 -2.20 4.96 8.09
C THR A 30 -2.79 3.56 8.32
N VAL A 31 -2.55 2.67 7.36
CA VAL A 31 -3.04 1.30 7.44
C VAL A 31 -2.46 0.60 8.65
N ASN A 32 -1.16 0.83 8.88
CA ASN A 32 -0.47 0.26 10.02
C ASN A 32 -1.13 0.66 11.32
N THR A 33 -1.35 1.96 11.48
CA THR A 33 -1.95 2.51 12.67
C THR A 33 -3.35 1.90 12.90
N LYS A 34 -4.11 1.78 11.81
CA LYS A 34 -5.43 1.18 11.89
C LYS A 34 -5.32 -0.28 12.27
N LEU A 35 -4.44 -1.02 11.60
CA LEU A 35 -4.24 -2.44 11.88
C LEU A 35 -3.81 -2.69 13.30
N VAL A 36 -2.93 -1.85 13.82
CA VAL A 36 -2.49 -1.94 15.21
C VAL A 36 -3.67 -1.77 16.16
N GLY A 37 -4.46 -0.72 15.93
CA GLY A 37 -5.62 -0.49 16.76
C GLY A 37 -6.63 -1.60 16.59
N LYS A 38 -6.78 -2.04 15.38
CA LYS A 38 -7.68 -3.11 15.00
C LYS A 38 -7.28 -4.40 15.71
N ALA A 39 -6.01 -4.76 15.62
CA ALA A 39 -5.47 -5.96 16.24
C ALA A 39 -5.70 -5.93 17.73
N LYS A 40 -5.39 -4.81 18.37
CA LYS A 40 -5.59 -4.68 19.80
C LYS A 40 -7.07 -4.77 20.18
N SER A 41 -7.92 -4.21 19.34
CA SER A 41 -9.36 -4.29 19.56
C SER A 41 -9.85 -5.74 19.40
N LYS A 42 -9.28 -6.44 18.41
CA LYS A 42 -9.57 -7.85 18.22
C LYS A 42 -9.08 -8.66 19.45
N LEU A 43 -7.88 -8.32 19.96
CA LEU A 43 -7.30 -8.96 21.17
C LEU A 43 -8.23 -8.81 22.37
N ASN A 44 -8.96 -7.71 22.39
CA ASN A 44 -9.88 -7.42 23.47
C ASN A 44 -11.17 -8.21 23.35
N LYS A 45 -11.40 -8.79 22.20
CA LYS A 45 -12.59 -9.59 21.95
C LYS A 45 -12.38 -11.03 22.34
N LEU A 46 -11.14 -11.35 22.65
CA LEU A 46 -10.81 -12.66 23.17
C LEU A 46 -11.27 -12.73 24.62
N GLU A 47 -11.30 -13.93 25.15
CA GLU A 47 -11.72 -14.14 26.55
C GLU A 47 -10.85 -13.38 27.53
N GLY A 48 -9.61 -13.24 27.21
CA GLY A 48 -8.72 -12.46 28.02
C GLY A 48 -7.73 -13.33 28.70
N GLU A 49 -8.09 -13.79 29.89
CA GLU A 49 -7.28 -14.64 30.73
C GLU A 49 -6.83 -15.88 29.95
N SER A 50 -7.74 -16.43 29.19
CA SER A 50 -7.52 -17.61 28.39
C SER A 50 -6.47 -17.38 27.27
N HIS A 51 -6.23 -16.12 26.93
CA HIS A 51 -5.34 -15.77 25.84
C HIS A 51 -4.33 -14.73 26.28
N LYS A 52 -4.10 -14.61 27.57
CA LYS A 52 -3.26 -13.53 28.10
C LYS A 52 -1.83 -13.59 27.58
N GLU A 53 -1.31 -14.78 27.50
CA GLU A 53 0.03 -14.97 26.98
C GLU A 53 0.09 -14.66 25.48
N TYR A 54 -0.95 -15.04 24.77
CA TYR A 54 -1.06 -14.79 23.34
C TYR A 54 -1.15 -13.29 23.07
N VAL A 55 -2.01 -12.62 23.83
CA VAL A 55 -2.20 -11.18 23.70
C VAL A 55 -0.89 -10.44 24.00
N ALA A 56 -0.18 -10.90 25.00
CA ALA A 56 1.11 -10.34 25.37
C ALA A 56 2.10 -10.46 24.21
N GLU A 57 2.27 -11.70 23.70
CA GLU A 57 3.17 -11.96 22.59
C GLU A 57 2.84 -11.11 21.39
N LYS A 58 1.57 -11.07 21.03
CA LYS A 58 1.12 -10.26 19.92
C LYS A 58 1.41 -8.78 20.10
N THR A 59 1.18 -8.27 21.30
CA THR A 59 1.44 -6.88 21.60
C THR A 59 2.94 -6.54 21.42
N LYS A 60 3.80 -7.47 21.86
CA LYS A 60 5.26 -7.31 21.71
C LYS A 60 5.62 -7.30 20.24
N GLU A 61 4.99 -8.20 19.49
CA GLU A 61 5.26 -8.31 18.05
C GLU A 61 4.91 -7.01 17.35
N ILE A 62 3.82 -6.42 17.77
CA ILE A 62 3.37 -5.15 17.24
C ILE A 62 4.38 -4.06 17.58
N ASP A 63 4.82 -4.01 18.82
CA ASP A 63 5.78 -3.00 19.25
C ASP A 63 7.08 -3.07 18.54
N GLU A 64 7.61 -4.27 18.36
CA GLU A 64 8.85 -4.42 17.64
C GLU A 64 8.68 -4.04 16.17
N LYS A 65 7.57 -4.48 15.55
CA LYS A 65 7.31 -4.12 14.17
C LYS A 65 7.13 -2.63 14.03
N ASN A 66 6.41 -2.03 14.98
CA ASN A 66 6.20 -0.59 14.98
C ASN A 66 7.45 0.18 15.10
N LYS A 67 8.26 -0.12 16.09
CA LYS A 67 9.51 0.63 16.27
C LYS A 67 10.40 0.51 15.05
N LYS A 68 10.44 -0.68 14.48
CA LYS A 68 11.20 -0.93 13.30
C LYS A 68 10.61 -0.17 12.11
N PHE A 69 9.32 -0.29 11.91
CA PHE A 69 8.60 0.42 10.86
C PHE A 69 8.75 1.93 11.02
N ASN A 70 8.73 2.39 12.25
CA ASN A 70 8.84 3.81 12.54
C ASN A 70 10.20 4.34 12.15
N GLU A 71 11.27 3.65 12.50
CA GLU A 71 12.58 4.12 12.10
C GLU A 71 12.82 3.90 10.61
N ASN A 72 12.15 2.89 10.05
CA ASN A 72 12.17 2.66 8.60
C ASN A 72 11.56 3.83 7.86
N LEU A 73 10.40 4.30 8.34
CA LEU A 73 9.75 5.41 7.70
C LEU A 73 10.56 6.69 7.85
N VAL A 74 11.18 6.89 9.02
CA VAL A 74 12.03 8.06 9.27
C VAL A 74 13.25 8.05 8.33
N LYS A 75 13.71 6.87 8.00
CA LYS A 75 14.82 6.74 7.08
C LYS A 75 14.37 7.09 5.66
N ILE A 76 13.26 6.52 5.22
CA ILE A 76 12.82 6.72 3.83
C ILE A 76 12.29 8.13 3.60
N GLU A 77 11.89 8.81 4.66
CA GLU A 77 11.42 10.18 4.53
C GLU A 77 12.59 11.14 4.47
N LYS A 78 13.74 10.69 4.92
CA LYS A 78 14.92 11.53 4.88
C LYS A 78 15.58 11.38 3.54
N ARG A 79 15.82 12.46 2.91
CA ARG A 79 16.34 12.42 1.57
C ARG A 79 17.76 12.84 1.52
N LYS A 80 18.46 12.36 0.54
CA LYS A 80 19.84 12.65 0.36
C LYS A 80 19.98 13.55 -0.84
N LYS A 81 20.68 14.64 -0.69
CA LYS A 81 20.98 15.47 -1.82
C LYS A 81 22.19 14.95 -2.51
N ILE A 82 22.01 14.54 -3.72
CA ILE A 82 23.07 13.96 -4.53
C ILE A 82 22.98 14.54 -5.92
N LYS A 83 23.95 14.26 -6.73
CA LYS A 83 23.99 14.80 -8.07
C LYS A 83 23.30 13.87 -9.07
N VAL A 84 22.27 14.40 -9.72
CA VAL A 84 21.42 13.65 -10.64
C VAL A 84 20.90 14.60 -11.75
N PRO A 85 21.28 14.34 -13.01
CA PRO A 85 22.17 13.27 -13.38
C PRO A 85 23.60 13.62 -13.07
N ALA A 86 24.44 12.63 -13.08
CA ALA A 86 25.85 12.81 -12.78
C ALA A 86 26.51 13.69 -13.84
N ASP A 87 25.93 13.70 -15.04
CA ASP A 87 26.42 14.46 -16.18
C ASP A 87 26.41 15.95 -15.89
N THR A 88 25.28 16.47 -15.46
CA THR A 88 25.19 17.88 -15.13
C THR A 88 25.62 18.10 -13.68
N GLY A 89 25.23 17.18 -12.82
CA GLY A 89 25.61 17.25 -11.46
C GLY A 89 24.63 18.03 -10.63
N ALA A 90 23.39 18.07 -11.08
CA ALA A 90 22.37 18.82 -10.38
C ALA A 90 22.05 18.12 -9.10
N GLU A 91 22.14 18.83 -8.01
CA GLU A 91 21.92 18.23 -6.73
C GLU A 91 20.46 18.28 -6.36
N VAL A 92 19.87 17.13 -6.21
CA VAL A 92 18.48 17.01 -5.87
C VAL A 92 18.33 16.08 -4.67
N ASP A 93 17.16 16.09 -4.08
CA ASP A 93 16.86 15.24 -2.95
C ASP A 93 16.24 13.96 -3.41
N ALA A 94 16.90 12.88 -3.17
CA ALA A 94 16.40 11.58 -3.50
C ALA A 94 16.21 10.81 -2.25
N VAL A 95 15.36 9.83 -2.30
CA VAL A 95 14.99 9.01 -1.14
C VAL A 95 16.14 8.36 -0.36
N ASP A 96 17.28 8.06 -1.07
CA ASP A 96 18.46 7.25 -0.54
C ASP A 96 18.45 5.84 -1.08
N ASP A 97 19.62 5.36 -1.48
CA ASP A 97 19.77 4.02 -2.09
C ASP A 97 19.43 2.88 -1.14
N GLY A 98 19.49 3.18 0.14
CA GLY A 98 19.19 2.20 1.17
C GLY A 98 17.71 2.02 1.34
N VAL A 99 16.94 2.97 0.82
CA VAL A 99 15.50 2.98 0.92
C VAL A 99 14.87 1.73 0.30
N ALA A 100 15.49 1.17 -0.72
CA ALA A 100 14.98 -0.07 -1.32
C ALA A 100 14.95 -1.18 -0.24
N GLY A 101 16.07 -1.35 0.45
CA GLY A 101 16.16 -2.32 1.50
C GLY A 101 15.21 -1.99 2.64
N ALA A 102 15.12 -0.71 2.95
CA ALA A 102 14.22 -0.23 3.98
C ALA A 102 12.76 -0.52 3.63
N LEU A 103 12.42 -0.37 2.34
CA LEU A 103 11.09 -0.69 1.84
C LEU A 103 10.82 -2.14 2.08
N SER A 104 11.78 -2.99 1.77
CA SER A 104 11.65 -4.41 1.99
C SER A 104 11.42 -4.70 3.49
N ASP A 105 12.14 -3.97 4.37
CA ASP A 105 11.98 -4.14 5.82
C ASP A 105 10.58 -3.75 6.26
N LEU A 106 10.14 -2.57 5.85
CA LEU A 106 8.84 -2.07 6.26
C LEU A 106 7.70 -2.84 5.62
N SER A 107 7.91 -3.35 4.40
CA SER A 107 6.93 -4.23 3.78
C SER A 107 6.75 -5.47 4.64
N SER A 108 7.86 -5.96 5.17
CA SER A 108 7.86 -7.11 6.04
C SER A 108 7.13 -6.76 7.35
N ASP A 109 7.38 -5.53 7.85
CA ASP A 109 6.74 -5.05 9.09
C ASP A 109 5.24 -4.94 8.93
N ILE A 110 4.78 -4.25 7.89
CA ILE A 110 3.35 -4.09 7.62
C ILE A 110 2.71 -5.47 7.39
N SER A 111 3.44 -6.34 6.69
CA SER A 111 2.98 -7.68 6.39
C SER A 111 2.77 -8.44 7.69
N ALA A 112 3.69 -8.27 8.62
CA ALA A 112 3.59 -8.90 9.91
C ALA A 112 2.42 -8.32 10.66
N ILE A 113 2.34 -7.00 10.73
CA ILE A 113 1.25 -6.29 11.41
C ILE A 113 -0.12 -6.78 10.92
N LYS A 114 -0.28 -6.91 9.60
CA LYS A 114 -1.54 -7.39 9.06
C LYS A 114 -1.78 -8.83 9.48
N THR A 115 -0.76 -9.66 9.31
CA THR A 115 -0.83 -11.07 9.66
C THR A 115 -1.17 -11.27 11.14
N LEU A 116 -0.58 -10.45 11.99
CA LEU A 116 -0.90 -10.42 13.41
C LEU A 116 -2.37 -10.16 13.58
N THR A 117 -2.85 -9.10 12.95
CA THR A 117 -4.23 -8.73 12.99
C THR A 117 -5.12 -9.89 12.44
N ASP A 118 -4.66 -10.53 11.36
CA ASP A 118 -5.36 -11.67 10.73
C ASP A 118 -5.50 -12.82 11.71
N ASP A 119 -4.38 -13.20 12.33
CA ASP A 119 -4.36 -14.29 13.31
C ASP A 119 -5.24 -13.99 14.48
N VAL A 120 -5.26 -12.75 14.91
CA VAL A 120 -6.09 -12.40 16.02
C VAL A 120 -7.57 -12.40 15.59
N SER A 121 -7.82 -11.96 14.36
CA SER A 121 -9.18 -11.93 13.82
C SER A 121 -9.80 -13.33 13.80
N GLU A 122 -9.02 -14.34 13.42
CA GLU A 122 -9.56 -15.69 13.46
C GLU A 122 -9.80 -16.16 14.91
N LYS A 123 -8.89 -15.78 15.81
CA LYS A 123 -9.06 -16.03 17.25
C LYS A 123 -10.33 -15.34 17.78
N VAL A 124 -10.68 -14.23 17.20
CA VAL A 124 -11.89 -13.54 17.56
C VAL A 124 -13.12 -14.36 17.14
N SER A 125 -13.01 -15.06 16.03
CA SER A 125 -14.13 -15.81 15.48
C SER A 125 -14.49 -16.98 16.42
N GLU A 126 -13.48 -17.58 17.00
CA GLU A 126 -13.67 -18.71 17.90
C GLU A 126 -14.03 -18.25 19.33
N ASN A 127 -13.85 -16.99 19.63
CA ASN A 127 -14.23 -16.44 20.94
C ASN A 127 -15.61 -15.85 20.92
N LEU A 128 -16.02 -15.31 19.79
CA LEU A 128 -17.31 -14.66 19.67
C LEU A 128 -18.45 -15.64 19.53
N LYS A 129 -19.65 -15.14 19.77
CA LYS A 129 -20.86 -15.90 19.52
C LYS A 129 -21.10 -15.97 18.03
N ASP A 130 -22.11 -16.71 17.62
CA ASP A 130 -22.39 -16.86 16.18
C ASP A 130 -22.82 -15.55 15.56
N ASP A 131 -23.73 -14.89 16.22
CA ASP A 131 -24.23 -13.61 15.72
C ASP A 131 -23.17 -12.55 15.82
N GLU A 132 -22.42 -12.59 16.90
CA GLU A 132 -21.31 -11.68 17.11
C GLU A 132 -20.27 -11.83 16.03
N ALA A 133 -20.02 -13.06 15.63
CA ALA A 133 -19.09 -13.35 14.57
C ALA A 133 -19.54 -12.69 13.26
N SER A 134 -20.80 -12.92 12.90
CA SER A 134 -21.38 -12.36 11.71
C SER A 134 -21.41 -10.82 11.74
N ALA A 135 -21.74 -10.27 12.91
CA ALA A 135 -21.75 -8.83 13.09
C ALA A 135 -20.35 -8.26 12.95
N THR A 136 -19.37 -8.94 13.53
CA THR A 136 -17.99 -8.50 13.48
C THR A 136 -17.43 -8.68 12.09
N GLU A 137 -17.87 -9.72 11.40
CA GLU A 137 -17.53 -9.97 10.02
C GLU A 137 -17.92 -8.75 9.23
N HIS A 138 -19.15 -8.30 9.46
CA HIS A 138 -19.68 -7.13 8.82
C HIS A 138 -18.84 -5.90 9.12
N THR A 139 -18.52 -5.70 10.40
CA THR A 139 -17.74 -4.56 10.82
C THR A 139 -16.37 -4.56 10.12
N ASP A 140 -15.71 -5.71 10.12
CA ASP A 140 -14.42 -5.85 9.51
C ASP A 140 -14.50 -5.67 8.00
N ILE A 141 -15.50 -6.29 7.38
CA ILE A 141 -15.76 -6.13 5.93
C ILE A 141 -16.00 -4.66 5.59
N LYS A 142 -16.81 -4.01 6.39
CA LYS A 142 -17.19 -2.62 6.19
C LYS A 142 -15.96 -1.70 6.21
N GLU A 143 -15.11 -1.86 7.20
CA GLU A 143 -13.95 -1.02 7.27
C GLU A 143 -12.86 -1.43 6.27
N LYS A 144 -12.79 -2.72 5.94
CA LYS A 144 -11.85 -3.17 4.91
C LYS A 144 -12.31 -2.64 3.56
N ALA A 145 -13.61 -2.54 3.39
CA ALA A 145 -14.22 -1.99 2.20
C ALA A 145 -13.81 -0.54 2.04
N THR A 146 -13.96 0.20 3.10
CA THR A 146 -13.55 1.59 3.13
C THR A 146 -12.01 1.72 2.99
N LEU A 147 -11.28 0.79 3.59
CA LEU A 147 -9.81 0.77 3.52
C LEU A 147 -9.39 0.56 2.05
N LEU A 148 -10.10 -0.33 1.37
CA LEU A 148 -9.85 -0.62 -0.02
C LEU A 148 -10.15 0.62 -0.88
N GLN A 149 -11.24 1.31 -0.56
CA GLN A 149 -11.60 2.57 -1.23
C GLN A 149 -10.49 3.60 -1.03
N GLU A 150 -10.07 3.78 0.22
CA GLU A 150 -9.03 4.75 0.56
C GLU A 150 -7.70 4.43 -0.12
N SER A 151 -7.34 3.16 -0.17
CA SER A 151 -6.12 2.77 -0.82
C SER A 151 -6.22 3.02 -2.33
N CYS A 152 -7.39 2.72 -2.92
CA CYS A 152 -7.63 3.00 -4.33
C CYS A 152 -7.57 4.49 -4.63
N ASN A 153 -7.95 5.31 -3.66
CA ASN A 153 -7.86 6.77 -3.77
C ASN A 153 -6.40 7.21 -3.84
N GLY A 154 -5.59 6.65 -2.95
CA GLY A 154 -4.18 6.94 -2.95
C GLY A 154 -3.53 6.47 -4.24
N ILE A 155 -3.75 5.20 -4.57
CA ILE A 155 -3.20 4.56 -5.77
C ILE A 155 -3.59 5.33 -7.04
N GLY A 156 -4.85 5.74 -7.13
CA GLY A 156 -5.33 6.51 -8.27
C GLY A 156 -4.62 7.85 -8.44
N THR A 157 -4.26 8.46 -7.32
CA THR A 157 -3.60 9.75 -7.33
C THR A 157 -2.15 9.57 -7.84
N ILE A 158 -1.55 8.52 -7.34
CA ILE A 158 -0.22 8.11 -7.73
C ILE A 158 -0.22 7.79 -9.22
N LEU A 159 -1.24 7.04 -9.63
CA LEU A 159 -1.45 6.66 -11.03
C LEU A 159 -1.48 7.91 -11.91
N ASP A 160 -2.29 8.92 -11.52
CA ASP A 160 -2.36 10.18 -12.30
C ASP A 160 -1.04 10.90 -12.39
N LYS A 161 -0.25 10.88 -11.33
CA LYS A 161 1.11 11.44 -11.38
C LYS A 161 1.96 10.67 -12.39
N LEU A 162 1.90 9.37 -12.29
CA LEU A 162 2.63 8.47 -13.16
C LEU A 162 2.19 8.67 -14.62
N ALA A 163 0.90 8.85 -14.81
CA ALA A 163 0.28 8.99 -16.11
C ALA A 163 0.71 10.25 -16.85
N GLU A 164 1.30 11.23 -16.18
CA GLU A 164 1.80 12.37 -16.95
C GLU A 164 3.24 12.15 -17.34
N TYR A 165 3.90 11.22 -16.67
CA TYR A 165 5.27 10.98 -16.97
C TYR A 165 5.32 10.20 -18.26
N LEU A 166 4.42 9.27 -18.35
CA LEU A 166 4.25 8.51 -19.52
C LEU A 166 2.85 8.60 -19.94
N ASN A 167 2.48 9.72 -20.46
CA ASN A 167 1.15 9.83 -20.98
C ASN A 167 1.10 9.22 -22.34
N ASN A 168 0.87 7.93 -22.34
CA ASN A 168 0.81 7.20 -23.56
C ASN A 168 -0.53 6.52 -23.60
N ASP A 169 -0.79 5.71 -24.57
CA ASP A 169 -2.08 5.06 -24.64
C ASP A 169 -2.22 3.98 -23.60
N THR A 170 -1.12 3.34 -23.26
CA THR A 170 -1.10 2.27 -22.29
C THR A 170 -1.58 2.78 -20.92
N THR A 171 -1.03 3.89 -20.46
CA THR A 171 -1.37 4.46 -19.18
C THR A 171 -2.81 4.96 -19.16
N GLN A 172 -3.26 5.49 -20.28
CA GLN A 172 -4.62 5.95 -20.40
C GLN A 172 -5.60 4.77 -20.34
N ASN A 173 -5.20 3.63 -20.92
CA ASN A 173 -6.01 2.39 -20.87
C ASN A 173 -6.17 1.98 -19.43
N ILE A 174 -5.05 2.01 -18.74
CA ILE A 174 -4.94 1.65 -17.35
C ILE A 174 -5.80 2.55 -16.50
N LYS A 175 -5.70 3.85 -16.70
CA LYS A 175 -6.49 4.79 -15.94
C LYS A 175 -7.99 4.62 -16.23
N LYS A 176 -8.34 4.35 -17.48
CA LYS A 176 -9.74 4.09 -17.84
C LYS A 176 -10.25 2.85 -17.14
N GLU A 177 -9.47 1.79 -17.22
CA GLU A 177 -9.80 0.56 -16.51
C GLU A 177 -9.90 0.80 -15.03
N PHE A 178 -8.89 1.46 -14.47
CA PHE A 178 -8.83 1.76 -13.04
C PHE A 178 -10.06 2.49 -12.58
N ASP A 179 -10.35 3.62 -13.22
CA ASP A 179 -11.48 4.44 -12.81
C ASP A 179 -12.79 3.72 -13.01
N GLU A 180 -12.90 2.88 -14.03
CA GLU A 180 -14.14 2.14 -14.23
C GLU A 180 -14.30 1.06 -13.16
N ARG A 181 -13.19 0.39 -12.81
CA ARG A 181 -13.24 -0.66 -11.78
C ARG A 181 -13.50 -0.02 -10.44
N LYS A 182 -12.93 1.15 -10.26
CA LYS A 182 -13.06 1.89 -9.04
C LYS A 182 -14.48 2.43 -8.92
N LYS A 183 -15.05 2.82 -10.04
CA LYS A 183 -16.41 3.32 -10.10
C LYS A 183 -17.37 2.19 -9.71
N ASN A 184 -17.12 1.00 -10.24
CA ASN A 184 -17.91 -0.18 -9.89
C ASN A 184 -17.73 -0.49 -8.42
N LEU A 185 -16.47 -0.60 -7.99
CA LEU A 185 -16.10 -0.75 -6.58
C LEU A 185 -16.86 0.24 -5.69
N THR A 186 -16.85 1.50 -6.05
CA THR A 186 -17.51 2.56 -5.28
C THR A 186 -19.05 2.35 -5.25
N SER A 187 -19.57 1.63 -6.21
CA SER A 187 -20.97 1.34 -6.27
C SER A 187 -21.27 0.13 -5.36
N LEU A 188 -20.35 -0.84 -5.37
CA LEU A 188 -20.44 -2.03 -4.54
C LEU A 188 -20.24 -1.65 -3.09
N LYS A 189 -19.40 -0.65 -2.88
CA LYS A 189 -19.14 -0.02 -1.58
C LYS A 189 -20.45 0.35 -0.86
N THR A 190 -21.40 0.87 -1.60
CA THR A 190 -22.68 1.25 -1.06
C THR A 190 -23.51 -0.01 -0.68
N LYS A 191 -23.29 -1.08 -1.41
CA LYS A 191 -23.95 -2.35 -1.17
C LYS A 191 -23.35 -3.05 0.04
N VAL A 192 -22.03 -3.02 0.10
CA VAL A 192 -21.27 -3.64 1.19
C VAL A 192 -21.65 -3.04 2.53
N GLU A 193 -21.94 -1.76 2.55
CA GLU A 193 -22.25 -1.13 3.80
C GLU A 193 -23.70 -1.35 4.25
N ASN A 194 -24.48 -2.07 3.47
CA ASN A 194 -25.79 -2.46 3.90
C ASN A 194 -25.73 -3.89 4.39
N LYS A 195 -25.76 -4.03 5.71
CA LYS A 195 -25.61 -5.33 6.39
C LYS A 195 -26.74 -6.32 6.06
N ASP A 196 -27.79 -5.79 5.50
CA ASP A 196 -28.96 -6.58 5.12
C ASP A 196 -28.72 -7.31 3.81
N GLU A 197 -27.75 -6.81 3.05
CA GLU A 197 -27.34 -7.41 1.79
C GLU A 197 -26.28 -8.44 2.07
N ASP A 198 -25.86 -9.16 1.06
CA ASP A 198 -24.75 -10.07 1.26
C ASP A 198 -23.47 -9.30 0.99
N TYR A 199 -23.09 -8.53 1.99
CA TYR A 199 -21.94 -7.66 1.95
C TYR A 199 -20.64 -8.40 1.63
N VAL A 200 -20.57 -9.67 2.02
CA VAL A 200 -19.38 -10.47 1.78
C VAL A 200 -19.14 -10.63 0.27
N THR A 201 -20.19 -10.99 -0.46
CA THR A 201 -20.09 -11.17 -1.91
C THR A 201 -19.71 -9.86 -2.60
N HIS A 202 -20.33 -8.77 -2.16
CA HIS A 202 -20.06 -7.46 -2.77
C HIS A 202 -18.62 -7.03 -2.50
N PHE A 203 -18.13 -7.32 -1.29
CA PHE A 203 -16.78 -7.00 -0.91
C PHE A 203 -15.79 -7.74 -1.80
N ARG A 204 -16.01 -9.04 -1.93
CA ARG A 204 -15.18 -9.90 -2.76
C ARG A 204 -15.11 -9.39 -4.21
N ASP A 205 -16.26 -8.98 -4.74
CA ASP A 205 -16.31 -8.41 -6.09
C ASP A 205 -15.49 -7.15 -6.22
N MET A 206 -15.67 -6.19 -5.27
CA MET A 206 -14.86 -4.96 -5.26
C MET A 206 -13.40 -5.30 -5.25
N ALA A 207 -13.03 -6.25 -4.38
CA ALA A 207 -11.66 -6.69 -4.23
C ALA A 207 -11.08 -7.15 -5.55
N THR A 208 -11.82 -7.97 -6.26
CA THR A 208 -11.40 -8.46 -7.57
C THR A 208 -11.21 -7.30 -8.57
N GLU A 209 -12.16 -6.37 -8.63
CA GLU A 209 -12.03 -5.24 -9.55
C GLU A 209 -10.83 -4.37 -9.16
N ALA A 210 -10.62 -4.24 -7.85
CA ALA A 210 -9.48 -3.51 -7.32
C ALA A 210 -8.18 -4.18 -7.72
N GLN A 211 -8.09 -5.51 -7.55
CA GLN A 211 -6.90 -6.27 -7.93
C GLN A 211 -6.56 -6.05 -9.40
N ASN A 212 -7.58 -6.11 -10.25
CA ASN A 212 -7.39 -5.88 -11.70
C ASN A 212 -6.84 -4.49 -11.95
N ALA A 213 -7.47 -3.51 -11.32
CA ALA A 213 -7.09 -2.11 -11.45
C ALA A 213 -5.66 -1.88 -10.95
N VAL A 214 -5.35 -2.42 -9.78
CA VAL A 214 -4.03 -2.32 -9.19
C VAL A 214 -2.99 -3.00 -10.08
N GLY A 215 -3.38 -4.14 -10.65
CA GLY A 215 -2.52 -4.85 -11.57
C GLY A 215 -2.15 -3.95 -12.74
N GLU A 216 -3.13 -3.23 -13.26
CA GLU A 216 -2.92 -2.28 -14.34
C GLU A 216 -1.94 -1.18 -13.89
N VAL A 217 -2.15 -0.62 -12.70
CA VAL A 217 -1.24 0.40 -12.11
C VAL A 217 0.18 -0.15 -12.03
N LYS A 218 0.29 -1.40 -11.61
CA LYS A 218 1.56 -2.06 -11.47
C LYS A 218 2.24 -2.20 -12.85
N LYS A 219 1.43 -2.49 -13.88
CA LYS A 219 1.94 -2.57 -15.25
C LYS A 219 2.52 -1.22 -15.65
N ALA A 220 1.79 -0.16 -15.28
CA ALA A 220 2.20 1.21 -15.55
C ALA A 220 3.53 1.53 -14.86
N ILE A 221 3.68 1.07 -13.62
CA ILE A 221 4.92 1.27 -12.87
C ILE A 221 6.09 0.70 -13.65
N ASP A 222 6.00 -0.58 -14.00
CA ASP A 222 7.05 -1.26 -14.78
C ASP A 222 7.32 -0.56 -16.10
N ALA A 223 6.26 -0.06 -16.73
CA ALA A 223 6.38 0.66 -18.00
C ALA A 223 7.24 1.91 -17.84
N VAL A 224 6.99 2.66 -16.77
CA VAL A 224 7.73 3.88 -16.50
C VAL A 224 9.17 3.57 -16.05
N VAL A 225 9.34 2.45 -15.36
CA VAL A 225 10.67 1.97 -14.97
C VAL A 225 11.47 1.65 -16.23
N ALA A 226 10.87 0.84 -17.10
CA ALA A 226 11.50 0.41 -18.35
C ALA A 226 11.85 1.60 -19.22
N HIS A 227 10.92 2.55 -19.32
CA HIS A 227 11.13 3.78 -20.10
C HIS A 227 12.32 4.53 -19.56
N ARG A 228 12.37 4.72 -18.27
CA ARG A 228 13.43 5.47 -17.68
C ARG A 228 14.76 4.78 -17.83
N LYS A 229 14.80 3.47 -17.56
CA LYS A 229 16.03 2.67 -17.70
C LYS A 229 16.56 2.74 -19.13
N ALA A 230 15.64 2.71 -20.10
CA ALA A 230 16.01 2.76 -21.50
C ALA A 230 16.56 4.12 -21.89
N GLU A 231 16.17 5.14 -21.16
CA GLU A 231 16.56 6.50 -21.48
C GLU A 231 17.72 6.96 -20.61
N ASN A 232 18.25 6.04 -19.79
CA ASN A 232 19.38 6.31 -18.88
C ASN A 232 19.00 7.23 -17.74
N LEU A 233 17.76 7.18 -17.36
CA LEU A 233 17.30 7.91 -16.22
C LEU A 233 17.52 7.12 -14.97
N ASP A 234 17.93 7.81 -13.94
CA ASP A 234 18.35 7.24 -12.67
C ASP A 234 17.21 6.54 -11.95
N VAL A 235 17.10 5.25 -12.19
CA VAL A 235 16.04 4.41 -11.65
C VAL A 235 16.62 3.07 -11.18
N ASP A 236 16.23 2.64 -9.99
CA ASP A 236 16.65 1.35 -9.46
C ASP A 236 15.48 0.38 -9.50
N ASP A 237 15.67 -0.73 -10.17
CA ASP A 237 14.62 -1.73 -10.36
C ASP A 237 14.22 -2.39 -9.06
N THR A 238 15.18 -2.59 -8.18
CA THR A 238 14.94 -3.25 -6.91
C THR A 238 13.97 -2.42 -6.07
N LEU A 239 14.21 -1.13 -6.02
CA LEU A 239 13.38 -0.16 -5.33
C LEU A 239 11.91 -0.30 -5.72
N PHE A 240 11.66 -0.37 -7.02
CA PHE A 240 10.32 -0.48 -7.53
C PHE A 240 9.70 -1.81 -7.23
N SER A 241 10.49 -2.85 -7.26
CA SER A 241 10.03 -4.16 -6.92
C SER A 241 9.63 -4.20 -5.43
N ASN A 242 10.42 -3.55 -4.59
CA ASN A 242 10.18 -3.51 -3.16
C ASN A 242 8.91 -2.74 -2.86
N LEU A 243 8.77 -1.55 -3.47
CA LEU A 243 7.56 -0.75 -3.26
C LEU A 243 6.33 -1.47 -3.79
N SER A 244 6.47 -2.15 -4.93
CA SER A 244 5.36 -2.92 -5.49
C SER A 244 4.94 -4.05 -4.53
N THR A 245 5.91 -4.66 -3.87
CA THR A 245 5.62 -5.68 -2.87
C THR A 245 4.88 -5.04 -1.68
N LEU A 246 5.24 -3.82 -1.38
CA LEU A 246 4.56 -3.07 -0.36
C LEU A 246 3.11 -2.77 -0.77
N LEU A 247 2.90 -2.44 -2.05
CA LEU A 247 1.53 -2.28 -2.60
C LEU A 247 0.78 -3.55 -2.37
N ASP A 248 1.40 -4.65 -2.73
CA ASP A 248 0.86 -6.00 -2.46
C ASP A 248 0.51 -6.16 -0.98
N THR A 249 1.34 -5.62 -0.11
CA THR A 249 1.15 -5.78 1.31
C THR A 249 -0.07 -4.96 1.80
N ILE A 250 -0.20 -3.76 1.29
CA ILE A 250 -1.27 -2.86 1.68
C ILE A 250 -2.59 -3.25 1.02
N ILE A 251 -2.51 -3.71 -0.19
CA ILE A 251 -3.68 -4.02 -0.96
C ILE A 251 -4.17 -5.46 -0.72
N GLU A 252 -3.34 -6.29 -0.07
CA GLU A 252 -3.86 -7.57 0.35
C GLU A 252 -4.83 -7.38 1.50
N THR A 253 -6.05 -7.68 1.24
CA THR A 253 -7.08 -7.59 2.21
C THR A 253 -7.98 -8.82 2.12
N SER A 254 -7.79 -9.72 3.02
CA SER A 254 -8.61 -10.89 3.13
C SER A 254 -8.86 -11.18 4.60
N GLY A 1 21.71 3.70 -26.16
CA GLY A 1 22.28 4.46 -25.06
C GLY A 1 21.92 5.91 -25.17
N HIS A 2 20.90 6.31 -24.44
CA HIS A 2 20.46 7.67 -24.49
C HIS A 2 21.36 8.51 -23.59
N MET A 3 22.37 9.03 -24.20
CA MET A 3 23.30 9.88 -23.51
C MET A 3 22.79 11.27 -23.57
N GLN A 4 22.75 11.88 -22.40
CA GLN A 4 22.17 13.20 -22.21
C GLN A 4 20.70 13.16 -22.62
N PRO A 5 19.86 12.50 -21.81
CA PRO A 5 18.46 12.29 -22.11
C PRO A 5 17.65 13.51 -21.73
N ASN A 6 16.38 13.31 -21.53
CA ASN A 6 15.55 14.40 -21.09
C ASN A 6 15.81 14.63 -19.62
N ASN A 7 16.64 15.60 -19.34
CA ASN A 7 17.02 15.94 -17.99
C ASN A 7 15.87 16.55 -17.25
N GLU A 8 14.93 17.12 -17.99
CA GLU A 8 13.71 17.64 -17.39
C GLU A 8 12.91 16.46 -16.83
N SER A 9 13.00 15.31 -17.49
CA SER A 9 12.33 14.13 -17.07
C SER A 9 13.05 13.53 -15.85
N LYS A 10 14.32 13.86 -15.68
CA LYS A 10 15.08 13.38 -14.53
C LYS A 10 14.60 13.99 -13.23
N LYS A 11 14.27 15.28 -13.23
CA LYS A 11 13.77 15.90 -12.00
C LYS A 11 12.38 15.35 -11.71
N LYS A 12 11.63 15.13 -12.78
CA LYS A 12 10.33 14.51 -12.74
C LYS A 12 10.41 13.09 -12.20
N ALA A 13 11.44 12.37 -12.62
CA ALA A 13 11.70 11.01 -12.16
C ALA A 13 11.98 10.99 -10.68
N VAL A 14 12.87 11.88 -10.23
CA VAL A 14 13.19 11.99 -8.81
C VAL A 14 11.93 12.39 -8.04
N LYS A 15 11.17 13.32 -8.59
CA LYS A 15 9.90 13.73 -8.00
C LYS A 15 8.96 12.57 -7.84
N LEU A 16 8.84 11.75 -8.88
CA LEU A 16 8.00 10.56 -8.82
C LEU A 16 8.42 9.66 -7.69
N ASP A 17 9.68 9.31 -7.67
CA ASP A 17 10.22 8.39 -6.64
C ASP A 17 9.99 8.93 -5.24
N LEU A 18 10.15 10.23 -5.09
CA LEU A 18 9.90 10.88 -3.82
C LEU A 18 8.41 10.91 -3.49
N ASP A 19 7.57 11.26 -4.47
CA ASP A 19 6.11 11.29 -4.27
C ASP A 19 5.58 9.92 -3.97
N LEU A 20 6.10 8.92 -4.68
CA LEU A 20 5.75 7.53 -4.45
C LEU A 20 6.08 7.12 -3.05
N MET A 21 7.32 7.34 -2.63
CA MET A 21 7.75 6.97 -1.28
C MET A 21 6.91 7.69 -0.22
N LYS A 22 6.69 8.97 -0.45
CA LYS A 22 5.92 9.82 0.42
C LYS A 22 4.49 9.29 0.57
N GLU A 23 3.80 9.11 -0.54
CA GLU A 23 2.42 8.66 -0.52
C GLU A 23 2.32 7.23 -0.04
N THR A 24 3.31 6.41 -0.38
CA THR A 24 3.35 5.05 0.08
C THR A 24 3.48 5.02 1.61
N LYS A 25 4.33 5.90 2.15
CA LYS A 25 4.52 6.01 3.58
C LYS A 25 3.19 6.36 4.22
N ASN A 26 2.53 7.31 3.61
CA ASN A 26 1.25 7.81 4.08
C ASN A 26 0.20 6.72 4.10
N VAL A 27 0.10 5.97 3.01
CA VAL A 27 -0.83 4.84 2.93
C VAL A 27 -0.48 3.80 3.99
N CYS A 28 0.81 3.46 4.10
CA CYS A 28 1.27 2.47 5.07
C CYS A 28 0.99 2.92 6.50
N THR A 29 1.18 4.19 6.78
CA THR A 29 0.93 4.74 8.10
C THR A 29 -0.56 4.61 8.45
N THR A 30 -1.41 4.87 7.46
CA THR A 30 -2.84 4.76 7.62
C THR A 30 -3.22 3.30 7.89
N VAL A 31 -2.72 2.41 7.05
CA VAL A 31 -2.99 0.99 7.16
C VAL A 31 -2.48 0.45 8.51
N ASN A 32 -1.27 0.84 8.88
CA ASN A 32 -0.67 0.44 10.15
C ASN A 32 -1.50 0.90 11.32
N THR A 33 -1.85 2.18 11.34
CA THR A 33 -2.59 2.75 12.46
C THR A 33 -4.00 2.09 12.57
N LYS A 34 -4.61 1.81 11.43
CA LYS A 34 -5.93 1.22 11.44
C LYS A 34 -5.87 -0.23 11.88
N LEU A 35 -4.86 -0.92 11.42
CA LEU A 35 -4.66 -2.31 11.79
C LEU A 35 -4.38 -2.44 13.28
N VAL A 36 -3.47 -1.60 13.78
CA VAL A 36 -3.13 -1.63 15.19
C VAL A 36 -4.36 -1.30 16.06
N GLY A 37 -5.11 -0.29 15.66
CA GLY A 37 -6.32 0.07 16.38
C GLY A 37 -7.32 -1.07 16.39
N LYS A 38 -7.57 -1.63 15.21
CA LYS A 38 -8.51 -2.74 15.06
C LYS A 38 -8.03 -3.99 15.79
N ALA A 39 -6.74 -4.27 15.71
CA ALA A 39 -6.17 -5.42 16.40
C ALA A 39 -6.34 -5.29 17.90
N LYS A 40 -6.05 -4.10 18.44
CA LYS A 40 -6.12 -3.88 19.89
C LYS A 40 -7.54 -3.97 20.38
N SER A 41 -8.45 -3.43 19.61
CA SER A 41 -9.84 -3.45 19.96
C SER A 41 -10.42 -4.87 19.86
N LYS A 42 -10.00 -5.61 18.85
CA LYS A 42 -10.41 -6.99 18.67
C LYS A 42 -9.78 -7.92 19.72
N LEU A 43 -8.59 -7.57 20.22
CA LEU A 43 -7.95 -8.32 21.32
C LEU A 43 -8.81 -8.24 22.59
N ASN A 44 -9.60 -7.19 22.65
CA ASN A 44 -10.50 -6.97 23.78
C ASN A 44 -11.83 -7.66 23.56
N LYS A 45 -11.96 -8.34 22.44
CA LYS A 45 -13.15 -9.13 22.15
C LYS A 45 -12.92 -10.57 22.61
N LEU A 46 -11.66 -10.87 22.90
CA LEU A 46 -11.29 -12.15 23.47
C LEU A 46 -11.64 -12.15 24.93
N GLU A 47 -11.81 -13.32 25.48
CA GLU A 47 -12.22 -13.47 26.87
C GLU A 47 -11.27 -12.79 27.85
N GLY A 48 -10.00 -12.99 27.67
CA GLY A 48 -9.04 -12.37 28.53
C GLY A 48 -7.98 -13.34 28.93
N GLU A 49 -8.08 -13.85 30.15
CA GLU A 49 -7.12 -14.81 30.72
C GLU A 49 -6.89 -16.01 29.82
N SER A 50 -7.94 -16.45 29.17
CA SER A 50 -7.90 -17.58 28.27
C SER A 50 -6.97 -17.32 27.06
N HIS A 51 -6.73 -16.05 26.76
CA HIS A 51 -5.88 -15.68 25.65
C HIS A 51 -4.86 -14.65 26.06
N LYS A 52 -4.57 -14.57 27.36
CA LYS A 52 -3.66 -13.55 27.91
C LYS A 52 -2.27 -13.64 27.28
N GLU A 53 -1.83 -14.86 27.06
CA GLU A 53 -0.56 -15.12 26.44
C GLU A 53 -0.55 -14.64 25.00
N TYR A 54 -1.65 -14.89 24.32
CA TYR A 54 -1.83 -14.55 22.93
C TYR A 54 -1.90 -13.04 22.77
N VAL A 55 -2.66 -12.40 23.63
CA VAL A 55 -2.82 -10.96 23.61
C VAL A 55 -1.47 -10.31 23.85
N ALA A 56 -0.71 -10.83 24.80
CA ALA A 56 0.60 -10.31 25.08
C ALA A 56 1.53 -10.51 23.88
N GLU A 57 1.47 -11.70 23.28
CA GLU A 57 2.27 -12.00 22.09
C GLU A 57 2.03 -11.02 20.99
N LYS A 58 0.76 -10.91 20.59
CA LYS A 58 0.40 -10.04 19.48
C LYS A 58 0.74 -8.61 19.78
N THR A 59 0.54 -8.18 21.02
CA THR A 59 0.86 -6.82 21.40
C THR A 59 2.37 -6.55 21.24
N LYS A 60 3.20 -7.52 21.63
CA LYS A 60 4.65 -7.37 21.50
C LYS A 60 5.08 -7.39 20.05
N GLU A 61 4.37 -8.18 19.25
CA GLU A 61 4.67 -8.27 17.84
C GLU A 61 4.31 -6.97 17.16
N ILE A 62 3.18 -6.41 17.56
CA ILE A 62 2.74 -5.11 17.10
C ILE A 62 3.77 -4.07 17.51
N ASP A 63 4.19 -4.11 18.78
CA ASP A 63 5.22 -3.22 19.30
C ASP A 63 6.46 -3.22 18.43
N GLU A 64 7.03 -4.39 18.20
CA GLU A 64 8.27 -4.49 17.42
C GLU A 64 8.09 -4.03 16.00
N LYS A 65 6.98 -4.40 15.38
CA LYS A 65 6.73 -3.98 14.03
C LYS A 65 6.46 -2.49 13.97
N ASN A 66 5.77 -1.95 14.97
CA ASN A 66 5.50 -0.52 15.03
C ASN A 66 6.76 0.30 15.20
N LYS A 67 7.57 -0.05 16.18
CA LYS A 67 8.82 0.71 16.40
C LYS A 67 9.77 0.56 15.22
N LYS A 68 9.79 -0.60 14.58
CA LYS A 68 10.61 -0.78 13.42
C LYS A 68 10.04 0.00 12.24
N PHE A 69 8.74 -0.09 12.04
CA PHE A 69 8.06 0.68 10.98
C PHE A 69 8.31 2.18 11.18
N ASN A 70 8.36 2.59 12.42
CA ASN A 70 8.60 3.98 12.74
C ASN A 70 10.03 4.38 12.48
N GLU A 71 10.98 3.44 12.65
CA GLU A 71 12.35 3.74 12.28
C GLU A 71 12.46 3.74 10.76
N ASN A 72 11.64 2.90 10.10
CA ASN A 72 11.56 2.85 8.63
C ASN A 72 11.13 4.16 8.05
N LEU A 73 10.24 4.87 8.72
CA LEU A 73 9.76 6.18 8.26
C LEU A 73 10.93 7.14 8.20
N VAL A 74 11.63 7.21 9.31
CA VAL A 74 12.82 8.07 9.45
C VAL A 74 13.91 7.59 8.47
N LYS A 75 13.80 6.37 8.06
CA LYS A 75 14.77 5.77 7.18
C LYS A 75 14.47 6.12 5.72
N ILE A 76 13.22 6.00 5.35
CA ILE A 76 12.76 6.31 4.00
C ILE A 76 12.78 7.79 3.71
N GLU A 77 12.69 8.60 4.77
CA GLU A 77 12.80 10.03 4.60
C GLU A 77 14.26 10.46 4.49
N LYS A 78 15.15 9.51 4.67
CA LYS A 78 16.54 9.71 4.40
C LYS A 78 16.79 9.61 2.94
N ARG A 79 17.53 10.52 2.45
CA ARG A 79 17.78 10.67 1.04
C ARG A 79 19.19 11.16 0.84
N LYS A 80 19.73 10.91 -0.31
CA LYS A 80 21.06 11.35 -0.64
C LYS A 80 20.96 12.54 -1.55
N LYS A 81 21.87 13.46 -1.41
CA LYS A 81 21.83 14.69 -2.14
C LYS A 81 22.76 14.62 -3.32
N ILE A 82 22.22 14.72 -4.50
CA ILE A 82 23.00 14.70 -5.70
C ILE A 82 22.69 15.94 -6.51
N LYS A 83 23.58 16.30 -7.38
CA LYS A 83 23.43 17.47 -8.18
C LYS A 83 23.00 17.04 -9.59
N VAL A 84 21.79 17.41 -9.97
CA VAL A 84 21.15 16.97 -11.20
C VAL A 84 20.28 18.11 -11.79
N PRO A 85 20.44 18.42 -13.08
CA PRO A 85 21.42 17.78 -13.96
C PRO A 85 22.83 18.21 -13.65
N ALA A 86 23.77 17.47 -14.16
CA ALA A 86 25.19 17.70 -13.91
C ALA A 86 25.67 19.04 -14.48
N ASP A 87 24.89 19.59 -15.39
CA ASP A 87 25.18 20.87 -16.02
C ASP A 87 24.98 22.01 -15.06
N THR A 88 23.85 21.99 -14.38
CA THR A 88 23.51 23.06 -13.48
C THR A 88 24.00 22.74 -12.07
N GLY A 89 23.88 21.48 -11.69
CA GLY A 89 24.34 21.07 -10.40
C GLY A 89 23.31 21.30 -9.33
N ALA A 90 22.03 21.30 -9.71
CA ALA A 90 20.96 21.53 -8.76
C ALA A 90 20.90 20.38 -7.80
N GLU A 91 20.97 20.68 -6.53
CA GLU A 91 20.99 19.66 -5.53
C GLU A 91 19.59 19.22 -5.20
N VAL A 92 19.33 17.97 -5.37
CA VAL A 92 18.06 17.39 -5.11
C VAL A 92 18.27 16.12 -4.29
N ASP A 93 17.30 15.76 -3.51
CA ASP A 93 17.37 14.58 -2.67
C ASP A 93 16.75 13.40 -3.36
N ALA A 94 17.49 12.34 -3.44
CA ALA A 94 17.03 11.11 -4.04
C ALA A 94 16.94 10.06 -2.97
N VAL A 95 15.96 9.16 -3.09
CA VAL A 95 15.70 8.12 -2.08
C VAL A 95 16.91 7.24 -1.74
N ASP A 96 17.76 6.97 -2.75
CA ASP A 96 18.98 6.14 -2.59
C ASP A 96 18.65 4.63 -2.53
N ASP A 97 19.65 3.80 -2.82
CA ASP A 97 19.55 2.33 -2.81
C ASP A 97 19.09 1.80 -1.46
N GLY A 98 19.45 2.49 -0.38
CA GLY A 98 19.09 2.07 0.97
C GLY A 98 17.58 1.95 1.17
N VAL A 99 16.84 2.76 0.43
CA VAL A 99 15.40 2.75 0.49
C VAL A 99 14.80 1.43 -0.02
N ALA A 100 15.55 0.69 -0.84
CA ALA A 100 15.09 -0.63 -1.29
C ALA A 100 15.04 -1.56 -0.09
N GLY A 101 16.06 -1.46 0.76
CA GLY A 101 16.12 -2.23 1.97
C GLY A 101 15.03 -1.78 2.91
N ALA A 102 14.83 -0.49 2.97
CA ALA A 102 13.78 0.11 3.78
C ALA A 102 12.41 -0.42 3.37
N LEU A 103 12.14 -0.42 2.05
CA LEU A 103 10.90 -1.00 1.52
C LEU A 103 10.75 -2.44 1.88
N SER A 104 11.85 -3.16 1.87
CA SER A 104 11.82 -4.55 2.26
C SER A 104 11.41 -4.70 3.72
N ASP A 105 11.96 -3.85 4.57
CA ASP A 105 11.64 -3.90 5.98
C ASP A 105 10.20 -3.51 6.20
N LEU A 106 9.81 -2.35 5.72
CA LEU A 106 8.45 -1.86 5.92
C LEU A 106 7.40 -2.76 5.27
N SER A 107 7.74 -3.37 4.12
CA SER A 107 6.82 -4.28 3.49
C SER A 107 6.59 -5.49 4.39
N SER A 108 7.64 -5.91 5.06
CA SER A 108 7.56 -6.99 5.98
C SER A 108 6.78 -6.56 7.23
N ASP A 109 7.07 -5.34 7.73
CA ASP A 109 6.38 -4.81 8.92
C ASP A 109 4.88 -4.66 8.67
N ILE A 110 4.52 -4.06 7.54
CA ILE A 110 3.11 -3.89 7.17
C ILE A 110 2.44 -5.25 6.94
N SER A 111 3.14 -6.15 6.27
CA SER A 111 2.64 -7.49 6.02
C SER A 111 2.34 -8.19 7.33
N ALA A 112 3.29 -8.12 8.25
CA ALA A 112 3.16 -8.74 9.55
C ALA A 112 2.00 -8.14 10.31
N ILE A 113 1.92 -6.81 10.36
CA ILE A 113 0.84 -6.11 11.05
C ILE A 113 -0.53 -6.55 10.49
N LYS A 114 -0.64 -6.69 9.17
CA LYS A 114 -1.89 -7.12 8.55
C LYS A 114 -2.22 -8.53 9.00
N THR A 115 -1.26 -9.43 8.86
CA THR A 115 -1.44 -10.81 9.25
C THR A 115 -1.79 -10.92 10.73
N LEU A 116 -1.09 -10.16 11.58
CA LEU A 116 -1.34 -10.15 13.03
C LEU A 116 -2.77 -9.73 13.33
N THR A 117 -3.23 -8.67 12.68
CA THR A 117 -4.56 -8.17 12.89
C THR A 117 -5.61 -9.20 12.47
N ASP A 118 -5.40 -9.86 11.35
CA ASP A 118 -6.28 -10.92 10.90
C ASP A 118 -6.16 -12.18 11.76
N ASP A 119 -4.97 -12.38 12.35
CA ASP A 119 -4.76 -13.47 13.33
C ASP A 119 -5.64 -13.21 14.50
N VAL A 120 -5.78 -11.95 14.85
CA VAL A 120 -6.65 -11.56 15.92
C VAL A 120 -8.08 -11.86 15.53
N SER A 121 -8.46 -11.45 14.33
CA SER A 121 -9.80 -11.65 13.78
C SER A 121 -10.24 -13.13 13.87
N GLU A 122 -9.36 -14.07 13.51
CA GLU A 122 -9.70 -15.48 13.63
C GLU A 122 -9.87 -15.89 15.10
N LYS A 123 -8.99 -15.43 15.97
CA LYS A 123 -9.09 -15.75 17.40
C LYS A 123 -10.37 -15.18 18.02
N VAL A 124 -10.85 -14.10 17.47
CA VAL A 124 -12.09 -13.51 17.93
C VAL A 124 -13.27 -14.45 17.63
N SER A 125 -13.19 -15.20 16.51
CA SER A 125 -14.33 -16.03 16.10
C SER A 125 -14.58 -17.17 17.07
N GLU A 126 -13.54 -17.66 17.72
CA GLU A 126 -13.70 -18.75 18.68
C GLU A 126 -14.13 -18.23 20.05
N ASN A 127 -13.90 -16.94 20.28
CA ASN A 127 -14.25 -16.30 21.55
C ASN A 127 -15.67 -15.79 21.55
N LEU A 128 -16.20 -15.57 20.38
CA LEU A 128 -17.52 -15.03 20.21
C LEU A 128 -18.46 -16.01 19.53
N LYS A 129 -19.76 -15.74 19.64
CA LYS A 129 -20.80 -16.56 18.99
C LYS A 129 -20.86 -16.25 17.51
N ASP A 130 -21.69 -16.98 16.76
CA ASP A 130 -21.81 -16.78 15.29
C ASP A 130 -22.16 -15.35 14.94
N ASP A 131 -23.16 -14.79 15.62
CA ASP A 131 -23.57 -13.40 15.35
C ASP A 131 -22.50 -12.44 15.74
N GLU A 132 -21.87 -12.72 16.85
CA GLU A 132 -20.82 -11.86 17.36
C GLU A 132 -19.57 -11.96 16.46
N ALA A 133 -19.33 -13.13 15.94
CA ALA A 133 -18.26 -13.39 15.01
C ALA A 133 -18.56 -12.71 13.68
N SER A 134 -19.84 -12.72 13.28
CA SER A 134 -20.27 -12.05 12.07
C SER A 134 -20.15 -10.53 12.24
N ALA A 135 -20.27 -10.06 13.48
CA ALA A 135 -20.05 -8.65 13.80
C ALA A 135 -18.58 -8.31 13.63
N THR A 136 -17.74 -9.25 14.02
CA THR A 136 -16.31 -9.12 13.87
C THR A 136 -15.97 -9.17 12.36
N GLU A 137 -16.59 -10.12 11.69
CA GLU A 137 -16.54 -10.28 10.24
C GLU A 137 -16.89 -8.96 9.58
N HIS A 138 -18.00 -8.40 9.99
CA HIS A 138 -18.50 -7.12 9.51
C HIS A 138 -17.47 -6.00 9.75
N THR A 139 -16.88 -6.01 10.94
CA THR A 139 -15.86 -5.04 11.29
C THR A 139 -14.64 -5.21 10.37
N ASP A 140 -14.22 -6.45 10.18
CA ASP A 140 -13.13 -6.76 9.28
C ASP A 140 -13.44 -6.41 7.87
N ILE A 141 -14.62 -6.78 7.40
CA ILE A 141 -15.06 -6.44 6.06
C ILE A 141 -14.97 -4.92 5.88
N LYS A 142 -15.46 -4.17 6.87
CA LYS A 142 -15.37 -2.72 6.82
C LYS A 142 -13.92 -2.23 6.81
N GLU A 143 -13.06 -2.81 7.63
CA GLU A 143 -11.68 -2.31 7.70
C GLU A 143 -10.88 -2.69 6.47
N LYS A 144 -11.19 -3.82 5.86
CA LYS A 144 -10.49 -4.22 4.65
C LYS A 144 -11.02 -3.34 3.51
N ALA A 145 -12.33 -3.11 3.50
CA ALA A 145 -12.99 -2.27 2.50
C ALA A 145 -12.50 -0.84 2.57
N THR A 146 -12.41 -0.31 3.79
CA THR A 146 -11.94 1.03 4.00
C THR A 146 -10.47 1.12 3.55
N LEU A 147 -9.66 0.13 3.95
CA LEU A 147 -8.24 0.05 3.54
C LEU A 147 -8.16 0.13 2.03
N LEU A 148 -8.99 -0.66 1.39
CA LEU A 148 -9.01 -0.76 -0.04
C LEU A 148 -9.35 0.59 -0.69
N GLN A 149 -10.36 1.26 -0.19
CA GLN A 149 -10.73 2.55 -0.73
C GLN A 149 -9.64 3.59 -0.44
N GLU A 150 -9.11 3.59 0.78
CA GLU A 150 -8.08 4.55 1.16
C GLU A 150 -6.84 4.37 0.33
N SER A 151 -6.49 3.12 0.06
CA SER A 151 -5.34 2.85 -0.75
C SER A 151 -5.62 3.20 -2.20
N CYS A 152 -6.76 2.79 -2.73
CA CYS A 152 -7.13 3.07 -4.11
C CYS A 152 -7.25 4.57 -4.41
N ASN A 153 -7.59 5.36 -3.40
CA ASN A 153 -7.65 6.82 -3.59
C ASN A 153 -6.25 7.36 -3.76
N GLY A 154 -5.36 6.98 -2.86
CA GLY A 154 -3.98 7.42 -2.95
C GLY A 154 -3.31 6.88 -4.20
N ILE A 155 -3.41 5.57 -4.38
CA ILE A 155 -2.84 4.86 -5.51
C ILE A 155 -3.40 5.42 -6.81
N GLY A 156 -4.68 5.74 -6.82
CA GLY A 156 -5.33 6.30 -7.99
C GLY A 156 -4.82 7.68 -8.34
N THR A 157 -4.41 8.44 -7.34
CA THR A 157 -3.92 9.79 -7.58
C THR A 157 -2.49 9.72 -8.11
N ILE A 158 -1.77 8.75 -7.58
CA ILE A 158 -0.45 8.43 -8.05
C ILE A 158 -0.57 7.97 -9.49
N LEU A 159 -1.52 7.07 -9.71
CA LEU A 159 -1.86 6.54 -11.04
C LEU A 159 -2.13 7.69 -12.02
N ASP A 160 -2.84 8.72 -11.55
CA ASP A 160 -3.06 9.95 -12.33
C ASP A 160 -1.75 10.57 -12.76
N LYS A 161 -0.92 10.91 -11.77
CA LYS A 161 0.37 11.58 -12.02
C LYS A 161 1.34 10.70 -12.79
N LEU A 162 1.26 9.43 -12.55
CA LEU A 162 2.06 8.44 -13.21
C LEU A 162 1.74 8.45 -14.71
N ALA A 163 0.44 8.44 -15.01
CA ALA A 163 -0.04 8.40 -16.39
C ALA A 163 0.34 9.65 -17.17
N GLU A 164 0.77 10.68 -16.47
CA GLU A 164 1.19 11.91 -17.11
C GLU A 164 2.62 11.79 -17.54
N TYR A 165 3.43 11.09 -16.74
CA TYR A 165 4.85 11.01 -17.01
C TYR A 165 5.05 10.19 -18.25
N LEU A 166 4.32 9.13 -18.34
CA LEU A 166 4.38 8.31 -19.48
C LEU A 166 3.03 8.28 -20.14
N ASN A 167 2.54 9.46 -20.51
CA ASN A 167 1.31 9.55 -21.28
C ASN A 167 1.47 8.81 -22.60
N ASN A 168 0.84 7.65 -22.66
CA ASN A 168 0.87 6.80 -23.82
C ASN A 168 -0.40 5.99 -23.84
N ASP A 169 -0.55 5.13 -24.83
CA ASP A 169 -1.75 4.31 -24.97
C ASP A 169 -1.97 3.44 -23.75
N THR A 170 -0.91 2.83 -23.27
CA THR A 170 -0.97 1.93 -22.14
C THR A 170 -1.52 2.63 -20.89
N THR A 171 -0.95 3.77 -20.53
CA THR A 171 -1.35 4.48 -19.35
C THR A 171 -2.77 5.03 -19.44
N GLN A 172 -3.20 5.37 -20.66
CA GLN A 172 -4.54 5.88 -20.83
C GLN A 172 -5.56 4.77 -20.68
N ASN A 173 -5.21 3.58 -21.16
CA ASN A 173 -6.06 2.39 -21.03
C ASN A 173 -6.18 2.00 -19.58
N ILE A 174 -5.04 1.96 -18.92
CA ILE A 174 -4.97 1.67 -17.51
C ILE A 174 -5.79 2.64 -16.72
N LYS A 175 -5.67 3.92 -17.03
CA LYS A 175 -6.44 4.93 -16.32
C LYS A 175 -7.93 4.73 -16.54
N LYS A 176 -8.33 4.45 -17.78
CA LYS A 176 -9.75 4.29 -18.10
C LYS A 176 -10.32 3.01 -17.45
N GLU A 177 -9.51 1.95 -17.42
CA GLU A 177 -9.91 0.71 -16.78
C GLU A 177 -9.90 0.86 -15.27
N PHE A 178 -8.96 1.66 -14.77
CA PHE A 178 -8.89 1.95 -13.35
C PHE A 178 -10.13 2.69 -12.93
N ASP A 179 -10.48 3.71 -13.72
CA ASP A 179 -11.69 4.52 -13.48
C ASP A 179 -12.90 3.64 -13.39
N GLU A 180 -13.10 2.83 -14.43
CA GLU A 180 -14.26 1.97 -14.50
C GLU A 180 -14.33 1.01 -13.30
N ARG A 181 -13.22 0.38 -12.98
CA ARG A 181 -13.20 -0.56 -11.86
C ARG A 181 -13.40 0.16 -10.53
N LYS A 182 -12.88 1.37 -10.42
CA LYS A 182 -13.02 2.13 -9.19
C LYS A 182 -14.45 2.65 -9.07
N LYS A 183 -15.09 2.89 -10.19
CA LYS A 183 -16.49 3.26 -10.22
C LYS A 183 -17.33 2.08 -9.73
N ASN A 184 -16.98 0.87 -10.19
CA ASN A 184 -17.68 -0.34 -9.74
C ASN A 184 -17.44 -0.52 -8.25
N LEU A 185 -16.20 -0.26 -7.85
CA LEU A 185 -15.80 -0.32 -6.46
C LEU A 185 -16.65 0.61 -5.61
N THR A 186 -16.78 1.85 -6.02
CA THR A 186 -17.54 2.86 -5.28
C THR A 186 -19.04 2.46 -5.12
N SER A 187 -19.51 1.68 -6.06
CA SER A 187 -20.87 1.20 -6.05
C SER A 187 -21.00 0.10 -5.01
N LEU A 188 -20.09 -0.85 -5.08
CA LEU A 188 -20.05 -1.98 -4.16
C LEU A 188 -19.73 -1.53 -2.75
N LYS A 189 -18.86 -0.53 -2.64
CA LYS A 189 -18.50 0.11 -1.38
C LYS A 189 -19.73 0.56 -0.62
N THR A 190 -20.66 1.15 -1.34
CA THR A 190 -21.87 1.65 -0.73
C THR A 190 -22.73 0.50 -0.19
N LYS A 191 -22.63 -0.64 -0.84
CA LYS A 191 -23.35 -1.82 -0.43
C LYS A 191 -22.64 -2.46 0.78
N VAL A 192 -21.31 -2.57 0.69
CA VAL A 192 -20.47 -3.17 1.75
C VAL A 192 -20.62 -2.41 3.07
N GLU A 193 -20.79 -1.11 2.98
CA GLU A 193 -20.90 -0.34 4.18
C GLU A 193 -22.27 -0.46 4.84
N ASN A 194 -23.20 -1.09 4.16
CA ASN A 194 -24.50 -1.34 4.72
C ASN A 194 -24.60 -2.79 5.15
N LYS A 195 -24.61 -3.01 6.46
CA LYS A 195 -24.66 -4.35 7.06
C LYS A 195 -25.89 -5.14 6.63
N ASP A 196 -26.93 -4.44 6.26
CA ASP A 196 -28.21 -5.04 5.88
C ASP A 196 -28.13 -5.71 4.48
N GLU A 197 -27.08 -5.39 3.74
CA GLU A 197 -26.80 -6.00 2.45
C GLU A 197 -25.85 -7.15 2.67
N ASP A 198 -25.52 -7.91 1.66
CA ASP A 198 -24.55 -8.96 1.84
C ASP A 198 -23.17 -8.41 1.58
N TYR A 199 -22.69 -7.72 2.57
CA TYR A 199 -21.42 -7.04 2.51
C TYR A 199 -20.26 -7.98 2.19
N VAL A 200 -20.38 -9.26 2.56
CA VAL A 200 -19.33 -10.22 2.31
C VAL A 200 -19.11 -10.41 0.80
N THR A 201 -20.17 -10.72 0.06
CA THR A 201 -20.05 -10.92 -1.37
C THR A 201 -19.71 -9.60 -2.06
N HIS A 202 -20.33 -8.51 -1.60
CA HIS A 202 -20.08 -7.21 -2.19
C HIS A 202 -18.62 -6.81 -2.02
N PHE A 203 -18.04 -7.14 -0.86
CA PHE A 203 -16.63 -6.89 -0.60
C PHE A 203 -15.77 -7.72 -1.51
N ARG A 204 -16.11 -8.98 -1.63
CA ARG A 204 -15.40 -9.94 -2.47
C ARG A 204 -15.29 -9.43 -3.92
N ASP A 205 -16.41 -9.02 -4.47
CA ASP A 205 -16.42 -8.49 -5.84
C ASP A 205 -15.64 -7.20 -5.93
N MET A 206 -15.86 -6.32 -4.96
CA MET A 206 -15.17 -5.04 -4.90
C MET A 206 -13.66 -5.24 -4.84
N ALA A 207 -13.24 -6.20 -4.03
CA ALA A 207 -11.83 -6.54 -3.89
C ALA A 207 -11.29 -7.02 -5.22
N THR A 208 -12.05 -7.87 -5.90
CA THR A 208 -11.68 -8.40 -7.21
C THR A 208 -11.47 -7.26 -8.25
N GLU A 209 -12.42 -6.34 -8.30
CA GLU A 209 -12.34 -5.18 -9.19
C GLU A 209 -11.10 -4.37 -8.89
N ALA A 210 -10.82 -4.20 -7.61
CA ALA A 210 -9.65 -3.50 -7.17
C ALA A 210 -8.38 -4.23 -7.57
N GLN A 211 -8.38 -5.57 -7.50
CA GLN A 211 -7.22 -6.38 -7.91
C GLN A 211 -6.87 -6.05 -9.34
N ASN A 212 -7.89 -6.11 -10.20
CA ASN A 212 -7.68 -5.81 -11.62
C ASN A 212 -7.18 -4.39 -11.83
N ALA A 213 -7.77 -3.46 -11.12
CA ALA A 213 -7.41 -2.06 -11.21
C ALA A 213 -5.98 -1.81 -10.75
N VAL A 214 -5.62 -2.36 -9.59
CA VAL A 214 -4.29 -2.15 -9.05
C VAL A 214 -3.24 -2.92 -9.88
N GLY A 215 -3.70 -3.99 -10.51
CA GLY A 215 -2.85 -4.74 -11.42
C GLY A 215 -2.47 -3.87 -12.61
N GLU A 216 -3.45 -3.14 -13.14
CA GLU A 216 -3.18 -2.20 -14.22
C GLU A 216 -2.22 -1.10 -13.73
N VAL A 217 -2.43 -0.64 -12.48
CA VAL A 217 -1.53 0.34 -11.85
C VAL A 217 -0.10 -0.17 -11.87
N LYS A 218 0.08 -1.43 -11.46
CA LYS A 218 1.38 -2.08 -11.47
C LYS A 218 1.99 -2.03 -12.86
N LYS A 219 1.19 -2.38 -13.86
CA LYS A 219 1.66 -2.35 -15.25
C LYS A 219 2.15 -0.96 -15.64
N ALA A 220 1.43 0.06 -15.19
CA ALA A 220 1.81 1.42 -15.44
C ALA A 220 3.14 1.76 -14.76
N ILE A 221 3.27 1.32 -13.50
CA ILE A 221 4.51 1.53 -12.72
C ILE A 221 5.67 0.88 -13.44
N ASP A 222 5.50 -0.40 -13.72
CA ASP A 222 6.52 -1.19 -14.41
C ASP A 222 6.89 -0.63 -15.77
N ALA A 223 5.91 -0.03 -16.43
CA ALA A 223 6.13 0.61 -17.71
C ALA A 223 7.05 1.80 -17.55
N VAL A 224 6.74 2.66 -16.59
CA VAL A 224 7.54 3.85 -16.34
C VAL A 224 8.95 3.48 -15.88
N VAL A 225 9.03 2.43 -15.07
CA VAL A 225 10.32 1.91 -14.62
C VAL A 225 11.18 1.50 -15.82
N ALA A 226 10.60 0.68 -16.68
CA ALA A 226 11.30 0.20 -17.87
C ALA A 226 11.68 1.34 -18.77
N HIS A 227 10.74 2.24 -18.99
CA HIS A 227 10.94 3.39 -19.84
C HIS A 227 12.09 4.25 -19.33
N ARG A 228 12.11 4.55 -18.02
CA ARG A 228 13.13 5.43 -17.49
C ARG A 228 14.50 4.77 -17.53
N LYS A 229 14.56 3.49 -17.17
CA LYS A 229 15.85 2.82 -17.12
C LYS A 229 16.38 2.60 -18.53
N ALA A 230 15.48 2.50 -19.50
CA ALA A 230 15.89 2.35 -20.89
C ALA A 230 16.35 3.67 -21.47
N GLU A 231 16.10 4.77 -20.77
CA GLU A 231 16.54 6.09 -21.22
C GLU A 231 17.85 6.46 -20.57
N ASN A 232 18.36 5.52 -19.78
CA ASN A 232 19.63 5.64 -19.08
C ASN A 232 19.53 6.58 -17.90
N LEU A 233 18.50 6.37 -17.13
CA LEU A 233 18.28 6.99 -15.87
C LEU A 233 18.55 5.95 -14.82
N ASP A 234 19.02 6.38 -13.68
CA ASP A 234 19.34 5.45 -12.61
C ASP A 234 18.09 4.97 -11.93
N VAL A 235 17.57 3.88 -12.41
CA VAL A 235 16.37 3.29 -11.87
C VAL A 235 16.64 1.84 -11.48
N ASP A 236 16.42 1.56 -10.23
CA ASP A 236 16.67 0.25 -9.68
C ASP A 236 15.39 -0.56 -9.68
N ASP A 237 15.38 -1.63 -10.45
CA ASP A 237 14.21 -2.51 -10.59
C ASP A 237 13.82 -3.12 -9.28
N THR A 238 14.80 -3.46 -8.47
CA THR A 238 14.57 -4.14 -7.21
C THR A 238 13.71 -3.27 -6.28
N LEU A 239 14.05 -2.00 -6.20
CA LEU A 239 13.29 -1.02 -5.42
C LEU A 239 11.81 -1.04 -5.81
N PHE A 240 11.54 -0.97 -7.08
CA PHE A 240 10.18 -0.92 -7.56
C PHE A 240 9.50 -2.27 -7.43
N SER A 241 10.25 -3.34 -7.55
CA SER A 241 9.74 -4.65 -7.39
C SER A 241 9.36 -4.92 -5.92
N ASN A 242 10.13 -4.37 -5.00
CA ASN A 242 9.82 -4.52 -3.58
C ASN A 242 8.62 -3.65 -3.22
N LEU A 243 8.53 -2.50 -3.88
CA LEU A 243 7.40 -1.62 -3.76
C LEU A 243 6.16 -2.34 -4.30
N SER A 244 6.29 -2.94 -5.45
CA SER A 244 5.25 -3.71 -6.08
C SER A 244 4.85 -4.92 -5.20
N THR A 245 5.80 -5.47 -4.46
CA THR A 245 5.50 -6.56 -3.55
C THR A 245 4.66 -6.03 -2.37
N LEU A 246 4.93 -4.82 -1.95
CA LEU A 246 4.09 -4.18 -0.95
C LEU A 246 2.70 -3.95 -1.54
N LEU A 247 2.66 -3.59 -2.82
CA LEU A 247 1.41 -3.46 -3.57
C LEU A 247 0.62 -4.78 -3.47
N ASP A 248 1.33 -5.89 -3.73
CA ASP A 248 0.75 -7.23 -3.57
C ASP A 248 0.26 -7.43 -2.17
N THR A 249 0.99 -6.89 -1.20
CA THR A 249 0.66 -7.07 0.20
C THR A 249 -0.63 -6.32 0.56
N ILE A 250 -0.79 -5.15 -0.02
CA ILE A 250 -1.96 -4.31 0.21
C ILE A 250 -3.21 -4.94 -0.41
N ILE A 251 -3.09 -5.41 -1.65
CA ILE A 251 -4.24 -5.96 -2.33
C ILE A 251 -4.55 -7.39 -1.91
N GLU A 252 -3.56 -8.04 -1.32
CA GLU A 252 -3.72 -9.38 -0.78
C GLU A 252 -4.76 -9.43 0.32
N THR A 253 -5.78 -10.14 0.06
CA THR A 253 -6.82 -10.38 1.00
C THR A 253 -7.10 -11.87 1.03
N SER A 254 -6.61 -12.55 2.04
CA SER A 254 -6.81 -13.96 2.16
C SER A 254 -7.72 -14.26 3.36
N GLY A 1 24.52 22.22 -28.52
CA GLY A 1 23.55 22.88 -27.64
C GLY A 1 22.94 21.90 -26.68
N HIS A 2 21.71 21.52 -26.92
CA HIS A 2 21.04 20.57 -26.07
C HIS A 2 21.45 19.15 -26.43
N MET A 3 22.27 18.58 -25.59
CA MET A 3 22.88 17.25 -25.80
C MET A 3 21.95 16.15 -25.30
N GLN A 4 20.69 16.33 -25.57
CA GLN A 4 19.61 15.54 -25.01
C GLN A 4 19.70 15.59 -23.50
N PRO A 5 19.21 16.71 -22.92
CA PRO A 5 19.18 16.90 -21.48
C PRO A 5 18.28 15.90 -20.78
N ASN A 6 18.84 14.72 -20.55
CA ASN A 6 18.16 13.64 -19.88
C ASN A 6 18.12 13.91 -18.41
N ASN A 7 18.97 14.83 -18.00
CA ASN A 7 19.04 15.28 -16.63
C ASN A 7 17.71 15.90 -16.21
N GLU A 8 17.08 16.61 -17.13
CA GLU A 8 15.79 17.22 -16.89
C GLU A 8 14.75 16.13 -16.67
N SER A 9 14.86 15.08 -17.48
CA SER A 9 13.98 13.94 -17.39
C SER A 9 14.22 13.18 -16.08
N LYS A 10 15.50 13.07 -15.67
CA LYS A 10 15.86 12.40 -14.43
C LYS A 10 15.26 13.09 -13.23
N LYS A 11 15.28 14.40 -13.23
CA LYS A 11 14.69 15.14 -12.13
C LYS A 11 13.18 14.98 -12.10
N LYS A 12 12.57 14.85 -13.27
CA LYS A 12 11.14 14.55 -13.35
C LYS A 12 10.88 13.16 -12.80
N ALA A 13 11.75 12.24 -13.18
CA ALA A 13 11.71 10.87 -12.74
C ALA A 13 11.80 10.77 -11.23
N VAL A 14 12.81 11.42 -10.66
CA VAL A 14 13.02 11.43 -9.21
C VAL A 14 11.80 12.01 -8.52
N LYS A 15 11.33 13.16 -8.99
CA LYS A 15 10.15 13.80 -8.40
C LYS A 15 8.92 12.93 -8.52
N LEU A 16 8.79 12.24 -9.64
CA LEU A 16 7.71 11.29 -9.87
C LEU A 16 7.76 10.23 -8.78
N ASP A 17 8.93 9.61 -8.64
CA ASP A 17 9.13 8.56 -7.65
C ASP A 17 8.81 9.08 -6.27
N LEU A 18 9.34 10.25 -5.92
CA LEU A 18 9.06 10.92 -4.65
C LEU A 18 7.54 11.08 -4.39
N ASP A 19 6.78 11.54 -5.40
CA ASP A 19 5.31 11.69 -5.28
C ASP A 19 4.64 10.37 -5.01
N LEU A 20 4.99 9.40 -5.80
CA LEU A 20 4.41 8.07 -5.69
C LEU A 20 4.79 7.41 -4.38
N MET A 21 6.03 7.58 -3.99
CA MET A 21 6.57 7.08 -2.74
C MET A 21 5.84 7.71 -1.56
N LYS A 22 5.56 9.01 -1.69
CA LYS A 22 4.83 9.77 -0.70
C LYS A 22 3.45 9.16 -0.48
N GLU A 23 2.69 9.06 -1.56
CA GLU A 23 1.34 8.52 -1.48
C GLU A 23 1.34 7.09 -0.98
N THR A 24 2.32 6.31 -1.40
CA THR A 24 2.47 4.94 -0.95
C THR A 24 2.72 4.90 0.56
N LYS A 25 3.59 5.78 1.05
CA LYS A 25 3.94 5.85 2.45
C LYS A 25 2.70 6.24 3.27
N ASN A 26 1.89 7.11 2.69
CA ASN A 26 0.64 7.55 3.34
C ASN A 26 -0.31 6.38 3.46
N VAL A 27 -0.43 5.60 2.38
CA VAL A 27 -1.25 4.40 2.37
C VAL A 27 -0.73 3.40 3.41
N CYS A 28 0.58 3.18 3.44
CA CYS A 28 1.21 2.26 4.39
C CYS A 28 0.90 2.66 5.83
N THR A 29 0.95 3.96 6.10
CA THR A 29 0.66 4.47 7.43
C THR A 29 -0.82 4.23 7.78
N THR A 30 -1.66 4.33 6.78
CA THR A 30 -3.08 4.11 6.93
C THR A 30 -3.33 2.62 7.25
N VAL A 31 -2.70 1.74 6.47
CA VAL A 31 -2.77 0.29 6.66
C VAL A 31 -2.29 -0.05 8.07
N ASN A 32 -1.15 0.49 8.44
CA ASN A 32 -0.57 0.27 9.77
C ASN A 32 -1.56 0.65 10.86
N THR A 33 -2.07 1.85 10.80
CA THR A 33 -2.95 2.36 11.81
C THR A 33 -4.28 1.57 11.86
N LYS A 34 -4.69 1.07 10.72
CA LYS A 34 -5.87 0.24 10.63
C LYS A 34 -5.65 -1.09 11.28
N LEU A 35 -4.61 -1.78 10.88
CA LEU A 35 -4.38 -3.10 11.39
C LEU A 35 -3.98 -3.06 12.86
N VAL A 36 -3.23 -2.03 13.25
CA VAL A 36 -2.84 -1.88 14.63
C VAL A 36 -4.02 -1.56 15.52
N GLY A 37 -4.88 -0.63 15.09
CA GLY A 37 -6.03 -0.29 15.90
C GLY A 37 -6.95 -1.48 16.04
N LYS A 38 -7.09 -2.18 14.93
CA LYS A 38 -7.90 -3.36 14.86
C LYS A 38 -7.36 -4.45 15.77
N ALA A 39 -6.09 -4.74 15.67
CA ALA A 39 -5.47 -5.79 16.48
C ALA A 39 -5.61 -5.48 17.97
N LYS A 40 -5.38 -4.23 18.34
CA LYS A 40 -5.45 -3.82 19.74
C LYS A 40 -6.87 -3.98 20.26
N SER A 41 -7.83 -3.55 19.48
CA SER A 41 -9.20 -3.58 19.90
C SER A 41 -9.75 -5.00 19.92
N LYS A 42 -9.33 -5.80 18.95
CA LYS A 42 -9.77 -7.16 18.87
C LYS A 42 -9.15 -8.03 19.98
N LEU A 43 -7.93 -7.68 20.42
CA LEU A 43 -7.29 -8.40 21.55
C LEU A 43 -8.12 -8.26 22.82
N ASN A 44 -8.82 -7.16 22.92
CA ASN A 44 -9.68 -6.88 24.08
C ASN A 44 -11.01 -7.61 23.97
N LYS A 45 -11.23 -8.31 22.87
CA LYS A 45 -12.47 -9.03 22.69
C LYS A 45 -12.32 -10.50 23.01
N LEU A 46 -11.08 -10.95 23.16
CA LEU A 46 -10.82 -12.32 23.56
C LEU A 46 -11.16 -12.52 25.03
N GLU A 47 -11.29 -13.80 25.44
CA GLU A 47 -11.66 -14.19 26.82
C GLU A 47 -10.91 -13.42 27.90
N GLY A 48 -9.64 -13.24 27.68
CA GLY A 48 -8.86 -12.54 28.62
C GLY A 48 -7.79 -13.40 29.19
N GLU A 49 -8.07 -14.03 30.30
CA GLU A 49 -7.09 -14.83 31.04
C GLU A 49 -6.61 -16.04 30.23
N SER A 50 -7.48 -16.53 29.37
CA SER A 50 -7.16 -17.66 28.50
C SER A 50 -6.21 -17.25 27.36
N HIS A 51 -6.16 -15.96 27.08
CA HIS A 51 -5.34 -15.46 25.99
C HIS A 51 -4.48 -14.30 26.46
N LYS A 52 -4.22 -14.25 27.76
CA LYS A 52 -3.55 -13.10 28.35
C LYS A 52 -2.12 -12.99 27.88
N GLU A 53 -1.44 -14.12 27.82
CA GLU A 53 -0.07 -14.14 27.36
C GLU A 53 -0.04 -13.86 25.86
N TYR A 54 -1.03 -14.39 25.14
CA TYR A 54 -1.17 -14.17 23.70
C TYR A 54 -1.30 -12.69 23.42
N VAL A 55 -2.16 -12.04 24.19
CA VAL A 55 -2.38 -10.61 24.07
C VAL A 55 -1.09 -9.85 24.38
N ALA A 56 -0.39 -10.26 25.43
CA ALA A 56 0.87 -9.63 25.82
C ALA A 56 1.92 -9.77 24.70
N GLU A 57 2.08 -11.00 24.19
CA GLU A 57 3.01 -11.28 23.09
C GLU A 57 2.67 -10.43 21.88
N LYS A 58 1.41 -10.46 21.49
CA LYS A 58 0.93 -9.67 20.37
C LYS A 58 1.11 -8.19 20.58
N THR A 59 0.85 -7.72 21.80
CA THR A 59 1.02 -6.32 22.14
C THR A 59 2.47 -5.88 21.90
N LYS A 60 3.41 -6.67 22.41
CA LYS A 60 4.82 -6.38 22.23
C LYS A 60 5.17 -6.45 20.77
N GLU A 61 4.65 -7.45 20.10
CA GLU A 61 4.98 -7.76 18.71
C GLU A 61 4.48 -6.65 17.78
N ILE A 62 3.29 -6.15 18.05
CA ILE A 62 2.74 -5.05 17.31
C ILE A 62 3.59 -3.82 17.52
N ASP A 63 3.93 -3.56 18.78
CA ASP A 63 4.73 -2.40 19.10
C ASP A 63 6.14 -2.51 18.57
N GLU A 64 6.63 -3.75 18.41
CA GLU A 64 7.92 -4.00 17.78
C GLU A 64 7.84 -3.55 16.35
N LYS A 65 6.82 -4.02 15.66
CA LYS A 65 6.59 -3.67 14.29
C LYS A 65 6.25 -2.20 14.12
N ASN A 66 5.62 -1.63 15.10
CA ASN A 66 5.28 -0.22 15.05
C ASN A 66 6.47 0.65 15.25
N LYS A 67 7.35 0.31 16.19
CA LYS A 67 8.56 1.11 16.35
C LYS A 67 9.43 0.95 15.09
N LYS A 68 9.41 -0.26 14.55
CA LYS A 68 10.10 -0.59 13.32
C LYS A 68 9.55 0.22 12.15
N PHE A 69 8.23 0.20 12.00
CA PHE A 69 7.56 0.94 10.95
C PHE A 69 7.90 2.41 11.06
N ASN A 70 7.95 2.90 12.29
CA ASN A 70 8.29 4.30 12.52
C ASN A 70 9.71 4.62 12.08
N GLU A 71 10.67 3.75 12.40
CA GLU A 71 12.04 3.96 11.98
C GLU A 71 12.22 3.72 10.48
N ASN A 72 11.29 2.97 9.88
CA ASN A 72 11.27 2.78 8.42
C ASN A 72 10.85 4.08 7.74
N LEU A 73 9.93 4.80 8.37
CA LEU A 73 9.44 6.09 7.85
C LEU A 73 10.52 7.12 7.94
N VAL A 74 11.11 7.19 9.13
CA VAL A 74 12.21 8.10 9.39
C VAL A 74 13.41 7.75 8.49
N LYS A 75 13.40 6.52 7.99
CA LYS A 75 14.43 6.05 7.07
C LYS A 75 14.15 6.57 5.67
N ILE A 76 12.92 6.44 5.22
CA ILE A 76 12.55 6.84 3.86
C ILE A 76 12.53 8.35 3.67
N GLU A 77 12.28 9.08 4.75
CA GLU A 77 12.29 10.53 4.69
C GLU A 77 13.71 11.07 4.80
N LYS A 78 14.61 10.22 5.22
CA LYS A 78 16.00 10.57 5.36
C LYS A 78 16.62 10.34 4.01
N ARG A 79 17.11 11.38 3.41
CA ARG A 79 17.61 11.32 2.07
C ARG A 79 19.01 11.85 2.03
N LYS A 80 19.72 11.54 0.99
CA LYS A 80 21.06 12.00 0.82
C LYS A 80 21.02 13.10 -0.22
N LYS A 81 21.71 14.17 0.00
CA LYS A 81 21.71 15.24 -0.96
C LYS A 81 22.97 15.24 -1.80
N ILE A 82 22.79 15.24 -3.08
CA ILE A 82 23.89 15.22 -4.02
C ILE A 82 23.72 16.32 -5.04
N LYS A 83 24.76 16.65 -5.75
CA LYS A 83 24.70 17.67 -6.77
C LYS A 83 24.61 17.03 -8.13
N VAL A 84 23.57 17.34 -8.84
CA VAL A 84 23.26 16.70 -10.12
C VAL A 84 22.53 17.69 -11.03
N PRO A 85 23.09 18.00 -12.21
CA PRO A 85 24.37 17.49 -12.66
C PRO A 85 25.48 18.28 -12.03
N ALA A 86 26.66 17.76 -12.11
CA ALA A 86 27.84 18.38 -11.52
C ALA A 86 28.18 19.73 -12.19
N ASP A 87 27.53 19.99 -13.31
CA ASP A 87 27.73 21.23 -14.05
C ASP A 87 27.02 22.38 -13.36
N THR A 88 25.78 22.16 -12.96
CA THR A 88 25.03 23.19 -12.28
C THR A 88 25.25 23.09 -10.79
N GLY A 89 25.37 21.86 -10.31
CA GLY A 89 25.60 21.63 -8.92
C GLY A 89 24.35 21.71 -8.11
N ALA A 90 23.22 21.44 -8.77
CA ALA A 90 21.94 21.51 -8.12
C ALA A 90 21.87 20.40 -7.13
N GLU A 91 21.60 20.75 -5.91
CA GLU A 91 21.56 19.79 -4.87
C GLU A 91 20.17 19.23 -4.78
N VAL A 92 20.08 17.94 -4.93
CA VAL A 92 18.82 17.25 -4.92
C VAL A 92 18.81 16.25 -3.79
N ASP A 93 17.67 16.12 -3.16
CA ASP A 93 17.48 15.10 -2.15
C ASP A 93 17.15 13.81 -2.87
N ALA A 94 17.94 12.84 -2.67
CA ALA A 94 17.74 11.55 -3.25
C ALA A 94 17.41 10.62 -2.12
N VAL A 95 16.39 9.82 -2.28
CA VAL A 95 15.90 8.96 -1.19
C VAL A 95 16.89 7.89 -0.81
N ASP A 96 17.80 7.60 -1.71
CA ASP A 96 18.91 6.64 -1.55
C ASP A 96 18.48 5.21 -1.86
N ASP A 97 19.42 4.45 -2.39
CA ASP A 97 19.23 3.04 -2.78
C ASP A 97 18.77 2.19 -1.60
N GLY A 98 19.11 2.60 -0.38
CA GLY A 98 18.76 1.90 0.82
C GLY A 98 17.27 1.83 1.05
N VAL A 99 16.53 2.67 0.34
CA VAL A 99 15.10 2.68 0.38
C VAL A 99 14.51 1.37 -0.20
N ALA A 100 15.28 0.68 -1.05
CA ALA A 100 14.86 -0.63 -1.55
C ALA A 100 14.75 -1.57 -0.35
N GLY A 101 15.78 -1.54 0.50
CA GLY A 101 15.78 -2.31 1.72
C GLY A 101 14.71 -1.83 2.68
N ALA A 102 14.51 -0.51 2.72
CA ALA A 102 13.46 0.08 3.56
C ALA A 102 12.08 -0.41 3.14
N LEU A 103 11.83 -0.45 1.83
CA LEU A 103 10.60 -1.02 1.29
C LEU A 103 10.48 -2.48 1.61
N SER A 104 11.58 -3.17 1.58
CA SER A 104 11.59 -4.59 1.93
C SER A 104 11.23 -4.75 3.42
N ASP A 105 11.68 -3.83 4.25
CA ASP A 105 11.34 -3.85 5.67
C ASP A 105 9.89 -3.55 5.86
N LEU A 106 9.45 -2.40 5.37
CA LEU A 106 8.07 -1.98 5.57
C LEU A 106 7.09 -2.93 4.92
N SER A 107 7.44 -3.50 3.77
CA SER A 107 6.61 -4.52 3.16
C SER A 107 6.45 -5.70 4.10
N SER A 108 7.55 -6.18 4.63
CA SER A 108 7.56 -7.31 5.51
C SER A 108 6.84 -6.96 6.82
N ASP A 109 7.06 -5.76 7.30
CA ASP A 109 6.47 -5.30 8.54
C ASP A 109 4.97 -5.09 8.40
N ILE A 110 4.54 -4.50 7.28
CA ILE A 110 3.11 -4.33 6.99
C ILE A 110 2.44 -5.68 6.81
N SER A 111 3.13 -6.57 6.10
CA SER A 111 2.64 -7.92 5.87
C SER A 111 2.48 -8.64 7.21
N ALA A 112 3.49 -8.51 8.07
CA ALA A 112 3.45 -9.08 9.39
C ALA A 112 2.29 -8.52 10.16
N ILE A 113 2.22 -7.19 10.26
CA ILE A 113 1.13 -6.50 10.97
C ILE A 113 -0.24 -6.98 10.52
N LYS A 114 -0.47 -7.06 9.21
CA LYS A 114 -1.74 -7.52 8.71
C LYS A 114 -1.97 -8.97 9.13
N THR A 115 -0.98 -9.82 8.91
CA THR A 115 -1.06 -11.24 9.22
C THR A 115 -1.29 -11.50 10.73
N LEU A 116 -0.64 -10.69 11.56
CA LEU A 116 -0.79 -10.78 13.00
C LEU A 116 -2.20 -10.39 13.38
N THR A 117 -2.71 -9.37 12.73
CA THR A 117 -4.04 -8.89 12.96
C THR A 117 -5.07 -9.90 12.44
N ASP A 118 -4.73 -10.61 11.34
CA ASP A 118 -5.56 -11.71 10.83
C ASP A 118 -5.73 -12.71 11.92
N ASP A 119 -4.60 -13.15 12.49
CA ASP A 119 -4.60 -14.10 13.61
C ASP A 119 -5.47 -13.65 14.73
N VAL A 120 -5.30 -12.41 15.14
CA VAL A 120 -6.10 -11.84 16.21
C VAL A 120 -7.59 -11.91 15.87
N SER A 121 -7.95 -11.45 14.68
CA SER A 121 -9.33 -11.41 14.24
C SER A 121 -9.92 -12.84 14.11
N GLU A 122 -9.09 -13.79 13.73
CA GLU A 122 -9.47 -15.19 13.64
C GLU A 122 -9.78 -15.74 15.01
N LYS A 123 -8.87 -15.48 15.93
CA LYS A 123 -9.04 -15.92 17.31
C LYS A 123 -10.26 -15.24 17.95
N VAL A 124 -10.63 -14.10 17.42
CA VAL A 124 -11.86 -13.42 17.83
C VAL A 124 -13.07 -14.26 17.41
N SER A 125 -13.01 -14.85 16.22
CA SER A 125 -14.13 -15.59 15.67
C SER A 125 -14.41 -16.84 16.49
N GLU A 126 -13.38 -17.39 17.11
CA GLU A 126 -13.55 -18.58 17.92
C GLU A 126 -13.92 -18.23 19.36
N ASN A 127 -13.62 -17.01 19.79
CA ASN A 127 -13.97 -16.58 21.15
C ASN A 127 -15.35 -15.99 21.22
N LEU A 128 -15.78 -15.36 20.17
CA LEU A 128 -17.05 -14.68 20.19
C LEU A 128 -18.17 -15.59 19.72
N LYS A 129 -19.38 -15.20 20.04
CA LYS A 129 -20.59 -15.91 19.60
C LYS A 129 -20.79 -15.81 18.11
N ASP A 130 -21.74 -16.58 17.60
CA ASP A 130 -22.07 -16.57 16.15
C ASP A 130 -22.37 -15.15 15.70
N ASP A 131 -23.18 -14.47 16.48
CA ASP A 131 -23.61 -13.10 16.22
C ASP A 131 -22.43 -12.17 16.30
N GLU A 132 -21.72 -12.26 17.39
CA GLU A 132 -20.58 -11.41 17.68
C GLU A 132 -19.46 -11.59 16.64
N ALA A 133 -19.27 -12.82 16.19
CA ALA A 133 -18.32 -13.15 15.16
C ALA A 133 -18.75 -12.51 13.86
N SER A 134 -20.04 -12.60 13.56
CA SER A 134 -20.61 -12.00 12.38
C SER A 134 -20.47 -10.47 12.42
N ALA A 135 -20.61 -9.90 13.62
CA ALA A 135 -20.42 -8.47 13.83
C ALA A 135 -18.97 -8.11 13.54
N THR A 136 -18.04 -8.95 13.99
CA THR A 136 -16.64 -8.76 13.71
C THR A 136 -16.37 -8.91 12.20
N GLU A 137 -16.93 -9.96 11.60
CA GLU A 137 -16.83 -10.22 10.16
C GLU A 137 -17.29 -8.97 9.40
N HIS A 138 -18.44 -8.44 9.80
CA HIS A 138 -19.00 -7.24 9.21
C HIS A 138 -18.05 -6.06 9.40
N THR A 139 -17.52 -5.92 10.60
CA THR A 139 -16.58 -4.86 10.91
C THR A 139 -15.35 -4.98 10.00
N ASP A 140 -14.82 -6.20 9.91
CA ASP A 140 -13.70 -6.51 9.04
C ASP A 140 -13.99 -6.13 7.64
N ILE A 141 -15.07 -6.65 7.13
CA ILE A 141 -15.49 -6.39 5.76
C ILE A 141 -15.61 -4.88 5.51
N LYS A 142 -16.25 -4.17 6.41
CA LYS A 142 -16.42 -2.73 6.25
C LYS A 142 -15.10 -1.98 6.27
N GLU A 143 -14.23 -2.31 7.21
CA GLU A 143 -13.01 -1.56 7.32
C GLU A 143 -11.98 -2.00 6.30
N LYS A 144 -12.03 -3.26 5.87
CA LYS A 144 -11.16 -3.72 4.81
C LYS A 144 -11.60 -3.06 3.52
N ALA A 145 -12.91 -2.88 3.40
CA ALA A 145 -13.50 -2.19 2.27
C ALA A 145 -13.05 -0.73 2.26
N THR A 146 -13.15 -0.08 3.41
CA THR A 146 -12.73 1.28 3.56
C THR A 146 -11.24 1.44 3.29
N LEU A 147 -10.43 0.53 3.84
CA LEU A 147 -8.98 0.54 3.65
C LEU A 147 -8.64 0.32 2.18
N LEU A 148 -9.38 -0.58 1.54
CA LEU A 148 -9.19 -0.84 0.12
C LEU A 148 -9.47 0.42 -0.68
N GLN A 149 -10.55 1.12 -0.33
CA GLN A 149 -10.90 2.39 -0.96
C GLN A 149 -9.80 3.45 -0.68
N GLU A 150 -9.31 3.50 0.57
CA GLU A 150 -8.21 4.39 0.97
C GLU A 150 -7.01 4.17 0.08
N SER A 151 -6.70 2.91 -0.10
CA SER A 151 -5.60 2.50 -0.91
C SER A 151 -5.86 2.89 -2.37
N CYS A 152 -7.07 2.62 -2.87
CA CYS A 152 -7.43 2.96 -4.24
C CYS A 152 -7.31 4.47 -4.52
N ASN A 153 -7.57 5.30 -3.50
CA ASN A 153 -7.41 6.75 -3.64
C ASN A 153 -5.93 7.09 -3.80
N GLY A 154 -5.11 6.48 -2.96
CA GLY A 154 -3.67 6.72 -3.02
C GLY A 154 -3.07 6.18 -4.30
N ILE A 155 -3.44 4.95 -4.64
CA ILE A 155 -2.97 4.28 -5.84
C ILE A 155 -3.43 5.04 -7.08
N GLY A 156 -4.62 5.60 -6.99
CA GLY A 156 -5.15 6.41 -8.05
C GLY A 156 -4.33 7.67 -8.27
N THR A 157 -3.81 8.23 -7.19
CA THR A 157 -3.02 9.46 -7.25
C THR A 157 -1.66 9.15 -7.87
N ILE A 158 -1.17 7.99 -7.49
CA ILE A 158 0.04 7.43 -8.04
C ILE A 158 -0.12 7.24 -9.53
N LEU A 159 -1.19 6.56 -9.90
CA LEU A 159 -1.53 6.33 -11.29
C LEU A 159 -1.64 7.67 -12.03
N ASP A 160 -2.28 8.65 -11.40
CA ASP A 160 -2.45 9.98 -12.01
C ASP A 160 -1.14 10.64 -12.38
N LYS A 161 -0.18 10.65 -11.44
CA LYS A 161 1.12 11.24 -11.77
C LYS A 161 1.88 10.39 -12.77
N LEU A 162 1.74 9.10 -12.62
CA LEU A 162 2.40 8.13 -13.44
C LEU A 162 1.95 8.27 -14.91
N ALA A 163 0.64 8.36 -15.09
CA ALA A 163 0.03 8.44 -16.42
C ALA A 163 0.38 9.72 -17.16
N GLU A 164 0.93 10.70 -16.49
CA GLU A 164 1.36 11.92 -17.16
C GLU A 164 2.81 11.82 -17.55
N TYR A 165 3.49 10.95 -16.89
CA TYR A 165 4.91 10.80 -17.14
C TYR A 165 5.09 9.93 -18.36
N LEU A 166 4.20 8.99 -18.52
CA LEU A 166 4.22 8.11 -19.63
C LEU A 166 2.80 8.03 -20.13
N ASN A 167 2.33 9.15 -20.60
CA ASN A 167 1.00 9.21 -21.17
C ASN A 167 0.98 8.57 -22.54
N ASN A 168 0.46 7.38 -22.61
CA ASN A 168 0.40 6.64 -23.84
C ASN A 168 -0.90 5.88 -23.87
N ASP A 169 -1.11 5.10 -24.91
CA ASP A 169 -2.36 4.34 -25.08
C ASP A 169 -2.58 3.42 -23.90
N THR A 170 -1.51 2.80 -23.47
CA THR A 170 -1.53 1.87 -22.37
C THR A 170 -2.05 2.55 -21.08
N THR A 171 -1.43 3.64 -20.67
CA THR A 171 -1.84 4.32 -19.44
C THR A 171 -3.24 4.91 -19.54
N GLN A 172 -3.66 5.28 -20.75
CA GLN A 172 -5.03 5.77 -20.97
C GLN A 172 -6.03 4.65 -20.74
N ASN A 173 -5.69 3.46 -21.23
CA ASN A 173 -6.51 2.27 -21.05
C ASN A 173 -6.55 1.86 -19.60
N ILE A 174 -5.42 1.94 -18.96
CA ILE A 174 -5.31 1.63 -17.55
C ILE A 174 -6.14 2.59 -16.71
N LYS A 175 -6.03 3.87 -17.04
CA LYS A 175 -6.82 4.91 -16.38
C LYS A 175 -8.32 4.62 -16.51
N LYS A 176 -8.78 4.32 -17.73
CA LYS A 176 -10.20 4.09 -17.96
C LYS A 176 -10.68 2.81 -17.24
N GLU A 177 -9.85 1.77 -17.24
CA GLU A 177 -10.12 0.54 -16.53
C GLU A 177 -10.19 0.80 -15.04
N PHE A 178 -9.24 1.58 -14.54
CA PHE A 178 -9.14 1.90 -13.13
C PHE A 178 -10.39 2.63 -12.70
N ASP A 179 -10.81 3.60 -13.53
CA ASP A 179 -12.07 4.32 -13.31
C ASP A 179 -13.22 3.39 -13.16
N GLU A 180 -13.34 2.45 -14.09
CA GLU A 180 -14.43 1.49 -14.04
C GLU A 180 -14.36 0.66 -12.77
N ARG A 181 -13.18 0.15 -12.45
CA ARG A 181 -13.01 -0.70 -11.28
C ARG A 181 -13.30 0.10 -10.02
N LYS A 182 -12.81 1.31 -9.96
CA LYS A 182 -12.97 2.16 -8.79
C LYS A 182 -14.41 2.59 -8.60
N LYS A 183 -15.08 2.89 -9.68
CA LYS A 183 -16.47 3.26 -9.63
C LYS A 183 -17.39 2.09 -9.34
N ASN A 184 -17.04 0.93 -9.86
CA ASN A 184 -17.78 -0.29 -9.51
C ASN A 184 -17.56 -0.59 -8.05
N LEU A 185 -16.30 -0.49 -7.63
CA LEU A 185 -15.91 -0.70 -6.24
C LEU A 185 -16.66 0.23 -5.31
N THR A 186 -16.70 1.50 -5.62
CA THR A 186 -17.38 2.49 -4.79
C THR A 186 -18.90 2.20 -4.72
N SER A 187 -19.44 1.62 -5.78
CA SER A 187 -20.85 1.30 -5.83
C SER A 187 -21.12 0.12 -4.90
N LEU A 188 -20.23 -0.85 -4.97
CA LEU A 188 -20.32 -2.05 -4.17
C LEU A 188 -20.03 -1.71 -2.72
N LYS A 189 -19.10 -0.79 -2.50
CA LYS A 189 -18.67 -0.35 -1.17
C LYS A 189 -19.87 0.25 -0.44
N THR A 190 -20.72 0.92 -1.21
CA THR A 190 -21.93 1.51 -0.69
C THR A 190 -22.90 0.40 -0.20
N LYS A 191 -22.83 -0.74 -0.87
CA LYS A 191 -23.65 -1.90 -0.52
C LYS A 191 -23.03 -2.64 0.66
N VAL A 192 -21.69 -2.56 0.76
CA VAL A 192 -20.94 -3.18 1.86
C VAL A 192 -21.21 -2.41 3.17
N GLU A 193 -21.64 -1.16 3.02
CA GLU A 193 -22.00 -0.34 4.16
C GLU A 193 -23.35 -0.76 4.75
N ASN A 194 -24.04 -1.64 4.06
CA ASN A 194 -25.31 -2.14 4.54
C ASN A 194 -25.16 -3.55 5.07
N LYS A 195 -25.45 -3.73 6.33
CA LYS A 195 -25.35 -5.03 6.99
C LYS A 195 -26.53 -5.90 6.60
N ASP A 196 -27.57 -5.28 6.11
CA ASP A 196 -28.80 -5.97 5.75
C ASP A 196 -28.64 -6.66 4.40
N GLU A 197 -27.69 -6.20 3.63
CA GLU A 197 -27.34 -6.79 2.34
C GLU A 197 -26.22 -7.76 2.61
N ASP A 198 -25.89 -8.65 1.68
CA ASP A 198 -24.73 -9.49 1.93
C ASP A 198 -23.48 -8.75 1.57
N TYR A 199 -23.02 -7.99 2.52
CA TYR A 199 -21.86 -7.14 2.42
C TYR A 199 -20.60 -7.93 2.05
N VAL A 200 -20.58 -9.22 2.40
CA VAL A 200 -19.42 -10.05 2.15
C VAL A 200 -19.21 -10.24 0.63
N THR A 201 -20.27 -10.62 -0.07
CA THR A 201 -20.19 -10.84 -1.50
C THR A 201 -19.84 -9.54 -2.24
N HIS A 202 -20.45 -8.43 -1.80
CA HIS A 202 -20.16 -7.13 -2.41
C HIS A 202 -18.69 -6.79 -2.26
N PHE A 203 -18.15 -7.10 -1.08
CA PHE A 203 -16.73 -6.91 -0.78
C PHE A 203 -15.88 -7.72 -1.74
N ARG A 204 -16.27 -8.97 -1.93
CA ARG A 204 -15.59 -9.90 -2.85
C ARG A 204 -15.50 -9.29 -4.24
N ASP A 205 -16.60 -8.75 -4.70
CA ASP A 205 -16.65 -8.16 -6.03
C ASP A 205 -15.76 -6.95 -6.14
N MET A 206 -15.78 -6.09 -5.10
CA MET A 206 -14.90 -4.91 -5.08
C MET A 206 -13.47 -5.35 -5.14
N ALA A 207 -13.13 -6.35 -4.31
CA ALA A 207 -11.78 -6.89 -4.22
C ALA A 207 -11.31 -7.34 -5.58
N THR A 208 -12.17 -8.04 -6.30
CA THR A 208 -11.87 -8.51 -7.64
C THR A 208 -11.60 -7.31 -8.58
N GLU A 209 -12.46 -6.30 -8.53
CA GLU A 209 -12.27 -5.08 -9.32
C GLU A 209 -10.96 -4.39 -8.94
N ALA A 210 -10.67 -4.36 -7.65
CA ALA A 210 -9.46 -3.76 -7.14
C ALA A 210 -8.23 -4.49 -7.64
N GLN A 211 -8.28 -5.83 -7.64
CA GLN A 211 -7.18 -6.65 -8.17
C GLN A 211 -6.95 -6.29 -9.63
N ASN A 212 -8.03 -6.20 -10.38
CA ASN A 212 -7.98 -5.85 -11.80
C ASN A 212 -7.35 -4.47 -11.98
N ALA A 213 -7.84 -3.52 -11.20
CA ALA A 213 -7.37 -2.15 -11.22
C ALA A 213 -5.89 -2.07 -10.92
N VAL A 214 -5.49 -2.70 -9.83
CA VAL A 214 -4.12 -2.68 -9.40
C VAL A 214 -3.22 -3.43 -10.36
N GLY A 215 -3.75 -4.47 -11.00
CA GLY A 215 -3.02 -5.17 -12.02
C GLY A 215 -2.68 -4.22 -13.17
N GLU A 216 -3.66 -3.39 -13.55
CA GLU A 216 -3.43 -2.41 -14.59
C GLU A 216 -2.42 -1.35 -14.12
N VAL A 217 -2.60 -0.85 -12.89
CA VAL A 217 -1.66 0.13 -12.29
C VAL A 217 -0.24 -0.41 -12.28
N LYS A 218 -0.10 -1.67 -11.86
CA LYS A 218 1.20 -2.28 -11.77
C LYS A 218 1.81 -2.39 -13.16
N LYS A 219 0.98 -2.70 -14.16
CA LYS A 219 1.46 -2.77 -15.54
C LYS A 219 1.98 -1.40 -15.98
N ALA A 220 1.29 -0.34 -15.55
CA ALA A 220 1.73 1.01 -15.83
C ALA A 220 3.08 1.27 -15.16
N ILE A 221 3.22 0.85 -13.91
CA ILE A 221 4.47 0.98 -13.18
C ILE A 221 5.60 0.27 -13.92
N ASP A 222 5.36 -1.00 -14.28
CA ASP A 222 6.32 -1.82 -15.03
C ASP A 222 6.75 -1.12 -16.32
N ALA A 223 5.77 -0.50 -16.99
CA ALA A 223 6.01 0.23 -18.21
C ALA A 223 6.87 1.47 -17.97
N VAL A 224 6.55 2.24 -16.94
CA VAL A 224 7.28 3.46 -16.63
C VAL A 224 8.70 3.16 -16.14
N VAL A 225 8.89 1.99 -15.55
CA VAL A 225 10.22 1.54 -15.19
C VAL A 225 11.01 1.28 -16.46
N ALA A 226 10.43 0.45 -17.33
CA ALA A 226 11.05 0.08 -18.60
C ALA A 226 11.36 1.33 -19.44
N HIS A 227 10.40 2.24 -19.52
CA HIS A 227 10.52 3.48 -20.27
C HIS A 227 11.73 4.29 -19.82
N ARG A 228 11.94 4.36 -18.51
CA ARG A 228 13.04 5.14 -17.99
C ARG A 228 14.36 4.42 -18.20
N LYS A 229 14.34 3.10 -18.02
CA LYS A 229 15.51 2.26 -18.28
C LYS A 229 15.92 2.40 -19.75
N ALA A 230 14.92 2.50 -20.61
CA ALA A 230 15.10 2.62 -22.04
C ALA A 230 15.61 4.00 -22.47
N GLU A 231 15.70 4.95 -21.54
CA GLU A 231 16.31 6.24 -21.88
C GLU A 231 17.57 6.43 -21.05
N ASN A 232 17.86 5.39 -20.25
CA ASN A 232 19.05 5.29 -19.40
C ASN A 232 19.02 6.26 -18.25
N LEU A 233 17.89 6.27 -17.58
CA LEU A 233 17.69 7.04 -16.37
C LEU A 233 17.97 6.16 -15.17
N ASP A 234 18.31 6.77 -14.06
CA ASP A 234 18.66 6.07 -12.84
C ASP A 234 17.42 5.56 -12.13
N VAL A 235 17.05 4.34 -12.46
CA VAL A 235 15.89 3.67 -11.93
C VAL A 235 16.30 2.27 -11.47
N ASP A 236 16.00 1.93 -10.23
CA ASP A 236 16.35 0.64 -9.68
C ASP A 236 15.16 -0.28 -9.75
N ASP A 237 15.30 -1.36 -10.50
CA ASP A 237 14.23 -2.33 -10.69
C ASP A 237 13.80 -2.99 -9.39
N THR A 238 14.76 -3.22 -8.49
CA THR A 238 14.49 -3.90 -7.24
C THR A 238 13.51 -3.07 -6.38
N LEU A 239 13.78 -1.79 -6.30
CA LEU A 239 12.95 -0.83 -5.58
C LEU A 239 11.48 -0.94 -6.02
N PHE A 240 11.26 -0.96 -7.31
CA PHE A 240 9.93 -1.04 -7.84
C PHE A 240 9.32 -2.42 -7.66
N SER A 241 10.15 -3.43 -7.67
CA SER A 241 9.72 -4.77 -7.43
C SER A 241 9.25 -4.93 -5.97
N ASN A 242 9.98 -4.31 -5.04
CA ASN A 242 9.62 -4.33 -3.62
C ASN A 242 8.34 -3.58 -3.42
N LEU A 243 8.25 -2.43 -4.10
CA LEU A 243 7.12 -1.59 -4.08
C LEU A 243 5.89 -2.34 -4.57
N SER A 244 6.00 -2.95 -5.73
CA SER A 244 4.92 -3.69 -6.32
C SER A 244 4.49 -4.90 -5.44
N THR A 245 5.46 -5.54 -4.79
CA THR A 245 5.14 -6.65 -3.90
C THR A 245 4.36 -6.13 -2.67
N LEU A 246 4.79 -4.99 -2.17
CA LEU A 246 4.15 -4.35 -1.04
C LEU A 246 2.76 -3.87 -1.47
N LEU A 247 2.67 -3.39 -2.71
CA LEU A 247 1.43 -3.01 -3.35
C LEU A 247 0.45 -4.17 -3.32
N ASP A 248 0.88 -5.33 -3.84
CA ASP A 248 0.07 -6.56 -3.84
C ASP A 248 -0.38 -6.90 -2.42
N THR A 249 0.54 -6.75 -1.48
CA THR A 249 0.29 -7.06 -0.08
C THR A 249 -0.78 -6.12 0.56
N ILE A 250 -0.75 -4.85 0.20
CA ILE A 250 -1.72 -3.87 0.72
C ILE A 250 -3.08 -4.05 0.08
N ILE A 251 -3.09 -4.35 -1.20
CA ILE A 251 -4.33 -4.48 -1.93
C ILE A 251 -4.98 -5.82 -1.62
N GLU A 252 -4.16 -6.79 -1.21
CA GLU A 252 -4.66 -8.05 -0.76
C GLU A 252 -5.51 -7.84 0.47
N THR A 253 -6.75 -8.10 0.30
CA THR A 253 -7.71 -7.96 1.31
C THR A 253 -8.51 -9.25 1.44
N SER A 254 -8.18 -10.01 2.43
CA SER A 254 -8.87 -11.23 2.73
C SER A 254 -9.46 -11.16 4.14
N GLY A 1 34.33 5.82 -18.06
CA GLY A 1 33.19 6.67 -17.73
C GLY A 1 32.14 6.60 -18.80
N HIS A 2 30.95 6.98 -18.46
CA HIS A 2 29.83 6.97 -19.38
C HIS A 2 29.22 8.34 -19.38
N MET A 3 28.45 8.62 -20.38
CA MET A 3 27.71 9.86 -20.43
C MET A 3 26.32 9.57 -19.99
N GLN A 4 25.69 10.50 -19.32
CA GLN A 4 24.35 10.30 -18.84
C GLN A 4 23.41 11.35 -19.40
N PRO A 5 22.92 11.17 -20.62
CA PRO A 5 21.90 12.02 -21.20
C PRO A 5 20.54 11.68 -20.59
N ASN A 6 19.51 12.44 -20.95
CA ASN A 6 18.17 12.27 -20.39
C ASN A 6 18.17 12.55 -18.90
N ASN A 7 19.05 13.44 -18.47
CA ASN A 7 19.15 13.75 -17.05
C ASN A 7 17.94 14.56 -16.60
N GLU A 8 17.27 15.20 -17.54
CA GLU A 8 16.04 15.90 -17.27
C GLU A 8 14.89 14.91 -17.15
N SER A 9 15.02 13.79 -17.83
CA SER A 9 14.08 12.71 -17.72
C SER A 9 14.36 11.97 -16.42
N LYS A 10 15.63 12.00 -16.01
CA LYS A 10 16.03 11.47 -14.73
C LYS A 10 15.45 12.33 -13.63
N LYS A 11 15.41 13.64 -13.86
CA LYS A 11 14.76 14.56 -12.93
C LYS A 11 13.30 14.18 -12.76
N LYS A 12 12.60 14.02 -13.88
CA LYS A 12 11.20 13.60 -13.88
C LYS A 12 11.05 12.26 -13.17
N ALA A 13 12.01 11.39 -13.38
CA ALA A 13 12.03 10.07 -12.77
C ALA A 13 12.18 10.20 -11.26
N VAL A 14 13.16 10.98 -10.83
CA VAL A 14 13.39 11.21 -9.42
C VAL A 14 12.16 11.84 -8.77
N LYS A 15 11.59 12.84 -9.43
CA LYS A 15 10.38 13.50 -8.95
C LYS A 15 9.22 12.50 -8.85
N LEU A 16 9.17 11.59 -9.80
CA LEU A 16 8.19 10.53 -9.81
C LEU A 16 8.41 9.64 -8.58
N ASP A 17 9.65 9.19 -8.41
CA ASP A 17 10.02 8.31 -7.30
C ASP A 17 9.79 9.02 -5.96
N LEU A 18 10.01 10.34 -5.94
CA LEU A 18 9.75 11.15 -4.77
C LEU A 18 8.28 11.16 -4.45
N ASP A 19 7.45 11.28 -5.48
CA ASP A 19 5.99 11.24 -5.32
C ASP A 19 5.56 9.87 -4.87
N LEU A 20 6.15 8.86 -5.44
CA LEU A 20 5.92 7.47 -5.03
C LEU A 20 6.23 7.29 -3.57
N MET A 21 7.43 7.63 -3.15
CA MET A 21 7.84 7.49 -1.75
C MET A 21 6.92 8.30 -0.85
N LYS A 22 6.57 9.49 -1.30
CA LYS A 22 5.66 10.38 -0.58
C LYS A 22 4.31 9.70 -0.33
N GLU A 23 3.64 9.32 -1.39
CA GLU A 23 2.31 8.76 -1.26
C GLU A 23 2.36 7.39 -0.62
N THR A 24 3.43 6.65 -0.86
CA THR A 24 3.60 5.35 -0.26
C THR A 24 3.77 5.51 1.24
N LYS A 25 4.56 6.51 1.67
CA LYS A 25 4.78 6.75 3.08
C LYS A 25 3.48 7.15 3.72
N ASN A 26 2.72 7.94 3.01
CA ASN A 26 1.44 8.44 3.50
C ASN A 26 0.46 7.31 3.71
N VAL A 27 0.34 6.45 2.72
CA VAL A 27 -0.55 5.31 2.83
C VAL A 27 -0.06 4.36 3.91
N CYS A 28 1.22 4.02 3.89
CA CYS A 28 1.79 3.07 4.84
C CYS A 28 1.65 3.55 6.27
N THR A 29 1.92 4.82 6.53
CA THR A 29 1.85 5.32 7.87
C THR A 29 0.40 5.34 8.37
N THR A 30 -0.49 5.67 7.49
CA THR A 30 -1.90 5.75 7.84
C THR A 30 -2.46 4.35 8.05
N VAL A 31 -2.19 3.47 7.10
CA VAL A 31 -2.69 2.13 7.14
C VAL A 31 -2.10 1.38 8.32
N ASN A 32 -0.82 1.60 8.60
CA ASN A 32 -0.17 0.94 9.72
C ASN A 32 -0.85 1.33 11.01
N THR A 33 -1.06 2.62 11.20
CA THR A 33 -1.67 3.12 12.41
C THR A 33 -3.09 2.56 12.60
N LYS A 34 -3.86 2.51 11.51
CA LYS A 34 -5.21 2.02 11.58
C LYS A 34 -5.25 0.51 11.79
N LEU A 35 -4.33 -0.19 11.16
CA LEU A 35 -4.18 -1.64 11.35
C LEU A 35 -3.87 -1.93 12.80
N VAL A 36 -2.95 -1.16 13.38
CA VAL A 36 -2.59 -1.29 14.80
C VAL A 36 -3.82 -1.15 15.68
N GLY A 37 -4.62 -0.12 15.41
CA GLY A 37 -5.83 0.08 16.16
C GLY A 37 -6.77 -1.10 16.04
N LYS A 38 -6.94 -1.57 14.82
CA LYS A 38 -7.81 -2.70 14.54
C LYS A 38 -7.30 -3.97 15.18
N ALA A 39 -6.00 -4.22 15.07
CA ALA A 39 -5.37 -5.40 15.64
C ALA A 39 -5.61 -5.46 17.14
N LYS A 40 -5.41 -4.33 17.81
CA LYS A 40 -5.62 -4.29 19.23
C LYS A 40 -7.12 -4.32 19.59
N SER A 41 -7.94 -3.86 18.67
CA SER A 41 -9.39 -3.96 18.82
C SER A 41 -9.81 -5.44 18.74
N LYS A 42 -9.14 -6.21 17.87
CA LYS A 42 -9.41 -7.66 17.73
C LYS A 42 -8.96 -8.35 19.00
N LEU A 43 -7.82 -7.90 19.50
CA LEU A 43 -7.28 -8.42 20.76
C LEU A 43 -8.28 -8.25 21.90
N ASN A 44 -9.02 -7.15 21.85
CA ASN A 44 -10.05 -6.85 22.85
C ASN A 44 -11.32 -7.66 22.62
N LYS A 45 -11.41 -8.34 21.49
CA LYS A 45 -12.56 -9.18 21.18
C LYS A 45 -12.43 -10.52 21.86
N LEU A 46 -11.20 -10.94 22.06
CA LEU A 46 -10.93 -12.16 22.77
C LEU A 46 -11.24 -11.96 24.24
N GLU A 47 -11.53 -13.05 24.93
CA GLU A 47 -11.97 -13.02 26.33
C GLU A 47 -11.03 -12.22 27.23
N GLY A 48 -9.86 -12.75 27.51
CA GLY A 48 -8.94 -12.02 28.33
C GLY A 48 -7.86 -12.91 28.90
N GLU A 49 -8.08 -13.39 30.10
CA GLU A 49 -7.10 -14.20 30.85
C GLU A 49 -6.76 -15.53 30.15
N SER A 50 -7.67 -16.03 29.35
CA SER A 50 -7.43 -17.24 28.60
C SER A 50 -6.62 -16.97 27.33
N HIS A 51 -6.41 -15.71 27.03
CA HIS A 51 -5.68 -15.31 25.84
C HIS A 51 -4.61 -14.29 26.21
N LYS A 52 -4.21 -14.31 27.46
CA LYS A 52 -3.34 -13.28 28.03
C LYS A 52 -1.95 -13.37 27.42
N GLU A 53 -1.52 -14.57 27.22
CA GLU A 53 -0.25 -14.87 26.67
C GLU A 53 -0.26 -14.57 25.19
N TYR A 54 -1.37 -14.90 24.55
CA TYR A 54 -1.56 -14.64 23.14
C TYR A 54 -1.55 -13.15 22.88
N VAL A 55 -2.35 -12.43 23.65
CA VAL A 55 -2.47 -10.99 23.52
C VAL A 55 -1.12 -10.34 23.77
N ALA A 56 -0.41 -10.79 24.79
CA ALA A 56 0.91 -10.25 25.12
C ALA A 56 1.90 -10.41 23.96
N GLU A 57 1.93 -11.59 23.35
CA GLU A 57 2.79 -11.85 22.20
C GLU A 57 2.45 -10.93 21.04
N LYS A 58 1.17 -10.88 20.69
CA LYS A 58 0.74 -10.07 19.57
C LYS A 58 0.94 -8.59 19.84
N THR A 59 0.66 -8.16 21.06
CA THR A 59 0.84 -6.77 21.45
C THR A 59 2.30 -6.37 21.33
N LYS A 60 3.22 -7.24 21.77
CA LYS A 60 4.63 -6.95 21.61
C LYS A 60 5.02 -6.85 20.18
N GLU A 61 4.56 -7.78 19.37
CA GLU A 61 4.91 -7.78 17.95
C GLU A 61 4.49 -6.51 17.26
N ILE A 62 3.31 -6.05 17.59
CA ILE A 62 2.81 -4.82 17.05
C ILE A 62 3.70 -3.66 17.48
N ASP A 63 3.97 -3.57 18.78
CA ASP A 63 4.76 -2.45 19.28
C ASP A 63 6.19 -2.50 18.77
N GLU A 64 6.72 -3.70 18.59
CA GLU A 64 8.04 -3.89 18.01
C GLU A 64 8.08 -3.38 16.59
N LYS A 65 7.16 -3.86 15.79
CA LYS A 65 7.14 -3.50 14.39
C LYS A 65 6.74 -2.03 14.21
N ASN A 66 5.97 -1.52 15.16
CA ASN A 66 5.63 -0.10 15.20
C ASN A 66 6.82 0.74 15.44
N LYS A 67 7.56 0.43 16.48
CA LYS A 67 8.73 1.25 16.81
C LYS A 67 9.78 1.18 15.69
N LYS A 68 9.91 0.02 15.07
CA LYS A 68 10.82 -0.16 13.98
C LYS A 68 10.33 0.55 12.72
N PHE A 69 9.03 0.52 12.47
CA PHE A 69 8.44 1.28 11.38
C PHE A 69 8.65 2.77 11.61
N ASN A 70 8.56 3.18 12.87
CA ASN A 70 8.77 4.57 13.24
C ASN A 70 10.20 5.02 12.98
N GLU A 71 11.18 4.15 13.20
CA GLU A 71 12.55 4.52 12.84
C GLU A 71 12.73 4.47 11.31
N ASN A 72 11.96 3.58 10.66
CA ASN A 72 11.96 3.47 9.18
C ASN A 72 11.50 4.76 8.52
N LEU A 73 10.70 5.55 9.22
CA LEU A 73 10.22 6.84 8.70
C LEU A 73 11.39 7.78 8.57
N VAL A 74 12.20 7.79 9.60
CA VAL A 74 13.41 8.60 9.66
C VAL A 74 14.42 8.10 8.59
N LYS A 75 14.20 6.89 8.18
CA LYS A 75 15.02 6.25 7.18
C LYS A 75 14.59 6.67 5.79
N ILE A 76 13.30 6.57 5.54
CA ILE A 76 12.73 6.90 4.22
C ILE A 76 12.69 8.39 3.97
N GLU A 77 12.76 9.18 5.02
CA GLU A 77 12.83 10.61 4.83
C GLU A 77 14.22 11.02 4.39
N LYS A 78 15.16 10.11 4.57
CA LYS A 78 16.47 10.36 4.09
C LYS A 78 16.59 9.94 2.64
N ARG A 79 16.85 10.91 1.85
CA ARG A 79 17.09 10.84 0.44
C ARG A 79 18.44 11.45 0.31
N LYS A 80 19.07 11.34 -0.80
CA LYS A 80 20.37 11.91 -0.89
C LYS A 80 20.26 13.20 -1.59
N LYS A 81 20.82 14.18 -0.97
CA LYS A 81 20.78 15.49 -1.47
C LYS A 81 22.04 15.72 -2.24
N ILE A 82 21.92 15.94 -3.51
CA ILE A 82 23.08 16.05 -4.36
C ILE A 82 22.94 17.26 -5.26
N LYS A 83 24.01 17.57 -5.94
CA LYS A 83 24.06 18.68 -6.84
C LYS A 83 23.50 18.35 -8.21
N VAL A 84 22.45 19.01 -8.56
CA VAL A 84 21.78 18.83 -9.84
C VAL A 84 21.17 20.15 -10.28
N PRO A 85 21.71 20.78 -11.34
CA PRO A 85 22.89 20.27 -12.04
C PRO A 85 24.16 20.51 -11.23
N ALA A 86 25.19 19.83 -11.63
CA ALA A 86 26.47 19.87 -10.93
C ALA A 86 27.18 21.19 -11.19
N ASP A 87 26.73 21.88 -12.23
CA ASP A 87 27.27 23.18 -12.60
C ASP A 87 26.97 24.20 -11.51
N THR A 88 25.71 24.28 -11.15
CA THR A 88 25.31 25.21 -10.13
C THR A 88 25.48 24.62 -8.75
N GLY A 89 25.18 23.35 -8.62
CA GLY A 89 25.30 22.71 -7.33
C GLY A 89 24.02 22.78 -6.56
N ALA A 90 22.92 22.91 -7.29
CA ALA A 90 21.62 23.02 -6.70
C ALA A 90 21.29 21.73 -6.01
N GLU A 91 20.92 21.81 -4.77
CA GLU A 91 20.64 20.65 -3.98
C GLU A 91 19.26 20.11 -4.31
N VAL A 92 19.20 18.89 -4.73
CA VAL A 92 17.95 18.22 -4.95
C VAL A 92 17.94 16.94 -4.17
N ASP A 93 16.76 16.51 -3.79
CA ASP A 93 16.60 15.26 -3.08
C ASP A 93 16.34 14.16 -4.05
N ALA A 94 17.17 13.19 -4.02
CA ALA A 94 17.03 12.03 -4.81
C ALA A 94 16.77 10.90 -3.87
N VAL A 95 15.79 10.09 -4.18
CA VAL A 95 15.36 9.01 -3.28
C VAL A 95 16.49 8.00 -2.98
N ASP A 96 17.48 7.97 -3.86
CA ASP A 96 18.69 7.14 -3.72
C ASP A 96 18.40 5.62 -3.85
N ASP A 97 19.46 4.85 -4.05
CA ASP A 97 19.37 3.40 -4.22
C ASP A 97 19.11 2.70 -2.88
N GLY A 98 19.38 3.40 -1.79
CA GLY A 98 19.17 2.84 -0.45
C GLY A 98 17.72 2.60 -0.12
N VAL A 99 16.84 3.35 -0.75
CA VAL A 99 15.41 3.24 -0.52
C VAL A 99 14.84 1.88 -0.96
N ALA A 100 15.51 1.19 -1.87
CA ALA A 100 15.13 -0.18 -2.22
C ALA A 100 15.16 -1.04 -0.94
N GLY A 101 16.22 -0.86 -0.18
CA GLY A 101 16.37 -1.54 1.09
C GLY A 101 15.38 -1.00 2.10
N ALA A 102 15.20 0.31 2.10
CA ALA A 102 14.24 0.95 3.00
C ALA A 102 12.83 0.42 2.77
N LEU A 103 12.44 0.26 1.48
CA LEU A 103 11.16 -0.33 1.15
C LEU A 103 11.09 -1.72 1.66
N SER A 104 12.17 -2.47 1.48
CA SER A 104 12.23 -3.84 1.95
C SER A 104 11.95 -3.93 3.46
N ASP A 105 12.52 -2.99 4.22
CA ASP A 105 12.33 -2.96 5.66
C ASP A 105 10.89 -2.68 5.98
N LEU A 106 10.40 -1.55 5.49
CA LEU A 106 9.04 -1.13 5.79
C LEU A 106 8.00 -2.09 5.25
N SER A 107 8.30 -2.75 4.12
CA SER A 107 7.37 -3.73 3.58
C SER A 107 7.23 -4.87 4.56
N SER A 108 8.33 -5.28 5.15
CA SER A 108 8.32 -6.35 6.10
C SER A 108 7.59 -5.91 7.39
N ASP A 109 7.85 -4.68 7.83
CA ASP A 109 7.21 -4.15 9.04
C ASP A 109 5.71 -3.96 8.86
N ILE A 110 5.31 -3.35 7.73
CA ILE A 110 3.89 -3.13 7.43
C ILE A 110 3.20 -4.49 7.25
N SER A 111 3.87 -5.41 6.53
CA SER A 111 3.35 -6.74 6.29
C SER A 111 3.14 -7.44 7.63
N ALA A 112 4.08 -7.25 8.55
CA ALA A 112 4.00 -7.83 9.86
C ALA A 112 2.78 -7.31 10.57
N ILE A 113 2.65 -5.99 10.71
CA ILE A 113 1.50 -5.36 11.38
C ILE A 113 0.18 -5.82 10.75
N LYS A 114 0.18 -5.89 9.44
CA LYS A 114 -0.98 -6.30 8.67
C LYS A 114 -1.34 -7.74 9.04
N THR A 115 -0.38 -8.62 8.97
CA THR A 115 -0.58 -10.01 9.32
C THR A 115 -0.82 -10.24 10.82
N LEU A 116 -0.29 -9.38 11.68
CA LEU A 116 -0.64 -9.36 13.10
C LEU A 116 -2.13 -9.17 13.22
N THR A 117 -2.63 -8.20 12.48
CA THR A 117 -4.02 -7.90 12.45
C THR A 117 -4.80 -9.10 11.86
N ASP A 118 -4.24 -9.72 10.78
CA ASP A 118 -4.85 -10.93 10.17
C ASP A 118 -5.01 -12.00 11.22
N ASP A 119 -3.89 -12.32 11.88
CA ASP A 119 -3.85 -13.38 12.90
C ASP A 119 -4.88 -13.18 13.93
N VAL A 120 -4.96 -11.97 14.45
CA VAL A 120 -5.87 -11.76 15.52
C VAL A 120 -7.32 -11.74 15.01
N SER A 121 -7.54 -11.25 13.78
CA SER A 121 -8.87 -11.26 13.17
C SER A 121 -9.36 -12.70 12.99
N GLU A 122 -8.43 -13.59 12.59
CA GLU A 122 -8.73 -15.02 12.48
C GLU A 122 -9.14 -15.54 13.85
N LYS A 123 -8.32 -15.24 14.84
CA LYS A 123 -8.56 -15.64 16.23
C LYS A 123 -9.90 -15.16 16.74
N VAL A 124 -10.33 -14.01 16.30
CA VAL A 124 -11.64 -13.50 16.67
C VAL A 124 -12.74 -14.40 16.09
N SER A 125 -12.55 -14.82 14.86
CA SER A 125 -13.57 -15.59 14.17
C SER A 125 -13.68 -16.99 14.77
N GLU A 126 -12.54 -17.60 15.09
CA GLU A 126 -12.54 -18.94 15.64
C GLU A 126 -13.02 -18.98 17.10
N ASN A 127 -12.89 -17.87 17.80
CA ASN A 127 -13.28 -17.85 19.20
C ASN A 127 -14.71 -17.42 19.43
N LEU A 128 -15.26 -16.68 18.50
CA LEU A 128 -16.61 -16.18 18.69
C LEU A 128 -17.71 -17.20 18.40
N LYS A 129 -18.88 -16.92 18.97
CA LYS A 129 -20.10 -17.70 18.75
C LYS A 129 -20.65 -17.42 17.35
N ASP A 130 -21.68 -18.14 16.94
CA ASP A 130 -22.26 -18.00 15.59
C ASP A 130 -22.78 -16.59 15.38
N ASP A 131 -23.52 -16.12 16.36
CA ASP A 131 -24.13 -14.77 16.35
C ASP A 131 -23.07 -13.72 16.28
N GLU A 132 -22.09 -13.83 17.17
CA GLU A 132 -21.02 -12.87 17.22
C GLU A 132 -20.17 -12.91 15.95
N ALA A 133 -19.98 -14.10 15.40
CA ALA A 133 -19.23 -14.27 14.16
C ALA A 133 -19.93 -13.57 13.01
N SER A 134 -21.24 -13.71 12.94
CA SER A 134 -22.04 -13.08 11.90
C SER A 134 -21.88 -11.54 11.95
N ALA A 135 -21.96 -10.99 13.15
CA ALA A 135 -21.84 -9.56 13.34
C ALA A 135 -20.41 -9.10 13.08
N THR A 136 -19.46 -9.88 13.53
CA THR A 136 -18.07 -9.59 13.33
C THR A 136 -17.70 -9.70 11.86
N GLU A 137 -18.30 -10.65 11.14
CA GLU A 137 -18.11 -10.78 9.70
C GLU A 137 -18.49 -9.49 9.04
N HIS A 138 -19.65 -8.96 9.39
CA HIS A 138 -20.11 -7.71 8.86
C HIS A 138 -19.14 -6.58 9.21
N THR A 139 -18.77 -6.50 10.47
CA THR A 139 -17.90 -5.45 10.92
C THR A 139 -16.52 -5.53 10.22
N ASP A 140 -15.97 -6.73 10.14
CA ASP A 140 -14.74 -6.95 9.45
C ASP A 140 -14.85 -6.66 7.99
N ILE A 141 -15.86 -7.21 7.32
CA ILE A 141 -16.10 -6.95 5.88
C ILE A 141 -16.19 -5.44 5.63
N LYS A 142 -16.86 -4.74 6.51
CA LYS A 142 -17.02 -3.30 6.40
C LYS A 142 -15.66 -2.59 6.53
N GLU A 143 -14.83 -3.00 7.45
CA GLU A 143 -13.55 -2.36 7.62
C GLU A 143 -12.52 -2.80 6.58
N LYS A 144 -12.62 -4.05 6.09
CA LYS A 144 -11.73 -4.50 5.04
C LYS A 144 -12.08 -3.72 3.79
N ALA A 145 -13.38 -3.45 3.64
CA ALA A 145 -13.91 -2.66 2.54
C ALA A 145 -13.36 -1.25 2.59
N THR A 146 -13.38 -0.68 3.78
CA THR A 146 -12.85 0.63 4.01
C THR A 146 -11.33 0.64 3.72
N LEU A 147 -10.65 -0.41 4.18
CA LEU A 147 -9.20 -0.57 4.00
C LEU A 147 -8.87 -0.67 2.50
N LEU A 148 -9.71 -1.38 1.76
CA LEU A 148 -9.56 -1.53 0.33
C LEU A 148 -9.73 -0.19 -0.38
N GLN A 149 -10.72 0.58 0.06
CA GLN A 149 -10.95 1.90 -0.51
C GLN A 149 -9.76 2.82 -0.18
N GLU A 150 -9.25 2.70 1.04
CA GLU A 150 -8.06 3.43 1.50
C GLU A 150 -6.88 3.17 0.58
N SER A 151 -6.59 1.91 0.37
CA SER A 151 -5.50 1.52 -0.46
C SER A 151 -5.70 1.95 -1.90
N CYS A 152 -6.91 1.77 -2.40
CA CYS A 152 -7.23 2.17 -3.77
C CYS A 152 -7.15 3.69 -3.97
N ASN A 153 -7.41 4.49 -2.93
CA ASN A 153 -7.25 5.95 -3.05
C ASN A 153 -5.77 6.27 -3.20
N GLY A 154 -4.96 5.53 -2.47
CA GLY A 154 -3.52 5.69 -2.55
C GLY A 154 -3.01 5.24 -3.89
N ILE A 155 -3.36 4.01 -4.27
CA ILE A 155 -2.96 3.42 -5.55
C ILE A 155 -3.41 4.28 -6.72
N GLY A 156 -4.59 4.85 -6.58
CA GLY A 156 -5.11 5.75 -7.58
C GLY A 156 -4.24 6.97 -7.75
N THR A 157 -3.79 7.55 -6.65
CA THR A 157 -2.98 8.75 -6.69
C THR A 157 -1.59 8.43 -7.27
N ILE A 158 -1.11 7.27 -6.91
CA ILE A 158 0.11 6.73 -7.43
C ILE A 158 -0.01 6.59 -8.94
N LEU A 159 -1.10 5.98 -9.36
CA LEU A 159 -1.41 5.84 -10.78
C LEU A 159 -1.48 7.19 -11.48
N ASP A 160 -2.07 8.20 -10.82
CA ASP A 160 -2.13 9.58 -11.38
C ASP A 160 -0.74 10.09 -11.68
N LYS A 161 0.15 9.94 -10.71
CA LYS A 161 1.55 10.36 -10.85
C LYS A 161 2.27 9.54 -11.91
N LEU A 162 1.96 8.29 -11.94
CA LEU A 162 2.57 7.35 -12.85
C LEU A 162 2.15 7.66 -14.28
N ALA A 163 0.85 7.81 -14.47
CA ALA A 163 0.25 8.04 -15.78
C ALA A 163 0.74 9.32 -16.41
N GLU A 164 1.09 10.32 -15.61
CA GLU A 164 1.58 11.56 -16.19
C GLU A 164 3.04 11.46 -16.58
N TYR A 165 3.76 10.51 -16.02
CA TYR A 165 5.15 10.37 -16.36
C TYR A 165 5.24 9.69 -17.71
N LEU A 166 4.48 8.65 -17.85
CA LEU A 166 4.45 7.90 -19.07
C LEU A 166 3.06 8.04 -19.68
N ASN A 167 2.66 9.28 -19.95
CA ASN A 167 1.38 9.55 -20.58
C ASN A 167 1.29 8.97 -22.00
N ASN A 168 0.65 7.82 -22.12
CA ASN A 168 0.50 7.14 -23.39
C ASN A 168 -0.82 6.40 -23.42
N ASP A 169 -1.06 5.66 -24.49
CA ASP A 169 -2.28 4.90 -24.67
C ASP A 169 -2.43 3.83 -23.63
N THR A 170 -1.35 3.17 -23.31
CA THR A 170 -1.37 2.10 -22.34
C THR A 170 -1.81 2.61 -20.97
N THR A 171 -1.24 3.72 -20.52
CA THR A 171 -1.54 4.25 -19.23
C THR A 171 -2.95 4.85 -19.16
N GLN A 172 -3.43 5.43 -20.26
CA GLN A 172 -4.76 6.01 -20.25
C GLN A 172 -5.82 4.91 -20.28
N ASN A 173 -5.49 3.76 -20.90
CA ASN A 173 -6.40 2.61 -20.89
C ASN A 173 -6.54 2.10 -19.49
N ILE A 174 -5.41 1.98 -18.83
CA ILE A 174 -5.32 1.53 -17.46
C ILE A 174 -6.04 2.49 -16.55
N LYS A 175 -5.81 3.77 -16.74
CA LYS A 175 -6.44 4.77 -15.91
C LYS A 175 -7.94 4.78 -16.09
N LYS A 176 -8.44 4.63 -17.32
CA LYS A 176 -9.88 4.62 -17.52
C LYS A 176 -10.47 3.38 -16.84
N GLU A 177 -9.76 2.26 -16.97
CA GLU A 177 -10.17 1.02 -16.31
C GLU A 177 -10.18 1.17 -14.81
N PHE A 178 -9.18 1.86 -14.30
CA PHE A 178 -9.06 2.09 -12.89
C PHE A 178 -10.18 2.98 -12.43
N ASP A 179 -10.38 4.10 -13.11
CA ASP A 179 -11.46 5.04 -12.80
C ASP A 179 -12.80 4.37 -12.84
N GLU A 180 -13.04 3.62 -13.90
CA GLU A 180 -14.30 2.92 -14.10
C GLU A 180 -14.53 1.91 -12.96
N ARG A 181 -13.52 1.09 -12.70
CA ARG A 181 -13.62 0.10 -11.65
C ARG A 181 -13.64 0.72 -10.27
N LYS A 182 -13.05 1.89 -10.11
CA LYS A 182 -13.07 2.57 -8.83
C LYS A 182 -14.44 3.24 -8.62
N LYS A 183 -15.11 3.59 -9.71
CA LYS A 183 -16.48 4.09 -9.64
C LYS A 183 -17.36 2.97 -9.13
N ASN A 184 -17.18 1.79 -9.73
CA ASN A 184 -17.91 0.60 -9.31
C ASN A 184 -17.55 0.26 -7.89
N LEU A 185 -16.26 0.31 -7.62
CA LEU A 185 -15.66 0.05 -6.31
C LEU A 185 -16.35 0.86 -5.23
N THR A 186 -16.36 2.19 -5.42
CA THR A 186 -16.94 3.11 -4.45
C THR A 186 -18.47 2.84 -4.28
N SER A 187 -19.10 2.44 -5.35
CA SER A 187 -20.50 2.13 -5.31
C SER A 187 -20.75 0.85 -4.50
N LEU A 188 -19.92 -0.15 -4.73
CA LEU A 188 -20.01 -1.42 -4.01
C LEU A 188 -19.59 -1.25 -2.57
N LYS A 189 -18.61 -0.38 -2.35
CA LYS A 189 -18.12 -0.01 -1.01
C LYS A 189 -19.27 0.54 -0.17
N THR A 190 -20.12 1.31 -0.84
CA THR A 190 -21.31 1.86 -0.22
C THR A 190 -22.31 0.73 0.10
N LYS A 191 -22.43 -0.22 -0.80
CA LYS A 191 -23.35 -1.36 -0.64
C LYS A 191 -22.91 -2.26 0.50
N VAL A 192 -21.60 -2.43 0.63
CA VAL A 192 -21.01 -3.25 1.69
C VAL A 192 -21.34 -2.65 3.08
N GLU A 193 -21.54 -1.35 3.13
CA GLU A 193 -21.86 -0.69 4.38
C GLU A 193 -23.34 -0.83 4.75
N ASN A 194 -24.11 -1.53 3.94
CA ASN A 194 -25.47 -1.87 4.28
C ASN A 194 -25.53 -3.32 4.68
N LYS A 195 -25.68 -3.57 5.97
CA LYS A 195 -25.76 -4.93 6.53
C LYS A 195 -26.97 -5.68 5.99
N ASP A 196 -27.91 -4.93 5.49
CA ASP A 196 -29.15 -5.45 4.98
C ASP A 196 -28.95 -6.07 3.61
N GLU A 197 -27.93 -5.63 2.92
CA GLU A 197 -27.59 -6.15 1.61
C GLU A 197 -26.67 -7.33 1.80
N ASP A 198 -26.28 -7.96 0.73
CA ASP A 198 -25.35 -9.06 0.85
C ASP A 198 -23.95 -8.47 0.78
N TYR A 199 -23.56 -7.88 1.88
CA TYR A 199 -22.30 -7.18 2.02
C TYR A 199 -21.10 -8.06 1.73
N VAL A 200 -21.20 -9.36 2.04
CA VAL A 200 -20.10 -10.27 1.80
C VAL A 200 -19.85 -10.40 0.30
N THR A 201 -20.93 -10.62 -0.46
CA THR A 201 -20.82 -10.78 -1.89
C THR A 201 -20.46 -9.43 -2.56
N HIS A 202 -21.00 -8.31 -2.03
CA HIS A 202 -20.63 -6.99 -2.56
C HIS A 202 -19.16 -6.75 -2.34
N PHE A 203 -18.65 -7.20 -1.21
CA PHE A 203 -17.25 -7.09 -0.86
C PHE A 203 -16.42 -7.85 -1.88
N ARG A 204 -16.83 -9.07 -2.16
CA ARG A 204 -16.15 -9.87 -3.17
C ARG A 204 -16.17 -9.25 -4.56
N ASP A 205 -17.32 -8.74 -5.00
CA ASP A 205 -17.38 -8.03 -6.29
C ASP A 205 -16.47 -6.83 -6.29
N MET A 206 -16.54 -6.06 -5.20
CA MET A 206 -15.73 -4.87 -5.01
C MET A 206 -14.25 -5.20 -5.08
N ALA A 207 -13.85 -6.24 -4.35
CA ALA A 207 -12.45 -6.70 -4.34
C ALA A 207 -12.02 -7.12 -5.73
N THR A 208 -12.92 -7.75 -6.45
CA THR A 208 -12.65 -8.18 -7.81
C THR A 208 -12.40 -6.95 -8.72
N GLU A 209 -13.23 -5.92 -8.58
CA GLU A 209 -13.06 -4.66 -9.33
C GLU A 209 -11.71 -4.06 -9.02
N ALA A 210 -11.36 -4.08 -7.73
CA ALA A 210 -10.09 -3.57 -7.26
C ALA A 210 -8.94 -4.34 -7.89
N GLN A 211 -8.98 -5.66 -7.82
CA GLN A 211 -7.95 -6.52 -8.39
C GLN A 211 -7.76 -6.29 -9.89
N ASN A 212 -8.85 -6.06 -10.58
CA ASN A 212 -8.77 -5.76 -12.01
C ASN A 212 -8.08 -4.42 -12.25
N ALA A 213 -8.57 -3.40 -11.56
CA ALA A 213 -8.04 -2.04 -11.67
C ALA A 213 -6.57 -1.99 -11.24
N VAL A 214 -6.27 -2.59 -10.10
CA VAL A 214 -4.94 -2.60 -9.56
C VAL A 214 -4.03 -3.47 -10.42
N GLY A 215 -4.58 -4.53 -11.00
CA GLY A 215 -3.81 -5.36 -11.92
C GLY A 215 -3.31 -4.53 -13.08
N GLU A 216 -4.20 -3.68 -13.60
CA GLU A 216 -3.82 -2.75 -14.66
C GLU A 216 -2.70 -1.81 -14.17
N VAL A 217 -2.89 -1.22 -12.98
CA VAL A 217 -1.88 -0.32 -12.37
C VAL A 217 -0.54 -1.02 -12.19
N LYS A 218 -0.59 -2.22 -11.68
CA LYS A 218 0.59 -3.00 -11.43
C LYS A 218 1.34 -3.29 -12.74
N LYS A 219 0.60 -3.46 -13.81
CA LYS A 219 1.22 -3.65 -15.11
C LYS A 219 1.80 -2.32 -15.62
N ALA A 220 1.11 -1.21 -15.29
CA ALA A 220 1.57 0.13 -15.66
C ALA A 220 2.91 0.40 -15.04
N ILE A 221 3.08 -0.04 -13.79
CA ILE A 221 4.35 0.10 -13.08
C ILE A 221 5.47 -0.55 -13.89
N ASP A 222 5.26 -1.81 -14.28
CA ASP A 222 6.23 -2.56 -15.10
C ASP A 222 6.58 -1.79 -16.37
N ALA A 223 5.55 -1.27 -17.02
CA ALA A 223 5.70 -0.51 -18.25
C ALA A 223 6.56 0.75 -18.06
N VAL A 224 6.36 1.44 -16.94
CA VAL A 224 7.13 2.66 -16.65
C VAL A 224 8.59 2.30 -16.29
N VAL A 225 8.77 1.19 -15.59
CA VAL A 225 10.09 0.69 -15.23
C VAL A 225 10.88 0.40 -16.51
N ALA A 226 10.22 -0.31 -17.41
CA ALA A 226 10.79 -0.68 -18.69
C ALA A 226 11.12 0.57 -19.52
N HIS A 227 10.25 1.55 -19.47
CA HIS A 227 10.41 2.81 -20.21
C HIS A 227 11.65 3.56 -19.76
N ARG A 228 11.96 3.50 -18.48
CA ARG A 228 13.08 4.22 -17.95
C ARG A 228 14.37 3.47 -18.27
N LYS A 229 14.37 2.16 -18.04
CA LYS A 229 15.55 1.35 -18.35
C LYS A 229 15.84 1.30 -19.84
N ALA A 230 14.82 1.54 -20.65
CA ALA A 230 14.96 1.60 -22.10
C ALA A 230 15.94 2.70 -22.51
N GLU A 231 16.02 3.77 -21.71
CA GLU A 231 16.93 4.85 -22.05
C GLU A 231 18.11 4.92 -21.07
N ASN A 232 18.18 3.90 -20.20
CA ASN A 232 19.28 3.68 -19.23
C ASN A 232 19.21 4.62 -18.06
N LEU A 233 18.01 4.93 -17.65
CA LEU A 233 17.79 5.73 -16.48
C LEU A 233 17.90 4.88 -15.27
N ASP A 234 18.49 5.43 -14.23
CA ASP A 234 18.74 4.77 -12.95
C ASP A 234 17.43 4.27 -12.36
N VAL A 235 17.19 2.99 -12.56
CA VAL A 235 16.01 2.32 -12.10
C VAL A 235 16.40 0.97 -11.53
N ASP A 236 15.82 0.61 -10.42
CA ASP A 236 16.05 -0.66 -9.81
C ASP A 236 14.74 -1.43 -9.80
N ASP A 237 14.74 -2.62 -10.38
CA ASP A 237 13.51 -3.44 -10.47
C ASP A 237 13.04 -3.90 -9.12
N THR A 238 13.99 -4.17 -8.23
CA THR A 238 13.69 -4.67 -6.91
C THR A 238 12.90 -3.63 -6.11
N LEU A 239 13.28 -2.37 -6.26
CA LEU A 239 12.58 -1.23 -5.64
C LEU A 239 11.09 -1.26 -5.99
N PHE A 240 10.81 -1.31 -7.27
CA PHE A 240 9.44 -1.30 -7.75
C PHE A 240 8.76 -2.62 -7.41
N SER A 241 9.52 -3.70 -7.40
CA SER A 241 9.00 -5.00 -7.03
C SER A 241 8.59 -5.00 -5.53
N ASN A 242 9.40 -4.38 -4.68
CA ASN A 242 9.08 -4.27 -3.25
C ASN A 242 7.81 -3.48 -3.06
N LEU A 243 7.73 -2.35 -3.76
CA LEU A 243 6.57 -1.53 -3.76
C LEU A 243 5.34 -2.32 -4.23
N SER A 244 5.47 -2.98 -5.35
CA SER A 244 4.40 -3.77 -5.95
C SER A 244 3.91 -4.87 -4.97
N THR A 245 4.85 -5.54 -4.33
CA THR A 245 4.54 -6.61 -3.41
C THR A 245 3.85 -6.06 -2.16
N LEU A 246 4.29 -4.91 -1.68
CA LEU A 246 3.68 -4.31 -0.53
C LEU A 246 2.29 -3.82 -0.88
N LEU A 247 2.15 -3.30 -2.08
CA LEU A 247 0.86 -2.89 -2.61
C LEU A 247 -0.14 -4.07 -2.50
N ASP A 248 0.28 -5.23 -2.99
CA ASP A 248 -0.53 -6.45 -2.87
C ASP A 248 -0.73 -6.83 -1.41
N THR A 249 0.27 -6.53 -0.56
CA THR A 249 0.18 -6.84 0.85
C THR A 249 -0.89 -5.96 1.53
N ILE A 250 -1.00 -4.70 1.10
CA ILE A 250 -1.98 -3.78 1.63
C ILE A 250 -3.38 -4.18 1.18
N ILE A 251 -3.48 -4.68 -0.04
CA ILE A 251 -4.78 -5.10 -0.56
C ILE A 251 -5.21 -6.45 0.05
N GLU A 252 -4.24 -7.25 0.45
CA GLU A 252 -4.57 -8.49 1.11
C GLU A 252 -5.04 -8.21 2.52
N THR A 253 -6.26 -8.50 2.79
CA THR A 253 -6.80 -8.27 4.07
C THR A 253 -7.87 -9.31 4.40
N SER A 254 -7.50 -10.27 5.22
CA SER A 254 -8.42 -11.27 5.68
C SER A 254 -9.42 -10.69 6.68
N GLY A 1 29.45 5.56 -27.98
CA GLY A 1 28.27 6.35 -28.22
C GLY A 1 27.24 6.16 -27.15
N HIS A 2 26.15 6.90 -27.25
CA HIS A 2 25.00 6.87 -26.35
C HIS A 2 25.34 7.34 -24.94
N MET A 3 25.30 8.65 -24.77
CA MET A 3 25.47 9.27 -23.48
C MET A 3 24.45 10.34 -23.33
N GLN A 4 24.11 10.64 -22.09
CA GLN A 4 23.17 11.71 -21.72
C GLN A 4 21.78 11.46 -22.30
N PRO A 5 20.88 10.85 -21.52
CA PRO A 5 19.50 10.62 -21.93
C PRO A 5 18.70 11.93 -21.90
N ASN A 6 17.39 11.84 -22.12
CA ASN A 6 16.53 13.03 -22.06
C ASN A 6 16.57 13.59 -20.65
N ASN A 7 17.14 14.77 -20.53
CA ASN A 7 17.43 15.38 -19.24
C ASN A 7 16.15 15.67 -18.46
N GLU A 8 15.09 16.06 -19.18
CA GLU A 8 13.82 16.35 -18.51
C GLU A 8 13.13 15.09 -18.07
N SER A 9 13.44 13.98 -18.72
CA SER A 9 12.76 12.74 -18.45
C SER A 9 13.35 12.21 -17.17
N LYS A 10 14.64 12.41 -17.06
CA LYS A 10 15.42 12.03 -15.96
C LYS A 10 14.94 12.79 -14.68
N LYS A 11 14.68 14.08 -14.84
CA LYS A 11 14.15 14.91 -13.74
C LYS A 11 12.78 14.41 -13.30
N LYS A 12 11.92 14.17 -14.29
CA LYS A 12 10.57 13.67 -14.04
C LYS A 12 10.62 12.31 -13.36
N ALA A 13 11.58 11.49 -13.78
CA ALA A 13 11.79 10.16 -13.23
C ALA A 13 12.07 10.25 -11.74
N VAL A 14 13.05 11.07 -11.38
CA VAL A 14 13.42 11.24 -9.98
C VAL A 14 12.21 11.75 -9.18
N LYS A 15 11.51 12.74 -9.71
CA LYS A 15 10.36 13.31 -9.04
C LYS A 15 9.22 12.29 -8.88
N LEU A 16 9.05 11.41 -9.88
CA LEU A 16 8.07 10.33 -9.77
C LEU A 16 8.40 9.51 -8.58
N ASP A 17 9.63 8.99 -8.56
CA ASP A 17 10.08 8.08 -7.50
C ASP A 17 9.97 8.73 -6.12
N LEU A 18 10.14 10.05 -6.07
CA LEU A 18 9.97 10.80 -4.84
C LEU A 18 8.50 10.75 -4.38
N ASP A 19 7.57 10.98 -5.33
CA ASP A 19 6.14 10.96 -4.96
C ASP A 19 5.68 9.55 -4.71
N LEU A 20 6.37 8.61 -5.34
CA LEU A 20 6.06 7.21 -5.18
C LEU A 20 6.34 6.82 -3.76
N MET A 21 7.54 7.17 -3.27
CA MET A 21 7.93 6.87 -1.89
C MET A 21 6.98 7.58 -0.93
N LYS A 22 6.66 8.82 -1.23
CA LYS A 22 5.74 9.62 -0.43
C LYS A 22 4.40 8.90 -0.27
N GLU A 23 3.78 8.56 -1.39
CA GLU A 23 2.47 7.93 -1.37
C GLU A 23 2.52 6.54 -0.80
N THR A 24 3.61 5.83 -1.07
CA THR A 24 3.81 4.52 -0.50
C THR A 24 3.86 4.63 1.03
N LYS A 25 4.55 5.66 1.53
CA LYS A 25 4.64 5.92 2.93
C LYS A 25 3.26 6.24 3.49
N ASN A 26 2.49 6.99 2.73
CA ASN A 26 1.15 7.38 3.13
C ASN A 26 0.22 6.19 3.22
N VAL A 27 0.27 5.34 2.20
CA VAL A 27 -0.51 4.12 2.19
C VAL A 27 -0.08 3.20 3.33
N CYS A 28 1.21 2.95 3.46
CA CYS A 28 1.73 2.07 4.52
C CYS A 28 1.36 2.56 5.90
N THR A 29 1.50 3.86 6.15
CA THR A 29 1.19 4.42 7.45
C THR A 29 -0.30 4.30 7.74
N THR A 30 -1.11 4.44 6.71
CA THR A 30 -2.54 4.34 6.86
C THR A 30 -2.93 2.90 7.14
N VAL A 31 -2.43 1.98 6.32
CA VAL A 31 -2.75 0.58 6.47
C VAL A 31 -2.26 0.08 7.81
N ASN A 32 -1.04 0.46 8.19
CA ASN A 32 -0.47 0.06 9.48
C ASN A 32 -1.35 0.52 10.62
N THR A 33 -1.66 1.80 10.64
CA THR A 33 -2.45 2.38 11.72
C THR A 33 -3.84 1.71 11.80
N LYS A 34 -4.50 1.56 10.66
CA LYS A 34 -5.78 0.95 10.64
C LYS A 34 -5.70 -0.51 11.04
N LEU A 35 -4.69 -1.21 10.56
CA LEU A 35 -4.52 -2.64 10.82
C LEU A 35 -4.26 -2.87 12.31
N VAL A 36 -3.50 -1.97 12.91
CA VAL A 36 -3.27 -1.96 14.35
C VAL A 36 -4.61 -1.82 15.08
N GLY A 37 -5.43 -0.89 14.60
CA GLY A 37 -6.75 -0.71 15.13
C GLY A 37 -7.60 -1.97 14.98
N LYS A 38 -7.49 -2.62 13.82
CA LYS A 38 -8.25 -3.85 13.52
C LYS A 38 -7.87 -4.92 14.52
N ALA A 39 -6.56 -5.15 14.64
CA ALA A 39 -5.99 -6.16 15.51
C ALA A 39 -6.46 -5.97 16.94
N LYS A 40 -6.34 -4.77 17.45
CA LYS A 40 -6.72 -4.51 18.82
C LYS A 40 -8.22 -4.55 19.02
N SER A 41 -8.98 -4.21 18.00
CA SER A 41 -10.43 -4.29 18.12
C SER A 41 -10.87 -5.74 18.10
N LYS A 42 -10.11 -6.58 17.41
CA LYS A 42 -10.38 -7.98 17.38
C LYS A 42 -9.90 -8.66 18.67
N LEU A 43 -8.81 -8.13 19.28
CA LEU A 43 -8.32 -8.60 20.59
C LEU A 43 -9.42 -8.42 21.64
N ASN A 44 -10.23 -7.41 21.44
CA ASN A 44 -11.37 -7.11 22.31
C ASN A 44 -12.53 -8.08 22.09
N LYS A 45 -12.37 -9.02 21.20
CA LYS A 45 -13.38 -10.04 20.99
C LYS A 45 -12.98 -11.32 21.68
N LEU A 46 -11.80 -11.32 22.25
CA LEU A 46 -11.37 -12.41 23.06
C LEU A 46 -11.95 -12.24 24.43
N GLU A 47 -11.96 -13.31 25.19
CA GLU A 47 -12.48 -13.28 26.57
C GLU A 47 -11.73 -12.27 27.40
N GLY A 48 -10.47 -12.12 27.10
CA GLY A 48 -9.66 -11.12 27.73
C GLY A 48 -8.95 -11.64 28.92
N GLU A 49 -9.71 -12.04 29.91
CA GLU A 49 -9.17 -12.55 31.17
C GLU A 49 -8.33 -13.81 30.96
N SER A 50 -8.76 -14.66 30.04
CA SER A 50 -8.08 -15.90 29.74
C SER A 50 -6.99 -15.71 28.68
N HIS A 51 -6.98 -14.56 28.04
CA HIS A 51 -6.04 -14.30 26.96
C HIS A 51 -5.22 -13.07 27.26
N LYS A 52 -5.12 -12.76 28.53
CA LYS A 52 -4.45 -11.54 29.00
C LYS A 52 -3.03 -11.39 28.52
N GLU A 53 -2.31 -12.46 28.56
CA GLU A 53 -0.93 -12.44 28.15
C GLU A 53 -0.83 -12.45 26.65
N TYR A 54 -1.71 -13.19 26.00
CA TYR A 54 -1.75 -13.24 24.56
C TYR A 54 -2.00 -11.83 24.01
N VAL A 55 -2.96 -11.15 24.61
CA VAL A 55 -3.30 -9.81 24.22
C VAL A 55 -2.12 -8.88 24.51
N ALA A 56 -1.47 -9.07 25.66
CA ALA A 56 -0.32 -8.25 26.04
C ALA A 56 0.82 -8.44 25.06
N GLU A 57 1.13 -9.68 24.74
CA GLU A 57 2.19 -10.00 23.82
C GLU A 57 1.93 -9.43 22.44
N LYS A 58 0.74 -9.64 21.91
CA LYS A 58 0.41 -9.12 20.61
C LYS A 58 0.43 -7.60 20.61
N THR A 59 -0.11 -7.01 21.68
CA THR A 59 -0.10 -5.57 21.83
C THR A 59 1.34 -5.03 21.85
N LYS A 60 2.21 -5.70 22.61
CA LYS A 60 3.58 -5.25 22.74
C LYS A 60 4.33 -5.42 21.42
N GLU A 61 4.04 -6.50 20.68
CA GLU A 61 4.69 -6.73 19.39
C GLU A 61 4.29 -5.65 18.42
N ILE A 62 3.05 -5.24 18.50
CA ILE A 62 2.56 -4.13 17.71
C ILE A 62 3.28 -2.86 18.11
N ASP A 63 3.45 -2.65 19.40
CA ASP A 63 4.17 -1.47 19.89
C ASP A 63 5.61 -1.45 19.43
N GLU A 64 6.25 -2.61 19.45
CA GLU A 64 7.62 -2.76 18.97
C GLU A 64 7.68 -2.42 17.49
N LYS A 65 6.75 -2.93 16.75
CA LYS A 65 6.71 -2.67 15.35
C LYS A 65 6.27 -1.26 15.03
N ASN A 66 5.44 -0.68 15.87
CA ASN A 66 5.07 0.71 15.70
C ASN A 66 6.21 1.61 15.90
N LYS A 67 7.01 1.37 16.94
CA LYS A 67 8.20 2.21 17.12
C LYS A 67 9.13 2.05 15.93
N LYS A 68 9.38 0.80 15.52
CA LYS A 68 10.22 0.53 14.39
C LYS A 68 9.68 1.14 13.10
N PHE A 69 8.41 0.96 12.86
CA PHE A 69 7.76 1.50 11.67
C PHE A 69 7.82 3.02 11.66
N ASN A 70 7.51 3.63 12.79
CA ASN A 70 7.53 5.09 12.88
C ASN A 70 8.95 5.65 12.70
N GLU A 71 9.95 4.98 13.25
CA GLU A 71 11.34 5.41 13.06
C GLU A 71 11.83 5.08 11.65
N ASN A 72 11.17 4.11 11.00
CA ASN A 72 11.46 3.78 9.60
C ASN A 72 10.77 4.76 8.66
N LEU A 73 9.78 5.48 9.13
CA LEU A 73 9.13 6.53 8.34
C LEU A 73 10.12 7.65 8.21
N VAL A 74 10.73 7.95 9.33
CA VAL A 74 11.80 8.95 9.42
C VAL A 74 13.01 8.46 8.58
N LYS A 75 13.03 7.18 8.28
CA LYS A 75 14.07 6.58 7.46
C LYS A 75 13.78 6.76 5.97
N ILE A 76 12.56 6.49 5.59
CA ILE A 76 12.14 6.60 4.17
C ILE A 76 11.91 8.04 3.73
N GLU A 77 11.72 8.93 4.68
CA GLU A 77 11.65 10.35 4.34
C GLU A 77 13.06 10.90 4.18
N LYS A 78 14.02 10.14 4.68
CA LYS A 78 15.38 10.54 4.64
C LYS A 78 15.91 10.23 3.26
N ARG A 79 16.30 11.24 2.57
CA ARG A 79 16.77 11.15 1.22
C ARG A 79 18.16 11.70 1.18
N LYS A 80 18.89 11.38 0.17
CA LYS A 80 20.24 11.84 0.07
C LYS A 80 20.29 12.92 -0.97
N LYS A 81 21.02 13.96 -0.68
CA LYS A 81 21.15 15.05 -1.61
C LYS A 81 22.23 14.72 -2.59
N ILE A 82 21.89 14.72 -3.84
CA ILE A 82 22.88 14.51 -4.85
C ILE A 82 23.00 15.79 -5.64
N LYS A 83 24.13 16.01 -6.20
CA LYS A 83 24.38 17.22 -6.93
C LYS A 83 24.19 16.99 -8.41
N VAL A 84 23.23 17.67 -8.97
CA VAL A 84 22.77 17.45 -10.35
C VAL A 84 22.38 18.77 -11.03
N PRO A 85 23.15 19.22 -12.03
CA PRO A 85 24.38 18.56 -12.42
C PRO A 85 25.48 18.78 -11.40
N ALA A 86 26.48 17.99 -11.50
CA ALA A 86 27.54 17.95 -10.51
C ALA A 86 28.45 19.15 -10.63
N ASP A 87 28.58 19.68 -11.84
CA ASP A 87 29.46 20.82 -12.10
C ASP A 87 28.89 22.11 -11.51
N THR A 88 27.59 22.13 -11.30
CA THR A 88 26.97 23.27 -10.70
C THR A 88 26.68 23.00 -9.24
N GLY A 89 26.28 21.77 -8.95
CA GLY A 89 26.07 21.39 -7.60
C GLY A 89 24.70 21.65 -7.11
N ALA A 90 23.74 21.66 -8.01
CA ALA A 90 22.38 21.87 -7.61
C ALA A 90 21.95 20.66 -6.84
N GLU A 91 21.51 20.84 -5.65
CA GLU A 91 21.13 19.74 -4.83
C GLU A 91 19.74 19.32 -5.07
N VAL A 92 19.59 18.06 -5.18
CA VAL A 92 18.31 17.43 -5.34
C VAL A 92 18.25 16.36 -4.29
N ASP A 93 17.11 16.19 -3.69
CA ASP A 93 16.98 15.15 -2.70
C ASP A 93 16.39 13.93 -3.36
N ALA A 94 17.15 12.88 -3.37
CA ALA A 94 16.75 11.65 -3.99
C ALA A 94 16.57 10.62 -2.92
N VAL A 95 15.63 9.70 -3.10
CA VAL A 95 15.32 8.70 -2.07
C VAL A 95 16.51 7.80 -1.76
N ASP A 96 17.40 7.69 -2.72
CA ASP A 96 18.62 6.92 -2.66
C ASP A 96 18.37 5.41 -2.86
N ASP A 97 19.39 4.70 -3.32
CA ASP A 97 19.35 3.25 -3.60
C ASP A 97 18.92 2.46 -2.35
N GLY A 98 19.29 2.98 -1.17
CA GLY A 98 19.00 2.32 0.10
C GLY A 98 17.51 2.15 0.37
N VAL A 99 16.69 2.93 -0.31
CA VAL A 99 15.27 2.86 -0.17
C VAL A 99 14.67 1.51 -0.64
N ALA A 100 15.39 0.80 -1.51
CA ALA A 100 14.93 -0.53 -1.90
C ALA A 100 14.90 -1.44 -0.66
N GLY A 101 15.97 -1.34 0.14
CA GLY A 101 16.07 -2.09 1.37
C GLY A 101 15.09 -1.57 2.39
N ALA A 102 14.85 -0.26 2.37
CA ALA A 102 13.87 0.36 3.25
C ALA A 102 12.48 -0.18 2.95
N LEU A 103 12.16 -0.35 1.66
CA LEU A 103 10.93 -0.98 1.28
C LEU A 103 10.86 -2.39 1.78
N SER A 104 11.96 -3.12 1.68
CA SER A 104 12.01 -4.47 2.23
C SER A 104 11.71 -4.47 3.74
N ASP A 105 12.19 -3.45 4.47
CA ASP A 105 11.92 -3.33 5.92
C ASP A 105 10.44 -3.15 6.16
N LEU A 106 9.89 -2.13 5.56
CA LEU A 106 8.48 -1.80 5.75
C LEU A 106 7.56 -2.93 5.28
N SER A 107 7.90 -3.57 4.16
CA SER A 107 7.17 -4.73 3.68
C SER A 107 7.07 -5.81 4.73
N SER A 108 8.20 -6.13 5.36
CA SER A 108 8.26 -7.13 6.32
C SER A 108 7.44 -6.77 7.55
N ASP A 109 7.54 -5.52 8.00
CA ASP A 109 6.79 -5.12 9.18
C ASP A 109 5.32 -4.98 8.91
N ILE A 110 4.94 -4.49 7.73
CA ILE A 110 3.52 -4.39 7.38
C ILE A 110 2.94 -5.80 7.27
N SER A 111 3.70 -6.72 6.65
CA SER A 111 3.26 -8.09 6.52
C SER A 111 3.16 -8.72 7.90
N ALA A 112 4.12 -8.43 8.76
CA ALA A 112 4.15 -8.96 10.10
C ALA A 112 2.95 -8.49 10.90
N ILE A 113 2.64 -7.19 10.82
CA ILE A 113 1.46 -6.65 11.49
C ILE A 113 0.22 -7.38 10.99
N LYS A 114 0.16 -7.59 9.67
CA LYS A 114 -0.92 -8.34 9.04
C LYS A 114 -1.00 -9.74 9.63
N THR A 115 0.12 -10.46 9.60
CA THR A 115 0.22 -11.82 10.13
C THR A 115 -0.20 -11.90 11.61
N LEU A 116 0.20 -10.91 12.41
CA LEU A 116 -0.20 -10.85 13.82
C LEU A 116 -1.69 -10.56 13.95
N THR A 117 -2.20 -9.72 13.08
CA THR A 117 -3.61 -9.42 13.05
C THR A 117 -4.38 -10.70 12.65
N ASP A 118 -3.76 -11.51 11.76
CA ASP A 118 -4.30 -12.82 11.37
C ASP A 118 -4.31 -13.76 12.56
N ASP A 119 -3.23 -13.74 13.36
CA ASP A 119 -3.14 -14.54 14.61
C ASP A 119 -4.33 -14.23 15.48
N VAL A 120 -4.59 -12.93 15.62
CA VAL A 120 -5.69 -12.44 16.40
C VAL A 120 -7.01 -12.92 15.81
N SER A 121 -7.13 -12.81 14.48
CA SER A 121 -8.33 -13.19 13.76
C SER A 121 -8.66 -14.68 13.97
N GLU A 122 -7.62 -15.50 14.11
CA GLU A 122 -7.78 -16.91 14.43
C GLU A 122 -8.35 -17.07 15.82
N LYS A 123 -7.73 -16.41 16.77
CA LYS A 123 -8.14 -16.46 18.18
C LYS A 123 -9.54 -15.92 18.38
N VAL A 124 -9.92 -14.98 17.55
CA VAL A 124 -11.28 -14.44 17.55
C VAL A 124 -12.29 -15.55 17.26
N SER A 125 -11.91 -16.48 16.39
CA SER A 125 -12.81 -17.51 15.95
C SER A 125 -13.15 -18.49 17.08
N GLU A 126 -12.15 -18.83 17.90
CA GLU A 126 -12.38 -19.77 18.97
C GLU A 126 -13.01 -19.10 20.20
N ASN A 127 -12.84 -17.79 20.29
CA ASN A 127 -13.41 -17.02 21.40
C ASN A 127 -14.84 -16.64 21.14
N LEU A 128 -15.18 -16.45 19.90
CA LEU A 128 -16.48 -15.99 19.56
C LEU A 128 -17.46 -17.10 19.18
N LYS A 129 -18.72 -16.73 19.22
CA LYS A 129 -19.81 -17.61 18.84
C LYS A 129 -19.98 -17.53 17.34
N ASP A 130 -20.83 -18.36 16.76
CA ASP A 130 -21.02 -18.37 15.30
C ASP A 130 -21.56 -17.05 14.78
N ASP A 131 -22.47 -16.46 15.52
CA ASP A 131 -23.01 -15.14 15.15
C ASP A 131 -21.96 -14.09 15.22
N GLU A 132 -21.17 -14.15 16.25
CA GLU A 132 -20.09 -13.23 16.46
C GLU A 132 -18.99 -13.44 15.40
N ALA A 133 -18.84 -14.68 14.94
CA ALA A 133 -17.92 -15.00 13.86
C ALA A 133 -18.43 -14.42 12.54
N SER A 134 -19.74 -14.50 12.32
CA SER A 134 -20.38 -13.90 11.15
C SER A 134 -20.15 -12.37 11.18
N ALA A 135 -20.22 -11.81 12.39
CA ALA A 135 -19.96 -10.41 12.61
C ALA A 135 -18.49 -10.10 12.36
N THR A 136 -17.62 -11.04 12.64
CA THR A 136 -16.20 -10.88 12.39
C THR A 136 -15.88 -10.99 10.90
N GLU A 137 -16.59 -11.87 10.19
CA GLU A 137 -16.48 -11.92 8.73
C GLU A 137 -16.87 -10.56 8.20
N HIS A 138 -18.00 -10.06 8.71
CA HIS A 138 -18.48 -8.73 8.40
C HIS A 138 -17.42 -7.68 8.75
N THR A 139 -16.73 -7.88 9.88
CA THR A 139 -15.68 -6.98 10.30
C THR A 139 -14.63 -6.93 9.21
N ASP A 140 -14.08 -8.11 8.84
CA ASP A 140 -13.06 -8.20 7.80
C ASP A 140 -13.53 -7.55 6.55
N ILE A 141 -14.65 -7.97 6.08
CA ILE A 141 -15.22 -7.45 4.84
C ILE A 141 -15.36 -5.91 4.88
N LYS A 142 -15.86 -5.39 5.96
CA LYS A 142 -16.09 -3.97 6.09
C LYS A 142 -14.74 -3.21 6.21
N GLU A 143 -13.84 -3.77 7.00
CA GLU A 143 -12.57 -3.12 7.25
C GLU A 143 -11.63 -3.24 6.05
N LYS A 144 -11.74 -4.34 5.32
CA LYS A 144 -10.92 -4.56 4.14
C LYS A 144 -11.44 -3.70 3.02
N ALA A 145 -12.76 -3.52 2.97
CA ALA A 145 -13.38 -2.61 2.02
C ALA A 145 -12.85 -1.21 2.25
N THR A 146 -12.76 -0.84 3.52
CA THR A 146 -12.23 0.44 3.89
C THR A 146 -10.76 0.56 3.48
N LEU A 147 -9.99 -0.47 3.80
CA LEU A 147 -8.57 -0.54 3.49
C LEU A 147 -8.37 -0.37 1.97
N LEU A 148 -9.19 -1.07 1.20
CA LEU A 148 -9.16 -0.97 -0.25
C LEU A 148 -9.41 0.44 -0.73
N GLN A 149 -10.42 1.10 -0.19
CA GLN A 149 -10.70 2.47 -0.58
C GLN A 149 -9.52 3.39 -0.25
N GLU A 150 -9.01 3.27 0.98
CA GLU A 150 -7.94 4.13 1.44
C GLU A 150 -6.65 3.91 0.64
N SER A 151 -6.38 2.67 0.28
CA SER A 151 -5.22 2.37 -0.51
C SER A 151 -5.41 2.84 -1.96
N CYS A 152 -6.58 2.53 -2.55
CA CYS A 152 -6.89 2.93 -3.92
C CYS A 152 -6.80 4.45 -4.13
N ASN A 153 -7.15 5.22 -3.10
CA ASN A 153 -7.04 6.70 -3.19
C ASN A 153 -5.59 7.12 -3.43
N GLY A 154 -4.67 6.46 -2.73
CA GLY A 154 -3.27 6.75 -2.91
C GLY A 154 -2.80 6.28 -4.25
N ILE A 155 -3.15 5.04 -4.58
CA ILE A 155 -2.78 4.41 -5.84
C ILE A 155 -3.25 5.23 -7.05
N GLY A 156 -4.45 5.77 -6.94
CA GLY A 156 -5.01 6.59 -8.00
C GLY A 156 -4.26 7.89 -8.20
N THR A 157 -3.70 8.43 -7.13
CA THR A 157 -3.00 9.68 -7.21
C THR A 157 -1.64 9.44 -7.84
N ILE A 158 -1.04 8.33 -7.43
CA ILE A 158 0.20 7.85 -8.00
C ILE A 158 0.00 7.66 -9.48
N LEU A 159 -1.05 6.93 -9.81
CA LEU A 159 -1.39 6.67 -11.20
C LEU A 159 -1.54 7.96 -12.00
N ASP A 160 -2.31 8.91 -11.48
CA ASP A 160 -2.50 10.19 -12.17
C ASP A 160 -1.19 10.94 -12.42
N LYS A 161 -0.22 10.81 -11.50
CA LYS A 161 1.10 11.40 -11.73
C LYS A 161 1.99 10.54 -12.64
N LEU A 162 1.88 9.25 -12.48
CA LEU A 162 2.62 8.27 -13.24
C LEU A 162 2.24 8.40 -14.73
N ALA A 163 0.94 8.56 -14.96
CA ALA A 163 0.35 8.70 -16.28
C ALA A 163 0.85 9.93 -17.03
N GLU A 164 1.50 10.85 -16.35
CA GLU A 164 2.02 12.05 -17.01
C GLU A 164 3.39 11.79 -17.55
N TYR A 165 4.08 10.86 -16.95
CA TYR A 165 5.43 10.58 -17.37
C TYR A 165 5.39 9.85 -18.67
N LEU A 166 4.48 8.93 -18.74
CA LEU A 166 4.34 8.12 -19.88
C LEU A 166 2.92 8.30 -20.35
N ASN A 167 2.57 9.54 -20.62
CA ASN A 167 1.24 9.83 -21.09
C ASN A 167 1.05 9.34 -22.50
N ASN A 168 0.36 8.24 -22.61
CA ASN A 168 0.04 7.63 -23.86
C ASN A 168 -1.38 7.14 -23.79
N ASP A 169 -1.86 6.46 -24.81
CA ASP A 169 -3.24 5.94 -24.80
C ASP A 169 -3.43 4.89 -23.73
N THR A 170 -2.43 4.06 -23.55
CA THR A 170 -2.49 2.96 -22.59
C THR A 170 -2.68 3.49 -21.16
N THR A 171 -1.90 4.48 -20.76
CA THR A 171 -2.00 5.03 -19.43
C THR A 171 -3.33 5.74 -19.18
N GLN A 172 -3.90 6.30 -20.23
CA GLN A 172 -5.22 6.90 -20.13
C GLN A 172 -6.29 5.83 -19.95
N ASN A 173 -6.10 4.69 -20.62
CA ASN A 173 -6.99 3.54 -20.49
C ASN A 173 -6.96 3.04 -19.08
N ILE A 174 -5.77 2.90 -18.56
CA ILE A 174 -5.54 2.48 -17.19
C ILE A 174 -6.18 3.44 -16.21
N LYS A 175 -5.98 4.73 -16.45
CA LYS A 175 -6.53 5.78 -15.62
C LYS A 175 -8.06 5.71 -15.62
N LYS A 176 -8.64 5.64 -16.81
CA LYS A 176 -10.07 5.60 -16.95
C LYS A 176 -10.66 4.32 -16.34
N GLU A 177 -9.94 3.19 -16.50
CA GLU A 177 -10.33 1.94 -15.88
C GLU A 177 -10.27 2.04 -14.39
N PHE A 178 -9.18 2.60 -13.89
CA PHE A 178 -8.97 2.74 -12.47
C PHE A 178 -10.08 3.55 -11.86
N ASP A 179 -10.36 4.70 -12.44
CA ASP A 179 -11.40 5.54 -11.94
C ASP A 179 -12.78 4.96 -12.13
N GLU A 180 -12.97 4.11 -13.11
CA GLU A 180 -14.26 3.46 -13.29
C GLU A 180 -14.42 2.37 -12.22
N ARG A 181 -13.35 1.62 -12.01
CA ARG A 181 -13.30 0.58 -10.98
C ARG A 181 -13.44 1.21 -9.57
N LYS A 182 -12.75 2.33 -9.34
CA LYS A 182 -12.79 3.05 -8.05
C LYS A 182 -14.19 3.65 -7.82
N LYS A 183 -14.84 3.97 -8.90
CA LYS A 183 -16.17 4.52 -8.91
C LYS A 183 -17.13 3.44 -8.43
N ASN A 184 -17.01 2.26 -9.04
CA ASN A 184 -17.79 1.08 -8.64
C ASN A 184 -17.48 0.73 -7.21
N LEU A 185 -16.21 0.71 -6.88
CA LEU A 185 -15.70 0.42 -5.54
C LEU A 185 -16.38 1.29 -4.47
N THR A 186 -16.44 2.59 -4.72
CA THR A 186 -17.02 3.52 -3.77
C THR A 186 -18.52 3.22 -3.55
N SER A 187 -19.16 2.74 -4.57
CA SER A 187 -20.57 2.44 -4.51
C SER A 187 -20.77 1.14 -3.74
N LEU A 188 -19.97 0.15 -4.09
CA LEU A 188 -20.02 -1.15 -3.48
C LEU A 188 -19.70 -1.06 -2.01
N LYS A 189 -18.69 -0.26 -1.66
CA LYS A 189 -18.27 -0.09 -0.26
C LYS A 189 -19.40 0.45 0.58
N THR A 190 -20.16 1.37 0.02
CA THR A 190 -21.26 1.99 0.72
C THR A 190 -22.34 0.95 1.09
N LYS A 191 -22.46 -0.08 0.27
CA LYS A 191 -23.40 -1.14 0.55
C LYS A 191 -22.79 -2.19 1.46
N VAL A 192 -21.48 -2.36 1.36
CA VAL A 192 -20.74 -3.29 2.23
C VAL A 192 -20.70 -2.73 3.67
N GLU A 193 -20.84 -1.43 3.77
CA GLU A 193 -20.94 -0.75 5.06
C GLU A 193 -22.31 -0.94 5.70
N ASN A 194 -23.20 -1.62 5.00
CA ASN A 194 -24.51 -1.93 5.51
C ASN A 194 -24.69 -3.45 5.57
N LYS A 195 -24.62 -3.98 6.80
CA LYS A 195 -24.70 -5.43 7.08
C LYS A 195 -26.02 -6.06 6.62
N ASP A 196 -26.99 -5.21 6.37
CA ASP A 196 -28.32 -5.62 5.93
C ASP A 196 -28.29 -6.04 4.47
N GLU A 197 -27.32 -5.50 3.74
CA GLU A 197 -27.13 -5.80 2.33
C GLU A 197 -26.21 -6.99 2.20
N ASP A 198 -26.01 -7.47 0.99
CA ASP A 198 -25.11 -8.57 0.78
C ASP A 198 -23.70 -8.01 0.65
N TYR A 199 -23.15 -7.67 1.79
CA TYR A 199 -21.85 -7.06 1.89
C TYR A 199 -20.75 -7.97 1.35
N VAL A 200 -20.93 -9.27 1.50
CA VAL A 200 -19.95 -10.24 1.04
C VAL A 200 -19.83 -10.19 -0.48
N THR A 201 -20.96 -10.28 -1.17
CA THR A 201 -20.98 -10.25 -2.63
C THR A 201 -20.45 -8.92 -3.16
N HIS A 202 -20.91 -7.82 -2.56
CA HIS A 202 -20.48 -6.50 -3.01
C HIS A 202 -18.99 -6.30 -2.77
N PHE A 203 -18.45 -6.93 -1.73
CA PHE A 203 -17.04 -6.86 -1.44
C PHE A 203 -16.26 -7.65 -2.47
N ARG A 204 -16.76 -8.81 -2.81
CA ARG A 204 -16.13 -9.66 -3.82
C ARG A 204 -16.00 -8.92 -5.14
N ASP A 205 -17.07 -8.25 -5.55
CA ASP A 205 -17.04 -7.42 -6.76
C ASP A 205 -16.04 -6.29 -6.59
N MET A 206 -16.09 -5.64 -5.43
CA MET A 206 -15.21 -4.51 -5.09
C MET A 206 -13.73 -4.93 -5.17
N ALA A 207 -13.42 -6.06 -4.56
CA ALA A 207 -12.08 -6.60 -4.54
C ALA A 207 -11.63 -6.89 -5.96
N THR A 208 -12.52 -7.44 -6.76
CA THR A 208 -12.22 -7.70 -8.15
C THR A 208 -11.94 -6.37 -8.89
N GLU A 209 -12.76 -5.35 -8.63
CA GLU A 209 -12.55 -4.01 -9.19
C GLU A 209 -11.18 -3.48 -8.79
N ALA A 210 -10.84 -3.65 -7.54
CA ALA A 210 -9.55 -3.22 -7.01
C ALA A 210 -8.42 -3.95 -7.74
N GLN A 211 -8.53 -5.26 -7.86
CA GLN A 211 -7.53 -6.06 -8.55
C GLN A 211 -7.39 -5.65 -10.01
N ASN A 212 -8.50 -5.35 -10.65
CA ASN A 212 -8.50 -4.89 -12.03
C ASN A 212 -7.79 -3.57 -12.14
N ALA A 213 -8.21 -2.63 -11.31
CA ALA A 213 -7.69 -1.28 -11.31
C ALA A 213 -6.22 -1.27 -10.98
N VAL A 214 -5.84 -1.95 -9.92
CA VAL A 214 -4.47 -1.95 -9.49
C VAL A 214 -3.62 -2.76 -10.46
N GLY A 215 -4.22 -3.77 -11.09
CA GLY A 215 -3.52 -4.53 -12.09
C GLY A 215 -3.11 -3.63 -13.24
N GLU A 216 -4.04 -2.77 -13.66
CA GLU A 216 -3.77 -1.80 -14.71
C GLU A 216 -2.64 -0.85 -14.27
N VAL A 217 -2.73 -0.35 -13.02
CA VAL A 217 -1.69 0.55 -12.47
C VAL A 217 -0.34 -0.14 -12.44
N LYS A 218 -0.34 -1.38 -12.03
CA LYS A 218 0.85 -2.19 -11.95
C LYS A 218 1.47 -2.33 -13.35
N LYS A 219 0.61 -2.46 -14.36
CA LYS A 219 1.06 -2.52 -15.75
C LYS A 219 1.71 -1.20 -16.15
N ALA A 220 1.10 -0.10 -15.72
CA ALA A 220 1.62 1.23 -16.00
C ALA A 220 2.99 1.40 -15.36
N ILE A 221 3.10 0.98 -14.11
CA ILE A 221 4.38 1.02 -13.39
C ILE A 221 5.44 0.24 -14.15
N ASP A 222 5.12 -1.01 -14.52
CA ASP A 222 6.04 -1.87 -15.30
C ASP A 222 6.48 -1.19 -16.57
N ALA A 223 5.50 -0.61 -17.27
CA ALA A 223 5.74 0.08 -18.53
C ALA A 223 6.70 1.26 -18.36
N VAL A 224 6.51 2.04 -17.31
CA VAL A 224 7.37 3.19 -17.05
C VAL A 224 8.78 2.72 -16.63
N VAL A 225 8.87 1.59 -15.94
CA VAL A 225 10.17 1.02 -15.55
C VAL A 225 10.90 0.57 -16.82
N ALA A 226 10.17 -0.12 -17.69
CA ALA A 226 10.70 -0.57 -18.97
C ALA A 226 11.11 0.62 -19.83
N HIS A 227 10.26 1.62 -19.88
CA HIS A 227 10.51 2.83 -20.63
C HIS A 227 11.77 3.53 -20.11
N ARG A 228 11.94 3.58 -18.79
CA ARG A 228 13.08 4.25 -18.23
C ARG A 228 14.38 3.48 -18.43
N LYS A 229 14.35 2.15 -18.24
CA LYS A 229 15.55 1.34 -18.48
C LYS A 229 15.96 1.41 -19.95
N ALA A 230 14.96 1.55 -20.82
CA ALA A 230 15.21 1.69 -22.24
C ALA A 230 15.80 3.06 -22.56
N GLU A 231 15.58 4.03 -21.68
CA GLU A 231 16.13 5.36 -21.89
C GLU A 231 17.48 5.48 -21.22
N ASN A 232 17.79 4.49 -20.40
CA ASN A 232 19.06 4.32 -19.70
C ASN A 232 19.22 5.24 -18.51
N LEU A 233 18.10 5.54 -17.90
CA LEU A 233 18.06 6.33 -16.67
C LEU A 233 18.31 5.41 -15.49
N ASP A 234 18.77 5.97 -14.39
CA ASP A 234 19.02 5.19 -13.18
C ASP A 234 17.73 4.78 -12.55
N VAL A 235 17.31 3.58 -12.86
CA VAL A 235 16.10 2.99 -12.38
C VAL A 235 16.40 1.56 -11.97
N ASP A 236 16.04 1.20 -10.77
CA ASP A 236 16.29 -0.12 -10.24
C ASP A 236 15.01 -0.92 -10.12
N ASP A 237 14.96 -2.06 -10.80
CA ASP A 237 13.77 -2.93 -10.80
C ASP A 237 13.44 -3.43 -9.42
N THR A 238 14.48 -3.68 -8.62
CA THR A 238 14.35 -4.24 -7.29
C THR A 238 13.40 -3.39 -6.43
N LEU A 239 13.59 -2.08 -6.51
CA LEU A 239 12.74 -1.12 -5.82
C LEU A 239 11.27 -1.32 -6.19
N PHE A 240 11.00 -1.40 -7.48
CA PHE A 240 9.64 -1.53 -7.95
C PHE A 240 9.08 -2.90 -7.65
N SER A 241 9.93 -3.90 -7.64
CA SER A 241 9.55 -5.23 -7.28
C SER A 241 9.13 -5.29 -5.81
N ASN A 242 9.90 -4.61 -4.94
CA ASN A 242 9.54 -4.56 -3.50
C ASN A 242 8.22 -3.85 -3.34
N LEU A 243 8.07 -2.77 -4.08
CA LEU A 243 6.88 -1.99 -4.09
C LEU A 243 5.69 -2.81 -4.55
N SER A 244 5.82 -3.45 -5.70
CA SER A 244 4.74 -4.25 -6.27
C SER A 244 4.34 -5.40 -5.34
N THR A 245 5.31 -6.00 -4.69
CA THR A 245 5.05 -7.10 -3.80
C THR A 245 4.34 -6.60 -2.52
N LEU A 246 4.80 -5.48 -1.99
CA LEU A 246 4.21 -4.92 -0.79
C LEU A 246 2.82 -4.38 -1.12
N LEU A 247 2.69 -3.83 -2.32
CA LEU A 247 1.42 -3.33 -2.84
C LEU A 247 0.39 -4.46 -2.84
N ASP A 248 0.73 -5.57 -3.51
CA ASP A 248 -0.14 -6.75 -3.53
C ASP A 248 -0.39 -7.31 -2.14
N THR A 249 0.59 -7.17 -1.24
CA THR A 249 0.42 -7.58 0.14
C THR A 249 -0.68 -6.73 0.83
N ILE A 250 -0.66 -5.42 0.56
CA ILE A 250 -1.64 -4.48 1.10
C ILE A 250 -3.04 -4.82 0.58
N ILE A 251 -3.09 -5.05 -0.71
CA ILE A 251 -4.35 -5.25 -1.41
C ILE A 251 -4.82 -6.72 -1.32
N GLU A 252 -3.95 -7.59 -0.83
CA GLU A 252 -4.37 -8.94 -0.50
C GLU A 252 -5.42 -8.82 0.56
N THR A 253 -6.58 -9.20 0.21
CA THR A 253 -7.65 -8.94 1.06
C THR A 253 -8.52 -10.15 1.33
N SER A 254 -8.33 -10.71 2.47
CA SER A 254 -9.17 -11.74 3.00
C SER A 254 -9.10 -11.62 4.51
N GLY A 1 23.07 7.94 -21.31
CA GLY A 1 23.93 8.54 -22.35
C GLY A 1 25.12 9.21 -21.71
N HIS A 2 26.17 9.44 -22.49
CA HIS A 2 27.36 10.11 -21.97
C HIS A 2 27.29 11.59 -22.23
N MET A 3 26.82 11.96 -23.42
CA MET A 3 26.69 13.38 -23.77
C MET A 3 25.31 13.89 -23.48
N GLN A 4 24.57 13.04 -22.85
CA GLN A 4 23.29 13.34 -22.32
C GLN A 4 23.50 13.43 -20.83
N PRO A 5 23.39 14.62 -20.24
CA PRO A 5 23.57 14.79 -18.79
C PRO A 5 22.64 13.87 -17.99
N ASN A 6 21.42 13.63 -18.53
CA ASN A 6 20.40 12.70 -17.96
C ASN A 6 20.02 13.04 -16.53
N ASN A 7 20.34 14.24 -16.10
CA ASN A 7 20.03 14.62 -14.74
C ASN A 7 18.60 14.99 -14.62
N GLU A 8 18.04 15.53 -15.70
CA GLU A 8 16.63 15.82 -15.72
C GLU A 8 15.85 14.51 -15.67
N SER A 9 16.38 13.52 -16.39
CA SER A 9 15.83 12.19 -16.46
C SER A 9 15.86 11.57 -15.07
N LYS A 10 17.01 11.73 -14.39
CA LYS A 10 17.16 11.30 -13.01
C LYS A 10 16.12 11.96 -12.13
N LYS A 11 16.02 13.29 -12.20
CA LYS A 11 15.07 14.03 -11.38
C LYS A 11 13.65 13.58 -11.59
N LYS A 12 13.26 13.36 -12.85
CA LYS A 12 11.91 12.90 -13.16
C LYS A 12 11.67 11.53 -12.56
N ALA A 13 12.65 10.65 -12.72
CA ALA A 13 12.57 9.30 -12.21
C ALA A 13 12.49 9.30 -10.70
N VAL A 14 13.40 10.01 -10.07
CA VAL A 14 13.47 10.09 -8.62
C VAL A 14 12.21 10.74 -8.05
N LYS A 15 11.75 11.80 -8.68
CA LYS A 15 10.59 12.50 -8.22
C LYS A 15 9.36 11.60 -8.34
N LEU A 16 9.35 10.78 -9.40
CA LEU A 16 8.30 9.81 -9.58
C LEU A 16 8.35 8.82 -8.42
N ASP A 17 9.54 8.24 -8.19
CA ASP A 17 9.76 7.27 -7.11
C ASP A 17 9.33 7.85 -5.77
N LEU A 18 9.67 9.10 -5.55
CA LEU A 18 9.33 9.82 -4.33
C LEU A 18 7.84 9.91 -4.13
N ASP A 19 7.11 10.38 -5.13
CA ASP A 19 5.65 10.53 -4.98
C ASP A 19 4.97 9.20 -4.93
N LEU A 20 5.56 8.21 -5.56
CA LEU A 20 4.98 6.89 -5.57
C LEU A 20 5.12 6.29 -4.19
N MET A 21 6.31 6.39 -3.62
CA MET A 21 6.59 5.88 -2.27
C MET A 21 5.78 6.65 -1.24
N LYS A 22 5.62 7.92 -1.51
CA LYS A 22 4.82 8.86 -0.71
C LYS A 22 3.40 8.33 -0.58
N GLU A 23 2.73 8.10 -1.69
CA GLU A 23 1.38 7.57 -1.68
C GLU A 23 1.35 6.18 -1.09
N THR A 24 2.38 5.40 -1.38
CA THR A 24 2.52 4.07 -0.84
C THR A 24 2.55 4.12 0.71
N LYS A 25 3.35 5.01 1.28
CA LYS A 25 3.44 5.10 2.72
C LYS A 25 2.18 5.68 3.31
N ASN A 26 1.48 6.50 2.53
CA ASN A 26 0.19 7.07 2.96
C ASN A 26 -0.81 5.93 3.15
N VAL A 27 -0.77 5.00 2.22
CA VAL A 27 -1.58 3.81 2.29
C VAL A 27 -1.12 2.95 3.47
N CYS A 28 0.18 2.68 3.53
CA CYS A 28 0.78 1.84 4.58
C CYS A 28 0.48 2.36 5.98
N THR A 29 0.56 3.68 6.18
CA THR A 29 0.30 4.28 7.48
C THR A 29 -1.17 4.07 7.87
N THR A 30 -2.02 4.10 6.88
CA THR A 30 -3.44 3.93 7.09
C THR A 30 -3.74 2.45 7.39
N VAL A 31 -3.15 1.57 6.58
CA VAL A 31 -3.29 0.13 6.77
C VAL A 31 -2.78 -0.25 8.15
N ASN A 32 -1.61 0.26 8.49
CA ASN A 32 -1.01 0.02 9.79
C ASN A 32 -1.94 0.43 10.90
N THR A 33 -2.30 1.68 10.94
CA THR A 33 -3.13 2.22 12.00
C THR A 33 -4.50 1.48 12.12
N LYS A 34 -5.09 1.11 10.99
CA LYS A 34 -6.36 0.44 11.04
C LYS A 34 -6.24 -1.02 11.44
N LEU A 35 -5.13 -1.65 11.10
CA LEU A 35 -4.91 -3.01 11.50
C LEU A 35 -4.47 -3.06 12.96
N VAL A 36 -3.61 -2.13 13.34
CA VAL A 36 -3.16 -2.01 14.73
C VAL A 36 -4.37 -1.78 15.64
N GLY A 37 -5.24 -0.91 15.19
CA GLY A 37 -6.44 -0.65 15.91
C GLY A 37 -7.33 -1.85 15.99
N LYS A 38 -7.51 -2.54 14.85
CA LYS A 38 -8.34 -3.73 14.80
C LYS A 38 -7.76 -4.81 15.69
N ALA A 39 -6.46 -5.02 15.62
CA ALA A 39 -5.79 -6.03 16.43
C ALA A 39 -6.02 -5.79 17.90
N LYS A 40 -5.66 -4.59 18.37
CA LYS A 40 -5.76 -4.30 19.79
C LYS A 40 -7.19 -4.27 20.29
N SER A 41 -8.12 -3.91 19.43
CA SER A 41 -9.51 -3.90 19.82
C SER A 41 -10.09 -5.31 19.81
N LYS A 42 -9.65 -6.14 18.87
CA LYS A 42 -10.16 -7.49 18.81
C LYS A 42 -9.50 -8.40 19.83
N LEU A 43 -8.35 -7.98 20.36
CA LEU A 43 -7.71 -8.69 21.49
C LEU A 43 -8.60 -8.60 22.72
N ASN A 44 -9.53 -7.66 22.68
CA ASN A 44 -10.52 -7.47 23.73
C ASN A 44 -11.73 -8.37 23.54
N LYS A 45 -11.69 -9.18 22.50
CA LYS A 45 -12.75 -10.14 22.22
C LYS A 45 -12.36 -11.52 22.73
N LEU A 46 -11.11 -11.66 23.11
CA LEU A 46 -10.61 -12.89 23.68
C LEU A 46 -10.86 -12.89 25.16
N GLU A 47 -10.75 -14.05 25.77
CA GLU A 47 -11.00 -14.21 27.21
C GLU A 47 -10.15 -13.25 28.04
N GLY A 48 -8.86 -13.27 27.80
CA GLY A 48 -7.98 -12.41 28.54
C GLY A 48 -6.94 -13.19 29.27
N GLU A 49 -7.35 -13.91 30.30
CA GLU A 49 -6.43 -14.70 31.13
C GLU A 49 -5.86 -15.88 30.35
N SER A 50 -6.71 -16.54 29.61
CA SER A 50 -6.31 -17.67 28.79
C SER A 50 -5.42 -17.21 27.63
N HIS A 51 -5.42 -15.90 27.38
CA HIS A 51 -4.72 -15.33 26.26
C HIS A 51 -3.85 -14.18 26.69
N LYS A 52 -3.35 -14.22 27.91
CA LYS A 52 -2.57 -13.10 28.42
C LYS A 52 -1.23 -13.08 27.76
N GLU A 53 -0.69 -14.26 27.55
CA GLU A 53 0.56 -14.45 26.91
C GLU A 53 0.41 -14.10 25.43
N TYR A 54 -0.73 -14.45 24.88
CA TYR A 54 -1.03 -14.20 23.50
C TYR A 54 -1.17 -12.70 23.25
N VAL A 55 -2.00 -12.06 24.06
CA VAL A 55 -2.25 -10.62 23.94
C VAL A 55 -0.95 -9.86 24.15
N ALA A 56 -0.14 -10.34 25.08
CA ALA A 56 1.16 -9.74 25.35
C ALA A 56 2.03 -9.77 24.10
N GLU A 57 2.30 -10.98 23.57
CA GLU A 57 3.16 -11.14 22.41
C GLU A 57 2.65 -10.39 21.21
N LYS A 58 1.35 -10.37 21.05
CA LYS A 58 0.73 -9.63 19.97
C LYS A 58 0.96 -8.13 20.13
N THR A 59 0.71 -7.60 21.33
CA THR A 59 0.92 -6.18 21.60
C THR A 59 2.39 -5.83 21.38
N LYS A 60 3.25 -6.70 21.86
CA LYS A 60 4.68 -6.54 21.75
C LYS A 60 5.13 -6.50 20.29
N GLU A 61 4.61 -7.38 19.47
CA GLU A 61 4.95 -7.42 18.05
C GLU A 61 4.48 -6.19 17.36
N ILE A 62 3.26 -5.81 17.64
CA ILE A 62 2.66 -4.65 17.03
C ILE A 62 3.44 -3.40 17.40
N ASP A 63 3.76 -3.24 18.66
CA ASP A 63 4.48 -2.06 19.11
C ASP A 63 5.87 -1.99 18.56
N GLU A 64 6.55 -3.13 18.48
CA GLU A 64 7.88 -3.16 17.90
C GLU A 64 7.84 -2.88 16.42
N LYS A 65 6.90 -3.49 15.71
CA LYS A 65 6.79 -3.26 14.28
C LYS A 65 6.28 -1.84 13.99
N ASN A 66 5.47 -1.30 14.89
CA ASN A 66 5.00 0.09 14.76
C ASN A 66 6.11 1.07 14.90
N LYS A 67 6.90 0.94 15.96
CA LYS A 67 8.03 1.85 16.16
C LYS A 67 9.05 1.69 15.04
N LYS A 68 9.19 0.46 14.56
CA LYS A 68 10.03 0.13 13.44
C LYS A 68 9.50 0.82 12.16
N PHE A 69 8.21 0.69 11.92
CA PHE A 69 7.55 1.35 10.80
C PHE A 69 7.75 2.86 10.91
N ASN A 70 7.69 3.36 12.11
CA ASN A 70 7.87 4.78 12.38
C ASN A 70 9.30 5.24 12.11
N GLU A 71 10.28 4.39 12.35
CA GLU A 71 11.65 4.76 12.02
C GLU A 71 11.91 4.56 10.53
N ASN A 72 11.13 3.69 9.88
CA ASN A 72 11.22 3.50 8.42
C ASN A 72 10.82 4.76 7.70
N LEU A 73 9.90 5.51 8.30
CA LEU A 73 9.42 6.78 7.74
C LEU A 73 10.56 7.75 7.66
N VAL A 74 11.28 7.83 8.77
CA VAL A 74 12.46 8.69 8.89
C VAL A 74 13.50 8.26 7.86
N LYS A 75 13.49 6.98 7.56
CA LYS A 75 14.42 6.41 6.62
C LYS A 75 14.05 6.77 5.18
N ILE A 76 12.79 6.61 4.84
CA ILE A 76 12.32 6.89 3.48
C ILE A 76 12.24 8.39 3.19
N GLU A 77 12.15 9.21 4.23
CA GLU A 77 12.18 10.64 3.99
C GLU A 77 13.60 11.15 3.93
N LYS A 78 14.53 10.30 4.32
CA LYS A 78 15.93 10.62 4.20
C LYS A 78 16.33 10.52 2.75
N ARG A 79 16.74 11.63 2.23
CA ARG A 79 17.15 11.77 0.87
C ARG A 79 18.50 12.44 0.89
N LYS A 80 19.28 12.22 -0.11
CA LYS A 80 20.58 12.82 -0.18
C LYS A 80 20.53 13.98 -1.13
N LYS A 81 21.12 15.06 -0.73
CA LYS A 81 21.16 16.24 -1.56
C LYS A 81 22.32 16.16 -2.51
N ILE A 82 22.03 16.33 -3.75
CA ILE A 82 23.05 16.39 -4.74
C ILE A 82 22.88 17.67 -5.51
N LYS A 83 23.88 18.09 -6.17
CA LYS A 83 23.83 19.33 -6.88
C LYS A 83 23.50 19.04 -8.32
N VAL A 84 22.32 19.45 -8.72
CA VAL A 84 21.74 19.15 -10.01
C VAL A 84 20.75 20.27 -10.38
N PRO A 85 20.88 20.82 -11.59
CA PRO A 85 21.91 20.44 -12.55
C PRO A 85 23.27 20.92 -12.13
N ALA A 86 24.28 20.38 -12.73
CA ALA A 86 25.66 20.70 -12.40
C ALA A 86 25.98 22.12 -12.86
N ASP A 87 25.16 22.60 -13.77
CA ASP A 87 25.24 23.95 -14.32
C ASP A 87 25.05 24.97 -13.21
N THR A 88 24.03 24.79 -12.41
CA THR A 88 23.73 25.70 -11.32
C THR A 88 24.22 25.18 -9.98
N GLY A 89 24.23 23.87 -9.81
CA GLY A 89 24.68 23.28 -8.57
C GLY A 89 23.62 23.32 -7.51
N ALA A 90 22.38 23.34 -7.94
CA ALA A 90 21.25 23.46 -7.04
C ALA A 90 21.07 22.17 -6.26
N GLU A 91 20.84 22.30 -4.97
CA GLU A 91 20.63 21.14 -4.14
C GLU A 91 19.27 20.58 -4.33
N VAL A 92 19.25 19.44 -4.87
CA VAL A 92 18.03 18.70 -5.03
C VAL A 92 18.17 17.41 -4.26
N ASP A 93 17.07 16.86 -3.86
CA ASP A 93 17.09 15.70 -3.02
C ASP A 93 16.81 14.46 -3.82
N ALA A 94 17.63 13.46 -3.65
CA ALA A 94 17.47 12.18 -4.31
C ALA A 94 17.14 11.16 -3.25
N VAL A 95 16.28 10.22 -3.60
CA VAL A 95 15.76 9.25 -2.64
C VAL A 95 16.86 8.34 -2.04
N ASP A 96 17.87 8.06 -2.85
CA ASP A 96 19.03 7.21 -2.50
C ASP A 96 18.75 5.71 -2.60
N ASP A 97 19.77 4.99 -3.03
CA ASP A 97 19.75 3.54 -3.24
C ASP A 97 19.35 2.75 -1.97
N GLY A 98 19.64 3.32 -0.80
CA GLY A 98 19.34 2.65 0.47
C GLY A 98 17.84 2.53 0.73
N VAL A 99 17.06 3.31 0.03
CA VAL A 99 15.64 3.27 0.15
C VAL A 99 15.05 1.95 -0.38
N ALA A 100 15.78 1.26 -1.25
CA ALA A 100 15.37 -0.07 -1.70
C ALA A 100 15.29 -0.99 -0.47
N GLY A 101 16.31 -0.90 0.37
CA GLY A 101 16.34 -1.64 1.60
C GLY A 101 15.26 -1.15 2.54
N ALA A 102 15.04 0.15 2.55
CA ALA A 102 13.95 0.76 3.34
C ALA A 102 12.60 0.16 2.96
N LEU A 103 12.34 0.02 1.64
CA LEU A 103 11.12 -0.63 1.19
C LEU A 103 11.07 -2.06 1.60
N SER A 104 12.20 -2.74 1.56
CA SER A 104 12.27 -4.11 2.03
C SER A 104 11.86 -4.17 3.52
N ASP A 105 12.32 -3.19 4.30
CA ASP A 105 11.98 -3.10 5.71
C ASP A 105 10.52 -2.91 5.92
N LEU A 106 9.99 -1.83 5.35
CA LEU A 106 8.59 -1.48 5.54
C LEU A 106 7.65 -2.53 4.98
N SER A 107 8.06 -3.20 3.91
CA SER A 107 7.26 -4.25 3.35
C SER A 107 7.10 -5.39 4.36
N SER A 108 8.21 -5.78 4.99
CA SER A 108 8.20 -6.78 5.95
C SER A 108 7.48 -6.33 7.23
N ASP A 109 7.66 -5.07 7.61
CA ASP A 109 7.02 -4.52 8.79
C ASP A 109 5.50 -4.45 8.63
N ILE A 110 5.04 -4.02 7.46
CA ILE A 110 3.61 -3.98 7.19
C ILE A 110 3.06 -5.40 7.07
N SER A 111 3.80 -6.28 6.41
CA SER A 111 3.40 -7.66 6.25
C SER A 111 3.28 -8.33 7.62
N ALA A 112 4.22 -8.03 8.50
CA ALA A 112 4.20 -8.55 9.86
C ALA A 112 2.95 -8.08 10.57
N ILE A 113 2.71 -6.77 10.56
CA ILE A 113 1.51 -6.19 11.19
C ILE A 113 0.25 -6.85 10.63
N LYS A 114 0.19 -6.98 9.33
CA LYS A 114 -0.90 -7.57 8.64
C LYS A 114 -1.14 -9.00 9.10
N THR A 115 -0.09 -9.79 9.06
CA THR A 115 -0.18 -11.17 9.45
C THR A 115 -0.60 -11.30 10.91
N LEU A 116 0.08 -10.58 11.80
CA LEU A 116 -0.20 -10.68 13.22
C LEU A 116 -1.60 -10.17 13.55
N THR A 117 -2.04 -9.13 12.86
CA THR A 117 -3.34 -8.57 13.10
C THR A 117 -4.43 -9.57 12.71
N ASP A 118 -4.29 -10.20 11.57
CA ASP A 118 -5.32 -11.09 11.18
C ASP A 118 -5.23 -12.46 11.77
N ASP A 119 -4.03 -12.80 12.22
CA ASP A 119 -3.86 -13.98 13.10
C ASP A 119 -4.67 -13.76 14.35
N VAL A 120 -4.66 -12.51 14.84
CA VAL A 120 -5.54 -12.12 15.93
C VAL A 120 -6.98 -12.38 15.52
N SER A 121 -7.38 -11.86 14.35
CA SER A 121 -8.74 -12.05 13.80
C SER A 121 -9.18 -13.52 13.84
N GLU A 122 -8.27 -14.43 13.50
CA GLU A 122 -8.54 -15.87 13.53
C GLU A 122 -8.90 -16.30 14.96
N LYS A 123 -8.04 -15.94 15.90
CA LYS A 123 -8.27 -16.24 17.33
C LYS A 123 -9.54 -15.59 17.84
N VAL A 124 -9.86 -14.46 17.28
CA VAL A 124 -11.10 -13.76 17.58
C VAL A 124 -12.29 -14.58 17.10
N SER A 125 -12.13 -15.25 15.96
CA SER A 125 -13.22 -15.98 15.35
C SER A 125 -13.59 -17.22 16.18
N GLU A 126 -12.59 -17.88 16.75
CA GLU A 126 -12.82 -19.06 17.56
C GLU A 126 -13.29 -18.69 18.99
N ASN A 127 -12.96 -17.50 19.43
CA ASN A 127 -13.37 -17.02 20.76
C ASN A 127 -14.73 -16.40 20.74
N LEU A 128 -15.15 -15.98 19.58
CA LEU A 128 -16.43 -15.35 19.45
C LEU A 128 -17.53 -16.34 19.15
N LYS A 129 -18.74 -15.97 19.53
CA LYS A 129 -19.92 -16.74 19.27
C LYS A 129 -20.33 -16.61 17.82
N ASP A 130 -21.32 -17.39 17.40
CA ASP A 130 -21.80 -17.42 16.00
C ASP A 130 -22.25 -16.04 15.56
N ASP A 131 -23.03 -15.41 16.43
CA ASP A 131 -23.57 -14.05 16.18
C ASP A 131 -22.44 -13.05 16.10
N GLU A 132 -21.56 -13.11 17.08
CA GLU A 132 -20.42 -12.24 17.16
C GLU A 132 -19.54 -12.39 15.90
N ALA A 133 -19.38 -13.62 15.45
CA ALA A 133 -18.61 -13.92 14.24
C ALA A 133 -19.25 -13.29 13.01
N SER A 134 -20.57 -13.33 12.94
CA SER A 134 -21.30 -12.75 11.82
C SER A 134 -21.09 -11.22 11.80
N ALA A 135 -21.05 -10.62 12.98
CA ALA A 135 -20.79 -9.19 13.10
C ALA A 135 -19.32 -8.88 12.75
N THR A 136 -18.45 -9.81 13.05
CA THR A 136 -17.04 -9.64 12.77
C THR A 136 -16.76 -9.84 11.27
N GLU A 137 -17.57 -10.69 10.61
CA GLU A 137 -17.53 -10.87 9.16
C GLU A 137 -17.74 -9.51 8.53
N HIS A 138 -18.80 -8.85 8.96
CA HIS A 138 -19.18 -7.52 8.52
C HIS A 138 -18.05 -6.52 8.84
N THR A 139 -17.44 -6.68 10.00
CA THR A 139 -16.32 -5.84 10.41
C THR A 139 -15.14 -6.02 9.44
N ASP A 140 -14.81 -7.29 9.13
CA ASP A 140 -13.77 -7.61 8.16
C ASP A 140 -14.09 -7.00 6.83
N ILE A 141 -15.28 -7.28 6.35
CA ILE A 141 -15.73 -6.75 5.06
C ILE A 141 -15.56 -5.24 4.99
N LYS A 142 -16.00 -4.55 6.02
CA LYS A 142 -15.95 -3.12 6.05
C LYS A 142 -14.51 -2.60 6.08
N GLU A 143 -13.63 -3.28 6.80
CA GLU A 143 -12.24 -2.81 6.87
C GLU A 143 -11.53 -3.09 5.56
N LYS A 144 -11.77 -4.26 4.95
CA LYS A 144 -11.08 -4.58 3.73
C LYS A 144 -11.55 -3.60 2.65
N ALA A 145 -12.86 -3.34 2.64
CA ALA A 145 -13.48 -2.42 1.68
C ALA A 145 -12.91 -1.01 1.84
N THR A 146 -12.81 -0.56 3.06
CA THR A 146 -12.29 0.76 3.33
C THR A 146 -10.82 0.87 2.94
N LEU A 147 -10.04 -0.16 3.24
CA LEU A 147 -8.66 -0.14 2.85
C LEU A 147 -8.47 -0.27 1.36
N LEU A 148 -9.39 -0.96 0.69
CA LEU A 148 -9.36 -1.01 -0.77
C LEU A 148 -9.57 0.39 -1.34
N GLN A 149 -10.51 1.12 -0.77
CA GLN A 149 -10.77 2.50 -1.19
C GLN A 149 -9.54 3.38 -0.91
N GLU A 150 -9.05 3.33 0.32
CA GLU A 150 -7.94 4.16 0.73
C GLU A 150 -6.63 3.80 0.02
N SER A 151 -6.44 2.53 -0.28
CA SER A 151 -5.31 2.15 -1.08
C SER A 151 -5.46 2.70 -2.49
N CYS A 152 -6.66 2.56 -3.07
CA CYS A 152 -6.96 3.09 -4.40
C CYS A 152 -6.79 4.62 -4.48
N ASN A 153 -6.94 5.29 -3.34
CA ASN A 153 -6.68 6.75 -3.30
C ASN A 153 -5.21 7.02 -3.57
N GLY A 154 -4.36 6.26 -2.89
CA GLY A 154 -2.93 6.40 -3.07
C GLY A 154 -2.51 5.88 -4.42
N ILE A 155 -2.97 4.68 -4.73
CA ILE A 155 -2.68 4.00 -5.99
C ILE A 155 -3.13 4.85 -7.17
N GLY A 156 -4.25 5.57 -6.99
CA GLY A 156 -4.75 6.43 -8.02
C GLY A 156 -3.84 7.61 -8.27
N THR A 157 -3.26 8.14 -7.21
CA THR A 157 -2.41 9.31 -7.32
C THR A 157 -1.05 8.90 -7.90
N ILE A 158 -0.67 7.68 -7.54
CA ILE A 158 0.50 7.03 -8.10
C ILE A 158 0.29 6.92 -9.59
N LEU A 159 -0.83 6.33 -9.96
CA LEU A 159 -1.20 6.18 -11.35
C LEU A 159 -1.27 7.54 -12.06
N ASP A 160 -1.70 8.57 -11.34
CA ASP A 160 -1.73 9.93 -11.90
C ASP A 160 -0.36 10.37 -12.33
N LYS A 161 0.61 10.27 -11.44
CA LYS A 161 1.97 10.66 -11.80
C LYS A 161 2.61 9.66 -12.74
N LEU A 162 2.20 8.43 -12.64
CA LEU A 162 2.68 7.37 -13.47
C LEU A 162 2.27 7.63 -14.93
N ALA A 163 0.98 7.93 -15.13
CA ALA A 163 0.43 8.12 -16.46
C ALA A 163 1.01 9.35 -17.16
N GLU A 164 1.53 10.29 -16.41
CA GLU A 164 2.17 11.43 -17.02
C GLU A 164 3.66 11.24 -17.19
N TYR A 165 4.21 10.22 -16.58
CA TYR A 165 5.60 9.97 -16.76
C TYR A 165 5.77 9.20 -18.06
N LEU A 166 4.88 8.27 -18.25
CA LEU A 166 4.88 7.46 -19.43
C LEU A 166 3.49 7.47 -19.97
N ASN A 167 3.13 8.57 -20.55
CA ASN A 167 1.85 8.70 -21.15
C ASN A 167 1.80 7.96 -22.48
N ASN A 168 1.18 6.83 -22.49
CA ASN A 168 1.02 6.05 -23.68
C ASN A 168 -0.36 5.44 -23.68
N ASP A 169 -0.65 4.62 -24.67
CA ASP A 169 -1.98 4.02 -24.81
C ASP A 169 -2.31 3.13 -23.65
N THR A 170 -1.37 2.33 -23.26
CA THR A 170 -1.57 1.38 -22.21
C THR A 170 -1.89 2.09 -20.89
N THR A 171 -1.07 3.06 -20.52
CA THR A 171 -1.25 3.76 -19.27
C THR A 171 -2.54 4.57 -19.25
N GLN A 172 -2.93 5.13 -20.40
CA GLN A 172 -4.13 5.92 -20.45
C GLN A 172 -5.37 5.02 -20.33
N ASN A 173 -5.30 3.80 -20.92
CA ASN A 173 -6.41 2.82 -20.81
C ASN A 173 -6.61 2.44 -19.37
N ILE A 174 -5.50 2.20 -18.72
CA ILE A 174 -5.46 1.83 -17.33
C ILE A 174 -6.06 2.91 -16.46
N LYS A 175 -5.69 4.16 -16.72
CA LYS A 175 -6.21 5.24 -15.92
C LYS A 175 -7.72 5.38 -16.12
N LYS A 176 -8.18 5.26 -17.37
CA LYS A 176 -9.62 5.33 -17.67
C LYS A 176 -10.37 4.29 -16.87
N GLU A 177 -9.87 3.08 -16.95
CA GLU A 177 -10.45 1.97 -16.26
C GLU A 177 -10.38 2.17 -14.77
N PHE A 178 -9.24 2.61 -14.27
CA PHE A 178 -9.05 2.84 -12.84
C PHE A 178 -10.04 3.88 -12.34
N ASP A 179 -10.17 5.00 -13.06
CA ASP A 179 -11.08 6.07 -12.66
C ASP A 179 -12.49 5.57 -12.57
N GLU A 180 -12.91 4.86 -13.59
CA GLU A 180 -14.25 4.38 -13.65
C GLU A 180 -14.48 3.27 -12.62
N ARG A 181 -13.52 2.36 -12.49
CA ARG A 181 -13.59 1.28 -11.49
C ARG A 181 -13.65 1.83 -10.10
N LYS A 182 -12.91 2.92 -9.87
CA LYS A 182 -12.86 3.51 -8.56
C LYS A 182 -14.21 4.05 -8.17
N LYS A 183 -14.89 4.67 -9.13
CA LYS A 183 -16.22 5.20 -8.89
C LYS A 183 -17.20 4.06 -8.69
N ASN A 184 -17.00 2.96 -9.41
CA ASN A 184 -17.85 1.77 -9.26
C ASN A 184 -17.70 1.20 -7.86
N LEU A 185 -16.45 0.90 -7.47
CA LEU A 185 -16.17 0.36 -6.14
C LEU A 185 -16.63 1.31 -5.01
N THR A 186 -16.59 2.62 -5.26
CA THR A 186 -17.10 3.60 -4.29
C THR A 186 -18.63 3.42 -4.13
N SER A 187 -19.30 3.20 -5.25
CA SER A 187 -20.73 2.98 -5.28
C SER A 187 -21.07 1.68 -4.54
N LEU A 188 -20.31 0.63 -4.80
CA LEU A 188 -20.51 -0.66 -4.17
C LEU A 188 -20.27 -0.58 -2.67
N LYS A 189 -19.20 0.11 -2.27
CA LYS A 189 -18.86 0.29 -0.86
C LYS A 189 -19.98 0.98 -0.11
N THR A 190 -20.68 1.87 -0.79
CA THR A 190 -21.80 2.59 -0.22
C THR A 190 -22.91 1.61 0.22
N LYS A 191 -23.04 0.52 -0.49
CA LYS A 191 -24.01 -0.49 -0.16
C LYS A 191 -23.42 -1.46 0.85
N VAL A 192 -22.09 -1.63 0.81
CA VAL A 192 -21.34 -2.46 1.78
C VAL A 192 -21.47 -1.88 3.20
N GLU A 193 -21.58 -0.54 3.28
CA GLU A 193 -21.76 0.17 4.55
C GLU A 193 -23.08 -0.27 5.24
N ASN A 194 -23.99 -0.81 4.47
CA ASN A 194 -25.29 -1.24 4.97
C ASN A 194 -25.32 -2.74 5.11
N LYS A 195 -25.47 -3.22 6.33
CA LYS A 195 -25.48 -4.66 6.57
C LYS A 195 -26.78 -5.32 6.11
N ASP A 196 -27.80 -4.50 5.91
CA ASP A 196 -29.08 -4.90 5.43
C ASP A 196 -29.03 -5.25 3.94
N GLU A 197 -27.98 -4.80 3.29
CA GLU A 197 -27.69 -5.14 1.92
C GLU A 197 -26.80 -6.36 1.97
N ASP A 198 -26.56 -7.03 0.87
CA ASP A 198 -25.62 -8.13 0.93
C ASP A 198 -24.23 -7.57 0.75
N TYR A 199 -23.76 -6.99 1.82
CA TYR A 199 -22.49 -6.31 1.87
C TYR A 199 -21.35 -7.23 1.48
N VAL A 200 -21.51 -8.53 1.72
CA VAL A 200 -20.48 -9.50 1.38
C VAL A 200 -20.30 -9.57 -0.14
N THR A 201 -21.39 -9.75 -0.86
CA THR A 201 -21.34 -9.82 -2.31
C THR A 201 -21.01 -8.46 -2.94
N HIS A 202 -21.49 -7.38 -2.33
CA HIS A 202 -21.15 -6.05 -2.82
C HIS A 202 -19.66 -5.79 -2.65
N PHE A 203 -19.11 -6.29 -1.54
CA PHE A 203 -17.66 -6.22 -1.30
C PHE A 203 -16.93 -7.09 -2.30
N ARG A 204 -17.49 -8.24 -2.60
CA ARG A 204 -16.90 -9.18 -3.53
C ARG A 204 -16.69 -8.49 -4.88
N ASP A 205 -17.73 -7.90 -5.42
CA ASP A 205 -17.63 -7.17 -6.69
C ASP A 205 -16.68 -6.01 -6.57
N MET A 206 -16.78 -5.29 -5.45
CA MET A 206 -15.92 -4.14 -5.16
C MET A 206 -14.45 -4.55 -5.19
N ALA A 207 -14.14 -5.63 -4.49
CA ALA A 207 -12.80 -6.16 -4.40
C ALA A 207 -12.30 -6.60 -5.76
N THR A 208 -13.17 -7.21 -6.53
CA THR A 208 -12.84 -7.63 -7.87
C THR A 208 -12.43 -6.40 -8.73
N GLU A 209 -13.18 -5.31 -8.62
CA GLU A 209 -12.85 -4.11 -9.37
C GLU A 209 -11.55 -3.52 -8.87
N ALA A 210 -11.35 -3.56 -7.56
CA ALA A 210 -10.13 -3.08 -6.95
C ALA A 210 -8.92 -3.87 -7.46
N GLN A 211 -9.02 -5.21 -7.45
CA GLN A 211 -7.95 -6.07 -7.94
C GLN A 211 -7.64 -5.77 -9.39
N ASN A 212 -8.68 -5.58 -10.18
CA ASN A 212 -8.51 -5.23 -11.58
C ASN A 212 -7.80 -3.92 -11.73
N ALA A 213 -8.32 -2.90 -11.07
CA ALA A 213 -7.79 -1.56 -11.16
C ALA A 213 -6.33 -1.50 -10.67
N VAL A 214 -6.08 -2.06 -9.50
CA VAL A 214 -4.75 -2.00 -8.92
C VAL A 214 -3.78 -2.88 -9.71
N GLY A 215 -4.30 -3.97 -10.28
CA GLY A 215 -3.49 -4.84 -11.09
C GLY A 215 -3.03 -4.13 -12.35
N GLU A 216 -3.94 -3.37 -12.95
CA GLU A 216 -3.62 -2.62 -14.15
C GLU A 216 -2.58 -1.55 -13.83
N VAL A 217 -2.74 -0.89 -12.68
CA VAL A 217 -1.77 0.10 -12.23
C VAL A 217 -0.39 -0.51 -12.08
N LYS A 218 -0.31 -1.70 -11.50
CA LYS A 218 0.98 -2.33 -11.30
C LYS A 218 1.61 -2.66 -12.65
N LYS A 219 0.79 -3.12 -13.60
CA LYS A 219 1.27 -3.40 -14.97
C LYS A 219 1.87 -2.13 -15.57
N ALA A 220 1.20 -1.00 -15.33
CA ALA A 220 1.67 0.29 -15.79
C ALA A 220 3.01 0.62 -15.13
N ILE A 221 3.09 0.39 -13.82
CA ILE A 221 4.33 0.61 -13.07
C ILE A 221 5.46 -0.25 -13.64
N ASP A 222 5.19 -1.54 -13.80
CA ASP A 222 6.15 -2.50 -14.39
C ASP A 222 6.63 -2.03 -15.76
N ALA A 223 5.71 -1.48 -16.54
CA ALA A 223 6.01 -0.93 -17.85
C ALA A 223 6.97 0.25 -17.74
N VAL A 224 6.71 1.10 -16.77
CA VAL A 224 7.56 2.26 -16.54
C VAL A 224 8.95 1.85 -16.02
N VAL A 225 9.00 0.74 -15.26
CA VAL A 225 10.29 0.17 -14.80
C VAL A 225 11.12 -0.19 -16.02
N ALA A 226 10.50 -0.93 -16.94
CA ALA A 226 11.17 -1.32 -18.18
C ALA A 226 11.51 -0.10 -19.03
N HIS A 227 10.57 0.82 -19.15
CA HIS A 227 10.76 2.05 -19.92
C HIS A 227 11.94 2.88 -19.41
N ARG A 228 12.06 3.01 -18.10
CA ARG A 228 13.09 3.83 -17.56
C ARG A 228 14.46 3.18 -17.73
N LYS A 229 14.55 1.87 -17.49
CA LYS A 229 15.83 1.18 -17.66
C LYS A 229 16.25 1.18 -19.12
N ALA A 230 15.26 1.18 -20.01
CA ALA A 230 15.51 1.21 -21.44
C ALA A 230 16.09 2.57 -21.84
N GLU A 231 15.80 3.59 -21.05
CA GLU A 231 16.26 4.93 -21.36
C GLU A 231 17.62 5.17 -20.68
N ASN A 232 18.08 4.15 -19.94
CA ASN A 232 19.32 4.19 -19.16
C ASN A 232 19.20 5.08 -17.95
N LEU A 233 18.01 5.11 -17.40
CA LEU A 233 17.71 5.84 -16.19
C LEU A 233 17.81 4.95 -14.98
N ASP A 234 18.00 5.58 -13.85
CA ASP A 234 18.14 4.94 -12.56
C ASP A 234 16.86 4.26 -12.15
N VAL A 235 16.86 2.97 -12.29
CA VAL A 235 15.77 2.11 -11.90
C VAL A 235 16.31 0.95 -11.12
N ASP A 236 15.74 0.72 -9.98
CA ASP A 236 16.14 -0.41 -9.20
C ASP A 236 15.00 -1.40 -9.13
N ASP A 237 15.21 -2.52 -9.79
CA ASP A 237 14.22 -3.58 -9.88
C ASP A 237 13.80 -4.09 -8.53
N THR A 238 14.74 -4.14 -7.60
CA THR A 238 14.48 -4.61 -6.24
C THR A 238 13.46 -3.69 -5.57
N LEU A 239 13.72 -2.39 -5.65
CA LEU A 239 12.84 -1.33 -5.12
C LEU A 239 11.40 -1.54 -5.59
N PHE A 240 11.23 -1.66 -6.90
CA PHE A 240 9.92 -1.84 -7.48
C PHE A 240 9.34 -3.20 -7.12
N SER A 241 10.19 -4.19 -7.01
CA SER A 241 9.77 -5.52 -6.65
C SER A 241 9.28 -5.54 -5.19
N ASN A 242 9.93 -4.78 -4.31
CA ASN A 242 9.50 -4.66 -2.91
C ASN A 242 8.15 -4.00 -2.86
N LEU A 243 8.02 -2.94 -3.65
CA LEU A 243 6.80 -2.23 -3.79
C LEU A 243 5.68 -3.16 -4.27
N SER A 244 5.96 -3.88 -5.33
CA SER A 244 5.02 -4.82 -5.92
C SER A 244 4.63 -5.93 -4.92
N THR A 245 5.59 -6.39 -4.12
CA THR A 245 5.32 -7.42 -3.13
C THR A 245 4.42 -6.88 -2.03
N LEU A 246 4.67 -5.66 -1.62
CA LEU A 246 3.84 -5.05 -0.61
C LEU A 246 2.48 -4.73 -1.18
N LEU A 247 2.45 -4.34 -2.43
CA LEU A 247 1.23 -4.10 -3.18
C LEU A 247 0.38 -5.38 -3.09
N ASP A 248 1.01 -6.51 -3.38
CA ASP A 248 0.37 -7.82 -3.23
C ASP A 248 -0.10 -8.06 -1.81
N THR A 249 0.71 -7.61 -0.84
CA THR A 249 0.38 -7.82 0.56
C THR A 249 -0.86 -7.00 0.97
N ILE A 250 -1.00 -5.82 0.38
CA ILE A 250 -2.12 -4.94 0.66
C ILE A 250 -3.39 -5.44 -0.05
N ILE A 251 -3.25 -5.94 -1.28
CA ILE A 251 -4.40 -6.41 -2.02
C ILE A 251 -4.86 -7.77 -1.55
N GLU A 252 -4.01 -8.46 -0.83
CA GLU A 252 -4.39 -9.69 -0.19
C GLU A 252 -5.42 -9.42 0.90
N THR A 253 -6.59 -9.91 0.69
CA THR A 253 -7.62 -9.71 1.61
C THR A 253 -7.90 -10.99 2.38
N SER A 254 -7.38 -11.01 3.56
CA SER A 254 -7.57 -12.02 4.54
C SER A 254 -7.26 -11.34 5.87
N GLY A 1 27.98 6.57 -23.16
CA GLY A 1 26.92 6.47 -24.16
C GLY A 1 26.01 7.64 -24.10
N HIS A 2 25.48 8.04 -25.22
CA HIS A 2 24.57 9.16 -25.27
C HIS A 2 23.18 8.67 -24.93
N MET A 3 22.88 8.63 -23.68
CA MET A 3 21.59 8.20 -23.23
C MET A 3 20.97 9.19 -22.25
N GLN A 4 20.05 9.98 -22.82
CA GLN A 4 19.32 11.06 -22.16
C GLN A 4 20.17 11.95 -21.24
N PRO A 5 20.94 12.89 -21.83
CA PRO A 5 21.75 13.84 -21.06
C PRO A 5 20.89 14.99 -20.53
N ASN A 6 19.63 14.95 -20.92
CA ASN A 6 18.66 15.95 -20.54
C ASN A 6 18.29 15.73 -19.11
N ASN A 7 18.77 16.59 -18.26
CA ASN A 7 18.51 16.52 -16.84
C ASN A 7 17.02 16.68 -16.55
N GLU A 8 16.32 17.35 -17.45
CA GLU A 8 14.88 17.59 -17.36
C GLU A 8 14.08 16.29 -17.19
N SER A 9 14.57 15.22 -17.77
CA SER A 9 13.86 13.95 -17.72
C SER A 9 14.18 13.27 -16.42
N LYS A 10 15.41 13.48 -16.01
CA LYS A 10 15.92 12.92 -14.84
C LYS A 10 15.31 13.62 -13.61
N LYS A 11 15.12 14.91 -13.73
CA LYS A 11 14.41 15.69 -12.70
C LYS A 11 13.04 15.10 -12.44
N LYS A 12 12.31 14.86 -13.53
CA LYS A 12 10.99 14.27 -13.44
C LYS A 12 11.07 12.88 -12.86
N ALA A 13 12.06 12.11 -13.28
CA ALA A 13 12.26 10.76 -12.79
C ALA A 13 12.47 10.75 -11.28
N VAL A 14 13.38 11.58 -10.81
CA VAL A 14 13.69 11.64 -9.38
C VAL A 14 12.47 12.12 -8.59
N LYS A 15 11.80 13.16 -9.10
CA LYS A 15 10.62 13.70 -8.44
C LYS A 15 9.46 12.72 -8.45
N LEU A 16 9.38 11.94 -9.51
CA LEU A 16 8.37 10.92 -9.63
C LEU A 16 8.56 9.92 -8.52
N ASP A 17 9.77 9.38 -8.42
CA ASP A 17 10.11 8.38 -7.40
C ASP A 17 9.84 8.94 -6.00
N LEU A 18 10.15 10.22 -5.80
CA LEU A 18 9.90 10.88 -4.51
C LEU A 18 8.41 10.89 -4.18
N ASP A 19 7.59 11.30 -5.15
CA ASP A 19 6.14 11.34 -4.95
C ASP A 19 5.57 9.96 -4.78
N LEU A 20 6.06 9.02 -5.55
CA LEU A 20 5.64 7.63 -5.42
C LEU A 20 5.96 7.08 -4.04
N MET A 21 7.19 7.29 -3.58
CA MET A 21 7.59 6.81 -2.25
C MET A 21 6.76 7.45 -1.15
N LYS A 22 6.51 8.73 -1.25
CA LYS A 22 5.75 9.40 -0.21
C LYS A 22 4.28 8.98 -0.24
N GLU A 23 3.67 8.93 -1.42
CA GLU A 23 2.27 8.52 -1.51
C GLU A 23 2.08 7.07 -1.11
N THR A 24 3.06 6.23 -1.44
CA THR A 24 3.02 4.85 -1.01
C THR A 24 3.07 4.78 0.51
N LYS A 25 3.91 5.64 1.10
CA LYS A 25 4.02 5.73 2.54
C LYS A 25 2.70 6.18 3.12
N ASN A 26 2.08 7.13 2.48
CA ASN A 26 0.80 7.68 2.93
C ASN A 26 -0.25 6.58 3.00
N VAL A 27 -0.21 5.70 2.02
CA VAL A 27 -1.08 4.53 2.01
C VAL A 27 -0.67 3.59 3.17
N CYS A 28 0.62 3.31 3.27
CA CYS A 28 1.15 2.40 4.30
C CYS A 28 0.82 2.87 5.71
N THR A 29 1.01 4.15 5.99
CA THR A 29 0.71 4.73 7.29
C THR A 29 -0.77 4.57 7.61
N THR A 30 -1.59 4.70 6.60
CA THR A 30 -3.01 4.53 6.76
C THR A 30 -3.30 3.07 7.08
N VAL A 31 -2.77 2.16 6.25
CA VAL A 31 -2.92 0.71 6.44
C VAL A 31 -2.45 0.28 7.83
N ASN A 32 -1.28 0.77 8.24
CA ASN A 32 -0.71 0.49 9.57
C ASN A 32 -1.70 0.88 10.66
N THR A 33 -2.20 2.10 10.58
CA THR A 33 -3.14 2.61 11.56
C THR A 33 -4.45 1.77 11.58
N LYS A 34 -4.91 1.38 10.40
CA LYS A 34 -6.12 0.58 10.29
C LYS A 34 -5.92 -0.78 10.93
N LEU A 35 -4.82 -1.45 10.60
CA LEU A 35 -4.55 -2.77 11.14
C LEU A 35 -4.28 -2.72 12.64
N VAL A 36 -3.58 -1.69 13.11
CA VAL A 36 -3.33 -1.55 14.54
C VAL A 36 -4.65 -1.36 15.31
N GLY A 37 -5.54 -0.55 14.76
CA GLY A 37 -6.83 -0.33 15.39
C GLY A 37 -7.67 -1.59 15.36
N LYS A 38 -7.64 -2.26 14.23
CA LYS A 38 -8.36 -3.50 14.00
C LYS A 38 -7.83 -4.56 14.99
N ALA A 39 -6.50 -4.69 15.06
CA ALA A 39 -5.83 -5.65 15.95
C ALA A 39 -6.23 -5.45 17.38
N LYS A 40 -6.13 -4.23 17.88
CA LYS A 40 -6.47 -3.98 19.26
C LYS A 40 -7.95 -4.23 19.52
N SER A 41 -8.80 -3.93 18.54
CA SER A 41 -10.22 -4.20 18.69
C SER A 41 -10.50 -5.71 18.69
N LYS A 42 -9.62 -6.47 18.04
CA LYS A 42 -9.71 -7.93 18.07
C LYS A 42 -9.21 -8.44 19.42
N LEU A 43 -8.06 -7.94 19.85
CA LEU A 43 -7.42 -8.32 21.13
C LEU A 43 -8.39 -8.08 22.29
N ASN A 44 -9.18 -7.02 22.19
CA ASN A 44 -10.18 -6.67 23.20
C ASN A 44 -11.26 -7.71 23.34
N LYS A 45 -11.41 -8.58 22.36
CA LYS A 45 -12.45 -9.59 22.37
C LYS A 45 -12.00 -10.87 23.07
N LEU A 46 -10.71 -11.00 23.34
CA LEU A 46 -10.18 -12.17 24.01
C LEU A 46 -10.32 -12.05 25.51
N GLU A 47 -10.52 -13.17 26.16
CA GLU A 47 -10.88 -13.21 27.59
C GLU A 47 -9.93 -14.07 28.45
N GLY A 48 -9.61 -15.24 27.92
CA GLY A 48 -8.91 -16.28 28.62
C GLY A 48 -7.50 -15.98 29.00
N GLU A 49 -6.99 -16.81 29.88
CA GLU A 49 -5.69 -16.64 30.46
C GLU A 49 -4.57 -16.81 29.44
N SER A 50 -4.72 -17.77 28.57
CA SER A 50 -3.71 -18.04 27.58
C SER A 50 -3.77 -17.01 26.45
N HIS A 51 -4.76 -16.15 26.51
CA HIS A 51 -4.87 -15.12 25.53
C HIS A 51 -4.36 -13.81 26.08
N LYS A 52 -4.11 -13.79 27.38
CA LYS A 52 -3.56 -12.61 28.04
C LYS A 52 -2.18 -12.41 27.54
N GLU A 53 -1.40 -13.46 27.68
CA GLU A 53 -0.03 -13.52 27.19
C GLU A 53 0.01 -13.21 25.70
N TYR A 54 -0.93 -13.78 24.95
CA TYR A 54 -1.03 -13.58 23.52
C TYR A 54 -1.23 -12.11 23.19
N VAL A 55 -2.20 -11.49 23.86
CA VAL A 55 -2.49 -10.08 23.67
C VAL A 55 -1.27 -9.23 24.04
N ALA A 56 -0.62 -9.58 25.15
CA ALA A 56 0.55 -8.86 25.62
C ALA A 56 1.67 -8.93 24.57
N GLU A 57 1.96 -10.15 24.08
CA GLU A 57 2.99 -10.35 23.06
C GLU A 57 2.68 -9.58 21.82
N LYS A 58 1.46 -9.73 21.34
CA LYS A 58 1.01 -9.07 20.14
C LYS A 58 1.10 -7.56 20.27
N THR A 59 0.74 -7.04 21.42
CA THR A 59 0.85 -5.61 21.67
C THR A 59 2.34 -5.17 21.60
N LYS A 60 3.23 -5.99 22.14
CA LYS A 60 4.67 -5.74 22.05
C LYS A 60 5.15 -5.77 20.62
N GLU A 61 4.64 -6.72 19.87
CA GLU A 61 5.00 -6.87 18.47
C GLU A 61 4.53 -5.68 17.68
N ILE A 62 3.33 -5.22 18.00
CA ILE A 62 2.78 -4.02 17.41
C ILE A 62 3.66 -2.83 17.73
N ASP A 63 4.08 -2.71 18.99
CA ASP A 63 4.94 -1.61 19.41
C ASP A 63 6.22 -1.58 18.63
N GLU A 64 6.90 -2.70 18.59
CA GLU A 64 8.15 -2.82 17.91
C GLU A 64 8.01 -2.57 16.42
N LYS A 65 6.97 -3.11 15.82
CA LYS A 65 6.75 -2.90 14.41
C LYS A 65 6.27 -1.49 14.10
N ASN A 66 5.53 -0.91 15.00
CA ASN A 66 5.10 0.48 14.84
C ASN A 66 6.27 1.41 14.91
N LYS A 67 7.13 1.22 15.88
CA LYS A 67 8.31 2.07 15.99
C LYS A 67 9.26 1.78 14.81
N LYS A 68 9.21 0.55 14.31
CA LYS A 68 9.98 0.17 13.14
C LYS A 68 9.43 0.91 11.90
N PHE A 69 8.13 0.90 11.76
CA PHE A 69 7.47 1.60 10.68
C PHE A 69 7.71 3.11 10.81
N ASN A 70 7.71 3.58 12.04
CA ASN A 70 7.98 4.98 12.32
C ASN A 70 9.44 5.35 12.06
N GLU A 71 10.37 4.41 12.22
CA GLU A 71 11.75 4.70 11.87
C GLU A 71 11.89 4.65 10.36
N ASN A 72 11.03 3.85 9.72
CA ASN A 72 10.97 3.75 8.25
C ASN A 72 10.44 5.02 7.61
N LEU A 73 9.83 5.89 8.42
CA LEU A 73 9.40 7.19 7.92
C LEU A 73 10.61 7.98 7.67
N VAL A 74 11.37 8.15 8.70
CA VAL A 74 12.59 8.91 8.65
C VAL A 74 13.60 8.19 7.75
N LYS A 75 13.35 6.93 7.50
CA LYS A 75 14.22 6.14 6.67
C LYS A 75 14.00 6.43 5.19
N ILE A 76 12.79 6.31 4.69
CA ILE A 76 12.61 6.53 3.24
C ILE A 76 12.42 8.00 2.92
N GLU A 77 12.13 8.77 3.93
CA GLU A 77 11.94 10.18 3.77
C GLU A 77 13.24 10.88 4.04
N LYS A 78 14.23 10.08 4.40
CA LYS A 78 15.59 10.54 4.44
C LYS A 78 16.13 10.33 3.05
N ARG A 79 16.50 11.39 2.43
CA ARG A 79 16.94 11.37 1.09
C ARG A 79 18.31 11.91 1.07
N LYS A 80 19.06 11.53 0.10
CA LYS A 80 20.39 11.99 -0.01
C LYS A 80 20.42 13.04 -1.06
N LYS A 81 20.98 14.17 -0.74
CA LYS A 81 21.04 15.25 -1.66
C LYS A 81 22.32 15.17 -2.43
N ILE A 82 22.19 14.97 -3.70
CA ILE A 82 23.34 14.81 -4.56
C ILE A 82 23.39 15.93 -5.57
N LYS A 83 24.51 16.06 -6.23
CA LYS A 83 24.75 17.13 -7.14
C LYS A 83 24.35 16.70 -8.54
N VAL A 84 23.32 17.32 -9.03
CA VAL A 84 22.73 16.97 -10.32
C VAL A 84 22.18 18.22 -11.02
N PRO A 85 22.71 18.57 -12.20
CA PRO A 85 23.82 17.86 -12.82
C PRO A 85 25.12 18.27 -12.18
N ALA A 86 26.14 17.52 -12.43
CA ALA A 86 27.45 17.74 -11.82
C ALA A 86 28.10 19.01 -12.34
N ASP A 87 27.58 19.50 -13.47
CA ASP A 87 28.06 20.70 -14.13
C ASP A 87 27.77 21.92 -13.27
N THR A 88 26.57 21.95 -12.70
CA THR A 88 26.17 23.06 -11.85
C THR A 88 26.31 22.70 -10.38
N GLY A 89 26.06 21.44 -10.05
CA GLY A 89 26.18 21.00 -8.70
C GLY A 89 24.93 21.24 -7.91
N ALA A 90 23.80 21.28 -8.60
CA ALA A 90 22.53 21.56 -7.97
C ALA A 90 22.15 20.39 -7.10
N GLU A 91 21.88 20.66 -5.86
CA GLU A 91 21.56 19.60 -4.94
C GLU A 91 20.12 19.28 -4.94
N VAL A 92 19.84 18.05 -5.23
CA VAL A 92 18.49 17.55 -5.26
C VAL A 92 18.37 16.35 -4.37
N ASP A 93 17.19 16.14 -3.84
CA ASP A 93 16.93 15.01 -2.98
C ASP A 93 16.60 13.79 -3.79
N ALA A 94 17.30 12.73 -3.54
CA ALA A 94 17.03 11.45 -4.15
C ALA A 94 16.79 10.47 -3.03
N VAL A 95 15.89 9.51 -3.23
CA VAL A 95 15.52 8.54 -2.16
C VAL A 95 16.72 7.75 -1.64
N ASP A 96 17.71 7.51 -2.51
CA ASP A 96 18.91 6.69 -2.23
C ASP A 96 18.62 5.18 -2.40
N ASP A 97 19.66 4.43 -2.76
CA ASP A 97 19.59 2.97 -2.96
C ASP A 97 18.98 2.24 -1.76
N GLY A 98 19.22 2.77 -0.57
CA GLY A 98 18.77 2.17 0.66
C GLY A 98 17.27 2.07 0.79
N VAL A 99 16.55 2.86 0.03
CA VAL A 99 15.10 2.84 0.08
C VAL A 99 14.52 1.54 -0.50
N ALA A 100 15.29 0.85 -1.35
CA ALA A 100 14.85 -0.45 -1.85
C ALA A 100 14.70 -1.42 -0.67
N GLY A 101 15.73 -1.45 0.18
CA GLY A 101 15.71 -2.28 1.36
C GLY A 101 14.71 -1.77 2.37
N ALA A 102 14.55 -0.46 2.42
CA ALA A 102 13.58 0.18 3.30
C ALA A 102 12.17 -0.22 2.89
N LEU A 103 11.93 -0.31 1.58
CA LEU A 103 10.65 -0.79 1.10
C LEU A 103 10.46 -2.20 1.54
N SER A 104 11.51 -3.02 1.46
CA SER A 104 11.43 -4.38 1.96
C SER A 104 11.03 -4.42 3.45
N ASP A 105 11.60 -3.49 4.25
CA ASP A 105 11.26 -3.40 5.70
C ASP A 105 9.79 -3.14 5.87
N LEU A 106 9.33 -2.05 5.31
CA LEU A 106 7.96 -1.64 5.48
C LEU A 106 6.99 -2.62 4.85
N SER A 107 7.37 -3.22 3.73
CA SER A 107 6.52 -4.21 3.11
C SER A 107 6.41 -5.45 4.00
N SER A 108 7.53 -5.85 4.61
CA SER A 108 7.54 -7.00 5.46
C SER A 108 6.74 -6.70 6.72
N ASP A 109 6.95 -5.52 7.27
CA ASP A 109 6.29 -5.11 8.49
C ASP A 109 4.80 -4.93 8.30
N ILE A 110 4.39 -4.28 7.21
CA ILE A 110 2.96 -4.13 6.91
C ILE A 110 2.32 -5.51 6.68
N SER A 111 3.02 -6.39 5.97
CA SER A 111 2.53 -7.74 5.71
C SER A 111 2.40 -8.50 7.03
N ALA A 112 3.39 -8.37 7.89
CA ALA A 112 3.40 -9.02 9.19
C ALA A 112 2.27 -8.49 10.03
N ILE A 113 2.14 -7.17 10.09
CA ILE A 113 1.09 -6.52 10.86
C ILE A 113 -0.29 -7.01 10.42
N LYS A 114 -0.55 -7.02 9.11
CA LYS A 114 -1.86 -7.47 8.62
C LYS A 114 -2.09 -8.92 8.99
N THR A 115 -1.10 -9.74 8.76
CA THR A 115 -1.19 -11.15 9.04
C THR A 115 -1.42 -11.42 10.53
N LEU A 116 -0.63 -10.79 11.40
CA LEU A 116 -0.77 -10.97 12.84
C LEU A 116 -2.10 -10.43 13.35
N THR A 117 -2.54 -9.34 12.76
CA THR A 117 -3.81 -8.74 13.11
C THR A 117 -4.96 -9.72 12.82
N ASP A 118 -4.91 -10.31 11.65
CA ASP A 118 -5.93 -11.25 11.28
C ASP A 118 -5.75 -12.60 11.90
N ASP A 119 -4.54 -12.90 12.31
CA ASP A 119 -4.28 -14.04 13.21
C ASP A 119 -5.14 -13.86 14.44
N VAL A 120 -5.13 -12.64 14.97
CA VAL A 120 -5.96 -12.32 16.11
C VAL A 120 -7.44 -12.44 15.72
N SER A 121 -7.79 -12.02 14.49
CA SER A 121 -9.17 -12.17 13.98
C SER A 121 -9.64 -13.62 14.06
N GLU A 122 -8.77 -14.56 13.70
CA GLU A 122 -9.09 -15.98 13.77
C GLU A 122 -9.35 -16.34 15.22
N LYS A 123 -8.47 -15.87 16.09
CA LYS A 123 -8.64 -16.06 17.55
C LYS A 123 -9.98 -15.49 18.03
N VAL A 124 -10.41 -14.41 17.45
CA VAL A 124 -11.70 -13.82 17.78
C VAL A 124 -12.84 -14.74 17.29
N SER A 125 -12.61 -15.40 16.19
CA SER A 125 -13.62 -16.24 15.57
C SER A 125 -13.83 -17.51 16.40
N GLU A 126 -12.78 -18.03 16.98
CA GLU A 126 -12.88 -19.23 17.81
C GLU A 126 -13.41 -18.89 19.20
N ASN A 127 -13.16 -17.68 19.66
CA ASN A 127 -13.57 -17.28 21.00
C ASN A 127 -14.98 -16.76 21.05
N LEU A 128 -15.46 -16.27 19.94
CA LEU A 128 -16.82 -15.80 19.88
C LEU A 128 -17.75 -16.88 19.37
N LYS A 129 -19.03 -16.69 19.59
CA LYS A 129 -20.03 -17.57 19.05
C LYS A 129 -20.14 -17.36 17.56
N ASP A 130 -20.77 -18.29 16.89
CA ASP A 130 -20.94 -18.24 15.43
C ASP A 130 -21.79 -17.06 15.06
N ASP A 131 -22.81 -16.81 15.88
CA ASP A 131 -23.72 -15.68 15.67
C ASP A 131 -22.97 -14.38 15.82
N GLU A 132 -22.21 -14.30 16.89
CA GLU A 132 -21.42 -13.11 17.21
C GLU A 132 -20.38 -12.87 16.12
N ALA A 133 -19.78 -13.94 15.65
CA ALA A 133 -18.80 -13.89 14.58
C ALA A 133 -19.43 -13.40 13.28
N SER A 134 -20.71 -13.68 13.10
CA SER A 134 -21.42 -13.22 11.91
C SER A 134 -21.65 -11.71 11.99
N ALA A 135 -21.81 -11.17 13.19
CA ALA A 135 -21.94 -9.73 13.36
C ALA A 135 -20.58 -9.08 13.26
N THR A 136 -19.58 -9.75 13.82
CA THR A 136 -18.21 -9.31 13.80
C THR A 136 -17.68 -9.28 12.35
N GLU A 137 -18.25 -10.16 11.53
CA GLU A 137 -17.92 -10.28 10.12
C GLU A 137 -18.12 -8.93 9.45
N HIS A 138 -19.22 -8.28 9.77
CA HIS A 138 -19.56 -6.99 9.20
C HIS A 138 -18.49 -5.95 9.52
N THR A 139 -17.99 -5.99 10.73
CA THR A 139 -16.97 -5.07 11.15
C THR A 139 -15.67 -5.29 10.34
N ASP A 140 -15.25 -6.54 10.24
CA ASP A 140 -14.00 -6.90 9.56
C ASP A 140 -14.13 -6.67 8.06
N ILE A 141 -15.28 -7.03 7.52
CA ILE A 141 -15.56 -6.83 6.12
C ILE A 141 -15.56 -5.35 5.80
N LYS A 142 -16.19 -4.55 6.64
CA LYS A 142 -16.27 -3.13 6.38
C LYS A 142 -14.90 -2.49 6.46
N GLU A 143 -14.08 -2.94 7.39
CA GLU A 143 -12.75 -2.35 7.55
C GLU A 143 -11.85 -2.70 6.37
N LYS A 144 -11.87 -3.95 5.90
CA LYS A 144 -11.07 -4.33 4.75
C LYS A 144 -11.60 -3.69 3.48
N ALA A 145 -12.90 -3.55 3.40
CA ALA A 145 -13.54 -2.87 2.28
C ALA A 145 -13.11 -1.42 2.25
N THR A 146 -13.08 -0.82 3.41
CA THR A 146 -12.66 0.53 3.55
C THR A 146 -11.17 0.66 3.26
N LEU A 147 -10.40 -0.31 3.74
CA LEU A 147 -8.95 -0.35 3.53
C LEU A 147 -8.68 -0.36 2.02
N LEU A 148 -9.38 -1.22 1.31
CA LEU A 148 -9.23 -1.31 -0.14
C LEU A 148 -9.63 -0.02 -0.83
N GLN A 149 -10.71 0.60 -0.40
CA GLN A 149 -11.15 1.84 -1.01
C GLN A 149 -10.12 2.96 -0.71
N GLU A 150 -9.64 3.01 0.55
CA GLU A 150 -8.63 4.00 0.96
C GLU A 150 -7.35 3.82 0.19
N SER A 151 -6.92 2.57 0.07
CA SER A 151 -5.71 2.27 -0.63
C SER A 151 -5.86 2.57 -2.10
N CYS A 152 -6.95 2.14 -2.72
CA CYS A 152 -7.22 2.44 -4.13
C CYS A 152 -7.21 3.95 -4.41
N ASN A 153 -7.65 4.75 -3.45
CA ASN A 153 -7.58 6.22 -3.59
C ASN A 153 -6.13 6.70 -3.65
N GLY A 154 -5.34 6.30 -2.66
CA GLY A 154 -3.96 6.71 -2.58
C GLY A 154 -3.12 6.14 -3.70
N ILE A 155 -3.34 4.88 -3.95
CA ILE A 155 -2.65 4.16 -4.99
C ILE A 155 -3.04 4.71 -6.36
N GLY A 156 -4.27 5.15 -6.47
CA GLY A 156 -4.73 5.81 -7.66
C GLY A 156 -4.04 7.13 -7.86
N THR A 157 -3.56 7.71 -6.77
CA THR A 157 -2.89 8.99 -6.82
C THR A 157 -1.45 8.75 -7.26
N ILE A 158 -0.90 7.63 -6.81
CA ILE A 158 0.41 7.18 -7.24
C ILE A 158 0.34 6.89 -8.74
N LEU A 159 -0.73 6.19 -9.12
CA LEU A 159 -1.02 5.90 -10.52
C LEU A 159 -1.15 7.18 -11.31
N ASP A 160 -1.80 8.20 -10.73
CA ASP A 160 -1.89 9.51 -11.37
C ASP A 160 -0.54 10.02 -11.72
N LYS A 161 0.33 10.15 -10.71
CA LYS A 161 1.71 10.64 -10.87
C LYS A 161 2.41 9.88 -11.99
N LEU A 162 2.34 8.58 -11.88
CA LEU A 162 2.94 7.65 -12.80
C LEU A 162 2.45 7.93 -14.22
N ALA A 163 1.12 7.93 -14.37
CA ALA A 163 0.46 8.12 -15.64
C ALA A 163 0.70 9.49 -16.24
N GLU A 164 1.21 10.43 -15.46
CA GLU A 164 1.50 11.73 -16.04
C GLU A 164 2.93 11.73 -16.53
N TYR A 165 3.78 10.93 -15.91
CA TYR A 165 5.18 10.87 -16.31
C TYR A 165 5.28 10.26 -17.69
N LEU A 166 4.50 9.24 -17.90
CA LEU A 166 4.46 8.57 -19.15
C LEU A 166 3.05 8.59 -19.64
N ASN A 167 2.53 9.77 -19.82
CA ASN A 167 1.18 9.93 -20.30
C ASN A 167 1.09 9.50 -21.76
N ASN A 168 0.67 8.29 -21.96
CA ASN A 168 0.57 7.71 -23.27
C ASN A 168 -0.71 6.92 -23.30
N ASP A 169 -0.99 6.26 -24.41
CA ASP A 169 -2.23 5.48 -24.54
C ASP A 169 -2.31 4.38 -23.51
N THR A 170 -1.20 3.79 -23.20
CA THR A 170 -1.16 2.71 -22.23
C THR A 170 -1.62 3.21 -20.84
N THR A 171 -1.01 4.27 -20.36
CA THR A 171 -1.35 4.80 -19.06
C THR A 171 -2.75 5.40 -19.05
N GLN A 172 -3.14 6.04 -20.16
CA GLN A 172 -4.49 6.58 -20.28
C GLN A 172 -5.53 5.48 -20.19
N ASN A 173 -5.26 4.35 -20.84
CA ASN A 173 -6.20 3.22 -20.80
C ASN A 173 -6.32 2.71 -19.40
N ILE A 174 -5.19 2.51 -18.76
CA ILE A 174 -5.13 2.06 -17.38
C ILE A 174 -5.80 3.06 -16.46
N LYS A 175 -5.56 4.32 -16.69
CA LYS A 175 -6.12 5.40 -15.89
C LYS A 175 -7.66 5.36 -15.98
N LYS A 176 -8.19 5.19 -17.18
CA LYS A 176 -9.64 5.09 -17.40
C LYS A 176 -10.19 3.83 -16.75
N GLU A 177 -9.54 2.71 -17.04
CA GLU A 177 -9.95 1.41 -16.51
C GLU A 177 -9.87 1.40 -14.98
N PHE A 178 -8.85 2.03 -14.43
CA PHE A 178 -8.67 2.10 -13.00
C PHE A 178 -9.77 2.90 -12.38
N ASP A 179 -10.08 4.04 -12.98
CA ASP A 179 -11.17 4.87 -12.47
C ASP A 179 -12.50 4.21 -12.60
N GLU A 180 -12.67 3.37 -13.62
CA GLU A 180 -13.89 2.59 -13.77
C GLU A 180 -13.96 1.58 -12.62
N ARG A 181 -12.88 0.83 -12.42
CA ARG A 181 -12.74 -0.13 -11.31
C ARG A 181 -12.99 0.57 -9.98
N LYS A 182 -12.37 1.73 -9.80
CA LYS A 182 -12.48 2.50 -8.58
C LYS A 182 -13.91 3.00 -8.35
N LYS A 183 -14.57 3.36 -9.43
CA LYS A 183 -15.95 3.80 -9.35
C LYS A 183 -16.82 2.62 -8.93
N ASN A 184 -16.56 1.46 -9.53
CA ASN A 184 -17.27 0.23 -9.24
C ASN A 184 -17.04 -0.17 -7.79
N LEU A 185 -15.79 -0.24 -7.35
CA LEU A 185 -15.49 -0.64 -5.99
C LEU A 185 -16.04 0.35 -4.96
N THR A 186 -16.16 1.61 -5.33
CA THR A 186 -16.78 2.59 -4.46
C THR A 186 -18.33 2.37 -4.41
N SER A 187 -18.87 1.79 -5.47
CA SER A 187 -20.27 1.45 -5.52
C SER A 187 -20.50 0.24 -4.60
N LEU A 188 -19.59 -0.75 -4.70
CA LEU A 188 -19.65 -1.89 -3.81
C LEU A 188 -19.41 -1.45 -2.37
N LYS A 189 -18.49 -0.51 -2.17
CA LYS A 189 -18.22 0.13 -0.85
C LYS A 189 -19.55 0.60 -0.23
N THR A 190 -20.35 1.26 -1.04
CA THR A 190 -21.63 1.80 -0.62
C THR A 190 -22.62 0.64 -0.29
N LYS A 191 -22.48 -0.46 -0.99
CA LYS A 191 -23.29 -1.65 -0.75
C LYS A 191 -22.83 -2.40 0.51
N VAL A 192 -21.53 -2.37 0.77
CA VAL A 192 -20.93 -3.02 1.97
C VAL A 192 -21.25 -2.16 3.22
N GLU A 193 -21.77 -0.97 2.97
CA GLU A 193 -22.28 -0.12 4.01
C GLU A 193 -23.63 -0.66 4.50
N ASN A 194 -24.26 -1.45 3.66
CA ASN A 194 -25.52 -2.02 3.99
C ASN A 194 -25.37 -3.37 4.59
N LYS A 195 -25.45 -3.40 5.89
CA LYS A 195 -25.40 -4.63 6.69
C LYS A 195 -26.59 -5.54 6.36
N ASP A 196 -27.61 -4.93 5.80
CA ASP A 196 -28.84 -5.55 5.45
C ASP A 196 -28.67 -6.38 4.18
N GLU A 197 -27.69 -5.99 3.39
CA GLU A 197 -27.37 -6.67 2.15
C GLU A 197 -26.30 -7.70 2.45
N ASP A 198 -25.90 -8.46 1.46
CA ASP A 198 -24.81 -9.36 1.67
C ASP A 198 -23.53 -8.61 1.44
N TYR A 199 -23.17 -7.83 2.43
CA TYR A 199 -21.99 -6.99 2.42
C TYR A 199 -20.70 -7.80 2.19
N VAL A 200 -20.75 -9.08 2.57
CA VAL A 200 -19.59 -9.95 2.44
C VAL A 200 -19.32 -10.21 0.94
N THR A 201 -20.36 -10.58 0.23
CA THR A 201 -20.26 -10.84 -1.18
C THR A 201 -20.01 -9.53 -1.96
N HIS A 202 -20.61 -8.42 -1.49
CA HIS A 202 -20.33 -7.12 -2.11
C HIS A 202 -18.87 -6.76 -1.95
N PHE A 203 -18.31 -7.11 -0.80
CA PHE A 203 -16.89 -6.96 -0.52
C PHE A 203 -16.08 -7.77 -1.52
N ARG A 204 -16.52 -8.97 -1.76
CA ARG A 204 -15.87 -9.85 -2.73
C ARG A 204 -15.82 -9.20 -4.13
N ASP A 205 -16.96 -8.70 -4.61
CA ASP A 205 -17.01 -8.00 -5.92
C ASP A 205 -16.10 -6.77 -5.91
N MET A 206 -16.16 -6.04 -4.80
CA MET A 206 -15.35 -4.84 -4.55
C MET A 206 -13.88 -5.19 -4.67
N ALA A 207 -13.48 -6.21 -3.92
CA ALA A 207 -12.13 -6.71 -3.91
C ALA A 207 -11.70 -7.14 -5.30
N THR A 208 -12.61 -7.77 -6.03
CA THR A 208 -12.33 -8.22 -7.39
C THR A 208 -11.96 -7.04 -8.30
N GLU A 209 -12.75 -5.96 -8.22
CA GLU A 209 -12.47 -4.75 -8.99
C GLU A 209 -11.09 -4.23 -8.60
N ALA A 210 -10.84 -4.23 -7.30
CA ALA A 210 -9.58 -3.80 -6.76
C ALA A 210 -8.41 -4.65 -7.28
N GLN A 211 -8.56 -5.99 -7.32
CA GLN A 211 -7.50 -6.89 -7.80
C GLN A 211 -7.15 -6.55 -9.26
N ASN A 212 -8.19 -6.35 -10.07
CA ASN A 212 -7.99 -6.03 -11.48
C ASN A 212 -7.38 -4.66 -11.65
N ALA A 213 -7.83 -3.74 -10.81
CA ALA A 213 -7.27 -2.39 -10.75
C ALA A 213 -5.78 -2.45 -10.47
N VAL A 214 -5.42 -3.22 -9.42
CA VAL A 214 -4.01 -3.49 -9.04
C VAL A 214 -3.24 -3.97 -10.24
N GLY A 215 -3.83 -4.91 -10.96
CA GLY A 215 -3.24 -5.43 -12.16
C GLY A 215 -2.86 -4.32 -13.10
N GLU A 216 -3.82 -3.48 -13.45
CA GLU A 216 -3.60 -2.38 -14.36
C GLU A 216 -2.49 -1.42 -13.84
N VAL A 217 -2.55 -1.10 -12.54
CA VAL A 217 -1.55 -0.22 -11.89
C VAL A 217 -0.16 -0.83 -12.06
N LYS A 218 -0.09 -2.11 -11.79
CA LYS A 218 1.14 -2.86 -11.83
C LYS A 218 1.73 -2.93 -13.26
N LYS A 219 0.85 -3.04 -14.27
CA LYS A 219 1.31 -2.99 -15.67
C LYS A 219 1.89 -1.60 -15.97
N ALA A 220 1.21 -0.56 -15.49
CA ALA A 220 1.64 0.83 -15.67
C ALA A 220 3.02 1.05 -15.05
N ILE A 221 3.21 0.50 -13.84
CA ILE A 221 4.48 0.59 -13.14
C ILE A 221 5.58 0.00 -14.00
N ASP A 222 5.39 -1.25 -14.43
CA ASP A 222 6.36 -1.94 -15.28
C ASP A 222 6.64 -1.17 -16.56
N ALA A 223 5.61 -0.57 -17.13
CA ALA A 223 5.75 0.23 -18.34
C ALA A 223 6.67 1.42 -18.12
N VAL A 224 6.47 2.15 -17.02
CA VAL A 224 7.30 3.31 -16.72
C VAL A 224 8.74 2.87 -16.31
N VAL A 225 8.84 1.71 -15.69
CA VAL A 225 10.15 1.13 -15.35
C VAL A 225 10.91 0.83 -16.62
N ALA A 226 10.25 0.12 -17.53
CA ALA A 226 10.83 -0.24 -18.83
C ALA A 226 11.17 1.00 -19.64
N HIS A 227 10.26 1.98 -19.64
CA HIS A 227 10.45 3.25 -20.32
C HIS A 227 11.71 3.95 -19.84
N ARG A 228 11.86 4.09 -18.54
CA ARG A 228 13.02 4.78 -18.02
C ARG A 228 14.30 4.00 -18.26
N LYS A 229 14.23 2.68 -18.16
CA LYS A 229 15.40 1.83 -18.46
C LYS A 229 15.81 1.96 -19.91
N ALA A 230 14.84 2.17 -20.78
CA ALA A 230 15.10 2.36 -22.21
C ALA A 230 15.83 3.68 -22.45
N GLU A 231 15.69 4.60 -21.50
CA GLU A 231 16.32 5.91 -21.60
C GLU A 231 17.62 5.90 -20.77
N ASN A 232 17.82 4.79 -20.07
CA ASN A 232 18.98 4.52 -19.21
C ASN A 232 19.03 5.38 -17.96
N LEU A 233 17.88 5.61 -17.36
CA LEU A 233 17.82 6.30 -16.07
C LEU A 233 17.93 5.31 -14.94
N ASP A 234 18.29 5.82 -13.79
CA ASP A 234 18.45 5.01 -12.58
C ASP A 234 17.12 4.49 -12.10
N VAL A 235 16.79 3.32 -12.52
CA VAL A 235 15.57 2.68 -12.17
C VAL A 235 15.85 1.28 -11.73
N ASP A 236 15.69 1.05 -10.47
CA ASP A 236 15.96 -0.22 -9.86
C ASP A 236 14.72 -1.08 -9.81
N ASP A 237 14.82 -2.25 -10.40
CA ASP A 237 13.71 -3.23 -10.48
C ASP A 237 13.27 -3.64 -9.10
N THR A 238 14.23 -3.74 -8.20
CA THR A 238 13.97 -4.21 -6.84
C THR A 238 12.99 -3.27 -6.15
N LEU A 239 13.29 -1.99 -6.20
CA LEU A 239 12.48 -0.92 -5.64
C LEU A 239 11.03 -1.02 -6.13
N PHE A 240 10.87 -1.08 -7.44
CA PHE A 240 9.56 -1.13 -8.03
C PHE A 240 8.88 -2.45 -7.77
N SER A 241 9.65 -3.50 -7.72
CA SER A 241 9.13 -4.79 -7.41
C SER A 241 8.62 -4.82 -5.97
N ASN A 242 9.38 -4.21 -5.04
CA ASN A 242 8.99 -4.18 -3.65
C ASN A 242 7.69 -3.42 -3.45
N LEU A 243 7.62 -2.22 -4.03
CA LEU A 243 6.40 -1.42 -3.91
C LEU A 243 5.21 -2.13 -4.55
N SER A 244 5.43 -2.79 -5.69
CA SER A 244 4.37 -3.52 -6.35
C SER A 244 3.94 -4.75 -5.54
N THR A 245 4.89 -5.41 -4.90
CA THR A 245 4.60 -6.57 -4.08
C THR A 245 3.79 -6.14 -2.85
N LEU A 246 4.10 -4.98 -2.32
CA LEU A 246 3.35 -4.46 -1.22
C LEU A 246 1.99 -4.01 -1.69
N LEU A 247 1.92 -3.43 -2.87
CA LEU A 247 0.66 -3.07 -3.52
C LEU A 247 -0.27 -4.28 -3.51
N ASP A 248 0.26 -5.39 -4.00
CA ASP A 248 -0.46 -6.65 -4.02
C ASP A 248 -0.78 -7.10 -2.60
N THR A 249 0.13 -6.86 -1.66
CA THR A 249 -0.06 -7.32 -0.29
C THR A 249 -1.11 -6.46 0.46
N ILE A 250 -1.21 -5.20 0.12
CA ILE A 250 -2.16 -4.30 0.72
C ILE A 250 -3.56 -4.60 0.21
N ILE A 251 -3.68 -4.77 -1.09
CA ILE A 251 -4.99 -5.01 -1.66
C ILE A 251 -5.35 -6.52 -1.66
N GLU A 252 -4.38 -7.34 -1.27
CA GLU A 252 -4.60 -8.74 -0.97
C GLU A 252 -5.62 -8.88 0.13
N THR A 253 -6.70 -9.50 -0.21
CA THR A 253 -7.71 -9.72 0.71
C THR A 253 -7.39 -10.93 1.56
N SER A 254 -6.92 -10.62 2.71
CA SER A 254 -6.64 -11.51 3.77
C SER A 254 -6.81 -10.70 5.03
N GLY A 1 11.51 19.54 -18.70
CA GLY A 1 11.62 18.75 -19.92
C GLY A 1 11.66 19.61 -21.14
N HIS A 2 12.59 20.54 -21.19
CA HIS A 2 12.65 21.43 -22.33
C HIS A 2 13.79 21.03 -23.25
N MET A 3 14.99 21.18 -22.78
CA MET A 3 16.17 20.84 -23.54
C MET A 3 16.98 19.90 -22.65
N GLN A 4 17.74 18.99 -23.25
CA GLN A 4 18.49 17.92 -22.53
C GLN A 4 17.51 16.89 -21.99
N PRO A 5 16.98 16.02 -22.88
CA PRO A 5 15.92 15.05 -22.53
C PRO A 5 16.28 14.15 -21.36
N ASN A 6 17.41 13.46 -21.46
CA ASN A 6 17.87 12.52 -20.40
C ASN A 6 18.02 13.23 -19.07
N ASN A 7 18.58 14.40 -19.12
CA ASN A 7 18.88 15.18 -17.93
C ASN A 7 17.62 15.66 -17.26
N GLU A 8 16.73 16.25 -18.06
CA GLU A 8 15.45 16.72 -17.56
C GLU A 8 14.62 15.55 -17.04
N SER A 9 14.69 14.43 -17.75
CA SER A 9 13.95 13.25 -17.37
C SER A 9 14.48 12.69 -16.04
N LYS A 10 15.80 12.78 -15.80
CA LYS A 10 16.37 12.35 -14.51
C LYS A 10 15.77 13.17 -13.39
N LYS A 11 15.65 14.46 -13.61
CA LYS A 11 15.07 15.38 -12.64
C LYS A 11 13.61 15.02 -12.36
N LYS A 12 12.87 14.79 -13.43
CA LYS A 12 11.47 14.39 -13.33
C LYS A 12 11.35 13.04 -12.65
N ALA A 13 12.31 12.17 -12.90
CA ALA A 13 12.39 10.85 -12.30
C ALA A 13 12.61 10.96 -10.81
N VAL A 14 13.58 11.79 -10.41
CA VAL A 14 13.88 12.01 -9.01
C VAL A 14 12.66 12.49 -8.27
N LYS A 15 12.02 13.53 -8.78
CA LYS A 15 10.86 14.05 -8.16
C LYS A 15 9.69 13.05 -8.19
N LEU A 16 9.60 12.28 -9.26
CA LEU A 16 8.57 11.25 -9.38
C LEU A 16 8.73 10.26 -8.24
N ASP A 17 9.96 9.77 -8.05
CA ASP A 17 10.26 8.80 -7.00
C ASP A 17 9.97 9.41 -5.63
N LEU A 18 10.30 10.70 -5.48
CA LEU A 18 10.04 11.41 -4.22
C LEU A 18 8.56 11.49 -3.93
N ASP A 19 7.77 11.81 -4.94
CA ASP A 19 6.31 11.86 -4.82
C ASP A 19 5.76 10.50 -4.48
N LEU A 20 6.22 9.50 -5.21
CA LEU A 20 5.82 8.13 -4.98
C LEU A 20 6.14 7.66 -3.56
N MET A 21 7.38 7.82 -3.13
CA MET A 21 7.78 7.43 -1.78
C MET A 21 6.99 8.17 -0.71
N LYS A 22 6.75 9.44 -0.94
CA LYS A 22 5.96 10.26 -0.03
C LYS A 22 4.52 9.72 0.08
N GLU A 23 3.85 9.55 -1.05
CA GLU A 23 2.47 9.07 -1.03
C GLU A 23 2.41 7.65 -0.46
N THR A 24 3.41 6.85 -0.80
CA THR A 24 3.56 5.51 -0.28
C THR A 24 3.64 5.52 1.25
N LYS A 25 4.45 6.43 1.81
CA LYS A 25 4.62 6.58 3.21
C LYS A 25 3.27 6.89 3.86
N ASN A 26 2.52 7.77 3.22
CA ASN A 26 1.20 8.14 3.75
C ASN A 26 0.27 6.96 3.75
N VAL A 27 0.23 6.24 2.63
CA VAL A 27 -0.60 5.05 2.50
C VAL A 27 -0.23 3.99 3.54
N CYS A 28 1.07 3.72 3.67
CA CYS A 28 1.55 2.71 4.62
C CYS A 28 1.13 3.06 6.04
N THR A 29 1.32 4.31 6.42
CA THR A 29 0.97 4.78 7.75
C THR A 29 -0.55 4.65 7.97
N THR A 30 -1.31 4.90 6.94
CA THR A 30 -2.75 4.81 6.98
C THR A 30 -3.20 3.37 7.23
N VAL A 31 -2.63 2.45 6.45
CA VAL A 31 -2.96 1.04 6.56
C VAL A 31 -2.56 0.52 7.94
N ASN A 32 -1.35 0.88 8.36
CA ASN A 32 -0.84 0.47 9.65
C ASN A 32 -1.72 0.96 10.79
N THR A 33 -2.10 2.24 10.74
CA THR A 33 -2.93 2.82 11.80
C THR A 33 -4.30 2.10 11.88
N LYS A 34 -4.91 1.80 10.72
CA LYS A 34 -6.17 1.07 10.68
C LYS A 34 -6.03 -0.33 11.29
N LEU A 35 -4.98 -1.02 10.89
CA LEU A 35 -4.74 -2.39 11.35
C LEU A 35 -4.48 -2.42 12.84
N VAL A 36 -3.61 -1.52 13.29
CA VAL A 36 -3.26 -1.42 14.70
C VAL A 36 -4.49 -1.11 15.54
N GLY A 37 -5.33 -0.19 15.07
CA GLY A 37 -6.52 0.16 15.81
C GLY A 37 -7.47 -1.00 15.92
N LYS A 38 -7.68 -1.67 14.81
CA LYS A 38 -8.54 -2.83 14.75
C LYS A 38 -8.02 -3.90 15.70
N ALA A 39 -6.73 -4.22 15.58
CA ALA A 39 -6.10 -5.26 16.38
C ALA A 39 -6.31 -5.01 17.86
N LYS A 40 -5.97 -3.82 18.33
CA LYS A 40 -6.10 -3.52 19.75
C LYS A 40 -7.56 -3.50 20.20
N SER A 41 -8.47 -3.16 19.30
CA SER A 41 -9.88 -3.19 19.60
C SER A 41 -10.38 -4.64 19.73
N LYS A 42 -10.01 -5.47 18.78
CA LYS A 42 -10.48 -6.84 18.80
C LYS A 42 -9.78 -7.67 19.85
N LEU A 43 -8.61 -7.23 20.30
CA LEU A 43 -7.92 -7.89 21.41
C LEU A 43 -8.75 -7.80 22.69
N ASN A 44 -9.65 -6.81 22.76
CA ASN A 44 -10.53 -6.69 23.92
C ASN A 44 -11.71 -7.64 23.81
N LYS A 45 -11.82 -8.33 22.70
CA LYS A 45 -12.92 -9.27 22.49
C LYS A 45 -12.59 -10.67 22.88
N LEU A 46 -11.32 -10.97 23.00
CA LEU A 46 -10.94 -12.27 23.47
C LEU A 46 -11.17 -12.39 24.94
N GLU A 47 -11.54 -13.54 25.32
CA GLU A 47 -11.86 -13.85 26.64
C GLU A 47 -11.24 -15.16 26.89
N GLY A 48 -10.70 -15.24 27.97
CA GLY A 48 -10.03 -16.43 28.40
C GLY A 48 -8.69 -16.12 29.00
N GLU A 49 -8.38 -16.85 30.04
CA GLU A 49 -7.15 -16.74 30.79
C GLU A 49 -5.93 -16.95 29.88
N SER A 50 -6.09 -17.83 28.91
CA SER A 50 -5.02 -18.15 27.97
C SER A 50 -4.71 -16.97 27.03
N HIS A 51 -5.67 -16.06 26.87
CA HIS A 51 -5.54 -15.04 25.85
C HIS A 51 -4.99 -13.78 26.41
N LYS A 52 -4.78 -13.76 27.68
CA LYS A 52 -4.19 -12.62 28.36
C LYS A 52 -2.82 -12.42 27.86
N GLU A 53 -2.02 -13.46 27.97
CA GLU A 53 -0.69 -13.41 27.46
C GLU A 53 -0.71 -13.16 25.96
N TYR A 54 -1.65 -13.79 25.24
CA TYR A 54 -1.77 -13.62 23.78
C TYR A 54 -1.95 -12.14 23.41
N VAL A 55 -2.82 -11.47 24.14
CA VAL A 55 -3.05 -10.05 23.93
C VAL A 55 -1.77 -9.27 24.20
N ALA A 56 -1.11 -9.61 25.30
CA ALA A 56 0.19 -9.01 25.62
C ALA A 56 1.22 -9.26 24.50
N GLU A 57 1.30 -10.52 24.03
CA GLU A 57 2.20 -10.94 22.95
C GLU A 57 2.00 -10.07 21.72
N LYS A 58 0.76 -9.96 21.29
CA LYS A 58 0.45 -9.21 20.10
C LYS A 58 0.71 -7.74 20.29
N THR A 59 0.50 -7.24 21.49
CA THR A 59 0.81 -5.87 21.80
C THR A 59 2.33 -5.64 21.61
N LYS A 60 3.14 -6.58 22.12
CA LYS A 60 4.58 -6.53 21.98
C LYS A 60 4.97 -6.53 20.50
N GLU A 61 4.27 -7.36 19.73
CA GLU A 61 4.53 -7.47 18.30
C GLU A 61 4.19 -6.19 17.58
N ILE A 62 3.06 -5.62 17.93
CA ILE A 62 2.62 -4.36 17.36
C ILE A 62 3.60 -3.25 17.70
N ASP A 63 4.04 -3.20 18.95
CA ASP A 63 4.99 -2.20 19.40
C ASP A 63 6.31 -2.32 18.67
N GLU A 64 6.82 -3.54 18.57
CA GLU A 64 8.07 -3.78 17.89
C GLU A 64 7.95 -3.51 16.38
N LYS A 65 6.88 -3.97 15.79
CA LYS A 65 6.64 -3.72 14.38
C LYS A 65 6.43 -2.23 14.13
N ASN A 66 5.80 -1.54 15.07
CA ASN A 66 5.59 -0.10 14.94
C ASN A 66 6.84 0.66 15.09
N LYS A 67 7.65 0.32 16.06
CA LYS A 67 8.93 1.04 16.21
C LYS A 67 9.75 0.88 14.93
N LYS A 68 9.70 -0.33 14.36
CA LYS A 68 10.40 -0.61 13.14
C LYS A 68 9.77 0.12 11.97
N PHE A 69 8.48 -0.03 11.82
CA PHE A 69 7.75 0.60 10.74
C PHE A 69 7.90 2.11 10.78
N ASN A 70 7.87 2.65 11.97
CA ASN A 70 7.97 4.09 12.13
C ASN A 70 9.38 4.57 11.84
N GLU A 71 10.40 3.76 12.16
CA GLU A 71 11.76 4.13 11.78
C GLU A 71 11.98 3.88 10.27
N ASN A 72 11.15 3.03 9.67
CA ASN A 72 11.18 2.79 8.22
C ASN A 72 10.71 4.00 7.46
N LEU A 73 9.76 4.72 8.02
CA LEU A 73 9.20 5.92 7.40
C LEU A 73 10.27 6.98 7.32
N VAL A 74 10.92 7.16 8.43
CA VAL A 74 12.03 8.11 8.55
C VAL A 74 13.18 7.65 7.65
N LYS A 75 13.21 6.37 7.36
CA LYS A 75 14.23 5.82 6.52
C LYS A 75 13.90 5.98 5.02
N ILE A 76 12.64 5.88 4.67
CA ILE A 76 12.25 6.05 3.26
C ILE A 76 12.20 7.51 2.86
N GLU A 77 12.05 8.40 3.84
CA GLU A 77 12.14 9.82 3.55
C GLU A 77 13.58 10.30 3.63
N LYS A 78 14.45 9.40 4.06
CA LYS A 78 15.86 9.69 4.14
C LYS A 78 16.39 9.71 2.74
N ARG A 79 16.88 10.83 2.36
CA ARG A 79 17.34 11.06 1.03
C ARG A 79 18.71 11.64 1.07
N LYS A 80 19.46 11.38 0.05
CA LYS A 80 20.78 11.90 -0.04
C LYS A 80 20.77 13.03 -1.05
N LYS A 81 21.40 14.11 -0.70
CA LYS A 81 21.47 15.24 -1.58
C LYS A 81 22.69 15.12 -2.45
N ILE A 82 22.46 15.00 -3.71
CA ILE A 82 23.54 14.83 -4.68
C ILE A 82 23.37 15.82 -5.81
N LYS A 83 24.40 16.00 -6.59
CA LYS A 83 24.39 16.97 -7.66
C LYS A 83 23.88 16.30 -8.94
N VAL A 84 22.71 16.68 -9.38
CA VAL A 84 21.99 16.07 -10.50
C VAL A 84 21.07 17.11 -11.14
N PRO A 85 21.16 17.31 -12.45
CA PRO A 85 22.11 16.62 -13.31
C PRO A 85 23.53 17.07 -13.08
N ALA A 86 24.45 16.31 -13.57
CA ALA A 86 25.88 16.53 -13.32
C ALA A 86 26.40 17.72 -14.13
N ASP A 87 25.71 18.04 -15.21
CA ASP A 87 26.09 19.15 -16.05
C ASP A 87 25.91 20.47 -15.29
N THR A 88 24.84 20.56 -14.53
CA THR A 88 24.58 21.74 -13.74
C THR A 88 25.14 21.58 -12.32
N GLY A 89 24.98 20.38 -11.78
CA GLY A 89 25.48 20.11 -10.46
C GLY A 89 24.54 20.55 -9.38
N ALA A 90 23.27 20.60 -9.70
CA ALA A 90 22.27 21.07 -8.76
C ALA A 90 21.96 19.97 -7.76
N GLU A 91 22.06 20.27 -6.49
CA GLU A 91 21.75 19.28 -5.49
C GLU A 91 20.28 19.05 -5.38
N VAL A 92 19.93 17.80 -5.30
CA VAL A 92 18.57 17.34 -5.16
C VAL A 92 18.54 16.22 -4.15
N ASP A 93 17.41 16.01 -3.53
CA ASP A 93 17.28 14.95 -2.57
C ASP A 93 16.79 13.73 -3.30
N ALA A 94 17.55 12.70 -3.31
CA ALA A 94 17.17 11.48 -3.98
C ALA A 94 17.03 10.42 -2.95
N VAL A 95 16.05 9.54 -3.15
CA VAL A 95 15.69 8.48 -2.20
C VAL A 95 16.88 7.63 -1.75
N ASP A 96 17.81 7.37 -2.66
CA ASP A 96 18.96 6.50 -2.41
C ASP A 96 18.54 5.02 -2.37
N ASP A 97 19.44 4.16 -2.80
CA ASP A 97 19.23 2.70 -2.91
C ASP A 97 18.67 2.05 -1.65
N GLY A 98 19.06 2.58 -0.50
CA GLY A 98 18.65 2.01 0.78
C GLY A 98 17.13 1.95 0.96
N VAL A 99 16.42 2.89 0.33
CA VAL A 99 14.96 2.96 0.41
C VAL A 99 14.30 1.71 -0.19
N ALA A 100 14.97 1.06 -1.12
CA ALA A 100 14.43 -0.16 -1.72
C ALA A 100 14.31 -1.24 -0.64
N GLY A 101 15.40 -1.44 0.08
CA GLY A 101 15.41 -2.38 1.17
C GLY A 101 14.44 -1.95 2.26
N ALA A 102 14.34 -0.64 2.47
CA ALA A 102 13.43 -0.06 3.42
C ALA A 102 11.98 -0.39 3.06
N LEU A 103 11.65 -0.30 1.76
CA LEU A 103 10.33 -0.66 1.27
C LEU A 103 10.07 -2.12 1.54
N SER A 104 11.08 -2.94 1.30
CA SER A 104 10.96 -4.37 1.55
C SER A 104 10.72 -4.61 3.05
N ASP A 105 11.37 -3.84 3.90
CA ASP A 105 11.21 -3.97 5.35
C ASP A 105 9.84 -3.56 5.78
N LEU A 106 9.40 -2.39 5.35
CA LEU A 106 8.09 -1.91 5.75
C LEU A 106 6.97 -2.76 5.17
N SER A 107 7.18 -3.30 3.96
CA SER A 107 6.23 -4.23 3.38
C SER A 107 6.12 -5.45 4.28
N SER A 108 7.26 -5.87 4.82
CA SER A 108 7.32 -6.99 5.74
C SER A 108 6.57 -6.63 7.04
N ASP A 109 6.81 -5.42 7.55
CA ASP A 109 6.16 -4.93 8.77
C ASP A 109 4.65 -4.84 8.59
N ILE A 110 4.22 -4.23 7.49
CA ILE A 110 2.80 -4.11 7.16
C ILE A 110 2.18 -5.49 7.00
N SER A 111 2.88 -6.36 6.28
CA SER A 111 2.41 -7.72 6.06
C SER A 111 2.24 -8.44 7.38
N ALA A 112 3.23 -8.30 8.26
CA ALA A 112 3.19 -8.90 9.57
C ALA A 112 2.02 -8.36 10.36
N ILE A 113 1.94 -7.03 10.46
CA ILE A 113 0.83 -6.36 11.17
C ILE A 113 -0.53 -6.84 10.66
N LYS A 114 -0.68 -6.92 9.35
CA LYS A 114 -1.93 -7.37 8.76
C LYS A 114 -2.21 -8.80 9.16
N THR A 115 -1.23 -9.66 8.92
CA THR A 115 -1.33 -11.09 9.20
C THR A 115 -1.66 -11.33 10.69
N LEU A 116 -1.00 -10.58 11.58
CA LEU A 116 -1.23 -10.72 13.02
C LEU A 116 -2.65 -10.29 13.36
N THR A 117 -3.08 -9.20 12.76
CA THR A 117 -4.40 -8.66 12.98
C THR A 117 -5.49 -9.62 12.42
N ASP A 118 -5.21 -10.24 11.26
CA ASP A 118 -6.12 -11.22 10.66
C ASP A 118 -6.20 -12.45 11.58
N ASP A 119 -5.04 -12.86 12.12
CA ASP A 119 -4.98 -13.95 13.11
C ASP A 119 -5.78 -13.62 14.34
N VAL A 120 -5.72 -12.36 14.78
CA VAL A 120 -6.51 -11.89 15.90
C VAL A 120 -7.98 -12.14 15.60
N SER A 121 -8.44 -11.72 14.43
CA SER A 121 -9.83 -11.96 14.01
C SER A 121 -10.21 -13.43 14.04
N GLU A 122 -9.29 -14.28 13.63
CA GLU A 122 -9.52 -15.72 13.70
C GLU A 122 -9.78 -16.12 15.16
N LYS A 123 -8.87 -15.73 16.03
CA LYS A 123 -8.98 -16.02 17.48
C LYS A 123 -10.26 -15.39 18.08
N VAL A 124 -10.65 -14.25 17.55
CA VAL A 124 -11.89 -13.59 17.95
C VAL A 124 -13.09 -14.47 17.60
N SER A 125 -13.00 -15.15 16.48
CA SER A 125 -14.13 -15.89 15.96
C SER A 125 -14.36 -17.20 16.74
N GLU A 126 -13.35 -17.67 17.43
CA GLU A 126 -13.49 -18.86 18.25
C GLU A 126 -13.90 -18.49 19.68
N ASN A 127 -13.62 -17.25 20.06
CA ASN A 127 -13.94 -16.76 21.41
C ASN A 127 -15.35 -16.25 21.51
N LEU A 128 -15.85 -15.70 20.44
CA LEU A 128 -17.14 -15.09 20.44
C LEU A 128 -18.25 -16.03 20.01
N LYS A 129 -19.48 -15.64 20.31
CA LYS A 129 -20.70 -16.36 19.92
C LYS A 129 -20.90 -16.25 18.41
N ASP A 130 -21.86 -17.01 17.87
CA ASP A 130 -22.17 -17.01 16.41
C ASP A 130 -22.47 -15.61 15.93
N ASP A 131 -23.32 -14.95 16.69
CA ASP A 131 -23.74 -13.57 16.42
C ASP A 131 -22.56 -12.66 16.34
N GLU A 132 -21.77 -12.71 17.37
CA GLU A 132 -20.65 -11.85 17.51
C GLU A 132 -19.57 -12.17 16.45
N ALA A 133 -19.45 -13.44 16.12
CA ALA A 133 -18.55 -13.90 15.07
C ALA A 133 -19.02 -13.40 13.70
N SER A 134 -20.33 -13.42 13.46
CA SER A 134 -20.90 -12.91 12.22
C SER A 134 -20.62 -11.41 12.13
N ALA A 135 -20.79 -10.73 13.26
CA ALA A 135 -20.51 -9.31 13.39
C ALA A 135 -19.04 -9.03 13.12
N THR A 136 -18.17 -9.86 13.65
CA THR A 136 -16.73 -9.72 13.45
C THR A 136 -16.35 -9.97 11.98
N GLU A 137 -16.98 -10.98 11.35
CA GLU A 137 -16.79 -11.25 9.92
C GLU A 137 -17.15 -9.99 9.15
N HIS A 138 -18.30 -9.44 9.49
CA HIS A 138 -18.77 -8.20 8.90
C HIS A 138 -17.75 -7.07 9.13
N THR A 139 -17.22 -6.99 10.33
CA THR A 139 -16.26 -5.96 10.67
C THR A 139 -14.99 -6.13 9.81
N ASP A 140 -14.50 -7.37 9.70
CA ASP A 140 -13.35 -7.66 8.84
C ASP A 140 -13.63 -7.38 7.39
N ILE A 141 -14.74 -7.83 6.89
CA ILE A 141 -15.12 -7.57 5.51
C ILE A 141 -15.21 -6.06 5.26
N LYS A 142 -15.85 -5.36 6.15
CA LYS A 142 -16.04 -3.93 6.03
C LYS A 142 -14.70 -3.18 6.16
N GLU A 143 -13.80 -3.67 7.01
CA GLU A 143 -12.53 -3.00 7.22
C GLU A 143 -11.65 -3.18 6.00
N LYS A 144 -11.64 -4.40 5.41
CA LYS A 144 -10.79 -4.66 4.27
C LYS A 144 -11.32 -3.84 3.12
N ALA A 145 -12.64 -3.76 3.03
CA ALA A 145 -13.31 -3.01 1.98
C ALA A 145 -13.02 -1.51 2.08
N THR A 146 -13.15 -0.97 3.27
CA THR A 146 -12.90 0.44 3.48
C THR A 146 -11.41 0.75 3.27
N LEU A 147 -10.55 -0.13 3.77
CA LEU A 147 -9.11 0.02 3.62
C LEU A 147 -8.74 -0.09 2.15
N LEU A 148 -9.41 -0.98 1.44
CA LEU A 148 -9.22 -1.18 0.02
C LEU A 148 -9.56 0.11 -0.73
N GLN A 149 -10.65 0.74 -0.36
CA GLN A 149 -11.06 1.98 -0.98
C GLN A 149 -10.00 3.06 -0.71
N GLU A 150 -9.63 3.23 0.57
CA GLU A 150 -8.64 4.22 0.98
C GLU A 150 -7.27 3.99 0.31
N SER A 151 -6.87 2.74 0.19
CA SER A 151 -5.62 2.42 -0.44
C SER A 151 -5.68 2.65 -1.94
N CYS A 152 -6.80 2.26 -2.57
CA CYS A 152 -7.00 2.48 -4.00
C CYS A 152 -7.00 3.96 -4.35
N ASN A 153 -7.41 4.79 -3.40
CA ASN A 153 -7.33 6.25 -3.58
C ASN A 153 -5.88 6.65 -3.72
N GLY A 154 -5.06 6.12 -2.83
CA GLY A 154 -3.64 6.40 -2.85
C GLY A 154 -3.00 5.85 -4.09
N ILE A 155 -3.34 4.60 -4.43
CA ILE A 155 -2.84 3.94 -5.63
C ILE A 155 -3.18 4.77 -6.87
N GLY A 156 -4.40 5.25 -6.91
CA GLY A 156 -4.86 6.11 -7.99
C GLY A 156 -4.11 7.43 -8.02
N THR A 157 -3.68 7.92 -6.87
CA THR A 157 -2.97 9.18 -6.80
C THR A 157 -1.58 8.99 -7.39
N ILE A 158 -1.00 7.85 -7.10
CA ILE A 158 0.27 7.44 -7.64
C ILE A 158 0.12 7.27 -9.13
N LEU A 159 -0.94 6.57 -9.53
CA LEU A 159 -1.26 6.33 -10.94
C LEU A 159 -1.39 7.69 -11.67
N ASP A 160 -2.10 8.64 -11.06
CA ASP A 160 -2.24 10.00 -11.64
C ASP A 160 -0.89 10.64 -11.85
N LYS A 161 -0.04 10.56 -10.84
CA LYS A 161 1.27 11.16 -10.92
C LYS A 161 2.14 10.43 -11.96
N LEU A 162 2.00 9.13 -11.98
CA LEU A 162 2.69 8.24 -12.91
C LEU A 162 2.31 8.62 -14.34
N ALA A 163 1.02 8.85 -14.53
CA ALA A 163 0.44 9.20 -15.82
C ALA A 163 0.94 10.56 -16.33
N GLU A 164 1.59 11.33 -15.49
CA GLU A 164 2.17 12.56 -15.94
C GLU A 164 3.53 12.28 -16.50
N TYR A 165 4.22 11.31 -15.93
CA TYR A 165 5.52 10.99 -16.39
C TYR A 165 5.36 10.27 -17.70
N LEU A 166 4.46 9.34 -17.71
CA LEU A 166 4.10 8.69 -18.92
C LEU A 166 2.71 8.99 -19.31
N ASN A 167 2.47 10.20 -19.74
CA ASN A 167 1.22 10.50 -20.40
C ASN A 167 1.22 9.85 -21.78
N ASN A 168 0.66 8.67 -21.85
CA ASN A 168 0.59 7.96 -23.10
C ASN A 168 -0.77 7.30 -23.20
N ASP A 169 -1.05 6.63 -24.29
CA ASP A 169 -2.37 6.02 -24.46
C ASP A 169 -2.61 4.91 -23.49
N THR A 170 -1.59 4.13 -23.26
CA THR A 170 -1.66 2.99 -22.38
C THR A 170 -2.02 3.42 -20.94
N THR A 171 -1.33 4.41 -20.41
CA THR A 171 -1.56 4.87 -19.06
C THR A 171 -2.93 5.50 -18.91
N GLN A 172 -3.39 6.15 -19.96
CA GLN A 172 -4.71 6.74 -19.95
C GLN A 172 -5.77 5.66 -19.99
N ASN A 173 -5.53 4.62 -20.77
CA ASN A 173 -6.45 3.47 -20.83
C ASN A 173 -6.54 2.83 -19.47
N ILE A 174 -5.40 2.73 -18.84
CA ILE A 174 -5.28 2.21 -17.51
C ILE A 174 -6.05 3.06 -16.52
N LYS A 175 -5.87 4.36 -16.60
CA LYS A 175 -6.58 5.29 -15.71
C LYS A 175 -8.10 5.17 -15.88
N LYS A 176 -8.56 5.08 -17.12
CA LYS A 176 -9.99 4.95 -17.41
C LYS A 176 -10.56 3.66 -16.87
N GLU A 177 -9.87 2.57 -17.14
CA GLU A 177 -10.22 1.29 -16.67
C GLU A 177 -10.20 1.27 -15.13
N PHE A 178 -9.18 1.91 -14.57
CA PHE A 178 -9.03 2.04 -13.13
C PHE A 178 -10.19 2.79 -12.56
N ASP A 179 -10.55 3.93 -13.13
CA ASP A 179 -11.68 4.74 -12.65
C ASP A 179 -12.99 4.00 -12.77
N GLU A 180 -13.15 3.25 -13.84
CA GLU A 180 -14.34 2.47 -14.08
C GLU A 180 -14.46 1.43 -12.96
N ARG A 181 -13.37 0.71 -12.73
CA ARG A 181 -13.30 -0.28 -11.68
C ARG A 181 -13.43 0.35 -10.30
N LYS A 182 -12.83 1.51 -10.15
CA LYS A 182 -12.86 2.28 -8.91
C LYS A 182 -14.28 2.72 -8.58
N LYS A 183 -15.03 3.11 -9.60
CA LYS A 183 -16.42 3.49 -9.42
C LYS A 183 -17.24 2.25 -9.00
N ASN A 184 -16.98 1.12 -9.67
CA ASN A 184 -17.62 -0.17 -9.32
C ASN A 184 -17.28 -0.50 -7.88
N LEU A 185 -16.00 -0.38 -7.57
CA LEU A 185 -15.46 -0.61 -6.26
C LEU A 185 -16.15 0.25 -5.21
N THR A 186 -16.31 1.53 -5.50
CA THR A 186 -16.94 2.47 -4.58
C THR A 186 -18.42 2.12 -4.37
N SER A 187 -19.01 1.55 -5.39
CA SER A 187 -20.40 1.17 -5.37
C SER A 187 -20.58 -0.08 -4.50
N LEU A 188 -19.69 -1.04 -4.69
CA LEU A 188 -19.69 -2.26 -3.93
C LEU A 188 -19.28 -1.99 -2.49
N LYS A 189 -18.32 -1.09 -2.31
CA LYS A 189 -17.85 -0.63 -0.99
C LYS A 189 -19.03 -0.15 -0.15
N THR A 190 -19.89 0.65 -0.77
CA THR A 190 -21.05 1.18 -0.11
C THR A 190 -22.05 0.04 0.25
N LYS A 191 -22.06 -1.01 -0.54
CA LYS A 191 -22.91 -2.18 -0.29
C LYS A 191 -22.35 -2.98 0.86
N VAL A 192 -21.02 -3.13 0.88
CA VAL A 192 -20.31 -3.87 1.92
C VAL A 192 -20.53 -3.24 3.29
N GLU A 193 -20.66 -1.92 3.31
CA GLU A 193 -20.90 -1.20 4.55
C GLU A 193 -22.30 -1.46 5.13
N ASN A 194 -23.18 -2.03 4.34
CA ASN A 194 -24.49 -2.34 4.83
C ASN A 194 -24.60 -3.81 5.15
N LYS A 195 -24.64 -4.08 6.44
CA LYS A 195 -24.69 -5.44 7.00
C LYS A 195 -25.90 -6.23 6.52
N ASP A 196 -26.90 -5.51 6.06
CA ASP A 196 -28.15 -6.12 5.64
C ASP A 196 -28.03 -6.67 4.20
N GLU A 197 -26.97 -6.31 3.52
CA GLU A 197 -26.71 -6.79 2.18
C GLU A 197 -25.75 -7.97 2.28
N ASP A 198 -25.37 -8.55 1.16
CA ASP A 198 -24.44 -9.66 1.22
C ASP A 198 -23.04 -9.10 1.09
N TYR A 199 -22.62 -8.49 2.16
CA TYR A 199 -21.34 -7.78 2.22
C TYR A 199 -20.16 -8.66 1.83
N VAL A 200 -20.27 -9.96 2.08
CA VAL A 200 -19.20 -10.88 1.76
C VAL A 200 -19.00 -10.97 0.25
N THR A 201 -20.09 -11.27 -0.47
CA THR A 201 -20.02 -11.40 -1.92
C THR A 201 -19.67 -10.05 -2.56
N HIS A 202 -20.23 -8.97 -2.01
CA HIS A 202 -19.96 -7.63 -2.54
C HIS A 202 -18.49 -7.30 -2.40
N PHE A 203 -17.89 -7.69 -1.27
CA PHE A 203 -16.47 -7.47 -1.03
C PHE A 203 -15.64 -8.27 -2.03
N ARG A 204 -15.99 -9.52 -2.21
CA ARG A 204 -15.28 -10.39 -3.13
C ARG A 204 -15.29 -9.85 -4.58
N ASP A 205 -16.44 -9.43 -5.07
CA ASP A 205 -16.51 -8.81 -6.41
C ASP A 205 -15.68 -7.53 -6.45
N MET A 206 -15.81 -6.72 -5.39
CA MET A 206 -15.04 -5.47 -5.22
C MET A 206 -13.54 -5.74 -5.27
N ALA A 207 -13.12 -6.75 -4.53
CA ALA A 207 -11.74 -7.17 -4.44
C ALA A 207 -11.21 -7.57 -5.80
N THR A 208 -12.00 -8.32 -6.54
CA THR A 208 -11.65 -8.75 -7.88
C THR A 208 -11.46 -7.54 -8.82
N GLU A 209 -12.36 -6.56 -8.71
CA GLU A 209 -12.26 -5.31 -9.48
C GLU A 209 -10.94 -4.63 -9.16
N ALA A 210 -10.59 -4.63 -7.88
CA ALA A 210 -9.36 -4.04 -7.41
C ALA A 210 -8.15 -4.78 -7.98
N GLN A 211 -8.18 -6.12 -8.03
CA GLN A 211 -7.05 -6.89 -8.56
C GLN A 211 -6.83 -6.53 -10.03
N ASN A 212 -7.93 -6.35 -10.77
CA ASN A 212 -7.85 -5.96 -12.18
C ASN A 212 -7.23 -4.58 -12.30
N ALA A 213 -7.76 -3.65 -11.51
CA ALA A 213 -7.33 -2.27 -11.51
C ALA A 213 -5.85 -2.17 -11.14
N VAL A 214 -5.44 -2.84 -10.07
CA VAL A 214 -4.06 -2.83 -9.62
C VAL A 214 -3.16 -3.48 -10.65
N GLY A 215 -3.67 -4.49 -11.34
CA GLY A 215 -2.93 -5.11 -12.41
C GLY A 215 -2.58 -4.11 -13.48
N GLU A 216 -3.57 -3.31 -13.87
CA GLU A 216 -3.36 -2.23 -14.84
C GLU A 216 -2.31 -1.24 -14.30
N VAL A 217 -2.43 -0.89 -13.02
CA VAL A 217 -1.45 -0.01 -12.35
C VAL A 217 -0.04 -0.60 -12.45
N LYS A 218 0.08 -1.90 -12.20
CA LYS A 218 1.38 -2.61 -12.29
C LYS A 218 1.97 -2.45 -13.67
N LYS A 219 1.14 -2.66 -14.68
CA LYS A 219 1.56 -2.54 -16.08
C LYS A 219 2.08 -1.13 -16.36
N ALA A 220 1.39 -0.14 -15.81
CA ALA A 220 1.81 1.26 -15.93
C ALA A 220 3.17 1.47 -15.24
N ILE A 221 3.29 0.94 -14.01
CA ILE A 221 4.54 1.04 -13.24
C ILE A 221 5.69 0.43 -14.02
N ASP A 222 5.49 -0.82 -14.45
CA ASP A 222 6.51 -1.55 -15.22
C ASP A 222 6.89 -0.81 -16.48
N ALA A 223 5.91 -0.16 -17.10
CA ALA A 223 6.16 0.63 -18.29
C ALA A 223 7.09 1.79 -17.98
N VAL A 224 6.81 2.52 -16.90
CA VAL A 224 7.64 3.66 -16.50
C VAL A 224 9.05 3.20 -16.12
N VAL A 225 9.15 2.04 -15.49
CA VAL A 225 10.44 1.43 -15.11
C VAL A 225 11.28 1.21 -16.37
N ALA A 226 10.68 0.52 -17.35
CA ALA A 226 11.34 0.24 -18.61
C ALA A 226 11.65 1.51 -19.35
N HIS A 227 10.70 2.44 -19.32
CA HIS A 227 10.83 3.71 -19.99
C HIS A 227 12.04 4.48 -19.50
N ARG A 228 12.25 4.57 -18.19
CA ARG A 228 13.35 5.38 -17.74
C ARG A 228 14.67 4.66 -18.04
N LYS A 229 14.67 3.32 -17.90
CA LYS A 229 15.85 2.50 -18.25
C LYS A 229 16.24 2.76 -19.70
N ALA A 230 15.25 2.77 -20.58
CA ALA A 230 15.45 3.00 -21.99
C ALA A 230 15.88 4.43 -22.30
N GLU A 231 15.67 5.34 -21.36
CA GLU A 231 16.06 6.71 -21.57
C GLU A 231 17.42 6.94 -20.93
N ASN A 232 17.94 5.88 -20.28
CA ASN A 232 19.22 5.86 -19.59
C ASN A 232 19.18 6.64 -18.29
N LEU A 233 18.09 6.44 -17.57
CA LEU A 233 17.86 6.99 -16.27
C LEU A 233 18.05 5.99 -15.18
N ASP A 234 18.28 6.50 -14.01
CA ASP A 234 18.47 5.77 -12.80
C ASP A 234 17.16 5.16 -12.37
N VAL A 235 17.07 3.89 -12.50
CA VAL A 235 15.94 3.12 -12.08
C VAL A 235 16.43 1.91 -11.35
N ASP A 236 15.92 1.68 -10.18
CA ASP A 236 16.24 0.49 -9.46
C ASP A 236 15.04 -0.40 -9.49
N ASP A 237 15.15 -1.50 -10.22
CA ASP A 237 14.01 -2.42 -10.39
C ASP A 237 13.54 -2.95 -9.07
N THR A 238 14.48 -3.20 -8.18
CA THR A 238 14.19 -3.77 -6.88
C THR A 238 13.28 -2.80 -6.08
N LEU A 239 13.59 -1.52 -6.14
CA LEU A 239 12.81 -0.47 -5.49
C LEU A 239 11.34 -0.54 -5.93
N PHE A 240 11.14 -0.51 -7.24
CA PHE A 240 9.80 -0.56 -7.80
C PHE A 240 9.15 -1.90 -7.55
N SER A 241 9.95 -2.95 -7.56
CA SER A 241 9.49 -4.30 -7.30
C SER A 241 9.01 -4.43 -5.84
N ASN A 242 9.77 -3.89 -4.89
CA ASN A 242 9.40 -3.95 -3.47
C ASN A 242 8.14 -3.15 -3.23
N LEU A 243 8.06 -2.00 -3.89
CA LEU A 243 6.91 -1.18 -3.87
C LEU A 243 5.70 -1.96 -4.43
N SER A 244 5.91 -2.56 -5.58
CA SER A 244 4.91 -3.37 -6.26
C SER A 244 4.37 -4.46 -5.30
N THR A 245 5.30 -5.11 -4.58
CA THR A 245 4.96 -6.16 -3.63
C THR A 245 4.14 -5.60 -2.47
N LEU A 246 4.44 -4.38 -2.08
CA LEU A 246 3.68 -3.73 -1.04
C LEU A 246 2.24 -3.50 -1.50
N LEU A 247 2.06 -3.04 -2.77
CA LEU A 247 0.70 -2.88 -3.34
C LEU A 247 -0.04 -4.18 -3.25
N ASP A 248 0.67 -5.23 -3.62
CA ASP A 248 0.16 -6.58 -3.51
C ASP A 248 -0.20 -6.90 -2.09
N THR A 249 0.59 -6.48 -1.13
CA THR A 249 0.35 -6.84 0.24
C THR A 249 -0.89 -6.13 0.82
N ILE A 250 -1.10 -4.92 0.39
CA ILE A 250 -2.22 -4.13 0.86
C ILE A 250 -3.52 -4.64 0.23
N ILE A 251 -3.47 -4.87 -1.06
CA ILE A 251 -4.65 -5.15 -1.83
C ILE A 251 -4.87 -6.68 -2.11
N GLU A 252 -3.95 -7.51 -1.66
CA GLU A 252 -4.10 -8.96 -1.83
C GLU A 252 -5.34 -9.48 -1.15
N THR A 253 -6.19 -10.03 -1.95
CA THR A 253 -7.34 -10.69 -1.49
C THR A 253 -7.32 -12.08 -2.08
N SER A 254 -6.94 -13.01 -1.28
CA SER A 254 -6.87 -14.37 -1.68
C SER A 254 -8.18 -15.05 -1.38
N GLY A 1 28.06 4.90 -15.51
CA GLY A 1 26.66 5.27 -15.32
C GLY A 1 26.10 5.83 -16.58
N HIS A 2 24.99 6.50 -16.48
CA HIS A 2 24.35 7.14 -17.61
C HIS A 2 24.79 8.58 -17.67
N MET A 3 25.41 8.98 -18.76
CA MET A 3 25.98 10.34 -18.88
C MET A 3 24.93 11.38 -19.26
N GLN A 4 24.13 11.77 -18.26
CA GLN A 4 23.07 12.78 -18.39
C GLN A 4 22.27 12.72 -19.70
N PRO A 5 21.33 11.77 -19.83
CA PRO A 5 20.47 11.67 -21.02
C PRO A 5 19.72 12.99 -21.19
N ASN A 6 19.22 13.47 -20.08
CA ASN A 6 18.58 14.75 -19.94
C ASN A 6 18.36 14.94 -18.45
N ASN A 7 18.79 16.06 -17.94
CA ASN A 7 18.71 16.35 -16.51
C ASN A 7 17.26 16.59 -16.11
N GLU A 8 16.50 17.17 -17.03
CA GLU A 8 15.11 17.49 -16.84
C GLU A 8 14.33 16.17 -16.65
N SER A 9 14.67 15.20 -17.46
CA SER A 9 14.08 13.88 -17.41
C SER A 9 14.40 13.21 -16.07
N LYS A 10 15.63 13.42 -15.58
CA LYS A 10 16.03 12.91 -14.28
C LYS A 10 15.22 13.54 -13.17
N LYS A 11 14.91 14.82 -13.31
CA LYS A 11 14.07 15.54 -12.34
C LYS A 11 12.71 14.86 -12.25
N LYS A 12 12.08 14.66 -13.40
CA LYS A 12 10.79 13.98 -13.48
C LYS A 12 10.86 12.57 -12.92
N ALA A 13 11.95 11.89 -13.22
CA ALA A 13 12.17 10.53 -12.74
C ALA A 13 12.20 10.48 -11.21
N VAL A 14 13.06 11.31 -10.61
CA VAL A 14 13.22 11.31 -9.16
C VAL A 14 11.93 11.79 -8.50
N LYS A 15 11.27 12.74 -9.15
CA LYS A 15 10.02 13.26 -8.70
C LYS A 15 8.98 12.14 -8.61
N LEU A 16 8.96 11.26 -9.62
CA LEU A 16 8.09 10.11 -9.60
C LEU A 16 8.39 9.27 -8.42
N ASP A 17 9.63 8.82 -8.33
CA ASP A 17 10.06 7.90 -7.25
C ASP A 17 9.73 8.48 -5.87
N LEU A 18 9.90 9.79 -5.73
CA LEU A 18 9.55 10.48 -4.49
C LEU A 18 8.06 10.44 -4.22
N ASP A 19 7.24 10.76 -5.23
CA ASP A 19 5.79 10.76 -5.07
C ASP A 19 5.27 9.39 -4.89
N LEU A 20 5.91 8.45 -5.53
CA LEU A 20 5.48 7.08 -5.47
C LEU A 20 5.67 6.58 -4.06
N MET A 21 6.87 6.82 -3.51
CA MET A 21 7.16 6.39 -2.16
C MET A 21 6.25 7.13 -1.18
N LYS A 22 6.03 8.41 -1.45
CA LYS A 22 5.19 9.25 -0.62
C LYS A 22 3.77 8.69 -0.52
N GLU A 23 3.11 8.49 -1.66
CA GLU A 23 1.75 8.01 -1.62
C GLU A 23 1.69 6.60 -1.04
N THR A 24 2.72 5.81 -1.34
CA THR A 24 2.81 4.46 -0.84
C THR A 24 2.95 4.45 0.69
N LYS A 25 3.82 5.30 1.25
CA LYS A 25 4.01 5.34 2.69
C LYS A 25 2.77 5.89 3.38
N ASN A 26 2.05 6.76 2.69
CA ASN A 26 0.79 7.30 3.22
C ASN A 26 -0.22 6.18 3.36
N VAL A 27 -0.30 5.35 2.34
CA VAL A 27 -1.17 4.20 2.37
C VAL A 27 -0.69 3.19 3.44
N CYS A 28 0.62 2.92 3.47
CA CYS A 28 1.22 1.99 4.45
C CYS A 28 0.90 2.41 5.87
N THR A 29 1.08 3.69 6.17
CA THR A 29 0.83 4.22 7.50
C THR A 29 -0.65 4.04 7.88
N THR A 30 -1.51 4.18 6.90
CA THR A 30 -2.93 4.01 7.11
C THR A 30 -3.25 2.53 7.38
N VAL A 31 -2.72 1.66 6.54
CA VAL A 31 -2.95 0.22 6.67
C VAL A 31 -2.38 -0.28 7.99
N ASN A 32 -1.18 0.15 8.31
CA ASN A 32 -0.53 -0.28 9.53
C ASN A 32 -1.33 0.19 10.74
N THR A 33 -1.74 1.44 10.75
CA THR A 33 -2.47 1.97 11.88
C THR A 33 -3.83 1.28 12.06
N LYS A 34 -4.53 1.00 10.97
CA LYS A 34 -5.81 0.37 11.10
C LYS A 34 -5.69 -1.10 11.45
N LEU A 35 -4.71 -1.80 10.88
CA LEU A 35 -4.51 -3.20 11.21
C LEU A 35 -4.00 -3.36 12.63
N VAL A 36 -3.08 -2.48 13.04
CA VAL A 36 -2.58 -2.45 14.41
C VAL A 36 -3.73 -2.21 15.38
N GLY A 37 -4.56 -1.25 15.04
CA GLY A 37 -5.68 -0.91 15.86
C GLY A 37 -6.67 -2.03 15.96
N LYS A 38 -6.91 -2.71 14.85
CA LYS A 38 -7.85 -3.79 14.86
C LYS A 38 -7.30 -5.00 15.56
N ALA A 39 -6.00 -5.25 15.42
CA ALA A 39 -5.33 -6.33 16.14
C ALA A 39 -5.52 -6.16 17.63
N LYS A 40 -5.16 -4.99 18.14
CA LYS A 40 -5.28 -4.74 19.57
C LYS A 40 -6.75 -4.63 20.01
N SER A 41 -7.61 -4.24 19.10
CA SER A 41 -9.04 -4.21 19.35
C SER A 41 -9.55 -5.63 19.50
N LYS A 42 -9.19 -6.49 18.56
CA LYS A 42 -9.66 -7.85 18.57
C LYS A 42 -9.03 -8.66 19.71
N LEU A 43 -7.88 -8.21 20.23
CA LEU A 43 -7.28 -8.82 21.43
C LEU A 43 -8.22 -8.67 22.62
N ASN A 44 -9.08 -7.66 22.58
CA ASN A 44 -10.06 -7.44 23.65
C ASN A 44 -11.27 -8.34 23.47
N LYS A 45 -11.26 -9.15 22.44
CA LYS A 45 -12.34 -10.09 22.19
C LYS A 45 -11.99 -11.45 22.77
N LEU A 46 -10.77 -11.56 23.25
CA LEU A 46 -10.32 -12.75 23.91
C LEU A 46 -10.72 -12.71 25.38
N GLU A 47 -10.63 -13.84 26.06
CA GLU A 47 -11.02 -13.95 27.47
C GLU A 47 -10.30 -12.96 28.38
N GLY A 48 -9.03 -12.81 28.13
CA GLY A 48 -8.26 -11.89 28.91
C GLY A 48 -7.17 -12.57 29.68
N GLU A 49 -7.52 -13.31 30.71
CA GLU A 49 -6.51 -13.96 31.56
C GLU A 49 -5.93 -15.16 30.86
N SER A 50 -6.78 -15.92 30.20
CA SER A 50 -6.39 -17.11 29.46
C SER A 50 -5.37 -16.77 28.36
N HIS A 51 -5.42 -15.53 27.91
CA HIS A 51 -4.61 -15.11 26.78
C HIS A 51 -3.80 -13.89 27.16
N LYS A 52 -3.53 -13.71 28.45
CA LYS A 52 -2.88 -12.48 28.93
C LYS A 52 -1.49 -12.29 28.35
N GLU A 53 -0.70 -13.34 28.34
CA GLU A 53 0.64 -13.26 27.83
C GLU A 53 0.64 -13.11 26.33
N TYR A 54 -0.36 -13.70 25.68
CA TYR A 54 -0.52 -13.59 24.26
C TYR A 54 -0.84 -12.15 23.88
N VAL A 55 -1.81 -11.57 24.57
CA VAL A 55 -2.22 -10.21 24.32
C VAL A 55 -1.07 -9.24 24.61
N ALA A 56 -0.37 -9.50 25.70
CA ALA A 56 0.76 -8.68 26.09
C ALA A 56 1.87 -8.75 25.07
N GLU A 57 2.23 -9.97 24.65
CA GLU A 57 3.31 -10.12 23.68
C GLU A 57 2.95 -9.62 22.31
N LYS A 58 1.69 -9.77 21.94
CA LYS A 58 1.23 -9.19 20.67
C LYS A 58 1.35 -7.69 20.71
N THR A 59 0.98 -7.10 21.83
CA THR A 59 1.12 -5.68 22.03
C THR A 59 2.63 -5.28 21.95
N LYS A 60 3.49 -6.10 22.54
CA LYS A 60 4.95 -5.90 22.52
C LYS A 60 5.47 -5.85 21.09
N GLU A 61 5.01 -6.80 20.28
CA GLU A 61 5.45 -6.93 18.90
C GLU A 61 5.02 -5.72 18.11
N ILE A 62 3.79 -5.35 18.32
CA ILE A 62 3.20 -4.21 17.67
C ILE A 62 3.97 -2.96 18.01
N ASP A 63 4.19 -2.73 19.28
CA ASP A 63 4.80 -1.49 19.71
C ASP A 63 6.21 -1.37 19.22
N GLU A 64 6.94 -2.48 19.20
CA GLU A 64 8.29 -2.38 18.74
C GLU A 64 8.36 -2.21 17.22
N LYS A 65 7.46 -2.86 16.49
CA LYS A 65 7.48 -2.69 15.07
C LYS A 65 6.94 -1.34 14.70
N ASN A 66 6.05 -0.84 15.51
CA ASN A 66 5.51 0.50 15.33
C ASN A 66 6.53 1.57 15.47
N LYS A 67 7.32 1.50 16.53
CA LYS A 67 8.39 2.47 16.70
C LYS A 67 9.39 2.36 15.54
N LYS A 68 9.66 1.11 15.11
CA LYS A 68 10.50 0.87 13.93
C LYS A 68 9.85 1.51 12.70
N PHE A 69 8.58 1.25 12.51
CA PHE A 69 7.81 1.75 11.38
C PHE A 69 7.82 3.26 11.36
N ASN A 70 7.73 3.84 12.53
CA ASN A 70 7.74 5.29 12.66
C ASN A 70 9.07 5.84 12.23
N GLU A 71 10.15 5.21 12.66
CA GLU A 71 11.47 5.65 12.25
C GLU A 71 11.77 5.25 10.80
N ASN A 72 11.05 4.23 10.27
CA ASN A 72 11.17 3.85 8.84
C ASN A 72 10.74 4.99 7.96
N LEU A 73 9.71 5.68 8.40
CA LEU A 73 9.17 6.83 7.67
C LEU A 73 10.22 7.91 7.64
N VAL A 74 10.78 8.15 8.82
CA VAL A 74 11.85 9.12 9.00
C VAL A 74 13.11 8.66 8.23
N LYS A 75 13.20 7.37 8.01
CA LYS A 75 14.33 6.76 7.31
C LYS A 75 14.23 6.94 5.80
N ILE A 76 13.05 6.81 5.28
CA ILE A 76 12.85 6.95 3.85
C ILE A 76 12.76 8.41 3.43
N GLU A 77 12.33 9.27 4.35
CA GLU A 77 12.34 10.71 4.06
C GLU A 77 13.73 11.27 4.28
N LYS A 78 14.60 10.45 4.86
CA LYS A 78 15.97 10.79 5.03
C LYS A 78 16.61 10.50 3.71
N ARG A 79 17.11 11.52 3.10
CA ARG A 79 17.61 11.42 1.77
C ARG A 79 19.05 11.83 1.77
N LYS A 80 19.73 11.54 0.70
CA LYS A 80 21.10 11.90 0.60
C LYS A 80 21.20 13.10 -0.29
N LYS A 81 21.88 14.11 0.16
CA LYS A 81 22.06 15.27 -0.65
C LYS A 81 23.22 15.06 -1.55
N ILE A 82 22.97 15.03 -2.81
CA ILE A 82 24.01 14.85 -3.79
C ILE A 82 24.14 16.13 -4.56
N LYS A 83 25.13 16.24 -5.38
CA LYS A 83 25.31 17.44 -6.12
C LYS A 83 24.74 17.28 -7.53
N VAL A 84 23.92 18.21 -7.89
CA VAL A 84 23.15 18.23 -9.14
C VAL A 84 22.77 19.68 -9.46
N PRO A 85 23.21 20.22 -10.59
CA PRO A 85 24.07 19.52 -11.52
C PRO A 85 25.50 19.50 -11.01
N ALA A 86 26.29 18.66 -11.58
CA ALA A 86 27.67 18.50 -11.15
C ALA A 86 28.47 19.74 -11.56
N ASP A 87 27.93 20.46 -12.52
CA ASP A 87 28.49 21.71 -13.02
C ASP A 87 28.61 22.72 -11.92
N THR A 88 27.56 22.91 -11.17
CA THR A 88 27.58 23.87 -10.10
C THR A 88 27.86 23.21 -8.77
N GLY A 89 27.29 22.04 -8.56
CA GLY A 89 27.51 21.34 -7.32
C GLY A 89 26.43 21.62 -6.31
N ALA A 90 25.25 21.99 -6.80
CA ALA A 90 24.14 22.33 -5.93
C ALA A 90 23.57 21.07 -5.32
N GLU A 91 23.16 21.14 -4.10
CA GLU A 91 22.65 19.99 -3.41
C GLU A 91 21.21 19.73 -3.70
N VAL A 92 20.94 18.49 -3.95
CA VAL A 92 19.63 17.98 -4.22
C VAL A 92 19.40 16.78 -3.34
N ASP A 93 18.20 16.57 -2.90
CA ASP A 93 17.90 15.43 -2.08
C ASP A 93 17.52 14.25 -2.96
N ALA A 94 18.24 13.18 -2.82
CA ALA A 94 17.94 11.98 -3.52
C ALA A 94 17.49 10.99 -2.50
N VAL A 95 16.43 10.28 -2.80
CA VAL A 95 15.79 9.39 -1.84
C VAL A 95 16.68 8.19 -1.46
N ASP A 96 17.76 8.00 -2.22
CA ASP A 96 18.76 6.93 -2.04
C ASP A 96 18.28 5.60 -2.63
N ASP A 97 19.20 4.75 -2.96
CA ASP A 97 18.90 3.49 -3.65
C ASP A 97 18.47 2.43 -2.64
N GLY A 98 18.79 2.70 -1.38
CA GLY A 98 18.47 1.83 -0.26
C GLY A 98 16.98 1.67 -0.03
N VAL A 99 16.20 2.55 -0.65
CA VAL A 99 14.74 2.52 -0.55
C VAL A 99 14.17 1.13 -0.92
N ALA A 100 14.88 0.37 -1.75
CA ALA A 100 14.45 -0.98 -2.10
C ALA A 100 14.40 -1.83 -0.82
N GLY A 101 15.48 -1.78 -0.07
CA GLY A 101 15.55 -2.49 1.19
C GLY A 101 14.59 -1.91 2.20
N ALA A 102 14.39 -0.60 2.13
CA ALA A 102 13.44 0.09 3.00
C ALA A 102 12.01 -0.38 2.73
N LEU A 103 11.67 -0.52 1.44
CA LEU A 103 10.38 -1.04 1.06
C LEU A 103 10.25 -2.46 1.52
N SER A 104 11.34 -3.19 1.46
CA SER A 104 11.39 -4.56 1.93
C SER A 104 11.14 -4.61 3.45
N ASP A 105 11.66 -3.64 4.19
CA ASP A 105 11.41 -3.55 5.62
C ASP A 105 9.95 -3.30 5.89
N LEU A 106 9.44 -2.21 5.32
CA LEU A 106 8.07 -1.84 5.56
C LEU A 106 7.07 -2.88 5.03
N SER A 107 7.36 -3.48 3.87
CA SER A 107 6.54 -4.58 3.39
C SER A 107 6.50 -5.74 4.37
N SER A 108 7.66 -6.08 4.93
CA SER A 108 7.75 -7.12 5.91
C SER A 108 6.94 -6.72 7.14
N ASP A 109 7.10 -5.47 7.57
CA ASP A 109 6.38 -4.92 8.72
C ASP A 109 4.86 -5.01 8.52
N ILE A 110 4.38 -4.57 7.37
CA ILE A 110 2.96 -4.61 7.04
C ILE A 110 2.47 -6.06 6.98
N SER A 111 3.23 -6.92 6.29
CA SER A 111 2.88 -8.31 6.14
C SER A 111 2.81 -9.01 7.49
N ALA A 112 3.78 -8.70 8.35
CA ALA A 112 3.83 -9.28 9.67
C ALA A 112 2.62 -8.87 10.47
N ILE A 113 2.32 -7.58 10.48
CA ILE A 113 1.16 -7.10 11.20
C ILE A 113 -0.12 -7.73 10.73
N LYS A 114 -0.29 -7.86 9.42
CA LYS A 114 -1.50 -8.47 8.94
C LYS A 114 -1.59 -9.91 9.41
N THR A 115 -0.52 -10.67 9.19
CA THR A 115 -0.46 -12.07 9.59
C THR A 115 -0.62 -12.25 11.12
N LEU A 116 -0.06 -11.33 11.90
CA LEU A 116 -0.24 -11.34 13.35
C LEU A 116 -1.71 -11.05 13.69
N THR A 117 -2.32 -10.14 12.96
CA THR A 117 -3.72 -9.81 13.14
C THR A 117 -4.59 -11.00 12.70
N ASP A 118 -4.12 -11.76 11.70
CA ASP A 118 -4.76 -13.01 11.28
C ASP A 118 -4.72 -14.01 12.41
N ASP A 119 -3.53 -14.15 13.03
CA ASP A 119 -3.35 -15.01 14.20
C ASP A 119 -4.29 -14.62 15.31
N VAL A 120 -4.42 -13.32 15.53
CA VAL A 120 -5.33 -12.78 16.49
C VAL A 120 -6.75 -13.18 16.14
N SER A 121 -7.15 -12.91 14.89
CA SER A 121 -8.50 -13.19 14.38
C SER A 121 -8.89 -14.67 14.55
N GLU A 122 -7.93 -15.57 14.42
CA GLU A 122 -8.18 -16.99 14.70
C GLU A 122 -8.63 -17.15 16.13
N LYS A 123 -7.86 -16.57 17.02
CA LYS A 123 -8.11 -16.67 18.44
C LYS A 123 -9.33 -15.85 18.85
N VAL A 124 -9.69 -14.92 18.02
CA VAL A 124 -10.92 -14.17 18.21
C VAL A 124 -12.10 -15.07 17.87
N SER A 125 -11.91 -15.94 16.89
CA SER A 125 -12.98 -16.77 16.39
C SER A 125 -13.33 -17.85 17.42
N GLU A 126 -12.32 -18.29 18.18
CA GLU A 126 -12.53 -19.32 19.20
C GLU A 126 -13.23 -18.72 20.44
N ASN A 127 -13.11 -17.42 20.61
CA ASN A 127 -13.69 -16.72 21.75
C ASN A 127 -15.06 -16.14 21.43
N LEU A 128 -15.31 -15.88 20.18
CA LEU A 128 -16.56 -15.29 19.80
C LEU A 128 -17.61 -16.31 19.43
N LYS A 129 -18.85 -15.99 19.77
CA LYS A 129 -19.99 -16.81 19.41
C LYS A 129 -20.25 -16.60 17.92
N ASP A 130 -21.09 -17.45 17.32
CA ASP A 130 -21.41 -17.34 15.87
C ASP A 130 -21.96 -15.97 15.53
N ASP A 131 -22.82 -15.47 16.38
CA ASP A 131 -23.43 -14.15 16.19
C ASP A 131 -22.39 -13.05 16.26
N GLU A 132 -21.44 -13.21 17.16
CA GLU A 132 -20.37 -12.28 17.30
C GLU A 132 -19.42 -12.36 16.11
N ALA A 133 -19.18 -13.57 15.66
CA ALA A 133 -18.35 -13.81 14.50
C ALA A 133 -18.96 -13.18 13.25
N SER A 134 -20.27 -13.34 13.09
CA SER A 134 -20.99 -12.73 11.98
C SER A 134 -20.89 -11.20 12.05
N ALA A 135 -21.03 -10.66 13.26
CA ALA A 135 -20.90 -9.23 13.47
C ALA A 135 -19.49 -8.77 13.12
N THR A 136 -18.51 -9.59 13.46
CA THR A 136 -17.13 -9.30 13.15
C THR A 136 -16.88 -9.40 11.65
N GLU A 137 -17.51 -10.38 10.99
CA GLU A 137 -17.43 -10.52 9.53
C GLU A 137 -17.90 -9.25 8.87
N HIS A 138 -19.07 -8.79 9.29
CA HIS A 138 -19.65 -7.56 8.76
C HIS A 138 -18.72 -6.38 9.01
N THR A 139 -18.13 -6.36 10.20
CA THR A 139 -17.20 -5.32 10.55
C THR A 139 -15.95 -5.39 9.66
N ASP A 140 -15.39 -6.61 9.49
CA ASP A 140 -14.24 -6.85 8.61
C ASP A 140 -14.56 -6.38 7.23
N ILE A 141 -15.62 -6.90 6.67
CA ILE A 141 -16.03 -6.59 5.31
C ILE A 141 -16.14 -5.07 5.11
N LYS A 142 -16.76 -4.40 6.05
CA LYS A 142 -16.91 -2.96 5.99
C LYS A 142 -15.56 -2.23 6.07
N GLU A 143 -14.72 -2.64 6.99
CA GLU A 143 -13.44 -1.97 7.16
C GLU A 143 -12.45 -2.31 6.04
N LYS A 144 -12.50 -3.54 5.54
CA LYS A 144 -11.62 -3.94 4.48
C LYS A 144 -12.05 -3.24 3.19
N ALA A 145 -13.36 -3.00 3.07
CA ALA A 145 -13.91 -2.24 1.96
C ALA A 145 -13.42 -0.80 2.03
N THR A 146 -13.41 -0.26 3.25
CA THR A 146 -12.91 1.08 3.50
C THR A 146 -11.43 1.15 3.10
N LEU A 147 -10.68 0.15 3.54
CA LEU A 147 -9.26 0.03 3.28
C LEU A 147 -9.02 0.01 1.76
N LEU A 148 -9.81 -0.79 1.05
CA LEU A 148 -9.71 -0.87 -0.41
C LEU A 148 -9.91 0.49 -1.05
N GLN A 149 -10.94 1.20 -0.64
CA GLN A 149 -11.22 2.51 -1.22
C GLN A 149 -10.07 3.49 -0.94
N GLU A 150 -9.62 3.53 0.32
CA GLU A 150 -8.56 4.44 0.72
C GLU A 150 -7.26 4.14 0.00
N SER A 151 -6.94 2.86 -0.16
CA SER A 151 -5.74 2.47 -0.84
C SER A 151 -5.83 2.76 -2.32
N CYS A 152 -6.99 2.45 -2.93
CA CYS A 152 -7.20 2.69 -4.35
C CYS A 152 -7.09 4.16 -4.71
N ASN A 153 -7.52 5.05 -3.82
CA ASN A 153 -7.35 6.49 -4.07
C ASN A 153 -5.88 6.87 -4.09
N GLY A 154 -5.11 6.24 -3.20
CA GLY A 154 -3.68 6.48 -3.16
C GLY A 154 -3.03 5.94 -4.41
N ILE A 155 -3.42 4.72 -4.77
CA ILE A 155 -2.95 4.05 -5.98
C ILE A 155 -3.27 4.90 -7.21
N GLY A 156 -4.46 5.48 -7.20
CA GLY A 156 -4.89 6.35 -8.26
C GLY A 156 -4.06 7.61 -8.36
N THR A 157 -3.52 8.06 -7.24
CA THR A 157 -2.72 9.28 -7.22
C THR A 157 -1.32 8.97 -7.77
N ILE A 158 -0.88 7.79 -7.43
CA ILE A 158 0.34 7.23 -7.97
C ILE A 158 0.19 7.14 -9.47
N LEU A 159 -0.90 6.51 -9.88
CA LEU A 159 -1.26 6.39 -11.28
C LEU A 159 -1.32 7.76 -11.94
N ASP A 160 -1.90 8.75 -11.24
CA ASP A 160 -1.98 10.14 -11.76
C ASP A 160 -0.62 10.65 -12.14
N LYS A 161 0.32 10.63 -11.19
CA LYS A 161 1.66 11.18 -11.45
C LYS A 161 2.38 10.36 -12.51
N LEU A 162 2.15 9.08 -12.43
CA LEU A 162 2.77 8.10 -13.31
C LEU A 162 2.30 8.31 -14.76
N ALA A 163 1.00 8.50 -14.93
CA ALA A 163 0.39 8.66 -16.23
C ALA A 163 0.80 9.94 -16.93
N GLU A 164 1.39 10.86 -16.20
CA GLU A 164 1.86 12.10 -16.83
C GLU A 164 3.29 11.97 -17.27
N TYR A 165 3.95 10.98 -16.75
CA TYR A 165 5.33 10.78 -17.11
C TYR A 165 5.37 9.95 -18.36
N LEU A 166 4.49 9.01 -18.44
CA LEU A 166 4.45 8.14 -19.56
C LEU A 166 3.05 8.21 -20.11
N ASN A 167 2.63 9.41 -20.47
CA ASN A 167 1.31 9.56 -21.03
C ASN A 167 1.27 8.99 -22.44
N ASN A 168 0.61 7.88 -22.58
CA ASN A 168 0.41 7.24 -23.84
C ASN A 168 -0.97 6.64 -23.82
N ASP A 169 -1.35 5.94 -24.87
CA ASP A 169 -2.68 5.35 -24.93
C ASP A 169 -2.88 4.31 -23.87
N THR A 170 -1.84 3.56 -23.57
CA THR A 170 -1.91 2.52 -22.59
C THR A 170 -2.25 3.09 -21.21
N THR A 171 -1.55 4.13 -20.78
CA THR A 171 -1.83 4.74 -19.50
C THR A 171 -3.22 5.40 -19.45
N GLN A 172 -3.68 5.90 -20.59
CA GLN A 172 -5.02 6.46 -20.71
C GLN A 172 -6.05 5.34 -20.56
N ASN A 173 -5.78 4.22 -21.21
CA ASN A 173 -6.65 3.06 -21.19
C ASN A 173 -6.75 2.47 -19.81
N ILE A 174 -5.62 2.47 -19.15
CA ILE A 174 -5.49 2.03 -17.79
C ILE A 174 -6.26 2.94 -16.87
N LYS A 175 -6.12 4.24 -17.05
CA LYS A 175 -6.84 5.19 -16.24
C LYS A 175 -8.37 5.04 -16.46
N LYS A 176 -8.80 4.86 -17.72
CA LYS A 176 -10.22 4.65 -18.03
C LYS A 176 -10.76 3.44 -17.30
N GLU A 177 -10.03 2.35 -17.40
CA GLU A 177 -10.36 1.13 -16.69
C GLU A 177 -10.34 1.38 -15.19
N PHE A 178 -9.30 2.03 -14.71
CA PHE A 178 -9.13 2.33 -13.30
C PHE A 178 -10.30 3.13 -12.78
N ASP A 179 -10.68 4.19 -13.51
CA ASP A 179 -11.85 5.01 -13.18
C ASP A 179 -13.05 4.16 -13.05
N GLU A 180 -13.30 3.33 -14.06
CA GLU A 180 -14.47 2.49 -14.08
C GLU A 180 -14.49 1.57 -12.86
N ARG A 181 -13.38 0.91 -12.62
CA ARG A 181 -13.28 -0.05 -11.55
C ARG A 181 -13.39 0.63 -10.20
N LYS A 182 -12.78 1.81 -10.06
CA LYS A 182 -12.82 2.49 -8.78
C LYS A 182 -14.17 3.15 -8.58
N LYS A 183 -14.81 3.51 -9.68
CA LYS A 183 -16.14 4.09 -9.64
C LYS A 183 -17.10 3.00 -9.15
N ASN A 184 -16.93 1.80 -9.70
CA ASN A 184 -17.72 0.64 -9.30
C ASN A 184 -17.43 0.32 -7.86
N LEU A 185 -16.16 0.31 -7.50
CA LEU A 185 -15.72 0.03 -6.14
C LEU A 185 -16.37 0.97 -5.12
N THR A 186 -16.36 2.25 -5.42
CA THR A 186 -16.91 3.25 -4.53
C THR A 186 -18.45 3.11 -4.42
N SER A 187 -19.03 2.54 -5.43
CA SER A 187 -20.45 2.31 -5.45
C SER A 187 -20.78 1.01 -4.69
N LEU A 188 -19.96 0.00 -4.95
CA LEU A 188 -20.09 -1.31 -4.32
C LEU A 188 -19.89 -1.21 -2.82
N LYS A 189 -19.03 -0.30 -2.36
CA LYS A 189 -18.81 -0.15 -0.94
C LYS A 189 -20.07 0.35 -0.25
N THR A 190 -20.87 1.12 -0.97
CA THR A 190 -22.13 1.63 -0.44
C THR A 190 -23.18 0.51 -0.36
N LYS A 191 -23.01 -0.49 -1.19
CA LYS A 191 -23.84 -1.68 -1.14
C LYS A 191 -23.39 -2.52 0.04
N VAL A 192 -22.10 -2.49 0.30
CA VAL A 192 -21.49 -3.17 1.45
C VAL A 192 -21.87 -2.43 2.75
N GLU A 193 -22.17 -1.14 2.62
CA GLU A 193 -22.61 -0.32 3.77
C GLU A 193 -23.98 -0.76 4.27
N ASN A 194 -24.67 -1.56 3.49
CA ASN A 194 -25.95 -2.07 3.89
C ASN A 194 -25.84 -3.52 4.27
N LYS A 195 -26.17 -3.83 5.52
CA LYS A 195 -26.12 -5.19 6.02
C LYS A 195 -27.29 -5.99 5.47
N ASP A 196 -28.23 -5.26 4.94
CA ASP A 196 -29.44 -5.82 4.34
C ASP A 196 -29.14 -6.41 2.95
N GLU A 197 -28.08 -5.92 2.35
CA GLU A 197 -27.61 -6.41 1.08
C GLU A 197 -26.58 -7.47 1.41
N ASP A 198 -26.24 -8.35 0.48
CA ASP A 198 -25.18 -9.28 0.81
C ASP A 198 -23.85 -8.62 0.61
N TYR A 199 -23.50 -7.86 1.62
CA TYR A 199 -22.29 -7.08 1.69
C TYR A 199 -21.03 -7.91 1.41
N VAL A 200 -21.09 -9.22 1.71
CA VAL A 200 -19.98 -10.11 1.47
C VAL A 200 -19.72 -10.21 -0.04
N THR A 201 -20.77 -10.55 -0.80
CA THR A 201 -20.66 -10.68 -2.26
C THR A 201 -20.31 -9.32 -2.90
N HIS A 202 -20.83 -8.24 -2.34
CA HIS A 202 -20.52 -6.91 -2.85
C HIS A 202 -19.06 -6.56 -2.63
N PHE A 203 -18.51 -6.94 -1.47
CA PHE A 203 -17.09 -6.73 -1.16
C PHE A 203 -16.24 -7.59 -2.06
N ARG A 204 -16.69 -8.80 -2.26
CA ARG A 204 -16.07 -9.77 -3.15
C ARG A 204 -15.88 -9.19 -4.55
N ASP A 205 -16.96 -8.71 -5.12
CA ASP A 205 -16.93 -8.13 -6.45
C ASP A 205 -16.20 -6.81 -6.46
N MET A 206 -16.29 -6.08 -5.37
CA MET A 206 -15.49 -4.86 -5.18
C MET A 206 -14.01 -5.22 -5.29
N ALA A 207 -13.62 -6.27 -4.56
CA ALA A 207 -12.24 -6.74 -4.56
C ALA A 207 -11.86 -7.20 -5.95
N THR A 208 -12.81 -7.79 -6.67
CA THR A 208 -12.61 -8.23 -8.03
C THR A 208 -12.28 -7.00 -8.92
N GLU A 209 -13.08 -5.95 -8.79
CA GLU A 209 -12.86 -4.71 -9.52
C GLU A 209 -11.55 -4.08 -9.13
N ALA A 210 -11.23 -4.16 -7.85
CA ALA A 210 -9.97 -3.67 -7.33
C ALA A 210 -8.82 -4.39 -8.03
N GLN A 211 -8.89 -5.72 -8.08
CA GLN A 211 -7.89 -6.54 -8.76
C GLN A 211 -7.72 -6.11 -10.22
N ASN A 212 -8.84 -5.86 -10.89
CA ASN A 212 -8.84 -5.40 -12.30
C ASN A 212 -8.11 -4.06 -12.42
N ALA A 213 -8.49 -3.12 -11.55
CA ALA A 213 -7.89 -1.79 -11.51
C ALA A 213 -6.40 -1.89 -11.27
N VAL A 214 -6.05 -2.67 -10.26
CA VAL A 214 -4.69 -2.92 -9.87
C VAL A 214 -3.90 -3.56 -10.98
N GLY A 215 -4.52 -4.49 -11.70
CA GLY A 215 -3.89 -5.12 -12.84
C GLY A 215 -3.47 -4.08 -13.85
N GLU A 216 -4.37 -3.14 -14.13
CA GLU A 216 -4.04 -2.06 -15.05
C GLU A 216 -2.90 -1.18 -14.51
N VAL A 217 -2.99 -0.79 -13.23
CA VAL A 217 -1.93 0.02 -12.58
C VAL A 217 -0.60 -0.72 -12.64
N LYS A 218 -0.65 -2.02 -12.39
CA LYS A 218 0.51 -2.89 -12.36
C LYS A 218 1.21 -2.83 -13.71
N LYS A 219 0.42 -2.92 -14.77
CA LYS A 219 0.90 -2.80 -16.14
C LYS A 219 1.57 -1.44 -16.35
N ALA A 220 0.92 -0.38 -15.88
CA ALA A 220 1.46 0.98 -15.99
C ALA A 220 2.82 1.08 -15.30
N ILE A 221 2.91 0.54 -14.09
CA ILE A 221 4.15 0.56 -13.32
C ILE A 221 5.28 -0.10 -14.09
N ASP A 222 5.06 -1.34 -14.53
CA ASP A 222 6.10 -2.09 -15.26
C ASP A 222 6.50 -1.40 -16.54
N ALA A 223 5.52 -0.74 -17.17
CA ALA A 223 5.75 0.00 -18.39
C ALA A 223 6.69 1.18 -18.14
N VAL A 224 6.43 1.93 -17.08
CA VAL A 224 7.25 3.10 -16.75
C VAL A 224 8.66 2.67 -16.31
N VAL A 225 8.77 1.50 -15.67
CA VAL A 225 10.08 0.96 -15.30
C VAL A 225 10.88 0.66 -16.56
N ALA A 226 10.26 -0.06 -17.49
CA ALA A 226 10.90 -0.42 -18.77
C ALA A 226 11.16 0.82 -19.62
N HIS A 227 10.20 1.73 -19.60
CA HIS A 227 10.31 3.00 -20.30
C HIS A 227 11.53 3.75 -19.85
N ARG A 228 11.71 3.86 -18.53
CA ARG A 228 12.83 4.57 -18.00
C ARG A 228 14.15 3.90 -18.35
N LYS A 229 14.15 2.56 -18.35
CA LYS A 229 15.33 1.76 -18.78
C LYS A 229 15.74 2.21 -20.17
N ALA A 230 14.74 2.24 -21.06
CA ALA A 230 14.93 2.63 -22.43
C ALA A 230 15.29 4.11 -22.58
N GLU A 231 14.98 4.91 -21.57
CA GLU A 231 15.27 6.35 -21.64
C GLU A 231 16.61 6.64 -20.99
N ASN A 232 17.23 5.58 -20.49
CA ASN A 232 18.55 5.59 -19.86
C ASN A 232 18.52 6.24 -18.50
N LEU A 233 17.49 5.96 -17.74
CA LEU A 233 17.45 6.41 -16.39
C LEU A 233 17.92 5.33 -15.47
N ASP A 234 18.35 5.73 -14.32
CA ASP A 234 18.91 4.81 -13.36
C ASP A 234 17.79 4.24 -12.54
N VAL A 235 17.24 3.15 -13.03
CA VAL A 235 16.08 2.52 -12.45
C VAL A 235 16.37 1.07 -12.10
N ASP A 236 16.22 0.76 -10.85
CA ASP A 236 16.44 -0.57 -10.33
C ASP A 236 15.13 -1.32 -10.19
N ASP A 237 15.06 -2.50 -10.81
CA ASP A 237 13.86 -3.35 -10.77
C ASP A 237 13.53 -3.78 -9.37
N THR A 238 14.56 -4.04 -8.57
CA THR A 238 14.42 -4.57 -7.20
C THR A 238 13.48 -3.68 -6.38
N LEU A 239 13.68 -2.38 -6.49
CA LEU A 239 12.86 -1.38 -5.84
C LEU A 239 11.39 -1.58 -6.18
N PHE A 240 11.11 -1.75 -7.45
CA PHE A 240 9.76 -1.88 -7.92
C PHE A 240 9.20 -3.26 -7.63
N SER A 241 10.06 -4.25 -7.56
CA SER A 241 9.68 -5.57 -7.18
C SER A 241 9.25 -5.60 -5.69
N ASN A 242 10.00 -4.89 -4.84
CA ASN A 242 9.65 -4.82 -3.42
C ASN A 242 8.37 -4.03 -3.25
N LEU A 243 8.25 -2.97 -4.04
CA LEU A 243 7.08 -2.17 -4.10
C LEU A 243 5.89 -3.02 -4.54
N SER A 244 6.08 -3.76 -5.62
CA SER A 244 5.09 -4.68 -6.18
C SER A 244 4.54 -5.62 -5.12
N THR A 245 5.43 -6.20 -4.36
CA THR A 245 5.04 -7.16 -3.36
C THR A 245 4.24 -6.46 -2.26
N LEU A 246 4.72 -5.32 -1.83
CA LEU A 246 4.09 -4.55 -0.81
C LEU A 246 2.72 -4.08 -1.29
N LEU A 247 2.67 -3.64 -2.54
CA LEU A 247 1.47 -3.17 -3.18
C LEU A 247 0.39 -4.23 -3.12
N ASP A 248 0.69 -5.41 -3.64
CA ASP A 248 -0.28 -6.49 -3.65
C ASP A 248 -0.65 -6.93 -2.23
N THR A 249 0.27 -6.82 -1.30
CA THR A 249 0.01 -7.14 0.10
C THR A 249 -0.97 -6.11 0.72
N ILE A 250 -0.91 -4.87 0.26
CA ILE A 250 -1.82 -3.81 0.71
C ILE A 250 -3.21 -4.04 0.13
N ILE A 251 -3.24 -4.46 -1.12
CA ILE A 251 -4.47 -4.64 -1.85
C ILE A 251 -5.18 -5.94 -1.44
N GLU A 252 -4.44 -6.90 -0.98
CA GLU A 252 -5.04 -8.06 -0.43
C GLU A 252 -5.31 -7.80 1.02
N THR A 253 -6.54 -7.73 1.35
CA THR A 253 -6.88 -7.40 2.67
C THR A 253 -7.84 -8.42 3.25
N SER A 254 -7.28 -9.26 4.04
CA SER A 254 -7.98 -10.25 4.77
C SER A 254 -7.46 -10.14 6.18
N GLY A 1 23.61 11.52 -19.90
CA GLY A 1 22.57 10.80 -20.62
C GLY A 1 23.17 9.81 -21.58
N HIS A 2 22.41 9.45 -22.60
CA HIS A 2 22.84 8.53 -23.66
C HIS A 2 21.74 8.55 -24.69
N MET A 3 20.61 8.02 -24.30
CA MET A 3 19.41 8.12 -25.08
C MET A 3 18.56 9.13 -24.37
N GLN A 4 17.65 9.78 -25.08
CA GLN A 4 16.80 10.85 -24.53
C GLN A 4 17.62 12.12 -24.22
N PRO A 5 17.66 13.06 -25.16
CA PRO A 5 18.40 14.32 -25.00
C PRO A 5 17.78 15.27 -23.97
N ASN A 6 16.52 15.07 -23.63
CA ASN A 6 15.85 15.92 -22.64
C ASN A 6 16.28 15.50 -21.25
N ASN A 7 17.24 16.21 -20.71
CA ASN A 7 17.86 15.85 -19.44
C ASN A 7 17.00 16.32 -18.30
N GLU A 8 16.15 17.27 -18.57
CA GLU A 8 15.22 17.80 -17.60
C GLU A 8 14.26 16.71 -17.09
N SER A 9 14.12 15.65 -17.87
CA SER A 9 13.31 14.49 -17.49
C SER A 9 13.79 13.87 -16.19
N LYS A 10 15.07 14.06 -15.88
CA LYS A 10 15.67 13.52 -14.66
C LYS A 10 14.92 14.08 -13.43
N LYS A 11 14.65 15.37 -13.48
CA LYS A 11 14.00 16.09 -12.39
C LYS A 11 12.54 15.67 -12.30
N LYS A 12 11.95 15.39 -13.45
CA LYS A 12 10.56 14.97 -13.54
C LYS A 12 10.43 13.61 -12.88
N ALA A 13 11.32 12.72 -13.28
CA ALA A 13 11.33 11.34 -12.82
C ALA A 13 11.49 11.29 -11.32
N VAL A 14 12.48 11.99 -10.81
CA VAL A 14 12.72 11.98 -9.38
C VAL A 14 11.55 12.58 -8.63
N LYS A 15 11.00 13.70 -9.15
CA LYS A 15 9.88 14.38 -8.48
C LYS A 15 8.68 13.41 -8.43
N LEU A 16 8.51 12.67 -9.51
CA LEU A 16 7.46 11.67 -9.63
C LEU A 16 7.60 10.62 -8.55
N ASP A 17 8.79 10.01 -8.48
CA ASP A 17 9.06 8.95 -7.50
C ASP A 17 8.86 9.45 -6.10
N LEU A 18 9.25 10.69 -5.86
CA LEU A 18 9.10 11.29 -4.55
C LEU A 18 7.65 11.39 -4.13
N ASP A 19 6.78 11.92 -5.00
CA ASP A 19 5.36 12.06 -4.61
C ASP A 19 4.66 10.73 -4.56
N LEU A 20 5.04 9.83 -5.43
CA LEU A 20 4.46 8.52 -5.44
C LEU A 20 4.87 7.72 -4.20
N MET A 21 6.15 7.86 -3.79
CA MET A 21 6.63 7.20 -2.57
C MET A 21 5.88 7.77 -1.39
N LYS A 22 5.72 9.09 -1.40
CA LYS A 22 4.98 9.83 -0.38
C LYS A 22 3.59 9.24 -0.18
N GLU A 23 2.81 9.17 -1.23
CA GLU A 23 1.47 8.64 -1.14
C GLU A 23 1.47 7.19 -0.71
N THR A 24 2.44 6.45 -1.21
CA THR A 24 2.59 5.06 -0.86
C THR A 24 2.86 4.90 0.66
N LYS A 25 3.80 5.67 1.21
CA LYS A 25 4.13 5.55 2.63
C LYS A 25 2.98 6.00 3.48
N ASN A 26 2.22 6.97 2.98
CA ASN A 26 1.07 7.49 3.73
C ASN A 26 0.00 6.44 3.83
N VAL A 27 -0.19 5.68 2.76
CA VAL A 27 -1.12 4.57 2.78
C VAL A 27 -0.59 3.49 3.73
N CYS A 28 0.68 3.13 3.60
CA CYS A 28 1.32 2.09 4.44
C CYS A 28 1.16 2.40 5.93
N THR A 29 1.41 3.64 6.30
CA THR A 29 1.32 4.08 7.68
C THR A 29 -0.13 3.95 8.19
N THR A 30 -1.07 4.24 7.33
CA THR A 30 -2.47 4.14 7.65
C THR A 30 -2.87 2.67 7.85
N VAL A 31 -2.36 1.81 6.96
CA VAL A 31 -2.62 0.37 7.05
C VAL A 31 -2.09 -0.17 8.39
N ASN A 32 -0.85 0.16 8.70
CA ASN A 32 -0.23 -0.30 9.94
C ASN A 32 -1.01 0.20 11.14
N THR A 33 -1.31 1.48 11.15
CA THR A 33 -2.04 2.11 12.24
C THR A 33 -3.44 1.47 12.43
N LYS A 34 -4.13 1.18 11.33
CA LYS A 34 -5.46 0.60 11.43
C LYS A 34 -5.39 -0.82 11.96
N LEU A 35 -4.40 -1.56 11.49
CA LEU A 35 -4.22 -2.93 11.91
C LEU A 35 -3.82 -3.01 13.36
N VAL A 36 -2.92 -2.14 13.79
CA VAL A 36 -2.51 -2.06 15.19
C VAL A 36 -3.72 -1.77 16.08
N GLY A 37 -4.54 -0.81 15.66
CA GLY A 37 -5.74 -0.46 16.40
C GLY A 37 -6.71 -1.62 16.44
N LYS A 38 -6.88 -2.28 15.30
CA LYS A 38 -7.76 -3.42 15.17
C LYS A 38 -7.29 -4.55 16.06
N ALA A 39 -6.01 -4.88 15.99
CA ALA A 39 -5.41 -5.95 16.77
C ALA A 39 -5.63 -5.72 18.25
N LYS A 40 -5.35 -4.49 18.71
CA LYS A 40 -5.56 -4.15 20.11
C LYS A 40 -7.03 -4.28 20.51
N SER A 41 -7.92 -3.88 19.62
CA SER A 41 -9.34 -3.99 19.88
C SER A 41 -9.77 -5.48 19.91
N LYS A 42 -9.19 -6.28 19.02
CA LYS A 42 -9.48 -7.70 18.97
C LYS A 42 -8.97 -8.40 20.23
N LEU A 43 -7.83 -7.95 20.76
CA LEU A 43 -7.24 -8.52 22.00
C LEU A 43 -8.20 -8.39 23.18
N ASN A 44 -9.10 -7.42 23.12
CA ASN A 44 -10.07 -7.20 24.18
C ASN A 44 -11.30 -8.07 24.02
N LYS A 45 -11.37 -8.82 22.94
CA LYS A 45 -12.49 -9.73 22.71
C LYS A 45 -12.12 -11.12 23.23
N LEU A 46 -10.84 -11.29 23.51
CA LEU A 46 -10.35 -12.51 24.11
C LEU A 46 -10.70 -12.52 25.57
N GLU A 47 -10.68 -13.70 26.17
CA GLU A 47 -11.00 -13.91 27.58
C GLU A 47 -10.31 -12.91 28.50
N GLY A 48 -9.07 -12.68 28.26
CA GLY A 48 -8.33 -11.76 29.05
C GLY A 48 -7.26 -12.48 29.76
N GLU A 49 -7.54 -12.90 30.97
CA GLU A 49 -6.57 -13.59 31.81
C GLU A 49 -6.07 -14.88 31.17
N SER A 50 -6.98 -15.66 30.65
CA SER A 50 -6.64 -16.94 30.02
C SER A 50 -5.82 -16.76 28.72
N HIS A 51 -5.72 -15.53 28.22
CA HIS A 51 -4.96 -15.27 26.99
C HIS A 51 -4.01 -14.12 27.22
N LYS A 52 -3.75 -13.80 28.48
CA LYS A 52 -2.95 -12.62 28.81
C LYS A 52 -1.53 -12.76 28.33
N GLU A 53 -1.00 -13.97 28.40
CA GLU A 53 0.32 -14.27 27.88
C GLU A 53 0.39 -13.93 26.39
N TYR A 54 -0.62 -14.34 25.66
CA TYR A 54 -0.73 -14.14 24.25
C TYR A 54 -0.86 -12.64 23.95
N VAL A 55 -1.75 -12.00 24.69
CA VAL A 55 -1.99 -10.57 24.53
C VAL A 55 -0.71 -9.76 24.81
N ALA A 56 0.07 -10.20 25.80
CA ALA A 56 1.32 -9.57 26.16
C ALA A 56 2.32 -9.68 25.03
N GLU A 57 2.51 -10.91 24.54
CA GLU A 57 3.42 -11.18 23.43
C GLU A 57 3.04 -10.39 22.20
N LYS A 58 1.75 -10.32 21.92
CA LYS A 58 1.27 -9.54 20.80
C LYS A 58 1.54 -8.05 20.97
N THR A 59 1.40 -7.56 22.19
CA THR A 59 1.70 -6.16 22.48
C THR A 59 3.19 -5.88 22.17
N LYS A 60 4.04 -6.82 22.57
CA LYS A 60 5.48 -6.77 22.35
C LYS A 60 5.82 -6.79 20.85
N GLU A 61 5.10 -7.62 20.10
CA GLU A 61 5.30 -7.71 18.66
C GLU A 61 4.97 -6.39 18.00
N ILE A 62 3.89 -5.80 18.44
CA ILE A 62 3.46 -4.49 17.96
C ILE A 62 4.52 -3.44 18.29
N ASP A 63 5.10 -3.52 19.49
CA ASP A 63 6.15 -2.59 19.90
C ASP A 63 7.33 -2.64 18.95
N GLU A 64 7.78 -3.84 18.66
CA GLU A 64 8.91 -4.02 17.75
C GLU A 64 8.57 -3.57 16.36
N LYS A 65 7.42 -3.98 15.88
CA LYS A 65 7.01 -3.60 14.55
C LYS A 65 6.80 -2.11 14.43
N ASN A 66 6.22 -1.49 15.45
CA ASN A 66 6.00 -0.07 15.41
C ASN A 66 7.28 0.71 15.45
N LYS A 67 8.24 0.30 16.27
CA LYS A 67 9.50 1.02 16.31
C LYS A 67 10.23 0.94 14.96
N LYS A 68 10.23 -0.25 14.36
CA LYS A 68 10.90 -0.42 13.09
C LYS A 68 10.18 0.30 11.99
N PHE A 69 8.87 0.14 11.92
CA PHE A 69 8.09 0.79 10.91
C PHE A 69 8.16 2.31 11.07
N ASN A 70 8.11 2.79 12.32
CA ASN A 70 8.17 4.22 12.56
C ASN A 70 9.52 4.81 12.25
N GLU A 71 10.61 4.06 12.41
CA GLU A 71 11.89 4.61 12.00
C GLU A 71 12.04 4.53 10.48
N ASN A 72 11.49 3.47 9.90
CA ASN A 72 11.60 3.23 8.46
C ASN A 72 10.74 4.14 7.63
N LEU A 73 9.62 4.59 8.16
CA LEU A 73 8.82 5.56 7.42
C LEU A 73 9.61 6.89 7.33
N VAL A 74 10.29 7.23 8.42
CA VAL A 74 11.13 8.41 8.46
C VAL A 74 12.33 8.19 7.53
N LYS A 75 12.78 6.97 7.49
CA LYS A 75 13.94 6.55 6.68
C LYS A 75 13.65 6.76 5.20
N ILE A 76 12.48 6.31 4.77
CA ILE A 76 12.11 6.44 3.36
C ILE A 76 11.68 7.84 3.02
N GLU A 77 11.25 8.62 4.02
CA GLU A 77 10.86 9.99 3.72
C GLU A 77 12.10 10.86 3.54
N LYS A 78 13.25 10.43 4.05
CA LYS A 78 14.46 11.16 3.74
C LYS A 78 15.01 10.78 2.40
N ARG A 79 15.57 11.76 1.76
CA ARG A 79 16.17 11.63 0.47
C ARG A 79 17.61 11.94 0.66
N LYS A 80 18.44 11.42 -0.17
CA LYS A 80 19.83 11.69 -0.05
C LYS A 80 20.16 12.71 -1.08
N LYS A 81 20.83 13.73 -0.67
CA LYS A 81 21.21 14.76 -1.56
C LYS A 81 22.56 14.45 -2.11
N ILE A 82 22.61 14.32 -3.40
CA ILE A 82 23.84 14.01 -4.04
C ILE A 82 24.15 15.11 -5.02
N LYS A 83 25.36 15.14 -5.46
CA LYS A 83 25.79 16.16 -6.34
C LYS A 83 25.74 15.71 -7.80
N VAL A 84 24.91 16.36 -8.55
CA VAL A 84 24.64 16.03 -9.95
C VAL A 84 24.44 17.30 -10.78
N PRO A 85 25.28 17.51 -11.81
CA PRO A 85 26.38 16.61 -12.17
C PRO A 85 27.51 16.70 -11.18
N ALA A 86 28.38 15.74 -11.24
CA ALA A 86 29.49 15.63 -10.30
C ALA A 86 30.52 16.75 -10.51
N ASP A 87 30.44 17.34 -11.68
CA ASP A 87 31.30 18.45 -12.09
C ASP A 87 31.04 19.68 -11.23
N THR A 88 29.83 20.18 -11.35
CA THR A 88 29.42 21.37 -10.65
C THR A 88 29.00 21.04 -9.21
N GLY A 89 28.55 19.82 -9.03
CA GLY A 89 28.20 19.36 -7.75
C GLY A 89 26.83 19.81 -7.31
N ALA A 90 25.95 20.08 -8.25
CA ALA A 90 24.65 20.64 -7.95
C ALA A 90 23.80 19.69 -7.14
N GLU A 91 23.30 20.17 -6.04
CA GLU A 91 22.48 19.42 -5.11
C GLU A 91 21.19 18.94 -5.77
N VAL A 92 20.90 17.68 -5.63
CA VAL A 92 19.64 17.13 -6.03
C VAL A 92 19.24 16.05 -5.04
N ASP A 93 17.98 16.03 -4.70
CA ASP A 93 17.45 15.06 -3.75
C ASP A 93 17.07 13.82 -4.49
N ALA A 94 17.51 12.71 -4.01
CA ALA A 94 17.17 11.44 -4.60
C ALA A 94 16.49 10.61 -3.55
N VAL A 95 15.49 9.83 -3.94
CA VAL A 95 14.71 9.01 -3.01
C VAL A 95 15.62 7.97 -2.33
N ASP A 96 16.65 7.59 -3.06
CA ASP A 96 17.72 6.68 -2.65
C ASP A 96 17.38 5.19 -2.75
N ASP A 97 18.41 4.39 -3.02
CA ASP A 97 18.32 2.93 -3.16
C ASP A 97 17.92 2.29 -1.85
N GLY A 98 18.21 2.96 -0.74
CA GLY A 98 17.93 2.46 0.59
C GLY A 98 16.46 2.21 0.81
N VAL A 99 15.63 2.90 0.05
CA VAL A 99 14.21 2.74 0.12
C VAL A 99 13.80 1.33 -0.33
N ALA A 100 14.59 0.70 -1.20
CA ALA A 100 14.29 -0.67 -1.67
C ALA A 100 14.35 -1.64 -0.49
N GLY A 101 15.42 -1.54 0.28
CA GLY A 101 15.60 -2.38 1.45
C GLY A 101 14.55 -2.07 2.48
N ALA A 102 14.32 -0.78 2.72
CA ALA A 102 13.33 -0.35 3.67
C ALA A 102 11.92 -0.82 3.26
N LEU A 103 11.62 -0.78 1.96
CA LEU A 103 10.36 -1.30 1.42
C LEU A 103 10.24 -2.76 1.71
N SER A 104 11.35 -3.46 1.59
CA SER A 104 11.38 -4.88 1.86
C SER A 104 11.14 -5.16 3.35
N ASP A 105 11.62 -4.28 4.21
CA ASP A 105 11.37 -4.41 5.64
C ASP A 105 9.94 -4.10 5.96
N LEU A 106 9.47 -2.94 5.52
CA LEU A 106 8.12 -2.52 5.81
C LEU A 106 7.07 -3.44 5.19
N SER A 107 7.31 -3.97 4.00
CA SER A 107 6.40 -4.97 3.43
C SER A 107 6.28 -6.18 4.35
N SER A 108 7.39 -6.60 4.89
CA SER A 108 7.45 -7.70 5.81
C SER A 108 6.71 -7.34 7.10
N ASP A 109 6.95 -6.15 7.59
CA ASP A 109 6.31 -5.69 8.82
C ASP A 109 4.81 -5.50 8.64
N ILE A 110 4.41 -4.90 7.53
CA ILE A 110 2.98 -4.70 7.21
C ILE A 110 2.26 -6.05 7.11
N SER A 111 2.87 -7.01 6.43
CA SER A 111 2.26 -8.32 6.29
C SER A 111 2.21 -9.02 7.64
N ALA A 112 3.29 -8.91 8.41
CA ALA A 112 3.37 -9.47 9.74
C ALA A 112 2.30 -8.86 10.64
N ILE A 113 2.16 -7.54 10.61
CA ILE A 113 1.13 -6.84 11.39
C ILE A 113 -0.27 -7.31 11.03
N LYS A 114 -0.53 -7.50 9.73
CA LYS A 114 -1.83 -8.01 9.31
C LYS A 114 -2.03 -9.40 9.87
N THR A 115 -1.01 -10.23 9.69
CA THR A 115 -1.02 -11.61 10.15
C THR A 115 -1.20 -11.68 11.68
N LEU A 116 -0.55 -10.77 12.38
CA LEU A 116 -0.66 -10.63 13.82
C LEU A 116 -2.12 -10.40 14.16
N THR A 117 -2.71 -9.47 13.46
CA THR A 117 -4.09 -9.10 13.65
C THR A 117 -5.01 -10.28 13.25
N ASP A 118 -4.61 -11.03 12.22
CA ASP A 118 -5.33 -12.23 11.78
C ASP A 118 -5.28 -13.27 12.87
N ASP A 119 -4.09 -13.50 13.42
CA ASP A 119 -3.90 -14.46 14.52
C ASP A 119 -4.78 -14.12 15.68
N VAL A 120 -4.87 -12.84 16.00
CA VAL A 120 -5.72 -12.40 17.08
C VAL A 120 -7.19 -12.65 16.72
N SER A 121 -7.54 -12.38 15.47
CA SER A 121 -8.90 -12.55 14.99
C SER A 121 -9.31 -14.05 15.03
N GLU A 122 -8.32 -14.94 14.84
CA GLU A 122 -8.55 -16.37 14.96
C GLU A 122 -8.97 -16.67 16.40
N LYS A 123 -8.20 -16.14 17.34
CA LYS A 123 -8.52 -16.28 18.78
C LYS A 123 -9.91 -15.71 19.05
N VAL A 124 -10.21 -14.59 18.42
CA VAL A 124 -11.51 -13.94 18.51
C VAL A 124 -12.61 -14.88 18.01
N SER A 125 -12.31 -15.68 17.02
CA SER A 125 -13.29 -16.57 16.42
C SER A 125 -13.74 -17.62 17.43
N GLU A 126 -12.80 -18.23 18.09
CA GLU A 126 -13.09 -19.25 19.05
C GLU A 126 -13.50 -18.66 20.40
N ASN A 127 -13.28 -17.38 20.59
CA ASN A 127 -13.70 -16.71 21.82
C ASN A 127 -15.11 -16.15 21.71
N LEU A 128 -15.53 -15.87 20.50
CA LEU A 128 -16.84 -15.31 20.25
C LEU A 128 -17.87 -16.34 19.78
N LYS A 129 -19.14 -15.95 19.89
CA LYS A 129 -20.26 -16.72 19.37
C LYS A 129 -20.29 -16.72 17.86
N ASP A 130 -21.26 -17.41 17.32
CA ASP A 130 -21.45 -17.47 15.87
C ASP A 130 -21.93 -16.13 15.37
N ASP A 131 -22.90 -15.56 16.09
CA ASP A 131 -23.45 -14.23 15.77
C ASP A 131 -22.37 -13.19 15.91
N GLU A 132 -21.57 -13.35 16.94
CA GLU A 132 -20.47 -12.45 17.21
C GLU A 132 -19.38 -12.59 16.14
N ALA A 133 -19.19 -13.79 15.65
CA ALA A 133 -18.29 -14.04 14.54
C ALA A 133 -18.81 -13.32 13.28
N SER A 134 -20.12 -13.39 13.04
CA SER A 134 -20.73 -12.71 11.91
C SER A 134 -20.67 -11.18 12.11
N ALA A 135 -20.77 -10.74 13.34
CA ALA A 135 -20.62 -9.34 13.68
C ALA A 135 -19.21 -8.89 13.35
N THR A 136 -18.25 -9.73 13.68
CA THR A 136 -16.87 -9.48 13.35
C THR A 136 -16.69 -9.49 11.83
N GLU A 137 -17.29 -10.49 11.18
CA GLU A 137 -17.35 -10.63 9.71
C GLU A 137 -17.78 -9.34 9.05
N HIS A 138 -18.96 -8.85 9.43
CA HIS A 138 -19.50 -7.62 8.86
C HIS A 138 -18.55 -6.46 9.11
N THR A 139 -17.98 -6.41 10.29
CA THR A 139 -17.07 -5.36 10.61
C THR A 139 -15.81 -5.48 9.75
N ASP A 140 -15.25 -6.68 9.66
CA ASP A 140 -14.08 -6.95 8.84
C ASP A 140 -14.32 -6.65 7.40
N ILE A 141 -15.42 -7.13 6.86
CA ILE A 141 -15.79 -6.87 5.48
C ILE A 141 -15.89 -5.35 5.25
N LYS A 142 -16.53 -4.66 6.16
CA LYS A 142 -16.75 -3.23 6.04
C LYS A 142 -15.41 -2.46 6.17
N GLU A 143 -14.55 -2.87 7.08
CA GLU A 143 -13.28 -2.18 7.26
C GLU A 143 -12.25 -2.55 6.20
N LYS A 144 -12.31 -3.79 5.67
CA LYS A 144 -11.44 -4.16 4.57
C LYS A 144 -11.88 -3.37 3.36
N ALA A 145 -13.18 -3.18 3.25
CA ALA A 145 -13.78 -2.41 2.18
C ALA A 145 -13.32 -0.96 2.26
N THR A 146 -13.35 -0.42 3.47
CA THR A 146 -12.91 0.95 3.72
C THR A 146 -11.43 1.07 3.36
N LEU A 147 -10.63 0.11 3.81
CA LEU A 147 -9.19 0.10 3.54
C LEU A 147 -8.92 0.02 2.06
N LEU A 148 -9.67 -0.83 1.38
CA LEU A 148 -9.51 -1.02 -0.05
C LEU A 148 -9.81 0.29 -0.78
N GLN A 149 -10.84 0.99 -0.33
CA GLN A 149 -11.20 2.29 -0.87
C GLN A 149 -10.07 3.28 -0.63
N GLU A 150 -9.65 3.40 0.63
CA GLU A 150 -8.59 4.33 1.04
C GLU A 150 -7.31 4.08 0.25
N SER A 151 -6.92 2.82 0.13
CA SER A 151 -5.73 2.48 -0.57
C SER A 151 -5.87 2.76 -2.07
N CYS A 152 -7.01 2.40 -2.65
CA CYS A 152 -7.24 2.63 -4.07
C CYS A 152 -7.31 4.11 -4.41
N ASN A 153 -7.68 4.94 -3.44
CA ASN A 153 -7.69 6.38 -3.68
C ASN A 153 -6.25 6.90 -3.71
N GLY A 154 -5.43 6.39 -2.82
CA GLY A 154 -4.02 6.78 -2.79
C GLY A 154 -3.30 6.25 -4.01
N ILE A 155 -3.48 4.98 -4.28
CA ILE A 155 -2.90 4.31 -5.43
C ILE A 155 -3.42 4.95 -6.72
N GLY A 156 -4.66 5.35 -6.68
CA GLY A 156 -5.26 6.09 -7.76
C GLY A 156 -4.56 7.41 -7.99
N THR A 157 -4.23 8.11 -6.92
CA THR A 157 -3.55 9.41 -7.02
C THR A 157 -2.19 9.20 -7.67
N ILE A 158 -1.56 8.13 -7.26
CA ILE A 158 -0.30 7.66 -7.79
C ILE A 158 -0.43 7.38 -9.27
N LEU A 159 -1.37 6.51 -9.62
CA LEU A 159 -1.62 6.16 -11.03
C LEU A 159 -1.95 7.38 -11.85
N ASP A 160 -2.82 8.23 -11.32
CA ASP A 160 -3.22 9.45 -12.01
C ASP A 160 -2.03 10.34 -12.32
N LYS A 161 -1.09 10.45 -11.39
CA LYS A 161 0.10 11.26 -11.65
C LYS A 161 1.13 10.48 -12.47
N LEU A 162 1.12 9.20 -12.34
CA LEU A 162 2.01 8.33 -13.09
C LEU A 162 1.64 8.44 -14.58
N ALA A 163 0.36 8.37 -14.84
CA ALA A 163 -0.19 8.42 -16.18
C ALA A 163 0.00 9.79 -16.83
N GLU A 164 0.34 10.82 -16.08
CA GLU A 164 0.58 12.12 -16.67
C GLU A 164 2.06 12.27 -17.02
N TYR A 165 2.89 11.40 -16.47
CA TYR A 165 4.30 11.47 -16.76
C TYR A 165 4.55 10.76 -18.07
N LEU A 166 3.86 9.69 -18.25
CA LEU A 166 4.04 8.89 -19.42
C LEU A 166 2.66 8.65 -19.99
N ASN A 167 2.01 9.73 -20.34
CA ASN A 167 0.73 9.63 -20.94
C ASN A 167 0.86 9.12 -22.36
N ASN A 168 0.29 7.97 -22.59
CA ASN A 168 0.24 7.37 -23.89
C ASN A 168 -1.00 6.53 -23.98
N ASP A 169 -1.22 5.91 -25.12
CA ASP A 169 -2.39 5.04 -25.34
C ASP A 169 -2.48 3.94 -24.29
N THR A 170 -1.35 3.39 -23.92
CA THR A 170 -1.29 2.31 -22.96
C THR A 170 -1.79 2.78 -21.58
N THR A 171 -1.26 3.91 -21.10
CA THR A 171 -1.65 4.43 -19.82
C THR A 171 -3.08 4.97 -19.84
N GLN A 172 -3.55 5.40 -21.01
CA GLN A 172 -4.93 5.83 -21.18
C GLN A 172 -5.89 4.65 -21.12
N ASN A 173 -5.46 3.51 -21.62
CA ASN A 173 -6.24 2.26 -21.53
C ASN A 173 -6.35 1.84 -20.10
N ILE A 174 -5.23 1.93 -19.41
CA ILE A 174 -5.17 1.66 -17.98
C ILE A 174 -6.02 2.65 -17.24
N LYS A 175 -5.93 3.91 -17.61
CA LYS A 175 -6.74 5.00 -17.02
C LYS A 175 -8.24 4.69 -17.11
N LYS A 176 -8.68 4.25 -18.27
CA LYS A 176 -10.07 3.87 -18.47
C LYS A 176 -10.46 2.72 -17.57
N GLU A 177 -9.70 1.66 -17.66
CA GLU A 177 -9.93 0.47 -16.85
C GLU A 177 -9.87 0.76 -15.38
N PHE A 178 -8.89 1.53 -14.98
CA PHE A 178 -8.69 1.86 -13.62
C PHE A 178 -9.83 2.71 -13.13
N ASP A 179 -10.17 3.78 -13.86
CA ASP A 179 -11.26 4.67 -13.44
C ASP A 179 -12.58 3.94 -13.36
N GLU A 180 -12.77 2.94 -14.20
CA GLU A 180 -13.96 2.15 -14.12
C GLU A 180 -13.98 1.24 -12.91
N ARG A 181 -12.84 0.63 -12.61
CA ARG A 181 -12.78 -0.23 -11.44
C ARG A 181 -12.83 0.62 -10.18
N LYS A 182 -12.32 1.81 -10.32
CA LYS A 182 -12.29 2.85 -9.29
C LYS A 182 -13.74 3.24 -9.00
N LYS A 183 -14.46 3.53 -10.07
CA LYS A 183 -15.86 3.89 -10.01
C LYS A 183 -16.68 2.74 -9.46
N ASN A 184 -16.44 1.53 -9.96
CA ASN A 184 -17.15 0.35 -9.47
C ASN A 184 -16.85 0.09 -8.02
N LEU A 185 -15.59 0.23 -7.64
CA LEU A 185 -15.18 -0.01 -6.27
C LEU A 185 -15.88 0.95 -5.32
N THR A 186 -15.93 2.20 -5.70
CA THR A 186 -16.55 3.22 -4.89
C THR A 186 -18.08 2.96 -4.77
N SER A 187 -18.64 2.34 -5.78
CA SER A 187 -20.05 2.03 -5.78
C SER A 187 -20.30 0.78 -4.96
N LEU A 188 -19.44 -0.20 -5.14
CA LEU A 188 -19.55 -1.45 -4.44
C LEU A 188 -19.32 -1.30 -2.96
N LYS A 189 -18.34 -0.47 -2.54
CA LYS A 189 -18.09 -0.28 -1.11
C LYS A 189 -19.31 0.31 -0.44
N THR A 190 -20.05 1.12 -1.20
CA THR A 190 -21.26 1.75 -0.72
C THR A 190 -22.31 0.69 -0.38
N LYS A 191 -22.31 -0.38 -1.13
CA LYS A 191 -23.26 -1.45 -0.92
C LYS A 191 -22.71 -2.44 0.11
N VAL A 192 -21.38 -2.48 0.24
CA VAL A 192 -20.72 -3.32 1.23
C VAL A 192 -20.95 -2.75 2.62
N GLU A 193 -21.08 -1.43 2.70
CA GLU A 193 -21.36 -0.79 3.97
C GLU A 193 -22.84 -0.94 4.34
N ASN A 194 -23.58 -1.64 3.51
CA ASN A 194 -24.96 -1.96 3.78
C ASN A 194 -25.06 -3.38 4.26
N LYS A 195 -25.38 -3.56 5.51
CA LYS A 195 -25.53 -4.89 6.11
C LYS A 195 -26.79 -5.56 5.58
N ASP A 196 -27.67 -4.75 5.02
CA ASP A 196 -28.95 -5.17 4.47
C ASP A 196 -28.76 -5.81 3.08
N GLU A 197 -27.67 -5.47 2.44
CA GLU A 197 -27.30 -6.02 1.15
C GLU A 197 -26.45 -7.25 1.38
N ASP A 198 -26.08 -7.96 0.33
CA ASP A 198 -25.17 -9.06 0.50
C ASP A 198 -23.76 -8.50 0.39
N TYR A 199 -23.36 -7.87 1.47
CA TYR A 199 -22.10 -7.16 1.58
C TYR A 199 -20.90 -8.05 1.29
N VAL A 200 -21.00 -9.33 1.61
CA VAL A 200 -19.91 -10.26 1.37
C VAL A 200 -19.65 -10.38 -0.14
N THR A 201 -20.71 -10.61 -0.90
CA THR A 201 -20.59 -10.75 -2.34
C THR A 201 -20.15 -9.43 -2.99
N HIS A 202 -20.69 -8.31 -2.49
CA HIS A 202 -20.27 -7.01 -3.01
C HIS A 202 -18.81 -6.77 -2.76
N PHE A 203 -18.35 -7.21 -1.59
CA PHE A 203 -16.96 -7.11 -1.23
C PHE A 203 -16.10 -7.91 -2.16
N ARG A 204 -16.49 -9.17 -2.39
CA ARG A 204 -15.74 -10.02 -3.29
C ARG A 204 -15.66 -9.42 -4.70
N ASP A 205 -16.79 -8.99 -5.24
CA ASP A 205 -16.81 -8.34 -6.56
C ASP A 205 -15.89 -7.14 -6.59
N MET A 206 -15.99 -6.30 -5.57
CA MET A 206 -15.14 -5.13 -5.43
C MET A 206 -13.67 -5.51 -5.37
N ALA A 207 -13.36 -6.55 -4.61
CA ALA A 207 -11.99 -7.04 -4.48
C ALA A 207 -11.46 -7.52 -5.82
N THR A 208 -12.28 -8.22 -6.57
CA THR A 208 -11.95 -8.69 -7.90
C THR A 208 -11.64 -7.50 -8.82
N GLU A 209 -12.51 -6.48 -8.76
CA GLU A 209 -12.33 -5.25 -9.54
C GLU A 209 -11.03 -4.57 -9.15
N ALA A 210 -10.73 -4.60 -7.86
CA ALA A 210 -9.50 -4.04 -7.34
C ALA A 210 -8.29 -4.80 -7.88
N GLN A 211 -8.37 -6.14 -7.94
CA GLN A 211 -7.29 -6.96 -8.49
C GLN A 211 -7.01 -6.56 -9.93
N ASN A 212 -8.09 -6.37 -10.69
CA ASN A 212 -8.03 -5.93 -12.09
C ASN A 212 -7.33 -4.57 -12.17
N ALA A 213 -7.80 -3.65 -11.32
CA ALA A 213 -7.27 -2.31 -11.24
C ALA A 213 -5.77 -2.34 -10.93
N VAL A 214 -5.40 -3.07 -9.88
CA VAL A 214 -4.00 -3.22 -9.45
C VAL A 214 -3.14 -3.80 -10.56
N GLY A 215 -3.72 -4.71 -11.33
CA GLY A 215 -3.02 -5.28 -12.46
C GLY A 215 -2.67 -4.20 -13.46
N GLU A 216 -3.63 -3.34 -13.74
CA GLU A 216 -3.40 -2.23 -14.64
C GLU A 216 -2.43 -1.20 -14.00
N VAL A 217 -2.56 -0.97 -12.69
CA VAL A 217 -1.64 -0.05 -11.95
C VAL A 217 -0.21 -0.54 -12.10
N LYS A 218 -0.01 -1.83 -11.81
CA LYS A 218 1.29 -2.48 -11.89
C LYS A 218 1.82 -2.35 -13.31
N LYS A 219 0.95 -2.55 -14.28
CA LYS A 219 1.28 -2.45 -15.69
C LYS A 219 1.77 -1.04 -16.05
N ALA A 220 1.11 -0.03 -15.50
CA ALA A 220 1.49 1.35 -15.70
C ALA A 220 2.86 1.59 -15.09
N ILE A 221 3.07 1.08 -13.88
CA ILE A 221 4.35 1.18 -13.20
C ILE A 221 5.43 0.54 -14.06
N ASP A 222 5.16 -0.69 -14.51
CA ASP A 222 6.09 -1.44 -15.38
C ASP A 222 6.54 -0.62 -16.56
N ALA A 223 5.59 -0.02 -17.24
CA ALA A 223 5.86 0.80 -18.41
C ALA A 223 6.73 2.00 -18.06
N VAL A 224 6.36 2.70 -17.00
CA VAL A 224 7.07 3.90 -16.60
C VAL A 224 8.49 3.55 -16.08
N VAL A 225 8.65 2.36 -15.55
CA VAL A 225 9.97 1.91 -15.11
C VAL A 225 10.87 1.65 -16.33
N ALA A 226 10.36 0.85 -17.26
CA ALA A 226 11.13 0.48 -18.43
C ALA A 226 11.49 1.70 -19.27
N HIS A 227 10.49 2.55 -19.50
CA HIS A 227 10.68 3.75 -20.27
C HIS A 227 11.73 4.66 -19.62
N ARG A 228 11.66 4.83 -18.30
CA ARG A 228 12.60 5.73 -17.65
C ARG A 228 13.99 5.20 -17.59
N LYS A 229 14.16 3.90 -17.38
CA LYS A 229 15.51 3.37 -17.35
C LYS A 229 16.09 3.38 -18.77
N ALA A 230 15.20 3.39 -19.77
CA ALA A 230 15.59 3.57 -21.16
C ALA A 230 15.86 5.06 -21.46
N GLU A 231 15.41 5.96 -20.57
CA GLU A 231 15.69 7.38 -20.73
C GLU A 231 17.08 7.69 -20.16
N ASN A 232 17.65 6.67 -19.48
CA ASN A 232 18.97 6.73 -18.84
C ASN A 232 18.93 7.49 -17.54
N LEU A 233 17.77 7.47 -16.95
CA LEU A 233 17.54 8.02 -15.64
C LEU A 233 17.66 6.90 -14.65
N ASP A 234 17.96 7.23 -13.41
CA ASP A 234 18.14 6.21 -12.39
C ASP A 234 16.83 5.69 -11.87
N VAL A 235 16.47 4.56 -12.40
CA VAL A 235 15.29 3.84 -12.03
C VAL A 235 15.70 2.40 -11.81
N ASP A 236 15.25 1.83 -10.73
CA ASP A 236 15.64 0.47 -10.34
C ASP A 236 14.44 -0.45 -10.30
N ASP A 237 14.49 -1.54 -11.05
CA ASP A 237 13.40 -2.52 -11.13
C ASP A 237 13.06 -3.10 -9.78
N THR A 238 14.07 -3.37 -8.97
CA THR A 238 13.87 -4.01 -7.70
C THR A 238 13.09 -3.10 -6.74
N LEU A 239 13.48 -1.84 -6.68
CA LEU A 239 12.78 -0.81 -5.89
C LEU A 239 11.30 -0.78 -6.24
N PHE A 240 11.01 -0.73 -7.53
CA PHE A 240 9.64 -0.66 -7.98
C PHE A 240 8.91 -1.97 -7.79
N SER A 241 9.63 -3.07 -7.91
CA SER A 241 9.07 -4.37 -7.66
C SER A 241 8.69 -4.48 -6.19
N ASN A 242 9.53 -3.95 -5.30
CA ASN A 242 9.28 -3.99 -3.87
C ASN A 242 8.05 -3.20 -3.51
N LEU A 243 7.97 -1.97 -4.01
CA LEU A 243 6.80 -1.14 -3.72
C LEU A 243 5.55 -1.72 -4.35
N SER A 244 5.67 -2.28 -5.55
CA SER A 244 4.54 -2.86 -6.23
C SER A 244 4.03 -4.09 -5.47
N THR A 245 4.94 -4.97 -5.05
CA THR A 245 4.57 -6.16 -4.29
C THR A 245 3.92 -5.76 -2.95
N LEU A 246 4.44 -4.71 -2.34
CA LEU A 246 3.90 -4.22 -1.09
C LEU A 246 2.51 -3.59 -1.33
N LEU A 247 2.35 -2.99 -2.50
CA LEU A 247 1.06 -2.44 -2.93
C LEU A 247 0.04 -3.59 -3.01
N ASP A 248 0.47 -4.73 -3.58
CA ASP A 248 -0.36 -5.94 -3.64
C ASP A 248 -0.70 -6.41 -2.23
N THR A 249 0.29 -6.33 -1.33
CA THR A 249 0.11 -6.70 0.08
C THR A 249 -0.93 -5.79 0.76
N ILE A 250 -0.98 -4.53 0.36
CA ILE A 250 -1.95 -3.59 0.90
C ILE A 250 -3.35 -3.89 0.36
N ILE A 251 -3.42 -4.25 -0.91
CA ILE A 251 -4.69 -4.52 -1.54
C ILE A 251 -5.24 -5.90 -1.13
N GLU A 252 -4.36 -6.80 -0.77
CA GLU A 252 -4.83 -8.03 -0.24
C GLU A 252 -5.03 -7.85 1.22
N THR A 253 -6.22 -7.89 1.61
CA THR A 253 -6.49 -7.77 2.97
C THR A 253 -7.66 -8.68 3.31
N SER A 254 -7.27 -9.80 3.84
CA SER A 254 -8.12 -10.84 4.32
C SER A 254 -7.17 -11.72 5.10
N GLY A 1 29.64 11.83 -25.26
CA GLY A 1 29.74 13.24 -25.64
C GLY A 1 28.62 13.64 -26.57
N HIS A 2 27.45 13.82 -26.03
CA HIS A 2 26.29 14.19 -26.78
C HIS A 2 25.61 15.31 -26.06
N MET A 3 24.93 16.16 -26.79
CA MET A 3 24.18 17.26 -26.21
C MET A 3 22.75 16.76 -25.87
N GLN A 4 22.70 15.52 -25.47
CA GLN A 4 21.48 14.87 -25.07
C GLN A 4 21.68 14.25 -23.69
N PRO A 5 21.62 15.07 -22.64
CA PRO A 5 21.74 14.58 -21.30
C PRO A 5 20.38 14.15 -20.77
N ASN A 6 20.37 13.15 -19.94
CA ASN A 6 19.11 12.67 -19.37
C ASN A 6 19.02 13.12 -17.94
N ASN A 7 19.65 14.22 -17.63
CA ASN A 7 19.73 14.71 -16.28
C ASN A 7 18.39 15.34 -15.88
N GLU A 8 17.76 16.03 -16.82
CA GLU A 8 16.44 16.59 -16.61
C GLU A 8 15.41 15.47 -16.51
N SER A 9 15.65 14.42 -17.27
CA SER A 9 14.81 13.25 -17.24
C SER A 9 14.93 12.60 -15.85
N LYS A 10 16.14 12.61 -15.30
CA LYS A 10 16.39 12.09 -13.97
C LYS A 10 15.72 12.96 -12.92
N LYS A 11 15.59 14.26 -13.19
CA LYS A 11 14.87 15.16 -12.28
C LYS A 11 13.44 14.70 -12.15
N LYS A 12 12.81 14.49 -13.30
CA LYS A 12 11.43 14.04 -13.37
C LYS A 12 11.29 12.68 -12.70
N ALA A 13 12.27 11.82 -12.92
CA ALA A 13 12.32 10.50 -12.33
C ALA A 13 12.34 10.59 -10.80
N VAL A 14 13.26 11.38 -10.26
CA VAL A 14 13.39 11.55 -8.81
C VAL A 14 12.07 12.07 -8.22
N LYS A 15 11.47 13.05 -8.89
CA LYS A 15 10.19 13.60 -8.45
C LYS A 15 9.12 12.51 -8.42
N LEU A 16 9.08 11.73 -9.48
CA LEU A 16 8.14 10.64 -9.64
C LEU A 16 8.31 9.62 -8.52
N ASP A 17 9.52 9.14 -8.35
CA ASP A 17 9.81 8.12 -7.36
C ASP A 17 9.57 8.64 -5.95
N LEU A 18 9.74 9.96 -5.74
CA LEU A 18 9.40 10.59 -4.47
C LEU A 18 7.90 10.47 -4.23
N ASP A 19 7.11 10.79 -5.26
CA ASP A 19 5.65 10.69 -5.20
C ASP A 19 5.22 9.28 -4.90
N LEU A 20 5.86 8.33 -5.56
CA LEU A 20 5.58 6.92 -5.34
C LEU A 20 5.89 6.52 -3.92
N MET A 21 7.10 6.81 -3.47
CA MET A 21 7.54 6.48 -2.10
C MET A 21 6.61 7.13 -1.08
N LYS A 22 6.26 8.38 -1.33
CA LYS A 22 5.37 9.15 -0.48
C LYS A 22 4.03 8.47 -0.30
N GLU A 23 3.36 8.20 -1.39
CA GLU A 23 2.06 7.62 -1.30
C GLU A 23 2.12 6.18 -0.85
N THR A 24 3.20 5.51 -1.14
CA THR A 24 3.40 4.16 -0.68
C THR A 24 3.54 4.13 0.85
N LYS A 25 4.32 5.05 1.42
CA LYS A 25 4.50 5.05 2.87
C LYS A 25 3.21 5.49 3.53
N ASN A 26 2.46 6.36 2.84
CA ASN A 26 1.16 6.80 3.34
C ASN A 26 0.17 5.65 3.37
N VAL A 27 0.16 4.85 2.31
CA VAL A 27 -0.68 3.64 2.26
C VAL A 27 -0.29 2.69 3.38
N CYS A 28 1.01 2.41 3.48
CA CYS A 28 1.52 1.50 4.50
C CYS A 28 1.16 1.95 5.92
N THR A 29 1.34 3.24 6.19
CA THR A 29 1.02 3.81 7.50
C THR A 29 -0.48 3.68 7.77
N THR A 30 -1.28 3.87 6.74
CA THR A 30 -2.71 3.74 6.85
C THR A 30 -3.08 2.29 7.16
N VAL A 31 -2.59 1.36 6.34
CA VAL A 31 -2.87 -0.07 6.49
C VAL A 31 -2.44 -0.53 7.87
N ASN A 32 -1.26 -0.11 8.27
CA ASN A 32 -0.73 -0.44 9.58
C ASN A 32 -1.64 0.06 10.68
N THR A 33 -1.97 1.34 10.66
CA THR A 33 -2.81 1.92 11.70
C THR A 33 -4.20 1.25 11.76
N LYS A 34 -4.79 0.98 10.60
CA LYS A 34 -6.09 0.38 10.55
C LYS A 34 -6.06 -1.06 11.03
N LEU A 35 -5.06 -1.82 10.63
CA LEU A 35 -4.99 -3.20 11.03
C LEU A 35 -4.49 -3.36 12.45
N VAL A 36 -3.70 -2.42 12.94
CA VAL A 36 -3.29 -2.40 14.34
C VAL A 36 -4.51 -2.12 15.21
N GLY A 37 -5.29 -1.15 14.78
CA GLY A 37 -6.49 -0.79 15.49
C GLY A 37 -7.47 -1.93 15.53
N LYS A 38 -7.60 -2.62 14.43
CA LYS A 38 -8.50 -3.74 14.39
C LYS A 38 -7.91 -4.98 15.05
N ALA A 39 -6.59 -5.13 15.01
CA ALA A 39 -5.93 -6.23 15.72
C ALA A 39 -6.21 -6.11 17.20
N LYS A 40 -6.03 -4.90 17.75
CA LYS A 40 -6.28 -4.70 19.17
C LYS A 40 -7.77 -4.76 19.48
N SER A 41 -8.59 -4.31 18.54
CA SER A 41 -10.01 -4.38 18.71
C SER A 41 -10.44 -5.86 18.74
N LYS A 42 -9.84 -6.67 17.87
CA LYS A 42 -10.06 -8.07 17.87
C LYS A 42 -9.47 -8.75 19.12
N LEU A 43 -8.34 -8.23 19.63
CA LEU A 43 -7.77 -8.72 20.90
C LEU A 43 -8.76 -8.50 22.03
N ASN A 44 -9.52 -7.43 21.93
CA ASN A 44 -10.56 -7.10 22.90
C ASN A 44 -11.78 -8.01 22.74
N LYS A 45 -11.83 -8.76 21.64
CA LYS A 45 -12.91 -9.69 21.38
C LYS A 45 -12.64 -11.01 22.11
N LEU A 46 -11.39 -11.20 22.51
CA LEU A 46 -11.02 -12.36 23.27
C LEU A 46 -11.48 -12.20 24.69
N GLU A 47 -11.67 -13.30 25.35
CA GLU A 47 -12.14 -13.36 26.74
C GLU A 47 -11.40 -12.44 27.70
N GLY A 48 -10.11 -12.38 27.58
CA GLY A 48 -9.36 -11.52 28.44
C GLY A 48 -8.22 -12.24 29.05
N GLU A 49 -8.32 -12.55 30.34
CA GLU A 49 -7.23 -13.21 31.06
C GLU A 49 -7.00 -14.64 30.57
N SER A 50 -7.95 -15.14 29.84
CA SER A 50 -7.87 -16.44 29.23
C SER A 50 -6.83 -16.42 28.08
N HIS A 51 -6.63 -15.24 27.47
CA HIS A 51 -5.69 -15.07 26.36
C HIS A 51 -4.78 -13.89 26.59
N LYS A 52 -4.57 -13.54 27.85
CA LYS A 52 -3.84 -12.31 28.19
C LYS A 52 -2.39 -12.37 27.78
N GLU A 53 -1.79 -13.53 27.91
CA GLU A 53 -0.39 -13.70 27.53
C GLU A 53 -0.24 -13.51 26.03
N TYR A 54 -1.22 -13.99 25.29
CA TYR A 54 -1.25 -13.86 23.86
C TYR A 54 -1.46 -12.41 23.48
N VAL A 55 -2.42 -11.78 24.13
CA VAL A 55 -2.73 -10.39 23.90
C VAL A 55 -1.51 -9.50 24.19
N ALA A 56 -0.83 -9.79 25.29
CA ALA A 56 0.38 -9.07 25.65
C ALA A 56 1.44 -9.23 24.58
N GLU A 57 1.76 -10.49 24.23
CA GLU A 57 2.74 -10.79 23.21
C GLU A 57 2.45 -10.12 21.90
N LYS A 58 1.22 -10.20 21.46
CA LYS A 58 0.85 -9.57 20.22
C LYS A 58 0.97 -8.08 20.28
N THR A 59 0.53 -7.45 21.37
CA THR A 59 0.66 -6.01 21.51
C THR A 59 2.14 -5.60 21.47
N LYS A 60 2.98 -6.35 22.19
CA LYS A 60 4.45 -6.14 22.20
C LYS A 60 5.04 -6.25 20.81
N GLU A 61 4.56 -7.23 20.06
CA GLU A 61 5.09 -7.52 18.73
C GLU A 61 4.63 -6.42 17.77
N ILE A 62 3.41 -5.95 17.98
CA ILE A 62 2.87 -4.81 17.25
C ILE A 62 3.70 -3.59 17.53
N ASP A 63 4.02 -3.35 18.81
CA ASP A 63 4.84 -2.23 19.23
C ASP A 63 6.18 -2.26 18.55
N GLU A 64 6.79 -3.44 18.48
CA GLU A 64 8.07 -3.61 17.82
C GLU A 64 8.01 -3.22 16.38
N LYS A 65 7.07 -3.82 15.67
CA LYS A 65 6.91 -3.53 14.27
C LYS A 65 6.52 -2.10 14.05
N ASN A 66 5.75 -1.56 14.95
CA ASN A 66 5.34 -0.18 14.84
C ASN A 66 6.45 0.77 15.05
N LYS A 67 7.25 0.57 16.06
CA LYS A 67 8.34 1.51 16.28
C LYS A 67 9.33 1.45 15.13
N LYS A 68 9.66 0.25 14.70
CA LYS A 68 10.60 0.05 13.63
C LYS A 68 10.06 0.56 12.30
N PHE A 69 8.85 0.17 11.94
CA PHE A 69 8.24 0.64 10.70
C PHE A 69 8.07 2.16 10.71
N ASN A 70 7.63 2.69 11.83
CA ASN A 70 7.37 4.11 11.92
C ASN A 70 8.64 4.94 11.93
N GLU A 71 9.74 4.36 12.37
CA GLU A 71 11.01 5.08 12.26
C GLU A 71 11.61 4.89 10.86
N ASN A 72 11.36 3.73 10.27
CA ASN A 72 11.86 3.42 8.92
C ASN A 72 11.20 4.27 7.87
N LEU A 73 9.94 4.62 8.06
CA LEU A 73 9.27 5.48 7.09
C LEU A 73 9.90 6.89 7.08
N VAL A 74 10.30 7.35 8.26
CA VAL A 74 10.97 8.65 8.41
C VAL A 74 12.38 8.55 7.81
N LYS A 75 12.86 7.33 7.73
CA LYS A 75 14.17 7.02 7.22
C LYS A 75 14.15 6.96 5.69
N ILE A 76 13.14 6.35 5.13
CA ILE A 76 13.00 6.29 3.68
C ILE A 76 12.70 7.66 3.10
N GLU A 77 11.95 8.49 3.84
CA GLU A 77 11.66 9.82 3.37
C GLU A 77 12.81 10.79 3.67
N LYS A 78 13.81 10.26 4.35
CA LYS A 78 15.01 10.99 4.69
C LYS A 78 15.95 10.87 3.48
N ARG A 79 16.26 11.99 2.89
CA ARG A 79 16.87 12.00 1.58
C ARG A 79 18.31 12.49 1.61
N LYS A 80 18.99 12.29 0.51
CA LYS A 80 20.36 12.74 0.31
C LYS A 80 20.31 13.99 -0.55
N LYS A 81 21.20 14.90 -0.33
CA LYS A 81 21.25 16.11 -1.11
C LYS A 81 22.39 16.06 -2.10
N ILE A 82 22.05 16.13 -3.37
CA ILE A 82 23.05 16.10 -4.43
C ILE A 82 22.81 17.25 -5.39
N LYS A 83 23.73 17.44 -6.30
CA LYS A 83 23.68 18.51 -7.28
C LYS A 83 23.04 17.98 -8.58
N VAL A 84 21.86 18.48 -8.89
CA VAL A 84 21.07 18.03 -10.06
C VAL A 84 20.19 19.19 -10.55
N PRO A 85 20.26 19.54 -11.85
CA PRO A 85 21.13 18.88 -12.82
C PRO A 85 22.57 19.30 -12.64
N ALA A 86 23.44 18.56 -13.25
CA ALA A 86 24.89 18.75 -13.13
C ALA A 86 25.32 20.08 -13.75
N ASP A 87 24.47 20.59 -14.58
CA ASP A 87 24.69 21.83 -15.28
C ASP A 87 24.64 23.00 -14.33
N THR A 88 23.61 23.03 -13.52
CA THR A 88 23.43 24.13 -12.60
C THR A 88 24.00 23.80 -11.23
N GLY A 89 23.93 22.54 -10.85
CA GLY A 89 24.46 22.13 -9.59
C GLY A 89 23.49 22.40 -8.46
N ALA A 90 22.23 22.43 -8.80
CA ALA A 90 21.19 22.76 -7.87
C ALA A 90 21.03 21.64 -6.85
N GLU A 91 20.86 22.00 -5.60
CA GLU A 91 20.71 21.04 -4.56
C GLU A 91 19.30 20.47 -4.59
N VAL A 92 19.19 19.19 -4.74
CA VAL A 92 17.92 18.54 -4.69
C VAL A 92 18.05 17.31 -3.80
N ASP A 93 16.96 16.93 -3.19
CA ASP A 93 16.94 15.77 -2.32
C ASP A 93 16.53 14.53 -3.10
N ALA A 94 17.30 13.49 -2.93
CA ALA A 94 17.08 12.23 -3.56
C ALA A 94 16.70 11.23 -2.50
N VAL A 95 15.76 10.37 -2.81
CA VAL A 95 15.16 9.48 -1.82
C VAL A 95 16.14 8.39 -1.34
N ASP A 96 17.21 8.19 -2.11
CA ASP A 96 18.31 7.24 -1.86
C ASP A 96 17.96 5.83 -2.32
N ASP A 97 18.97 5.08 -2.67
CA ASP A 97 18.85 3.73 -3.22
C ASP A 97 18.33 2.76 -2.19
N GLY A 98 18.56 3.09 -0.91
CA GLY A 98 18.20 2.23 0.21
C GLY A 98 16.73 1.96 0.33
N VAL A 99 15.93 2.77 -0.36
CA VAL A 99 14.48 2.61 -0.37
C VAL A 99 14.07 1.22 -0.87
N ALA A 100 14.84 0.62 -1.75
CA ALA A 100 14.52 -0.72 -2.26
C ALA A 100 14.55 -1.75 -1.12
N GLY A 101 15.66 -1.76 -0.39
CA GLY A 101 15.82 -2.65 0.73
C GLY A 101 14.83 -2.33 1.82
N ALA A 102 14.59 -1.04 1.99
CA ALA A 102 13.64 -0.57 2.96
C ALA A 102 12.23 -0.98 2.58
N LEU A 103 11.91 -1.01 1.28
CA LEU A 103 10.62 -1.51 0.81
C LEU A 103 10.46 -2.93 1.23
N SER A 104 11.50 -3.74 1.01
CA SER A 104 11.46 -5.13 1.46
C SER A 104 11.30 -5.21 3.00
N ASP A 105 11.92 -4.28 3.74
CA ASP A 105 11.78 -4.25 5.20
C ASP A 105 10.37 -3.96 5.59
N LEU A 106 9.85 -2.84 5.12
CA LEU A 106 8.51 -2.39 5.47
C LEU A 106 7.45 -3.35 4.94
N SER A 107 7.70 -3.93 3.77
CA SER A 107 6.85 -4.98 3.24
C SER A 107 6.71 -6.11 4.26
N SER A 108 7.84 -6.55 4.79
CA SER A 108 7.85 -7.61 5.75
C SER A 108 7.16 -7.16 7.05
N ASP A 109 7.34 -5.88 7.41
CA ASP A 109 6.72 -5.32 8.61
C ASP A 109 5.21 -5.24 8.47
N ILE A 110 4.76 -4.73 7.34
CA ILE A 110 3.32 -4.61 7.07
C ILE A 110 2.69 -5.98 6.94
N SER A 111 3.38 -6.89 6.25
CA SER A 111 2.93 -8.24 6.10
C SER A 111 2.81 -8.88 7.48
N ALA A 112 3.82 -8.66 8.32
CA ALA A 112 3.82 -9.17 9.68
C ALA A 112 2.63 -8.63 10.44
N ILE A 113 2.49 -7.31 10.49
CA ILE A 113 1.36 -6.65 11.18
C ILE A 113 0.02 -7.24 10.74
N LYS A 114 -0.15 -7.41 9.44
CA LYS A 114 -1.40 -7.91 8.95
C LYS A 114 -1.58 -9.39 9.34
N THR A 115 -0.47 -10.12 9.35
CA THR A 115 -0.46 -11.53 9.74
C THR A 115 -0.79 -11.65 11.25
N LEU A 116 -0.31 -10.68 12.02
CA LEU A 116 -0.66 -10.60 13.43
C LEU A 116 -2.15 -10.48 13.57
N THR A 117 -2.75 -9.56 12.82
CA THR A 117 -4.18 -9.38 12.83
C THR A 117 -4.89 -10.71 12.39
N ASP A 118 -4.29 -11.45 11.42
CA ASP A 118 -4.83 -12.79 11.00
C ASP A 118 -4.86 -13.72 12.18
N ASP A 119 -3.70 -13.90 12.82
CA ASP A 119 -3.57 -14.80 13.98
C ASP A 119 -4.51 -14.43 15.08
N VAL A 120 -4.72 -13.14 15.27
CA VAL A 120 -5.65 -12.67 16.27
C VAL A 120 -7.05 -13.11 15.89
N SER A 121 -7.42 -12.87 14.64
CA SER A 121 -8.74 -13.17 14.10
C SER A 121 -9.05 -14.68 14.21
N GLU A 122 -8.02 -15.50 14.06
CA GLU A 122 -8.15 -16.94 14.26
C GLU A 122 -8.62 -17.21 15.68
N LYS A 123 -7.90 -16.66 16.64
CA LYS A 123 -8.24 -16.83 18.04
C LYS A 123 -9.55 -16.11 18.41
N VAL A 124 -9.92 -15.15 17.63
CA VAL A 124 -11.20 -14.51 17.78
C VAL A 124 -12.29 -15.48 17.35
N SER A 125 -12.01 -16.27 16.32
CA SER A 125 -12.99 -17.17 15.75
C SER A 125 -13.39 -18.26 16.76
N GLU A 126 -12.44 -18.69 17.56
CA GLU A 126 -12.71 -19.71 18.58
C GLU A 126 -13.44 -19.12 19.79
N ASN A 127 -13.36 -17.80 19.97
CA ASN A 127 -14.07 -17.16 21.07
C ASN A 127 -15.48 -16.77 20.65
N LEU A 128 -15.62 -16.45 19.38
CA LEU A 128 -16.89 -15.99 18.83
C LEU A 128 -17.96 -17.03 18.79
N LYS A 129 -19.11 -16.66 19.31
CA LYS A 129 -20.33 -17.39 19.09
C LYS A 129 -20.86 -17.11 17.73
N ASP A 130 -21.91 -17.77 17.39
CA ASP A 130 -22.53 -17.60 16.07
C ASP A 130 -23.08 -16.21 15.94
N ASP A 131 -23.69 -15.76 17.01
CA ASP A 131 -24.26 -14.42 17.06
C ASP A 131 -23.17 -13.42 16.92
N GLU A 132 -22.09 -13.62 17.67
CA GLU A 132 -20.95 -12.73 17.59
C GLU A 132 -20.33 -12.76 16.21
N ALA A 133 -20.14 -13.97 15.68
CA ALA A 133 -19.50 -14.18 14.37
C ALA A 133 -20.29 -13.51 13.26
N SER A 134 -21.60 -13.55 13.36
CA SER A 134 -22.46 -12.92 12.38
C SER A 134 -22.22 -11.39 12.35
N ALA A 135 -22.12 -10.79 13.53
CA ALA A 135 -21.89 -9.35 13.63
C ALA A 135 -20.44 -9.00 13.29
N THR A 136 -19.53 -9.85 13.70
CA THR A 136 -18.14 -9.66 13.45
C THR A 136 -17.82 -9.79 11.95
N GLU A 137 -18.60 -10.62 11.24
CA GLU A 137 -18.47 -10.78 9.79
C GLU A 137 -18.62 -9.43 9.12
N HIS A 138 -19.72 -8.75 9.44
CA HIS A 138 -19.99 -7.40 8.92
C HIS A 138 -18.86 -6.45 9.29
N THR A 139 -18.35 -6.59 10.49
CA THR A 139 -17.30 -5.75 10.99
C THR A 139 -16.01 -5.96 10.17
N ASP A 140 -15.61 -7.21 9.97
CA ASP A 140 -14.42 -7.53 9.19
C ASP A 140 -14.60 -7.15 7.73
N ILE A 141 -15.77 -7.42 7.19
CA ILE A 141 -16.07 -7.04 5.82
C ILE A 141 -15.96 -5.53 5.64
N LYS A 142 -16.54 -4.78 6.57
CA LYS A 142 -16.52 -3.35 6.49
C LYS A 142 -15.10 -2.78 6.57
N GLU A 143 -14.32 -3.27 7.53
CA GLU A 143 -12.96 -2.76 7.72
C GLU A 143 -12.07 -3.09 6.54
N LYS A 144 -12.21 -4.29 5.98
CA LYS A 144 -11.37 -4.68 4.88
C LYS A 144 -11.77 -3.92 3.63
N ALA A 145 -13.07 -3.64 3.49
CA ALA A 145 -13.56 -2.84 2.39
C ALA A 145 -13.04 -1.40 2.51
N THR A 146 -13.08 -0.89 3.72
CA THR A 146 -12.58 0.44 4.01
C THR A 146 -11.08 0.50 3.69
N LEU A 147 -10.37 -0.54 4.11
CA LEU A 147 -8.95 -0.67 3.89
C LEU A 147 -8.65 -0.66 2.38
N LEU A 148 -9.44 -1.38 1.61
CA LEU A 148 -9.31 -1.41 0.15
C LEU A 148 -9.45 -0.02 -0.43
N GLN A 149 -10.44 0.71 0.04
CA GLN A 149 -10.64 2.09 -0.41
C GLN A 149 -9.44 2.96 0.00
N GLU A 150 -9.06 2.90 1.27
CA GLU A 150 -7.96 3.70 1.81
C GLU A 150 -6.64 3.42 1.09
N SER A 151 -6.38 2.17 0.78
CA SER A 151 -5.18 1.81 0.09
C SER A 151 -5.22 2.26 -1.38
N CYS A 152 -6.37 2.05 -2.02
CA CYS A 152 -6.55 2.44 -3.41
C CYS A 152 -6.47 3.95 -3.59
N ASN A 153 -6.78 4.71 -2.54
CA ASN A 153 -6.59 6.17 -2.58
C ASN A 153 -5.14 6.53 -2.78
N GLY A 154 -4.26 5.80 -2.13
CA GLY A 154 -2.85 6.03 -2.29
C GLY A 154 -2.37 5.52 -3.63
N ILE A 155 -2.77 4.28 -3.93
CA ILE A 155 -2.42 3.61 -5.20
C ILE A 155 -2.87 4.46 -6.39
N GLY A 156 -4.06 5.01 -6.29
CA GLY A 156 -4.61 5.85 -7.32
C GLY A 156 -3.84 7.13 -7.51
N THR A 157 -3.29 7.66 -6.44
CA THR A 157 -2.56 8.91 -6.53
C THR A 157 -1.22 8.64 -7.18
N ILE A 158 -0.67 7.48 -6.85
CA ILE A 158 0.55 7.00 -7.45
C ILE A 158 0.32 6.86 -8.94
N LEU A 159 -0.72 6.12 -9.32
CA LEU A 159 -1.06 5.94 -10.74
C LEU A 159 -1.32 7.28 -11.41
N ASP A 160 -2.10 8.14 -10.77
CA ASP A 160 -2.37 9.47 -11.31
C ASP A 160 -1.15 10.31 -11.50
N LYS A 161 -0.12 10.09 -10.75
CA LYS A 161 1.11 10.82 -10.96
C LYS A 161 2.00 10.09 -11.96
N LEU A 162 1.99 8.77 -11.87
CA LEU A 162 2.78 7.89 -12.71
C LEU A 162 2.35 8.03 -14.17
N ALA A 163 1.04 8.01 -14.40
CA ALA A 163 0.47 8.06 -15.72
C ALA A 163 0.73 9.39 -16.41
N GLU A 164 1.16 10.39 -15.66
CA GLU A 164 1.47 11.68 -16.25
C GLU A 164 2.89 11.65 -16.74
N TYR A 165 3.73 10.88 -16.04
CA TYR A 165 5.13 10.80 -16.40
C TYR A 165 5.23 10.13 -17.73
N LEU A 166 4.49 9.07 -17.88
CA LEU A 166 4.45 8.38 -19.11
C LEU A 166 3.01 8.35 -19.60
N ASN A 167 2.49 9.51 -19.94
CA ASN A 167 1.18 9.59 -20.54
C ASN A 167 1.22 9.05 -21.96
N ASN A 168 0.70 7.86 -22.13
CA ASN A 168 0.66 7.23 -23.43
C ASN A 168 -0.61 6.43 -23.52
N ASP A 169 -0.78 5.71 -24.60
CA ASP A 169 -2.01 4.96 -24.82
C ASP A 169 -2.15 3.82 -23.85
N THR A 170 -1.05 3.19 -23.50
CA THR A 170 -1.06 2.08 -22.56
C THR A 170 -1.52 2.56 -21.18
N THR A 171 -0.94 3.66 -20.72
CA THR A 171 -1.27 4.18 -19.42
C THR A 171 -2.67 4.76 -19.38
N GLN A 172 -3.16 5.30 -20.50
CA GLN A 172 -4.51 5.81 -20.54
C GLN A 172 -5.55 4.71 -20.44
N ASN A 173 -5.25 3.56 -21.03
CA ASN A 173 -6.17 2.40 -20.93
C ASN A 173 -6.29 1.99 -19.48
N ILE A 174 -5.15 1.91 -18.85
CA ILE A 174 -5.03 1.60 -17.44
C ILE A 174 -5.72 2.65 -16.60
N LYS A 175 -5.41 3.91 -16.85
CA LYS A 175 -5.94 5.01 -16.08
C LYS A 175 -7.47 5.08 -16.22
N LYS A 176 -7.98 4.87 -17.43
CA LYS A 176 -9.42 4.94 -17.63
C LYS A 176 -10.13 3.74 -16.99
N GLU A 177 -9.49 2.57 -17.06
CA GLU A 177 -10.05 1.40 -16.43
C GLU A 177 -9.93 1.48 -14.93
N PHE A 178 -8.88 2.12 -14.47
CA PHE A 178 -8.67 2.34 -13.07
C PHE A 178 -9.71 3.29 -12.56
N ASP A 179 -9.95 4.36 -13.31
CA ASP A 179 -11.00 5.34 -12.95
C ASP A 179 -12.32 4.67 -12.82
N GLU A 180 -12.66 3.85 -13.80
CA GLU A 180 -13.93 3.13 -13.78
C GLU A 180 -14.00 2.22 -12.54
N ARG A 181 -12.96 1.44 -12.32
CA ARG A 181 -12.88 0.54 -11.16
C ARG A 181 -12.91 1.29 -9.85
N LYS A 182 -12.28 2.44 -9.83
CA LYS A 182 -12.22 3.32 -8.67
C LYS A 182 -13.61 3.88 -8.37
N LYS A 183 -14.35 4.24 -9.41
CA LYS A 183 -15.72 4.70 -9.26
C LYS A 183 -16.59 3.56 -8.76
N ASN A 184 -16.37 2.36 -9.29
CA ASN A 184 -17.07 1.16 -8.83
C ASN A 184 -16.73 0.91 -7.39
N LEU A 185 -15.44 0.94 -7.10
CA LEU A 185 -14.87 0.71 -5.77
C LEU A 185 -15.55 1.57 -4.72
N THR A 186 -15.65 2.84 -5.00
CA THR A 186 -16.26 3.80 -4.10
C THR A 186 -17.78 3.55 -3.96
N SER A 187 -18.37 3.04 -5.01
CA SER A 187 -19.77 2.73 -5.02
C SER A 187 -20.01 1.49 -4.13
N LEU A 188 -19.16 0.47 -4.29
CA LEU A 188 -19.25 -0.72 -3.46
C LEU A 188 -18.94 -0.37 -2.02
N LYS A 189 -17.94 0.48 -1.82
CA LYS A 189 -17.55 1.00 -0.50
C LYS A 189 -18.75 1.56 0.25
N THR A 190 -19.60 2.24 -0.47
CA THR A 190 -20.78 2.81 0.12
C THR A 190 -21.81 1.69 0.43
N LYS A 191 -21.95 0.74 -0.49
CA LYS A 191 -22.89 -0.39 -0.36
C LYS A 191 -22.49 -1.32 0.78
N VAL A 192 -21.20 -1.53 0.94
CA VAL A 192 -20.67 -2.42 1.99
C VAL A 192 -20.95 -1.85 3.38
N GLU A 193 -21.01 -0.53 3.48
CA GLU A 193 -21.33 0.07 4.76
C GLU A 193 -22.84 0.12 5.01
N ASN A 194 -23.60 -0.39 4.08
CA ASN A 194 -25.01 -0.57 4.27
C ASN A 194 -25.25 -1.98 4.74
N LYS A 195 -25.37 -2.14 6.04
CA LYS A 195 -25.56 -3.46 6.67
C LYS A 195 -26.85 -4.14 6.21
N ASP A 196 -27.77 -3.33 5.74
CA ASP A 196 -29.07 -3.81 5.28
C ASP A 196 -28.94 -4.39 3.87
N GLU A 197 -27.85 -4.08 3.21
CA GLU A 197 -27.54 -4.60 1.90
C GLU A 197 -26.68 -5.82 2.08
N ASP A 198 -26.42 -6.56 1.02
CA ASP A 198 -25.54 -7.70 1.20
C ASP A 198 -24.11 -7.28 1.00
N TYR A 199 -23.59 -6.70 2.04
CA TYR A 199 -22.24 -6.16 2.09
C TYR A 199 -21.19 -7.21 1.73
N VAL A 200 -21.48 -8.49 1.99
CA VAL A 200 -20.55 -9.56 1.68
C VAL A 200 -20.32 -9.62 0.15
N THR A 201 -21.42 -9.67 -0.61
CA THR A 201 -21.38 -9.69 -2.07
C THR A 201 -20.71 -8.42 -2.62
N HIS A 202 -21.06 -7.29 -2.03
CA HIS A 202 -20.52 -6.01 -2.45
C HIS A 202 -19.01 -5.94 -2.20
N PHE A 203 -18.58 -6.53 -1.09
CA PHE A 203 -17.16 -6.62 -0.76
C PHE A 203 -16.44 -7.45 -1.79
N ARG A 204 -17.03 -8.57 -2.15
CA ARG A 204 -16.49 -9.46 -3.17
C ARG A 204 -16.23 -8.70 -4.47
N ASP A 205 -17.25 -7.95 -4.94
CA ASP A 205 -17.10 -7.12 -6.15
C ASP A 205 -16.01 -6.11 -5.97
N MET A 206 -16.06 -5.41 -4.86
CA MET A 206 -15.10 -4.37 -4.51
C MET A 206 -13.67 -4.92 -4.52
N ALA A 207 -13.48 -6.08 -3.91
CA ALA A 207 -12.20 -6.74 -3.85
C ALA A 207 -11.70 -7.08 -5.25
N THR A 208 -12.59 -7.64 -6.07
CA THR A 208 -12.27 -8.02 -7.42
C THR A 208 -11.82 -6.79 -8.25
N GLU A 209 -12.59 -5.71 -8.16
CA GLU A 209 -12.29 -4.47 -8.85
C GLU A 209 -10.96 -3.90 -8.40
N ALA A 210 -10.70 -3.99 -7.09
CA ALA A 210 -9.46 -3.52 -6.52
C ALA A 210 -8.27 -4.27 -7.09
N GLN A 211 -8.35 -5.60 -7.14
CA GLN A 211 -7.26 -6.42 -7.67
C GLN A 211 -7.02 -6.08 -9.13
N ASN A 212 -8.11 -5.90 -9.88
CA ASN A 212 -8.02 -5.52 -11.30
C ASN A 212 -7.29 -4.22 -11.44
N ALA A 213 -7.78 -3.22 -10.73
CA ALA A 213 -7.29 -1.86 -10.81
C ALA A 213 -5.83 -1.78 -10.43
N VAL A 214 -5.47 -2.40 -9.33
CA VAL A 214 -4.13 -2.30 -8.86
C VAL A 214 -3.19 -3.17 -9.73
N GLY A 215 -3.74 -4.22 -10.35
CA GLY A 215 -2.96 -5.01 -11.27
C GLY A 215 -2.57 -4.18 -12.48
N GLU A 216 -3.52 -3.36 -12.93
CA GLU A 216 -3.28 -2.45 -14.05
C GLU A 216 -2.23 -1.41 -13.65
N VAL A 217 -2.29 -0.95 -12.39
CA VAL A 217 -1.29 -0.01 -11.86
C VAL A 217 0.10 -0.65 -11.92
N LYS A 218 0.19 -1.90 -11.49
CA LYS A 218 1.44 -2.63 -11.51
C LYS A 218 1.97 -2.79 -12.95
N LYS A 219 1.05 -2.95 -13.89
CA LYS A 219 1.37 -2.98 -15.32
C LYS A 219 2.02 -1.65 -15.75
N ALA A 220 1.38 -0.55 -15.33
CA ALA A 220 1.87 0.79 -15.63
C ALA A 220 3.25 1.02 -15.04
N ILE A 221 3.48 0.49 -13.84
CA ILE A 221 4.79 0.59 -13.19
C ILE A 221 5.85 -0.04 -14.09
N ASP A 222 5.63 -1.28 -14.50
CA ASP A 222 6.60 -1.99 -15.38
C ASP A 222 6.84 -1.24 -16.67
N ALA A 223 5.79 -0.62 -17.19
CA ALA A 223 5.89 0.20 -18.40
C ALA A 223 6.82 1.40 -18.20
N VAL A 224 6.61 2.12 -17.11
CA VAL A 224 7.39 3.31 -16.80
C VAL A 224 8.85 2.94 -16.46
N VAL A 225 9.04 1.76 -15.87
CA VAL A 225 10.39 1.26 -15.60
C VAL A 225 11.11 1.03 -16.91
N ALA A 226 10.43 0.35 -17.83
CA ALA A 226 10.97 0.05 -19.15
C ALA A 226 11.27 1.33 -19.91
N HIS A 227 10.32 2.25 -19.90
CA HIS A 227 10.48 3.53 -20.58
C HIS A 227 11.69 4.31 -20.07
N ARG A 228 11.91 4.29 -18.77
CA ARG A 228 13.02 5.01 -18.23
C ARG A 228 14.34 4.38 -18.60
N LYS A 229 14.45 3.06 -18.49
CA LYS A 229 15.69 2.38 -18.84
C LYS A 229 15.96 2.47 -20.35
N ALA A 230 14.90 2.68 -21.13
CA ALA A 230 15.01 2.90 -22.56
C ALA A 230 15.67 4.24 -22.83
N GLU A 231 15.43 5.21 -21.96
CA GLU A 231 16.01 6.53 -22.13
C GLU A 231 17.38 6.57 -21.48
N ASN A 232 17.63 5.56 -20.67
CA ASN A 232 18.86 5.37 -19.93
C ASN A 232 18.99 6.28 -18.75
N LEU A 233 18.06 6.13 -17.86
CA LEU A 233 18.07 6.78 -16.58
C LEU A 233 18.43 5.75 -15.57
N ASP A 234 18.97 6.18 -14.46
CA ASP A 234 19.36 5.26 -13.40
C ASP A 234 18.13 4.73 -12.69
N VAL A 235 17.63 3.65 -13.23
CA VAL A 235 16.44 2.99 -12.74
C VAL A 235 16.75 1.55 -12.41
N ASP A 236 16.44 1.17 -11.20
CA ASP A 236 16.69 -0.17 -10.70
C ASP A 236 15.42 -0.99 -10.63
N ASP A 237 15.45 -2.15 -11.28
CA ASP A 237 14.29 -3.06 -11.31
C ASP A 237 13.94 -3.59 -9.94
N THR A 238 14.96 -3.76 -9.09
CA THR A 238 14.80 -4.32 -7.77
C THR A 238 13.81 -3.48 -6.95
N LEU A 239 14.01 -2.18 -6.96
CA LEU A 239 13.16 -1.20 -6.28
C LEU A 239 11.69 -1.40 -6.63
N PHE A 240 11.40 -1.43 -7.91
CA PHE A 240 10.03 -1.52 -8.37
C PHE A 240 9.47 -2.91 -8.16
N SER A 241 10.33 -3.90 -8.17
CA SER A 241 9.93 -5.25 -7.93
C SER A 241 9.55 -5.40 -6.44
N ASN A 242 10.34 -4.78 -5.55
CA ASN A 242 10.04 -4.84 -4.11
C ASN A 242 8.76 -4.07 -3.82
N LEU A 243 8.61 -2.96 -4.52
CA LEU A 243 7.43 -2.16 -4.47
C LEU A 243 6.22 -2.98 -4.87
N SER A 244 6.31 -3.63 -6.02
CA SER A 244 5.23 -4.47 -6.53
C SER A 244 4.89 -5.62 -5.58
N THR A 245 5.89 -6.18 -4.93
CA THR A 245 5.67 -7.27 -3.99
C THR A 245 4.90 -6.74 -2.75
N LEU A 246 5.26 -5.55 -2.31
CA LEU A 246 4.59 -4.93 -1.20
C LEU A 246 3.18 -4.51 -1.65
N LEU A 247 3.06 -4.06 -2.90
CA LEU A 247 1.79 -3.72 -3.53
C LEU A 247 0.83 -4.92 -3.46
N ASP A 248 1.32 -6.08 -3.86
CA ASP A 248 0.56 -7.34 -3.78
C ASP A 248 0.15 -7.63 -2.34
N THR A 249 1.09 -7.45 -1.43
CA THR A 249 0.86 -7.65 -0.01
C THR A 249 -0.26 -6.72 0.50
N ILE A 250 -0.27 -5.48 0.03
CA ILE A 250 -1.28 -4.49 0.42
C ILE A 250 -2.66 -4.88 -0.14
N ILE A 251 -2.70 -5.33 -1.39
CA ILE A 251 -3.96 -5.65 -2.02
C ILE A 251 -4.48 -7.01 -1.63
N GLU A 252 -3.63 -7.81 -1.01
CA GLU A 252 -4.09 -9.06 -0.44
C GLU A 252 -5.14 -8.77 0.61
N THR A 253 -6.32 -9.18 0.33
CA THR A 253 -7.40 -8.91 1.18
C THR A 253 -7.78 -10.15 1.96
N SER A 254 -7.34 -10.16 3.17
CA SER A 254 -7.65 -11.18 4.11
C SER A 254 -7.73 -10.50 5.47
N GLY A 1 22.79 8.60 -11.92
CA GLY A 1 22.70 7.47 -12.85
C GLY A 1 23.87 7.44 -13.79
N HIS A 2 23.74 6.70 -14.89
CA HIS A 2 24.81 6.60 -15.90
C HIS A 2 25.11 7.96 -16.52
N MET A 3 24.14 8.53 -17.18
CA MET A 3 24.30 9.81 -17.80
C MET A 3 23.01 10.57 -17.67
N GLN A 4 23.02 11.80 -18.12
CA GLN A 4 21.88 12.63 -18.02
C GLN A 4 21.43 13.06 -19.43
N PRO A 5 20.61 12.22 -20.08
CA PRO A 5 20.16 12.48 -21.44
C PRO A 5 18.94 13.43 -21.50
N ASN A 6 17.75 12.87 -21.35
CA ASN A 6 16.53 13.63 -21.34
C ASN A 6 16.38 14.31 -20.00
N ASN A 7 16.76 15.56 -19.94
CA ASN A 7 16.84 16.26 -18.66
C ASN A 7 15.48 16.61 -18.08
N GLU A 8 14.47 16.71 -18.92
CA GLU A 8 13.14 17.01 -18.45
C GLU A 8 12.58 15.83 -17.72
N SER A 9 12.70 14.67 -18.33
CA SER A 9 12.08 13.49 -17.83
C SER A 9 12.91 12.97 -16.67
N LYS A 10 14.14 13.40 -16.64
CA LYS A 10 15.08 13.09 -15.63
C LYS A 10 14.64 13.73 -14.31
N LYS A 11 14.41 15.04 -14.34
CA LYS A 11 14.02 15.75 -13.13
C LYS A 11 12.63 15.37 -12.71
N LYS A 12 11.81 15.15 -13.70
CA LYS A 12 10.45 14.65 -13.50
C LYS A 12 10.48 13.29 -12.81
N ALA A 13 11.46 12.45 -13.19
CA ALA A 13 11.61 11.12 -12.62
C ALA A 13 11.95 11.21 -11.17
N VAL A 14 12.94 12.05 -10.86
CA VAL A 14 13.35 12.22 -9.47
C VAL A 14 12.18 12.69 -8.61
N LYS A 15 11.50 13.74 -9.06
CA LYS A 15 10.39 14.30 -8.30
C LYS A 15 9.23 13.28 -8.22
N LEU A 16 9.11 12.49 -9.27
CA LEU A 16 8.13 11.43 -9.34
C LEU A 16 8.35 10.44 -8.23
N ASP A 17 9.53 9.83 -8.21
CA ASP A 17 9.85 8.78 -7.22
C ASP A 17 9.73 9.33 -5.82
N LEU A 18 10.16 10.57 -5.64
CA LEU A 18 10.06 11.23 -4.35
C LEU A 18 8.62 11.34 -3.88
N ASP A 19 7.73 11.78 -4.77
CA ASP A 19 6.36 12.02 -4.36
C ASP A 19 5.59 10.76 -4.32
N LEU A 20 6.01 9.78 -5.10
CA LEU A 20 5.37 8.51 -5.09
C LEU A 20 5.70 7.82 -3.79
N MET A 21 6.96 7.96 -3.34
CA MET A 21 7.40 7.41 -2.07
C MET A 21 6.62 8.07 -0.94
N LYS A 22 6.45 9.37 -1.07
CA LYS A 22 5.68 10.16 -0.12
C LYS A 22 4.24 9.62 0.01
N GLU A 23 3.56 9.45 -1.10
CA GLU A 23 2.21 8.92 -1.07
C GLU A 23 2.19 7.48 -0.58
N THR A 24 3.22 6.73 -0.94
CA THR A 24 3.37 5.37 -0.50
C THR A 24 3.48 5.29 1.04
N LYS A 25 4.34 6.13 1.64
CA LYS A 25 4.51 6.12 3.09
C LYS A 25 3.22 6.57 3.77
N ASN A 26 2.50 7.48 3.11
CA ASN A 26 1.21 7.96 3.60
C ASN A 26 0.21 6.83 3.66
N VAL A 27 0.13 6.06 2.58
CA VAL A 27 -0.76 4.91 2.52
C VAL A 27 -0.35 3.87 3.57
N CYS A 28 0.93 3.55 3.60
CA CYS A 28 1.46 2.55 4.52
C CYS A 28 1.19 2.92 5.99
N THR A 29 1.44 4.17 6.34
CA THR A 29 1.21 4.63 7.70
C THR A 29 -0.27 4.56 8.06
N THR A 30 -1.11 4.79 7.07
CA THR A 30 -2.54 4.74 7.25
C THR A 30 -2.99 3.30 7.47
N VAL A 31 -2.53 2.40 6.62
CA VAL A 31 -2.84 0.99 6.73
C VAL A 31 -2.35 0.46 8.07
N ASN A 32 -1.12 0.79 8.41
CA ASN A 32 -0.55 0.38 9.69
C ASN A 32 -1.38 0.87 10.84
N THR A 33 -1.63 2.17 10.89
CA THR A 33 -2.40 2.77 11.98
C THR A 33 -3.79 2.12 12.12
N LYS A 34 -4.48 1.93 11.01
CA LYS A 34 -5.77 1.32 11.03
C LYS A 34 -5.69 -0.12 11.50
N LEU A 35 -4.80 -0.92 10.92
CA LEU A 35 -4.74 -2.31 11.29
C LEU A 35 -4.17 -2.52 12.68
N VAL A 36 -3.28 -1.65 13.13
CA VAL A 36 -2.76 -1.74 14.49
C VAL A 36 -3.90 -1.47 15.47
N GLY A 37 -4.72 -0.47 15.15
CA GLY A 37 -5.85 -0.15 15.99
C GLY A 37 -6.87 -1.27 15.99
N LYS A 38 -7.18 -1.77 14.79
CA LYS A 38 -8.10 -2.88 14.64
C LYS A 38 -7.61 -4.13 15.35
N ALA A 39 -6.35 -4.51 15.14
CA ALA A 39 -5.77 -5.71 15.76
C ALA A 39 -5.80 -5.61 17.28
N LYS A 40 -5.41 -4.46 17.82
CA LYS A 40 -5.42 -4.29 19.28
C LYS A 40 -6.84 -4.29 19.82
N SER A 41 -7.76 -3.80 19.03
CA SER A 41 -9.15 -3.78 19.39
C SER A 41 -9.69 -5.24 19.44
N LYS A 42 -9.25 -6.07 18.48
CA LYS A 42 -9.66 -7.49 18.41
C LYS A 42 -9.12 -8.21 19.62
N LEU A 43 -7.91 -7.85 20.00
CA LEU A 43 -7.23 -8.43 21.18
C LEU A 43 -8.03 -8.23 22.48
N ASN A 44 -8.94 -7.27 22.48
CA ASN A 44 -9.79 -7.01 23.64
C ASN A 44 -11.06 -7.84 23.60
N LYS A 45 -11.34 -8.46 22.45
CA LYS A 45 -12.53 -9.30 22.30
C LYS A 45 -12.28 -10.67 22.90
N LEU A 46 -11.02 -11.07 22.90
CA LEU A 46 -10.62 -12.32 23.51
C LEU A 46 -10.74 -12.19 25.00
N GLU A 47 -10.82 -13.32 25.68
CA GLU A 47 -10.95 -13.34 27.16
C GLU A 47 -9.83 -12.55 27.84
N GLY A 48 -8.71 -12.56 27.21
CA GLY A 48 -7.60 -11.81 27.66
C GLY A 48 -6.66 -12.65 28.45
N GLU A 49 -7.10 -13.04 29.62
CA GLU A 49 -6.32 -13.87 30.53
C GLU A 49 -5.98 -15.24 29.92
N SER A 50 -6.97 -15.89 29.34
CA SER A 50 -6.79 -17.20 28.74
C SER A 50 -5.87 -17.12 27.52
N HIS A 51 -5.79 -15.94 26.94
CA HIS A 51 -5.08 -15.74 25.71
C HIS A 51 -3.94 -14.80 25.93
N LYS A 52 -3.49 -14.72 27.17
CA LYS A 52 -2.44 -13.77 27.56
C LYS A 52 -1.16 -13.97 26.77
N GLU A 53 -0.82 -15.21 26.51
CA GLU A 53 0.35 -15.54 25.74
C GLU A 53 0.20 -15.07 24.30
N TYR A 54 -0.98 -15.29 23.75
CA TYR A 54 -1.31 -14.94 22.39
C TYR A 54 -1.33 -13.43 22.23
N VAL A 55 -2.03 -12.75 23.13
CA VAL A 55 -2.14 -11.31 23.09
C VAL A 55 -0.75 -10.67 23.25
N ALA A 56 0.08 -11.27 24.09
CA ALA A 56 1.45 -10.79 24.27
C ALA A 56 2.23 -10.91 22.98
N GLU A 57 2.22 -12.10 22.38
CA GLU A 57 2.91 -12.34 21.11
C GLU A 57 2.46 -11.39 20.03
N LYS A 58 1.15 -11.23 19.92
CA LYS A 58 0.60 -10.34 18.91
C LYS A 58 1.06 -8.90 19.16
N THR A 59 0.92 -8.45 20.40
CA THR A 59 1.32 -7.09 20.76
C THR A 59 2.81 -6.85 20.52
N LYS A 60 3.63 -7.83 20.88
CA LYS A 60 5.06 -7.70 20.70
C LYS A 60 5.43 -7.67 19.23
N GLU A 61 4.74 -8.45 18.41
CA GLU A 61 5.01 -8.42 16.97
C GLU A 61 4.61 -7.10 16.40
N ILE A 62 3.47 -6.59 16.87
CA ILE A 62 2.98 -5.29 16.45
C ILE A 62 3.98 -4.22 16.76
N ASP A 63 4.46 -4.18 17.99
CA ASP A 63 5.39 -3.16 18.38
C ASP A 63 6.72 -3.26 17.71
N GLU A 64 7.18 -4.48 17.48
CA GLU A 64 8.40 -4.68 16.72
C GLU A 64 8.23 -4.14 15.31
N LYS A 65 7.10 -4.44 14.72
CA LYS A 65 6.80 -3.96 13.38
C LYS A 65 6.61 -2.46 13.39
N ASN A 66 5.98 -1.94 14.42
CA ASN A 66 5.77 -0.52 14.55
C ASN A 66 7.05 0.24 14.71
N LYS A 67 7.92 -0.22 15.57
CA LYS A 67 9.20 0.46 15.76
C LYS A 67 10.03 0.40 14.48
N LYS A 68 10.01 -0.77 13.83
CA LYS A 68 10.74 -0.99 12.61
C LYS A 68 10.16 -0.10 11.50
N PHE A 69 8.87 -0.20 11.30
CA PHE A 69 8.17 0.58 10.29
C PHE A 69 8.36 2.08 10.53
N ASN A 70 8.30 2.48 11.78
CA ASN A 70 8.43 3.89 12.11
C ASN A 70 9.84 4.42 11.92
N GLU A 71 10.85 3.58 12.05
CA GLU A 71 12.19 4.04 11.69
C GLU A 71 12.32 4.01 10.17
N ASN A 72 11.66 3.03 9.53
CA ASN A 72 11.71 2.84 8.07
C ASN A 72 11.13 4.03 7.33
N LEU A 73 10.18 4.72 7.95
CA LEU A 73 9.59 5.93 7.37
C LEU A 73 10.63 7.00 7.25
N VAL A 74 11.26 7.30 8.36
CA VAL A 74 12.31 8.30 8.44
C VAL A 74 13.51 7.85 7.60
N LYS A 75 13.57 6.57 7.37
CA LYS A 75 14.65 5.96 6.61
C LYS A 75 14.46 6.18 5.13
N ILE A 76 13.25 5.97 4.66
CA ILE A 76 12.94 6.18 3.25
C ILE A 76 12.92 7.66 2.91
N GLU A 77 12.43 8.49 3.82
CA GLU A 77 12.41 9.92 3.56
C GLU A 77 13.76 10.56 3.83
N LYS A 78 14.67 9.77 4.33
CA LYS A 78 16.04 10.17 4.46
C LYS A 78 16.58 10.16 3.05
N ARG A 79 16.97 11.29 2.58
CA ARG A 79 17.40 11.41 1.24
C ARG A 79 18.73 12.08 1.22
N LYS A 80 19.48 11.81 0.21
CA LYS A 80 20.78 12.36 0.10
C LYS A 80 20.68 13.50 -0.84
N LYS A 81 21.20 14.62 -0.45
CA LYS A 81 21.10 15.77 -1.28
C LYS A 81 22.36 15.90 -2.05
N ILE A 82 22.24 15.81 -3.33
CA ILE A 82 23.37 15.89 -4.19
C ILE A 82 23.08 16.90 -5.25
N LYS A 83 24.04 17.24 -6.02
CA LYS A 83 23.84 18.18 -7.07
C LYS A 83 23.52 17.45 -8.37
N VAL A 84 22.52 17.95 -9.04
CA VAL A 84 21.95 17.37 -10.28
C VAL A 84 21.19 18.45 -11.07
N PRO A 85 21.69 18.81 -12.26
CA PRO A 85 22.93 18.28 -12.80
C PRO A 85 24.14 18.85 -12.11
N ALA A 86 25.24 18.22 -12.32
CA ALA A 86 26.49 18.63 -11.70
C ALA A 86 26.93 19.96 -12.28
N ASP A 87 26.52 20.16 -13.53
CA ASP A 87 26.82 21.36 -14.30
C ASP A 87 26.31 22.60 -13.61
N THR A 88 25.05 22.59 -13.21
CA THR A 88 24.48 23.73 -12.53
C THR A 88 24.76 23.64 -11.03
N GLY A 89 24.68 22.44 -10.51
CA GLY A 89 24.93 22.24 -9.11
C GLY A 89 23.68 22.37 -8.28
N ALA A 90 22.54 22.12 -8.89
CA ALA A 90 21.27 22.22 -8.20
C ALA A 90 21.11 21.09 -7.22
N GLU A 91 20.81 21.41 -6.00
CA GLU A 91 20.66 20.44 -4.95
C GLU A 91 19.32 19.72 -5.08
N VAL A 92 19.36 18.43 -5.20
CA VAL A 92 18.16 17.64 -5.23
C VAL A 92 18.24 16.55 -4.20
N ASP A 93 17.11 16.15 -3.72
CA ASP A 93 17.02 15.09 -2.74
C ASP A 93 16.81 13.79 -3.46
N ALA A 94 17.71 12.88 -3.27
CA ALA A 94 17.59 11.58 -3.89
C ALA A 94 17.34 10.57 -2.80
N VAL A 95 16.38 9.68 -3.01
CA VAL A 95 15.97 8.70 -1.99
C VAL A 95 17.12 7.83 -1.51
N ASP A 96 18.03 7.55 -2.42
CA ASP A 96 19.19 6.69 -2.21
C ASP A 96 18.79 5.19 -2.31
N ASP A 97 19.77 4.34 -2.53
CA ASP A 97 19.57 2.89 -2.72
C ASP A 97 18.97 2.26 -1.47
N GLY A 98 19.26 2.86 -0.32
CA GLY A 98 18.79 2.34 0.98
C GLY A 98 17.29 2.20 1.05
N VAL A 99 16.59 3.01 0.28
CA VAL A 99 15.15 2.99 0.25
C VAL A 99 14.59 1.68 -0.33
N ALA A 100 15.36 1.02 -1.20
CA ALA A 100 14.93 -0.26 -1.76
C ALA A 100 14.84 -1.29 -0.65
N GLY A 101 15.93 -1.39 0.10
CA GLY A 101 15.97 -2.29 1.23
C GLY A 101 14.95 -1.90 2.28
N ALA A 102 14.81 -0.60 2.51
CA ALA A 102 13.85 -0.08 3.45
C ALA A 102 12.42 -0.50 3.08
N LEU A 103 12.06 -0.37 1.78
CA LEU A 103 10.76 -0.88 1.31
C LEU A 103 10.61 -2.35 1.55
N SER A 104 11.65 -3.10 1.29
CA SER A 104 11.62 -4.53 1.52
C SER A 104 11.34 -4.85 3.01
N ASP A 105 11.96 -4.09 3.90
CA ASP A 105 11.78 -4.28 5.34
C ASP A 105 10.38 -3.88 5.78
N LEU A 106 9.95 -2.70 5.37
CA LEU A 106 8.63 -2.21 5.76
C LEU A 106 7.52 -3.02 5.10
N SER A 107 7.80 -3.58 3.92
CA SER A 107 6.85 -4.46 3.27
C SER A 107 6.60 -5.67 4.17
N SER A 108 7.69 -6.19 4.73
CA SER A 108 7.64 -7.29 5.66
C SER A 108 6.86 -6.88 6.91
N ASP A 109 7.11 -5.65 7.37
CA ASP A 109 6.44 -5.11 8.55
C ASP A 109 4.94 -5.04 8.36
N ILE A 110 4.51 -4.39 7.28
CA ILE A 110 3.09 -4.24 6.97
C ILE A 110 2.46 -5.62 6.71
N SER A 111 3.21 -6.51 6.06
CA SER A 111 2.74 -7.85 5.76
C SER A 111 2.40 -8.59 7.05
N ALA A 112 3.27 -8.47 8.03
CA ALA A 112 3.08 -9.10 9.30
C ALA A 112 1.89 -8.50 10.00
N ILE A 113 1.82 -7.17 10.04
CA ILE A 113 0.70 -6.45 10.67
C ILE A 113 -0.64 -6.86 10.05
N LYS A 114 -0.68 -6.91 8.73
CA LYS A 114 -1.89 -7.25 8.00
C LYS A 114 -2.35 -8.65 8.38
N THR A 115 -1.45 -9.58 8.23
CA THR A 115 -1.74 -10.96 8.50
C THR A 115 -2.08 -11.18 10.00
N LEU A 116 -1.35 -10.48 10.86
CA LEU A 116 -1.56 -10.53 12.29
C LEU A 116 -2.97 -10.09 12.63
N THR A 117 -3.44 -9.06 11.95
CA THR A 117 -4.76 -8.56 12.19
C THR A 117 -5.78 -9.63 11.75
N ASP A 118 -5.51 -10.27 10.59
CA ASP A 118 -6.36 -11.41 10.13
C ASP A 118 -6.42 -12.51 11.17
N ASP A 119 -5.26 -12.85 11.72
CA ASP A 119 -5.14 -13.87 12.79
C ASP A 119 -5.99 -13.53 13.98
N VAL A 120 -5.90 -12.30 14.43
CA VAL A 120 -6.62 -11.95 15.62
C VAL A 120 -8.12 -11.87 15.33
N SER A 121 -8.47 -11.31 14.18
CA SER A 121 -9.86 -11.21 13.75
C SER A 121 -10.54 -12.57 13.66
N GLU A 122 -9.82 -13.62 13.20
CA GLU A 122 -10.45 -14.92 13.16
C GLU A 122 -10.66 -15.49 14.55
N LYS A 123 -9.70 -15.24 15.44
CA LYS A 123 -9.77 -15.73 16.80
C LYS A 123 -10.85 -14.99 17.60
N VAL A 124 -11.25 -13.84 17.12
CA VAL A 124 -12.38 -13.12 17.72
C VAL A 124 -13.67 -13.94 17.54
N SER A 125 -13.75 -14.67 16.44
CA SER A 125 -14.95 -15.42 16.09
C SER A 125 -15.14 -16.65 17.02
N GLU A 126 -14.08 -17.07 17.69
CA GLU A 126 -14.19 -18.21 18.59
C GLU A 126 -14.49 -17.73 20.03
N ASN A 127 -14.31 -16.45 20.27
CA ASN A 127 -14.56 -15.88 21.60
C ASN A 127 -15.93 -15.25 21.71
N LEU A 128 -16.45 -14.78 20.62
CA LEU A 128 -17.72 -14.09 20.63
C LEU A 128 -18.88 -14.99 20.25
N LYS A 129 -20.09 -14.54 20.58
CA LYS A 129 -21.33 -15.22 20.20
C LYS A 129 -21.49 -15.27 18.72
N ASP A 130 -22.44 -16.07 18.28
CA ASP A 130 -22.73 -16.29 16.86
C ASP A 130 -23.03 -14.97 16.16
N ASP A 131 -23.86 -14.15 16.78
CA ASP A 131 -24.22 -12.85 16.23
C ASP A 131 -23.09 -11.88 16.37
N GLU A 132 -22.45 -11.89 17.53
CA GLU A 132 -21.32 -11.02 17.79
C GLU A 132 -20.18 -11.28 16.79
N ALA A 133 -19.95 -12.54 16.49
CA ALA A 133 -18.94 -12.96 15.52
C ALA A 133 -19.34 -12.48 14.14
N SER A 134 -20.60 -12.68 13.78
CA SER A 134 -21.16 -12.24 12.51
C SER A 134 -21.03 -10.71 12.39
N ALA A 135 -21.33 -10.02 13.48
CA ALA A 135 -21.23 -8.58 13.56
C ALA A 135 -19.79 -8.14 13.40
N THR A 136 -18.87 -8.91 13.93
CA THR A 136 -17.47 -8.63 13.82
C THR A 136 -16.99 -8.87 12.38
N GLU A 137 -17.47 -9.98 11.77
CA GLU A 137 -17.14 -10.26 10.37
C GLU A 137 -17.63 -9.14 9.49
N HIS A 138 -18.87 -8.71 9.72
CA HIS A 138 -19.45 -7.57 9.02
C HIS A 138 -18.56 -6.35 9.21
N THR A 139 -18.17 -6.12 10.45
CA THR A 139 -17.30 -5.03 10.80
C THR A 139 -15.99 -5.12 10.03
N ASP A 140 -15.31 -6.27 10.10
CA ASP A 140 -14.06 -6.51 9.38
C ASP A 140 -14.23 -6.32 7.90
N ILE A 141 -15.27 -6.89 7.33
CA ILE A 141 -15.58 -6.74 5.92
C ILE A 141 -15.78 -5.27 5.54
N LYS A 142 -16.59 -4.59 6.30
CA LYS A 142 -16.94 -3.20 6.05
C LYS A 142 -15.71 -2.27 6.24
N GLU A 143 -14.88 -2.59 7.20
CA GLU A 143 -13.70 -1.78 7.43
C GLU A 143 -12.56 -2.13 6.49
N LYS A 144 -12.45 -3.41 6.08
CA LYS A 144 -11.46 -3.77 5.04
C LYS A 144 -11.87 -3.12 3.76
N ALA A 145 -13.18 -2.99 3.59
CA ALA A 145 -13.76 -2.32 2.46
C ALA A 145 -13.34 -0.86 2.46
N THR A 146 -13.49 -0.23 3.61
CA THR A 146 -13.07 1.14 3.78
C THR A 146 -11.55 1.28 3.61
N LEU A 147 -10.80 0.34 4.17
CA LEU A 147 -9.33 0.33 4.07
C LEU A 147 -8.92 0.17 2.60
N LEU A 148 -9.62 -0.68 1.88
CA LEU A 148 -9.38 -0.90 0.46
C LEU A 148 -9.62 0.39 -0.31
N GLN A 149 -10.67 1.08 0.06
CA GLN A 149 -11.01 2.37 -0.53
C GLN A 149 -9.90 3.39 -0.23
N GLU A 150 -9.53 3.50 1.05
CA GLU A 150 -8.48 4.39 1.53
C GLU A 150 -7.16 4.16 0.81
N SER A 151 -6.77 2.91 0.69
CA SER A 151 -5.54 2.56 0.04
C SER A 151 -5.60 2.87 -1.46
N CYS A 152 -6.75 2.57 -2.08
CA CYS A 152 -6.94 2.83 -3.50
C CYS A 152 -6.91 4.32 -3.81
N ASN A 153 -7.33 5.14 -2.86
CA ASN A 153 -7.28 6.61 -3.02
C ASN A 153 -5.83 7.05 -3.16
N GLY A 154 -4.97 6.48 -2.33
CA GLY A 154 -3.55 6.77 -2.42
C GLY A 154 -2.96 6.24 -3.71
N ILE A 155 -3.28 4.98 -4.01
CA ILE A 155 -2.83 4.31 -5.24
C ILE A 155 -3.21 5.12 -6.47
N GLY A 156 -4.43 5.59 -6.48
CA GLY A 156 -4.92 6.42 -7.57
C GLY A 156 -4.14 7.69 -7.75
N THR A 157 -3.67 8.27 -6.66
CA THR A 157 -2.93 9.52 -6.73
C THR A 157 -1.55 9.24 -7.32
N ILE A 158 -0.97 8.14 -6.87
CA ILE A 158 0.31 7.67 -7.35
C ILE A 158 0.19 7.38 -8.83
N LEU A 159 -0.86 6.65 -9.20
CA LEU A 159 -1.14 6.30 -10.59
C LEU A 159 -1.24 7.57 -11.42
N ASP A 160 -2.03 8.56 -10.95
CA ASP A 160 -2.16 9.84 -11.67
C ASP A 160 -0.83 10.50 -11.94
N LYS A 161 0.01 10.62 -10.93
CA LYS A 161 1.28 11.29 -11.15
C LYS A 161 2.24 10.44 -11.98
N LEU A 162 2.08 9.13 -11.89
CA LEU A 162 2.88 8.19 -12.66
C LEU A 162 2.46 8.25 -14.15
N ALA A 163 1.17 8.22 -14.38
CA ALA A 163 0.59 8.20 -15.71
C ALA A 163 0.90 9.48 -16.48
N GLU A 164 1.08 10.58 -15.79
CA GLU A 164 1.42 11.81 -16.46
C GLU A 164 2.91 11.93 -16.68
N TYR A 165 3.67 11.07 -16.04
CA TYR A 165 5.08 11.06 -16.26
C TYR A 165 5.34 10.39 -17.59
N LEU A 166 4.74 9.26 -17.77
CA LEU A 166 4.89 8.52 -18.98
C LEU A 166 3.51 8.46 -19.62
N ASN A 167 3.03 9.61 -20.00
CA ASN A 167 1.74 9.73 -20.65
C ASN A 167 1.74 9.11 -22.04
N ASN A 168 1.05 8.00 -22.17
CA ASN A 168 0.90 7.31 -23.42
C ASN A 168 -0.43 6.56 -23.41
N ASP A 169 -0.70 5.77 -24.43
CA ASP A 169 -1.95 5.02 -24.51
C ASP A 169 -2.08 4.03 -23.38
N THR A 170 -1.01 3.37 -23.04
CA THR A 170 -1.01 2.36 -22.01
C THR A 170 -1.45 2.93 -20.66
N THR A 171 -0.85 4.04 -20.26
CA THR A 171 -1.14 4.62 -18.98
C THR A 171 -2.56 5.19 -18.91
N GLN A 172 -3.05 5.69 -20.04
CA GLN A 172 -4.39 6.23 -20.06
C GLN A 172 -5.43 5.10 -20.02
N ASN A 173 -5.09 3.96 -20.63
CA ASN A 173 -5.95 2.77 -20.62
C ASN A 173 -6.05 2.25 -19.21
N ILE A 174 -4.92 2.19 -18.56
CA ILE A 174 -4.83 1.74 -17.19
C ILE A 174 -5.65 2.62 -16.29
N LYS A 175 -5.49 3.92 -16.41
CA LYS A 175 -6.19 4.81 -15.53
C LYS A 175 -7.70 4.82 -15.84
N LYS A 176 -8.09 4.62 -17.10
CA LYS A 176 -9.52 4.59 -17.43
C LYS A 176 -10.15 3.31 -16.86
N GLU A 177 -9.37 2.22 -16.88
CA GLU A 177 -9.77 0.96 -16.27
C GLU A 177 -9.85 1.13 -14.76
N PHE A 178 -8.89 1.87 -14.25
CA PHE A 178 -8.81 2.15 -12.86
C PHE A 178 -10.03 2.94 -12.41
N ASP A 179 -10.34 4.02 -13.14
CA ASP A 179 -11.53 4.84 -12.84
C ASP A 179 -12.80 4.03 -12.90
N GLU A 180 -12.89 3.15 -13.88
CA GLU A 180 -14.02 2.25 -14.02
C GLU A 180 -14.14 1.36 -12.78
N ARG A 181 -13.04 0.71 -12.46
CA ARG A 181 -13.00 -0.21 -11.33
C ARG A 181 -13.12 0.51 -9.99
N LYS A 182 -12.78 1.79 -9.92
CA LYS A 182 -12.93 2.56 -8.68
C LYS A 182 -14.37 3.00 -8.51
N LYS A 183 -15.03 3.24 -9.61
CA LYS A 183 -16.43 3.57 -9.58
C LYS A 183 -17.20 2.34 -9.11
N ASN A 184 -16.89 1.21 -9.71
CA ASN A 184 -17.48 -0.08 -9.32
C ASN A 184 -17.14 -0.38 -7.88
N LEU A 185 -15.91 -0.06 -7.51
CA LEU A 185 -15.41 -0.25 -6.16
C LEU A 185 -16.29 0.51 -5.17
N THR A 186 -16.44 1.80 -5.41
CA THR A 186 -17.21 2.67 -4.54
C THR A 186 -18.69 2.25 -4.53
N SER A 187 -19.17 1.76 -5.65
CA SER A 187 -20.53 1.31 -5.78
C SER A 187 -20.73 0.04 -4.93
N LEU A 188 -19.80 -0.89 -5.04
CA LEU A 188 -19.86 -2.13 -4.29
C LEU A 188 -19.57 -1.89 -2.82
N LYS A 189 -18.71 -0.91 -2.55
CA LYS A 189 -18.37 -0.49 -1.19
C LYS A 189 -19.66 0.02 -0.52
N THR A 190 -20.45 0.76 -1.30
CA THR A 190 -21.75 1.27 -0.85
C THR A 190 -22.72 0.10 -0.54
N LYS A 191 -22.52 -1.01 -1.21
CA LYS A 191 -23.31 -2.20 -0.96
C LYS A 191 -22.84 -2.88 0.31
N VAL A 192 -21.52 -2.91 0.50
CA VAL A 192 -20.90 -3.50 1.70
C VAL A 192 -21.26 -2.66 2.94
N GLU A 193 -21.62 -1.40 2.70
CA GLU A 193 -22.08 -0.48 3.74
C GLU A 193 -23.36 -0.98 4.40
N ASN A 194 -24.11 -1.82 3.71
CA ASN A 194 -25.33 -2.36 4.27
C ASN A 194 -25.20 -3.79 4.65
N LYS A 195 -25.46 -4.04 5.92
CA LYS A 195 -25.46 -5.38 6.50
C LYS A 195 -26.65 -6.17 5.95
N ASP A 196 -27.55 -5.42 5.36
CA ASP A 196 -28.77 -5.89 4.80
C ASP A 196 -28.50 -6.60 3.50
N GLU A 197 -27.43 -6.23 2.88
CA GLU A 197 -27.06 -6.75 1.61
C GLU A 197 -26.13 -7.90 1.86
N ASP A 198 -25.71 -8.57 0.81
CA ASP A 198 -24.77 -9.64 0.99
C ASP A 198 -23.39 -9.03 0.92
N TYR A 199 -23.07 -8.31 1.97
CA TYR A 199 -21.84 -7.55 2.08
C TYR A 199 -20.59 -8.39 1.85
N VAL A 200 -20.64 -9.67 2.23
CA VAL A 200 -19.51 -10.56 2.02
C VAL A 200 -19.27 -10.75 0.51
N THR A 201 -20.34 -11.06 -0.22
CA THR A 201 -20.26 -11.24 -1.66
C THR A 201 -19.87 -9.93 -2.35
N HIS A 202 -20.48 -8.82 -1.91
CA HIS A 202 -20.18 -7.51 -2.49
C HIS A 202 -18.72 -7.17 -2.26
N PHE A 203 -18.21 -7.50 -1.07
CA PHE A 203 -16.81 -7.27 -0.71
C PHE A 203 -15.91 -8.04 -1.64
N ARG A 204 -16.22 -9.30 -1.83
CA ARG A 204 -15.47 -10.18 -2.71
C ARG A 204 -15.39 -9.60 -4.13
N ASP A 205 -16.54 -9.29 -4.70
CA ASP A 205 -16.59 -8.70 -6.06
C ASP A 205 -15.87 -7.35 -6.12
N MET A 206 -16.05 -6.56 -5.08
CA MET A 206 -15.39 -5.26 -4.93
C MET A 206 -13.88 -5.45 -4.95
N ALA A 207 -13.41 -6.41 -4.17
CA ALA A 207 -12.00 -6.77 -4.10
C ALA A 207 -11.50 -7.21 -5.46
N THR A 208 -12.33 -7.94 -6.20
CA THR A 208 -11.98 -8.38 -7.55
C THR A 208 -11.75 -7.16 -8.47
N GLU A 209 -12.62 -6.16 -8.37
CA GLU A 209 -12.45 -4.91 -9.14
C GLU A 209 -11.15 -4.24 -8.71
N ALA A 210 -10.87 -4.31 -7.43
CA ALA A 210 -9.65 -3.76 -6.89
C ALA A 210 -8.43 -4.50 -7.45
N GLN A 211 -8.47 -5.83 -7.45
CA GLN A 211 -7.36 -6.66 -7.95
C GLN A 211 -7.04 -6.30 -9.40
N ASN A 212 -8.08 -6.16 -10.21
CA ASN A 212 -7.89 -5.83 -11.61
C ASN A 212 -7.33 -4.41 -11.78
N ALA A 213 -7.87 -3.48 -11.00
CA ALA A 213 -7.41 -2.09 -11.05
C ALA A 213 -5.96 -2.00 -10.59
N VAL A 214 -5.65 -2.65 -9.48
CA VAL A 214 -4.31 -2.63 -8.91
C VAL A 214 -3.34 -3.36 -9.83
N GLY A 215 -3.85 -4.37 -10.51
CA GLY A 215 -3.08 -5.09 -11.48
C GLY A 215 -2.64 -4.18 -12.60
N GLU A 216 -3.56 -3.35 -13.09
CA GLU A 216 -3.23 -2.38 -14.13
C GLU A 216 -2.19 -1.37 -13.61
N VAL A 217 -2.37 -0.92 -12.36
CA VAL A 217 -1.41 0.01 -11.72
C VAL A 217 -0.02 -0.63 -11.68
N LYS A 218 0.00 -1.88 -11.31
CA LYS A 218 1.22 -2.67 -11.21
C LYS A 218 1.92 -2.76 -12.58
N LYS A 219 1.13 -2.95 -13.63
CA LYS A 219 1.65 -2.98 -14.99
C LYS A 219 2.20 -1.62 -15.40
N ALA A 220 1.55 -0.55 -14.93
CA ALA A 220 2.00 0.81 -15.19
C ALA A 220 3.36 1.04 -14.57
N ILE A 221 3.54 0.56 -13.34
CA ILE A 221 4.80 0.67 -12.63
C ILE A 221 5.91 0.04 -13.46
N ASP A 222 5.71 -1.22 -13.86
CA ASP A 222 6.68 -1.97 -14.70
C ASP A 222 7.04 -1.18 -15.93
N ALA A 223 6.03 -0.64 -16.60
CA ALA A 223 6.23 0.12 -17.83
C ALA A 223 7.12 1.34 -17.61
N VAL A 224 6.83 2.09 -16.54
CA VAL A 224 7.58 3.31 -16.27
C VAL A 224 9.01 2.98 -15.78
N VAL A 225 9.16 1.83 -15.15
CA VAL A 225 10.48 1.35 -14.72
C VAL A 225 11.29 0.98 -15.95
N ALA A 226 10.70 0.19 -16.82
CA ALA A 226 11.35 -0.28 -18.04
C ALA A 226 11.81 0.88 -18.88
N HIS A 227 10.92 1.83 -19.14
CA HIS A 227 11.25 3.00 -19.92
C HIS A 227 12.43 3.76 -19.34
N ARG A 228 12.42 3.98 -18.04
CA ARG A 228 13.45 4.75 -17.44
C ARG A 228 14.79 4.04 -17.43
N LYS A 229 14.80 2.74 -17.12
CA LYS A 229 16.05 2.01 -17.11
C LYS A 229 16.59 1.82 -18.53
N ALA A 230 15.68 1.89 -19.50
CA ALA A 230 16.06 1.82 -20.90
C ALA A 230 16.72 3.13 -21.32
N GLU A 231 16.43 4.22 -20.61
CA GLU A 231 17.01 5.51 -20.92
C GLU A 231 18.20 5.79 -19.99
N ASN A 232 18.41 4.86 -19.05
CA ASN A 232 19.54 4.86 -18.10
C ASN A 232 19.39 5.87 -16.98
N LEU A 233 18.15 6.13 -16.64
CA LEU A 233 17.81 7.00 -15.53
C LEU A 233 17.87 6.22 -14.23
N ASP A 234 18.05 6.94 -13.13
CA ASP A 234 18.18 6.37 -11.77
C ASP A 234 16.93 5.62 -11.37
N VAL A 235 16.90 4.33 -11.64
CA VAL A 235 15.79 3.47 -11.31
C VAL A 235 16.32 2.15 -10.79
N ASP A 236 15.83 1.74 -9.65
CA ASP A 236 16.24 0.48 -9.05
C ASP A 236 15.09 -0.51 -9.15
N ASP A 237 15.32 -1.61 -9.86
CA ASP A 237 14.29 -2.63 -10.09
C ASP A 237 13.79 -3.27 -8.81
N THR A 238 14.68 -3.44 -7.84
CA THR A 238 14.33 -4.06 -6.57
C THR A 238 13.34 -3.17 -5.82
N LEU A 239 13.63 -1.88 -5.76
CA LEU A 239 12.79 -0.86 -5.13
C LEU A 239 11.34 -0.98 -5.62
N PHE A 240 11.16 -0.94 -6.92
CA PHE A 240 9.83 -0.98 -7.49
C PHE A 240 9.19 -2.35 -7.34
N SER A 241 10.00 -3.38 -7.27
CA SER A 241 9.49 -4.71 -7.05
C SER A 241 8.97 -4.80 -5.61
N ASN A 242 9.70 -4.22 -4.66
CA ASN A 242 9.30 -4.27 -3.26
C ASN A 242 8.06 -3.45 -3.05
N LEU A 243 7.98 -2.34 -3.78
CA LEU A 243 6.85 -1.48 -3.78
C LEU A 243 5.61 -2.25 -4.26
N SER A 244 5.75 -2.88 -5.41
CA SER A 244 4.68 -3.68 -5.98
C SER A 244 4.31 -4.85 -5.07
N THR A 245 5.30 -5.43 -4.39
CA THR A 245 5.07 -6.52 -3.46
C THR A 245 4.20 -6.04 -2.30
N LEU A 246 4.50 -4.87 -1.78
CA LEU A 246 3.72 -4.32 -0.71
C LEU A 246 2.34 -3.90 -1.21
N LEU A 247 2.30 -3.41 -2.43
CA LEU A 247 1.05 -3.06 -3.09
C LEU A 247 0.13 -4.29 -3.05
N ASP A 248 0.66 -5.41 -3.52
CA ASP A 248 -0.03 -6.70 -3.45
C ASP A 248 -0.37 -7.04 -2.02
N THR A 249 0.54 -6.75 -1.09
CA THR A 249 0.35 -7.13 0.30
C THR A 249 -0.84 -6.35 0.95
N ILE A 250 -0.96 -5.08 0.62
CA ILE A 250 -2.01 -4.24 1.15
C ILE A 250 -3.35 -4.61 0.53
N ILE A 251 -3.35 -4.83 -0.77
CA ILE A 251 -4.58 -5.11 -1.49
C ILE A 251 -5.00 -6.60 -1.34
N GLU A 252 -4.08 -7.41 -0.86
CA GLU A 252 -4.36 -8.81 -0.55
C GLU A 252 -5.38 -8.90 0.57
N THR A 253 -6.50 -9.42 0.25
CA THR A 253 -7.55 -9.59 1.17
C THR A 253 -7.65 -11.07 1.53
N SER A 254 -7.13 -11.39 2.67
CA SER A 254 -7.22 -12.71 3.23
C SER A 254 -8.69 -13.09 3.46
N GLY A 1 14.57 10.73 -29.94
CA GLY A 1 14.28 12.11 -30.30
C GLY A 1 15.54 12.87 -30.55
N HIS A 2 15.41 14.13 -30.92
CA HIS A 2 16.59 14.93 -31.25
C HIS A 2 17.24 15.50 -30.02
N MET A 3 16.46 15.97 -29.09
CA MET A 3 16.98 16.52 -27.84
C MET A 3 16.15 16.12 -26.67
N GLN A 4 16.63 15.14 -25.97
CA GLN A 4 16.02 14.66 -24.77
C GLN A 4 17.11 14.51 -23.73
N PRO A 5 17.47 15.62 -23.06
CA PRO A 5 18.52 15.63 -22.05
C PRO A 5 18.24 14.63 -20.93
N ASN A 6 19.16 13.72 -20.78
CA ASN A 6 19.09 12.64 -19.79
C ASN A 6 18.81 13.17 -18.39
N ASN A 7 19.37 14.33 -18.08
CA ASN A 7 19.21 14.93 -16.77
C ASN A 7 17.78 15.35 -16.46
N GLU A 8 17.02 15.78 -17.45
CA GLU A 8 15.66 16.21 -17.16
C GLU A 8 14.75 15.02 -16.99
N SER A 9 15.05 13.96 -17.72
CA SER A 9 14.35 12.70 -17.56
C SER A 9 14.63 12.18 -16.14
N LYS A 10 15.87 12.38 -15.69
CA LYS A 10 16.26 12.02 -14.34
C LYS A 10 15.51 12.84 -13.31
N LYS A 11 15.37 14.15 -13.55
CA LYS A 11 14.64 15.03 -12.62
C LYS A 11 13.21 14.54 -12.45
N LYS A 12 12.56 14.25 -13.56
CA LYS A 12 11.20 13.77 -13.55
C LYS A 12 11.10 12.41 -12.86
N ALA A 13 12.07 11.55 -13.12
CA ALA A 13 12.14 10.24 -12.50
C ALA A 13 12.25 10.36 -10.98
N VAL A 14 13.22 11.17 -10.54
CA VAL A 14 13.45 11.38 -9.11
C VAL A 14 12.20 11.93 -8.43
N LYS A 15 11.59 12.93 -9.04
CA LYS A 15 10.39 13.55 -8.51
C LYS A 15 9.24 12.54 -8.36
N LEU A 16 9.10 11.66 -9.36
CA LEU A 16 8.11 10.60 -9.25
C LEU A 16 8.42 9.74 -8.07
N ASP A 17 9.62 9.21 -8.02
CA ASP A 17 10.05 8.26 -6.97
C ASP A 17 9.77 8.80 -5.58
N LEU A 18 10.05 10.08 -5.38
CA LEU A 18 9.74 10.73 -4.12
C LEU A 18 8.28 10.80 -3.84
N ASP A 19 7.54 11.27 -4.80
CA ASP A 19 6.08 11.42 -4.66
C ASP A 19 5.39 10.09 -4.52
N LEU A 20 5.90 9.11 -5.21
CA LEU A 20 5.31 7.81 -5.24
C LEU A 20 5.54 7.15 -3.89
N MET A 21 6.77 7.27 -3.38
CA MET A 21 7.11 6.70 -2.08
C MET A 21 6.36 7.44 -0.98
N LYS A 22 6.17 8.75 -1.19
CA LYS A 22 5.43 9.62 -0.28
C LYS A 22 4.02 9.08 -0.08
N GLU A 23 3.28 8.94 -1.18
CA GLU A 23 1.90 8.47 -1.14
C GLU A 23 1.85 7.04 -0.62
N THR A 24 2.82 6.25 -1.02
CA THR A 24 2.92 4.88 -0.55
C THR A 24 3.09 4.85 0.97
N LYS A 25 3.96 5.71 1.50
CA LYS A 25 4.19 5.83 2.92
C LYS A 25 2.90 6.22 3.61
N ASN A 26 2.23 7.19 3.01
CA ASN A 26 0.97 7.72 3.54
C ASN A 26 -0.07 6.64 3.65
N VAL A 27 -0.19 5.81 2.62
CA VAL A 27 -1.10 4.69 2.64
C VAL A 27 -0.68 3.68 3.72
N CYS A 28 0.59 3.30 3.72
CA CYS A 28 1.13 2.32 4.66
C CYS A 28 0.96 2.75 6.11
N THR A 29 1.18 4.02 6.39
CA THR A 29 1.04 4.54 7.74
C THR A 29 -0.42 4.45 8.19
N THR A 30 -1.32 4.73 7.26
CA THR A 30 -2.72 4.70 7.54
C THR A 30 -3.16 3.25 7.80
N VAL A 31 -2.72 2.35 6.93
CA VAL A 31 -3.00 0.94 7.06
C VAL A 31 -2.43 0.42 8.38
N ASN A 32 -1.20 0.78 8.68
CA ASN A 32 -0.55 0.41 9.93
C ASN A 32 -1.36 0.85 11.14
N THR A 33 -1.62 2.13 11.25
CA THR A 33 -2.34 2.66 12.40
C THR A 33 -3.73 2.00 12.53
N LYS A 34 -4.41 1.80 11.41
CA LYS A 34 -5.71 1.18 11.47
C LYS A 34 -5.61 -0.29 11.85
N LEU A 35 -4.67 -1.02 11.26
CA LEU A 35 -4.52 -2.44 11.58
C LEU A 35 -4.10 -2.63 13.02
N VAL A 36 -3.24 -1.75 13.50
CA VAL A 36 -2.80 -1.79 14.90
C VAL A 36 -4.00 -1.58 15.83
N GLY A 37 -4.81 -0.59 15.52
CA GLY A 37 -5.99 -0.32 16.31
C GLY A 37 -6.98 -1.47 16.26
N LYS A 38 -7.11 -2.06 15.10
CA LYS A 38 -8.03 -3.16 14.89
C LYS A 38 -7.52 -4.43 15.54
N ALA A 39 -6.22 -4.66 15.47
CA ALA A 39 -5.58 -5.81 16.11
C ALA A 39 -5.82 -5.77 17.60
N LYS A 40 -5.60 -4.60 18.20
CA LYS A 40 -5.84 -4.48 19.63
C LYS A 40 -7.34 -4.53 19.96
N SER A 41 -8.18 -4.08 19.03
CA SER A 41 -9.62 -4.19 19.23
C SER A 41 -10.03 -5.67 19.16
N LYS A 42 -9.34 -6.42 18.31
CA LYS A 42 -9.54 -7.85 18.20
C LYS A 42 -9.06 -8.56 19.47
N LEU A 43 -7.96 -8.08 20.06
CA LEU A 43 -7.44 -8.62 21.35
C LEU A 43 -8.52 -8.50 22.43
N ASN A 44 -9.30 -7.44 22.35
CA ASN A 44 -10.41 -7.18 23.29
C ASN A 44 -11.60 -8.08 23.04
N LYS A 45 -11.54 -8.88 21.99
CA LYS A 45 -12.62 -9.81 21.70
C LYS A 45 -12.32 -11.16 22.30
N LEU A 46 -11.09 -11.35 22.74
CA LEU A 46 -10.69 -12.55 23.43
C LEU A 46 -11.10 -12.45 24.88
N GLU A 47 -11.13 -13.58 25.56
CA GLU A 47 -11.47 -13.63 26.98
C GLU A 47 -10.52 -12.77 27.80
N GLY A 48 -9.32 -12.71 27.35
CA GLY A 48 -8.32 -11.85 27.96
C GLY A 48 -7.53 -12.60 28.97
N GLU A 49 -8.20 -12.95 30.05
CA GLU A 49 -7.61 -13.68 31.16
C GLU A 49 -7.04 -15.05 30.70
N SER A 50 -7.75 -15.69 29.80
CA SER A 50 -7.38 -16.98 29.28
C SER A 50 -6.39 -16.84 28.11
N HIS A 51 -6.14 -15.62 27.71
CA HIS A 51 -5.26 -15.32 26.58
C HIS A 51 -4.25 -14.30 26.99
N LYS A 52 -3.94 -14.28 28.28
CA LYS A 52 -3.11 -13.25 28.89
C LYS A 52 -1.74 -13.14 28.25
N GLU A 53 -1.09 -14.27 28.09
CA GLU A 53 0.22 -14.27 27.49
C GLU A 53 0.12 -13.94 26.02
N TYR A 54 -0.93 -14.42 25.38
CA TYR A 54 -1.15 -14.19 23.97
C TYR A 54 -1.28 -12.71 23.71
N VAL A 55 -2.14 -12.06 24.47
CA VAL A 55 -2.38 -10.66 24.32
C VAL A 55 -1.11 -9.87 24.63
N ALA A 56 -0.40 -10.28 25.67
CA ALA A 56 0.85 -9.65 26.05
C ALA A 56 1.89 -9.73 24.95
N GLU A 57 2.14 -10.95 24.45
CA GLU A 57 3.17 -11.14 23.42
C GLU A 57 2.81 -10.42 22.15
N LYS A 58 1.54 -10.47 21.77
CA LYS A 58 1.10 -9.78 20.56
C LYS A 58 1.24 -8.29 20.71
N THR A 59 0.99 -7.78 21.91
CA THR A 59 1.13 -6.36 22.17
C THR A 59 2.60 -5.95 22.04
N LYS A 60 3.52 -6.79 22.55
CA LYS A 60 4.94 -6.53 22.39
C LYS A 60 5.30 -6.44 20.93
N GLU A 61 4.79 -7.39 20.14
CA GLU A 61 5.08 -7.41 18.71
C GLU A 61 4.61 -6.17 18.02
N ILE A 62 3.41 -5.76 18.33
CA ILE A 62 2.84 -4.54 17.78
C ILE A 62 3.74 -3.35 18.08
N ASP A 63 4.10 -3.17 19.34
CA ASP A 63 4.93 -2.04 19.74
C ASP A 63 6.29 -2.09 19.07
N GLU A 64 6.86 -3.28 18.98
CA GLU A 64 8.15 -3.47 18.36
C GLU A 64 8.07 -3.25 16.82
N LYS A 65 7.01 -3.75 16.18
CA LYS A 65 6.84 -3.54 14.75
C LYS A 65 6.57 -2.07 14.47
N ASN A 66 5.78 -1.45 15.34
CA ASN A 66 5.45 -0.04 15.20
C ASN A 66 6.64 0.85 15.33
N LYS A 67 7.50 0.57 16.30
CA LYS A 67 8.71 1.38 16.45
C LYS A 67 9.65 1.14 15.26
N LYS A 68 9.65 -0.09 14.77
CA LYS A 68 10.45 -0.45 13.61
C LYS A 68 9.89 0.32 12.39
N PHE A 69 8.58 0.29 12.22
CA PHE A 69 7.92 1.01 11.14
C PHE A 69 8.19 2.51 11.25
N ASN A 70 8.20 3.01 12.47
CA ASN A 70 8.49 4.42 12.71
C ASN A 70 9.92 4.79 12.33
N GLU A 71 10.88 3.91 12.59
CA GLU A 71 12.24 4.20 12.17
C GLU A 71 12.37 4.04 10.65
N ASN A 72 11.50 3.23 10.05
CA ASN A 72 11.47 3.08 8.58
C ASN A 72 11.04 4.38 7.93
N LEU A 73 10.22 5.15 8.63
CA LEU A 73 9.76 6.45 8.13
C LEU A 73 10.93 7.40 8.09
N VAL A 74 11.69 7.37 9.17
CA VAL A 74 12.90 8.15 9.30
C VAL A 74 13.93 7.65 8.26
N LYS A 75 13.78 6.38 7.87
CA LYS A 75 14.65 5.76 6.89
C LYS A 75 14.29 6.22 5.48
N ILE A 76 13.02 6.22 5.17
CA ILE A 76 12.56 6.64 3.84
C ILE A 76 12.71 8.14 3.62
N GLU A 77 12.65 8.92 4.69
CA GLU A 77 12.89 10.35 4.56
C GLU A 77 14.38 10.61 4.42
N LYS A 78 15.16 9.60 4.72
CA LYS A 78 16.57 9.69 4.54
C LYS A 78 16.81 9.47 3.06
N ARG A 79 17.29 10.48 2.44
CA ARG A 79 17.51 10.54 1.04
C ARG A 79 18.82 11.21 0.86
N LYS A 80 19.41 11.05 -0.25
CA LYS A 80 20.65 11.68 -0.51
C LYS A 80 20.36 12.85 -1.36
N LYS A 81 20.85 13.96 -0.97
CA LYS A 81 20.62 15.14 -1.71
C LYS A 81 21.74 15.29 -2.69
N ILE A 82 21.40 15.23 -3.93
CA ILE A 82 22.37 15.27 -4.96
C ILE A 82 22.18 16.51 -5.78
N LYS A 83 23.16 16.81 -6.55
CA LYS A 83 23.13 17.97 -7.37
C LYS A 83 22.81 17.55 -8.82
N VAL A 84 21.64 17.94 -9.29
CA VAL A 84 21.08 17.53 -10.60
C VAL A 84 20.23 18.67 -11.17
N PRO A 85 20.48 19.08 -12.42
CA PRO A 85 21.55 18.52 -13.25
C PRO A 85 22.91 18.93 -12.74
N ALA A 86 23.91 18.25 -13.21
CA ALA A 86 25.27 18.45 -12.75
C ALA A 86 25.77 19.83 -13.14
N ASP A 87 25.17 20.35 -14.20
CA ASP A 87 25.48 21.66 -14.74
C ASP A 87 25.14 22.77 -13.77
N THR A 88 23.92 22.75 -13.24
CA THR A 88 23.49 23.78 -12.32
C THR A 88 23.84 23.40 -10.90
N GLY A 89 23.79 22.12 -10.61
CA GLY A 89 24.15 21.66 -9.30
C GLY A 89 23.02 21.81 -8.31
N ALA A 90 21.79 21.82 -8.80
CA ALA A 90 20.64 21.99 -7.94
C ALA A 90 20.52 20.82 -6.98
N GLU A 91 20.48 21.14 -5.72
CA GLU A 91 20.44 20.15 -4.68
C GLU A 91 19.00 19.67 -4.50
N VAL A 92 18.77 18.43 -4.83
CA VAL A 92 17.48 17.81 -4.70
C VAL A 92 17.62 16.50 -3.97
N ASP A 93 16.55 16.05 -3.37
CA ASP A 93 16.58 14.80 -2.62
C ASP A 93 16.29 13.66 -3.55
N ALA A 94 17.09 12.64 -3.48
CA ALA A 94 16.84 11.42 -4.19
C ALA A 94 16.73 10.35 -3.16
N VAL A 95 15.75 9.49 -3.30
CA VAL A 95 15.50 8.43 -2.33
C VAL A 95 16.71 7.52 -2.13
N ASP A 96 17.55 7.42 -3.15
CA ASP A 96 18.73 6.57 -3.17
C ASP A 96 18.31 5.10 -3.34
N ASP A 97 19.23 4.26 -3.77
CA ASP A 97 18.97 2.83 -3.98
C ASP A 97 18.57 2.16 -2.66
N GLY A 98 19.01 2.74 -1.53
CA GLY A 98 18.71 2.22 -0.22
C GLY A 98 17.23 2.23 0.13
N VAL A 99 16.46 3.09 -0.52
CA VAL A 99 15.02 3.14 -0.29
C VAL A 99 14.31 1.88 -0.80
N ALA A 100 14.91 1.18 -1.75
CA ALA A 100 14.35 -0.09 -2.22
C ALA A 100 14.32 -1.07 -1.03
N GLY A 101 15.42 -1.12 -0.31
CA GLY A 101 15.53 -1.92 0.87
C GLY A 101 14.63 -1.40 1.96
N ALA A 102 14.51 -0.08 2.04
CA ALA A 102 13.60 0.54 3.00
C ALA A 102 12.16 0.07 2.76
N LEU A 103 11.76 0.01 1.46
CA LEU A 103 10.48 -0.54 1.10
C LEU A 103 10.35 -1.97 1.53
N SER A 104 11.40 -2.76 1.34
CA SER A 104 11.40 -4.14 1.82
C SER A 104 11.13 -4.22 3.32
N ASP A 105 11.75 -3.32 4.08
CA ASP A 105 11.58 -3.28 5.53
C ASP A 105 10.15 -2.98 5.88
N LEU A 106 9.67 -1.86 5.38
CA LEU A 106 8.32 -1.41 5.70
C LEU A 106 7.26 -2.37 5.17
N SER A 107 7.52 -3.00 4.03
CA SER A 107 6.59 -3.98 3.49
C SER A 107 6.50 -5.16 4.45
N SER A 108 7.64 -5.56 4.98
CA SER A 108 7.72 -6.66 5.90
C SER A 108 7.03 -6.31 7.21
N ASP A 109 7.17 -5.06 7.65
CA ASP A 109 6.52 -4.62 8.87
C ASP A 109 5.02 -4.52 8.68
N ILE A 110 4.59 -4.08 7.49
CA ILE A 110 3.18 -3.99 7.18
C ILE A 110 2.55 -5.39 7.05
N SER A 111 3.24 -6.30 6.35
CA SER A 111 2.75 -7.65 6.21
C SER A 111 2.70 -8.33 7.57
N ALA A 112 3.73 -8.10 8.37
CA ALA A 112 3.79 -8.60 9.73
C ALA A 112 2.62 -8.07 10.53
N ILE A 113 2.44 -6.74 10.55
CA ILE A 113 1.31 -6.12 11.26
C ILE A 113 -0.03 -6.68 10.79
N LYS A 114 -0.19 -6.89 9.49
CA LYS A 114 -1.42 -7.42 8.98
C LYS A 114 -1.62 -8.84 9.45
N THR A 115 -0.60 -9.65 9.31
CA THR A 115 -0.66 -11.05 9.71
C THR A 115 -0.76 -11.21 11.24
N LEU A 116 -0.18 -10.29 11.98
CA LEU A 116 -0.38 -10.23 13.43
C LEU A 116 -1.87 -10.04 13.70
N THR A 117 -2.46 -9.10 12.98
CA THR A 117 -3.89 -8.83 13.05
C THR A 117 -4.69 -10.06 12.56
N ASP A 118 -4.17 -10.73 11.52
CA ASP A 118 -4.76 -11.98 10.98
C ASP A 118 -4.83 -13.03 12.07
N ASP A 119 -3.68 -13.27 12.71
CA ASP A 119 -3.58 -14.20 13.82
C ASP A 119 -4.46 -13.85 14.97
N VAL A 120 -4.62 -12.59 15.25
CA VAL A 120 -5.51 -12.23 16.32
C VAL A 120 -6.95 -12.54 15.91
N SER A 121 -7.33 -12.13 14.70
CA SER A 121 -8.69 -12.31 14.18
C SER A 121 -9.12 -13.79 14.12
N GLU A 122 -8.21 -14.68 13.77
CA GLU A 122 -8.53 -16.10 13.77
C GLU A 122 -8.74 -16.61 15.20
N LYS A 123 -7.91 -16.16 16.14
CA LYS A 123 -8.07 -16.55 17.55
C LYS A 123 -9.36 -15.92 18.12
N VAL A 124 -9.78 -14.83 17.52
CA VAL A 124 -11.06 -14.21 17.84
C VAL A 124 -12.19 -15.14 17.40
N SER A 125 -11.97 -15.85 16.30
CA SER A 125 -13.00 -16.68 15.69
C SER A 125 -13.32 -17.91 16.54
N GLU A 126 -12.41 -18.30 17.41
CA GLU A 126 -12.65 -19.42 18.30
C GLU A 126 -13.25 -18.93 19.63
N ASN A 127 -13.35 -17.62 19.76
CA ASN A 127 -14.04 -17.00 20.89
C ASN A 127 -15.43 -16.59 20.48
N LEU A 128 -15.56 -16.27 19.20
CA LEU A 128 -16.82 -15.85 18.63
C LEU A 128 -17.76 -17.01 18.46
N LYS A 129 -19.00 -16.73 18.68
CA LYS A 129 -20.04 -17.67 18.47
C LYS A 129 -20.57 -17.48 17.06
N ASP A 130 -21.49 -18.31 16.62
CA ASP A 130 -22.05 -18.22 15.25
C ASP A 130 -22.72 -16.86 15.00
N ASP A 131 -23.54 -16.45 15.95
CA ASP A 131 -24.26 -15.17 15.86
C ASP A 131 -23.27 -14.03 15.93
N GLU A 132 -22.27 -14.17 16.76
CA GLU A 132 -21.23 -13.17 16.93
C GLU A 132 -20.38 -13.06 15.67
N ALA A 133 -20.12 -14.18 15.04
CA ALA A 133 -19.36 -14.23 13.80
C ALA A 133 -20.07 -13.47 12.71
N SER A 134 -21.40 -13.55 12.72
CA SER A 134 -22.25 -12.85 11.78
C SER A 134 -22.07 -11.32 11.91
N ALA A 135 -22.05 -10.83 13.13
CA ALA A 135 -21.90 -9.39 13.37
C ALA A 135 -20.46 -8.95 13.11
N THR A 136 -19.53 -9.82 13.45
CA THR A 136 -18.13 -9.56 13.24
C THR A 136 -17.82 -9.53 11.73
N GLU A 137 -18.55 -10.35 10.97
CA GLU A 137 -18.42 -10.45 9.52
C GLU A 137 -18.59 -9.07 8.91
N HIS A 138 -19.70 -8.44 9.24
CA HIS A 138 -20.02 -7.11 8.74
C HIS A 138 -18.93 -6.12 9.13
N THR A 139 -18.43 -6.27 10.33
CA THR A 139 -17.39 -5.42 10.83
C THR A 139 -16.13 -5.55 9.96
N ASP A 140 -15.69 -6.80 9.71
CA ASP A 140 -14.54 -7.09 8.84
C ASP A 140 -14.76 -6.51 7.50
N ILE A 141 -15.84 -6.91 6.90
CA ILE A 141 -16.19 -6.54 5.56
C ILE A 141 -16.23 -5.02 5.39
N LYS A 142 -16.78 -4.33 6.36
CA LYS A 142 -16.91 -2.90 6.27
C LYS A 142 -15.53 -2.21 6.38
N GLU A 143 -14.66 -2.71 7.27
CA GLU A 143 -13.35 -2.08 7.41
C GLU A 143 -12.41 -2.45 6.29
N LYS A 144 -12.51 -3.68 5.81
CA LYS A 144 -11.67 -4.11 4.71
C LYS A 144 -12.10 -3.37 3.45
N ALA A 145 -13.40 -3.08 3.36
CA ALA A 145 -13.95 -2.30 2.26
C ALA A 145 -13.38 -0.89 2.28
N THR A 146 -13.43 -0.28 3.45
CA THR A 146 -12.93 1.06 3.63
C THR A 146 -11.41 1.08 3.32
N LEU A 147 -10.70 0.06 3.79
CA LEU A 147 -9.26 -0.04 3.59
C LEU A 147 -8.95 -0.08 2.08
N LEU A 148 -9.68 -0.92 1.34
CA LEU A 148 -9.48 -1.04 -0.10
C LEU A 148 -9.72 0.29 -0.80
N GLN A 149 -10.81 0.93 -0.46
CA GLN A 149 -11.18 2.19 -1.08
C GLN A 149 -10.10 3.29 -0.78
N GLU A 150 -9.68 3.37 0.48
CA GLU A 150 -8.68 4.37 0.86
C GLU A 150 -7.34 4.10 0.19
N SER A 151 -6.94 2.84 0.13
CA SER A 151 -5.68 2.49 -0.47
C SER A 151 -5.72 2.75 -1.96
N CYS A 152 -6.82 2.36 -2.62
CA CYS A 152 -6.99 2.57 -4.04
C CYS A 152 -6.89 4.05 -4.42
N ASN A 153 -7.40 4.94 -3.57
CA ASN A 153 -7.26 6.38 -3.84
C ASN A 153 -5.81 6.86 -3.82
N GLY A 154 -5.03 6.37 -2.87
CA GLY A 154 -3.62 6.77 -2.79
C GLY A 154 -2.81 6.18 -3.92
N ILE A 155 -3.05 4.91 -4.16
CA ILE A 155 -2.39 4.16 -5.21
C ILE A 155 -2.75 4.75 -6.58
N GLY A 156 -3.98 5.18 -6.68
CA GLY A 156 -4.44 5.87 -7.85
C GLY A 156 -3.77 7.21 -8.05
N THR A 157 -3.31 7.83 -6.97
CA THR A 157 -2.66 9.13 -7.05
C THR A 157 -1.28 8.91 -7.63
N ILE A 158 -0.68 7.83 -7.16
CA ILE A 158 0.60 7.37 -7.68
C ILE A 158 0.45 7.10 -9.17
N LEU A 159 -0.59 6.35 -9.50
CA LEU A 159 -0.93 6.03 -10.88
C LEU A 159 -1.14 7.31 -11.71
N ASP A 160 -1.89 8.28 -11.17
CA ASP A 160 -2.09 9.57 -11.84
C ASP A 160 -0.80 10.24 -12.21
N LYS A 161 0.13 10.35 -11.27
CA LYS A 161 1.40 11.01 -11.58
C LYS A 161 2.27 10.17 -12.50
N LEU A 162 2.14 8.88 -12.38
CA LEU A 162 2.90 7.93 -13.15
C LEU A 162 2.47 7.96 -14.62
N ALA A 163 1.15 7.93 -14.84
CA ALA A 163 0.57 7.88 -16.19
C ALA A 163 0.93 9.11 -17.03
N GLU A 164 1.24 10.20 -16.37
CA GLU A 164 1.59 11.43 -17.07
C GLU A 164 3.04 11.44 -17.44
N TYR A 165 3.79 10.62 -16.78
CA TYR A 165 5.20 10.51 -17.09
C TYR A 165 5.37 9.76 -18.40
N LEU A 166 4.53 8.79 -18.60
CA LEU A 166 4.63 7.96 -19.77
C LEU A 166 3.25 7.87 -20.43
N ASN A 167 2.68 9.00 -20.81
CA ASN A 167 1.40 9.00 -21.54
C ASN A 167 1.48 8.17 -22.80
N ASN A 168 0.79 7.06 -22.80
CA ASN A 168 0.67 6.20 -23.94
C ASN A 168 -0.57 5.39 -23.80
N ASP A 169 -0.89 4.59 -24.79
CA ASP A 169 -2.11 3.77 -24.75
C ASP A 169 -2.17 2.91 -23.53
N THR A 170 -1.07 2.28 -23.19
CA THR A 170 -1.02 1.36 -22.09
C THR A 170 -1.40 2.07 -20.78
N THR A 171 -0.74 3.18 -20.47
CA THR A 171 -1.00 3.91 -19.25
C THR A 171 -2.41 4.49 -19.24
N GLN A 172 -2.88 4.92 -20.40
CA GLN A 172 -4.20 5.47 -20.53
C GLN A 172 -5.26 4.40 -20.33
N ASN A 173 -5.02 3.19 -20.85
CA ASN A 173 -5.97 2.07 -20.67
C ASN A 173 -6.08 1.76 -19.19
N ILE A 174 -4.93 1.72 -18.56
CA ILE A 174 -4.81 1.47 -17.14
C ILE A 174 -5.51 2.55 -16.34
N LYS A 175 -5.30 3.78 -16.72
CA LYS A 175 -5.89 4.89 -16.04
C LYS A 175 -7.43 4.85 -16.18
N LYS A 176 -7.92 4.56 -17.40
CA LYS A 176 -9.35 4.42 -17.66
C LYS A 176 -9.94 3.29 -16.83
N GLU A 177 -9.29 2.13 -16.90
CA GLU A 177 -9.73 0.97 -16.17
C GLU A 177 -9.69 1.18 -14.69
N PHE A 178 -8.62 1.79 -14.21
CA PHE A 178 -8.48 2.05 -12.80
C PHE A 178 -9.59 3.00 -12.37
N ASP A 179 -9.91 3.98 -13.20
CA ASP A 179 -10.98 4.91 -12.89
C ASP A 179 -12.31 4.23 -12.78
N GLU A 180 -12.66 3.39 -13.76
CA GLU A 180 -13.92 2.69 -13.71
C GLU A 180 -13.97 1.76 -12.50
N ARG A 181 -12.88 1.02 -12.28
CA ARG A 181 -12.75 0.16 -11.10
C ARG A 181 -12.91 0.98 -9.81
N LYS A 182 -12.26 2.14 -9.77
CA LYS A 182 -12.29 3.06 -8.63
C LYS A 182 -13.72 3.56 -8.36
N LYS A 183 -14.42 3.93 -9.43
CA LYS A 183 -15.80 4.40 -9.31
C LYS A 183 -16.67 3.29 -8.80
N ASN A 184 -16.49 2.10 -9.35
CA ASN A 184 -17.27 0.95 -8.96
C ASN A 184 -16.99 0.55 -7.54
N LEU A 185 -15.73 0.54 -7.14
CA LEU A 185 -15.39 0.16 -5.77
C LEU A 185 -15.91 1.18 -4.76
N THR A 186 -15.97 2.45 -5.16
CA THR A 186 -16.54 3.46 -4.30
C THR A 186 -18.06 3.21 -4.12
N SER A 187 -18.73 2.89 -5.22
CA SER A 187 -20.14 2.58 -5.20
C SER A 187 -20.41 1.28 -4.43
N LEU A 188 -19.60 0.27 -4.71
CA LEU A 188 -19.74 -1.02 -4.09
C LEU A 188 -19.50 -0.95 -2.61
N LYS A 189 -18.44 -0.22 -2.17
CA LYS A 189 -18.15 -0.14 -0.75
C LYS A 189 -19.31 0.51 -0.01
N THR A 190 -19.99 1.43 -0.66
CA THR A 190 -21.07 2.14 -0.03
C THR A 190 -22.28 1.20 0.18
N LYS A 191 -22.42 0.22 -0.69
CA LYS A 191 -23.44 -0.78 -0.50
C LYS A 191 -22.98 -1.84 0.48
N VAL A 192 -21.67 -2.02 0.54
CA VAL A 192 -21.03 -2.92 1.50
C VAL A 192 -21.24 -2.40 2.92
N GLU A 193 -21.21 -1.08 3.05
CA GLU A 193 -21.40 -0.44 4.33
C GLU A 193 -22.86 -0.50 4.80
N ASN A 194 -23.73 -0.96 3.93
CA ASN A 194 -25.11 -1.15 4.30
C ASN A 194 -25.32 -2.59 4.66
N LYS A 195 -25.43 -2.83 5.96
CA LYS A 195 -25.56 -4.16 6.56
C LYS A 195 -26.81 -4.91 6.05
N ASP A 196 -27.73 -4.15 5.50
CA ASP A 196 -28.99 -4.68 5.03
C ASP A 196 -28.86 -5.30 3.64
N GLU A 197 -27.79 -4.95 2.95
CA GLU A 197 -27.49 -5.49 1.65
C GLU A 197 -26.60 -6.70 1.83
N ASP A 198 -26.35 -7.43 0.77
CA ASP A 198 -25.42 -8.53 0.88
C ASP A 198 -24.05 -7.98 0.64
N TYR A 199 -23.49 -7.51 1.71
CA TYR A 199 -22.22 -6.86 1.72
C TYR A 199 -21.09 -7.83 1.38
N VAL A 200 -21.33 -9.12 1.61
CA VAL A 200 -20.33 -10.13 1.35
C VAL A 200 -20.02 -10.21 -0.15
N THR A 201 -21.06 -10.33 -0.96
CA THR A 201 -20.89 -10.42 -2.40
C THR A 201 -20.45 -9.07 -2.98
N HIS A 202 -20.97 -7.96 -2.41
CA HIS A 202 -20.54 -6.63 -2.86
C HIS A 202 -19.06 -6.45 -2.58
N PHE A 203 -18.61 -6.94 -1.42
CA PHE A 203 -17.22 -6.88 -1.06
C PHE A 203 -16.40 -7.71 -2.04
N ARG A 204 -16.89 -8.90 -2.33
CA ARG A 204 -16.24 -9.79 -3.27
C ARG A 204 -16.04 -9.12 -4.64
N ASP A 205 -17.10 -8.56 -5.20
CA ASP A 205 -17.00 -7.82 -6.48
C ASP A 205 -16.03 -6.67 -6.39
N MET A 206 -16.16 -5.89 -5.34
CA MET A 206 -15.29 -4.74 -5.10
C MET A 206 -13.82 -5.17 -4.99
N ALA A 207 -13.58 -6.24 -4.25
CA ALA A 207 -12.24 -6.80 -4.10
C ALA A 207 -11.70 -7.25 -5.45
N THR A 208 -12.58 -7.81 -6.26
CA THR A 208 -12.24 -8.25 -7.60
C THR A 208 -11.83 -7.03 -8.46
N GLU A 209 -12.61 -5.95 -8.36
CA GLU A 209 -12.29 -4.70 -9.04
C GLU A 209 -10.93 -4.17 -8.56
N ALA A 210 -10.71 -4.28 -7.26
CA ALA A 210 -9.45 -3.89 -6.66
C ALA A 210 -8.29 -4.70 -7.24
N GLN A 211 -8.46 -6.03 -7.37
CA GLN A 211 -7.46 -6.90 -7.97
C GLN A 211 -7.18 -6.47 -9.42
N ASN A 212 -8.25 -6.13 -10.14
CA ASN A 212 -8.14 -5.65 -11.53
C ASN A 212 -7.29 -4.41 -11.57
N ALA A 213 -7.60 -3.49 -10.66
CA ALA A 213 -6.88 -2.25 -10.50
C ALA A 213 -5.41 -2.51 -10.23
N VAL A 214 -5.14 -3.38 -9.25
CA VAL A 214 -3.76 -3.84 -8.89
C VAL A 214 -3.00 -4.25 -10.13
N GLY A 215 -3.63 -5.09 -10.93
CA GLY A 215 -3.05 -5.56 -12.16
C GLY A 215 -2.66 -4.42 -13.05
N GLU A 216 -3.61 -3.52 -13.28
CA GLU A 216 -3.38 -2.36 -14.13
C GLU A 216 -2.23 -1.49 -13.59
N VAL A 217 -2.25 -1.21 -12.27
CA VAL A 217 -1.22 -0.37 -11.63
C VAL A 217 0.15 -1.02 -11.80
N LYS A 218 0.21 -2.31 -11.54
CA LYS A 218 1.45 -3.06 -11.58
C LYS A 218 2.01 -3.14 -13.01
N LYS A 219 1.12 -3.20 -14.00
CA LYS A 219 1.52 -3.17 -15.41
C LYS A 219 2.12 -1.80 -15.75
N ALA A 220 1.48 -0.74 -15.23
CA ALA A 220 1.93 0.64 -15.44
C ALA A 220 3.31 0.82 -14.88
N ILE A 221 3.54 0.25 -13.70
CA ILE A 221 4.83 0.30 -13.02
C ILE A 221 5.89 -0.23 -13.95
N ASP A 222 5.72 -1.47 -14.36
CA ASP A 222 6.69 -2.15 -15.22
C ASP A 222 6.91 -1.42 -16.52
N ALA A 223 5.86 -0.83 -17.07
CA ALA A 223 5.95 -0.09 -18.31
C ALA A 223 6.81 1.17 -18.14
N VAL A 224 6.63 1.89 -17.03
CA VAL A 224 7.40 3.11 -16.80
C VAL A 224 8.84 2.77 -16.42
N VAL A 225 9.02 1.66 -15.71
CA VAL A 225 10.36 1.19 -15.38
C VAL A 225 11.12 0.89 -16.65
N ALA A 226 10.47 0.16 -17.56
CA ALA A 226 11.04 -0.21 -18.85
C ALA A 226 11.49 1.01 -19.63
N HIS A 227 10.65 2.04 -19.62
CA HIS A 227 10.95 3.31 -20.29
C HIS A 227 12.24 3.92 -19.74
N ARG A 228 12.35 3.94 -18.44
CA ARG A 228 13.53 4.46 -17.77
C ARG A 228 14.75 3.64 -18.14
N LYS A 229 14.65 2.33 -17.91
CA LYS A 229 15.72 1.37 -18.18
C LYS A 229 16.22 1.50 -19.62
N ALA A 230 15.29 1.64 -20.56
CA ALA A 230 15.61 1.71 -21.98
C ALA A 230 16.30 3.01 -22.37
N GLU A 231 16.09 4.07 -21.60
CA GLU A 231 16.72 5.33 -21.95
C GLU A 231 17.92 5.63 -21.09
N ASN A 232 18.31 4.61 -20.33
CA ASN A 232 19.56 4.54 -19.58
C ASN A 232 19.55 5.39 -18.35
N LEU A 233 18.40 5.51 -17.78
CA LEU A 233 18.25 6.20 -16.54
C LEU A 233 18.60 5.25 -15.43
N ASP A 234 19.29 5.77 -14.44
CA ASP A 234 19.67 4.96 -13.29
C ASP A 234 18.47 4.75 -12.42
N VAL A 235 17.75 3.72 -12.72
CA VAL A 235 16.52 3.38 -12.05
C VAL A 235 16.55 1.91 -11.63
N ASP A 236 16.22 1.71 -10.37
CA ASP A 236 16.28 0.41 -9.72
C ASP A 236 14.94 -0.30 -9.83
N ASP A 237 14.97 -1.49 -10.35
CA ASP A 237 13.76 -2.29 -10.57
C ASP A 237 13.22 -2.80 -9.25
N THR A 238 14.13 -3.07 -8.33
CA THR A 238 13.81 -3.64 -7.03
C THR A 238 12.85 -2.74 -6.25
N LEU A 239 13.10 -1.44 -6.31
CA LEU A 239 12.24 -0.43 -5.69
C LEU A 239 10.80 -0.58 -6.17
N PHE A 240 10.64 -0.68 -7.47
CA PHE A 240 9.32 -0.77 -8.06
C PHE A 240 8.74 -2.16 -7.86
N SER A 241 9.59 -3.15 -7.81
CA SER A 241 9.17 -4.50 -7.53
C SER A 241 8.63 -4.59 -6.11
N ASN A 242 9.31 -3.94 -5.16
CA ASN A 242 8.86 -3.95 -3.78
C ASN A 242 7.59 -3.15 -3.64
N LEU A 243 7.50 -2.07 -4.40
CA LEU A 243 6.34 -1.26 -4.46
C LEU A 243 5.14 -2.08 -4.97
N SER A 244 5.34 -2.77 -6.08
CA SER A 244 4.32 -3.61 -6.67
C SER A 244 3.91 -4.74 -5.69
N THR A 245 4.89 -5.29 -4.99
CA THR A 245 4.61 -6.35 -4.04
C THR A 245 3.88 -5.79 -2.82
N LEU A 246 4.21 -4.58 -2.44
CA LEU A 246 3.53 -3.92 -1.35
C LEU A 246 2.11 -3.57 -1.76
N LEU A 247 1.95 -3.18 -3.01
CA LEU A 247 0.63 -2.96 -3.63
C LEU A 247 -0.21 -4.21 -3.40
N ASP A 248 0.36 -5.34 -3.76
CA ASP A 248 -0.24 -6.64 -3.50
C ASP A 248 -0.49 -6.86 -2.01
N THR A 249 0.44 -6.41 -1.17
CA THR A 249 0.33 -6.66 0.26
C THR A 249 -0.79 -5.80 0.89
N ILE A 250 -0.91 -4.58 0.42
CA ILE A 250 -1.90 -3.65 0.94
C ILE A 250 -3.30 -4.04 0.48
N ILE A 251 -3.42 -4.46 -0.77
CA ILE A 251 -4.72 -4.77 -1.29
C ILE A 251 -5.17 -6.21 -0.99
N GLU A 252 -4.22 -7.10 -0.70
CA GLU A 252 -4.64 -8.43 -0.30
C GLU A 252 -5.27 -8.38 1.08
N THR A 253 -6.52 -8.64 1.10
CA THR A 253 -7.30 -8.60 2.28
C THR A 253 -8.23 -9.79 2.33
N SER A 254 -7.87 -10.74 3.12
CA SER A 254 -8.67 -11.90 3.32
C SER A 254 -9.22 -11.83 4.73
#